data_2EEF
#
_entry.id   2EEF
#
_entity_poly.entity_id   1
_entity_poly.type   'polypeptide(L)'
_entity_poly.pdbx_seq_one_letter_code
;GSSGSSGAESESFVLDFSQPSADYLDFRNRLQADHVCLENCVLKDKAIAGTVKVQNLAFEKTVKIRMTFDTWKSYTDFPC
QYVKDTYAGSDRDTFSFDISLPEKIQSYERMEFAVYYECNGQTYWDSNRGKNYRIIRAELKSTQGMTKPHSGPDLG
;
_entity_poly.pdbx_strand_id   A
#
# COMPACT_ATOMS: atom_id res chain seq x y z
N GLY A 1 -19.97 -19.22 21.14
CA GLY A 1 -20.69 -18.50 20.11
C GLY A 1 -20.02 -18.58 18.76
N SER A 2 -18.93 -17.83 18.58
CA SER A 2 -18.20 -17.82 17.32
C SER A 2 -17.69 -19.23 16.99
N SER A 3 -17.73 -19.57 15.70
CA SER A 3 -17.28 -20.87 15.24
C SER A 3 -15.76 -20.97 15.27
N GLY A 4 -15.25 -22.02 15.92
CA GLY A 4 -13.82 -22.20 16.02
C GLY A 4 -13.13 -22.08 14.68
N SER A 5 -11.81 -21.85 14.71
CA SER A 5 -11.03 -21.71 13.49
C SER A 5 -10.10 -22.91 13.30
N SER A 6 -10.62 -24.10 13.56
CA SER A 6 -9.84 -25.32 13.41
C SER A 6 -9.90 -25.85 11.98
N GLY A 7 -8.83 -25.64 11.23
CA GLY A 7 -8.79 -26.11 9.86
C GLY A 7 -9.69 -25.30 8.95
N ALA A 8 -9.09 -24.42 8.16
CA ALA A 8 -9.85 -23.58 7.24
C ALA A 8 -8.92 -22.76 6.34
N GLU A 9 -9.32 -22.59 5.09
CA GLU A 9 -8.52 -21.83 4.12
C GLU A 9 -9.36 -20.75 3.46
N SER A 10 -9.04 -19.50 3.77
CA SER A 10 -9.76 -18.36 3.20
C SER A 10 -9.18 -17.97 1.85
N GLU A 11 -10.06 -17.65 0.90
CA GLU A 11 -9.63 -17.26 -0.45
C GLU A 11 -8.73 -16.03 -0.39
N SER A 12 -8.08 -15.73 -1.51
CA SER A 12 -7.18 -14.59 -1.59
C SER A 12 -7.94 -13.28 -1.36
N PHE A 13 -7.20 -12.21 -1.12
CA PHE A 13 -7.81 -10.90 -0.88
C PHE A 13 -7.50 -9.94 -2.03
N VAL A 14 -8.21 -8.82 -2.07
CA VAL A 14 -8.01 -7.83 -3.11
C VAL A 14 -7.88 -6.43 -2.52
N LEU A 15 -7.77 -5.43 -3.39
CA LEU A 15 -7.63 -4.04 -2.95
C LEU A 15 -8.88 -3.24 -3.30
N ASP A 16 -9.34 -2.42 -2.34
CA ASP A 16 -10.53 -1.60 -2.55
C ASP A 16 -10.14 -0.23 -3.10
N PHE A 17 -9.04 -0.18 -3.85
CA PHE A 17 -8.56 1.07 -4.43
C PHE A 17 -7.76 0.81 -5.71
N SER A 18 -7.75 1.78 -6.60
CA SER A 18 -7.03 1.66 -7.85
C SER A 18 -5.56 2.05 -7.68
N GLN A 19 -4.67 1.24 -8.22
CA GLN A 19 -3.24 1.50 -8.12
C GLN A 19 -2.95 2.98 -8.29
N PRO A 20 -2.02 3.51 -7.47
CA PRO A 20 -1.63 4.91 -7.51
C PRO A 20 -0.85 5.27 -8.77
N SER A 21 0.13 4.44 -9.11
CA SER A 21 0.95 4.66 -10.29
C SER A 21 0.08 4.97 -11.51
N ALA A 22 -1.04 4.28 -11.61
CA ALA A 22 -1.97 4.48 -12.73
C ALA A 22 -2.00 5.95 -13.15
N ASP A 23 -2.15 6.83 -12.17
CA ASP A 23 -2.20 8.26 -12.44
C ASP A 23 -0.84 8.92 -12.21
N TYR A 24 -0.10 9.13 -13.28
CA TYR A 24 1.22 9.75 -13.19
C TYR A 24 1.14 11.12 -12.55
N LEU A 25 0.10 11.87 -12.89
CA LEU A 25 -0.09 13.22 -12.35
C LEU A 25 -0.55 13.14 -10.89
N ASP A 26 -1.72 12.55 -10.68
CA ASP A 26 -2.28 12.42 -9.34
C ASP A 26 -1.30 11.71 -8.41
N PHE A 27 -0.29 11.07 -9.00
CA PHE A 27 0.71 10.35 -8.22
C PHE A 27 1.88 11.26 -7.88
N ARG A 28 2.55 11.78 -8.90
CA ARG A 28 3.69 12.67 -8.70
C ARG A 28 3.33 13.80 -7.75
N ASN A 29 2.07 14.23 -7.79
CA ASN A 29 1.60 15.32 -6.94
C ASN A 29 1.87 15.00 -5.46
N ARG A 30 1.73 13.74 -5.10
CA ARG A 30 1.96 13.31 -3.72
C ARG A 30 3.45 13.17 -3.44
N LEU A 31 4.20 12.71 -4.44
CA LEU A 31 5.63 12.52 -4.30
C LEU A 31 6.37 13.86 -4.38
N GLN A 32 5.64 14.91 -4.76
CA GLN A 32 6.22 16.24 -4.87
C GLN A 32 5.76 17.12 -3.71
N ALA A 33 4.58 16.83 -3.18
CA ALA A 33 4.03 17.60 -2.06
C ALA A 33 4.30 16.91 -0.74
N ASP A 34 4.44 15.59 -0.77
CA ASP A 34 4.70 14.82 0.44
C ASP A 34 6.07 14.15 0.37
N HIS A 35 6.69 14.20 -0.80
CA HIS A 35 8.01 13.60 -1.01
C HIS A 35 7.96 12.09 -0.76
N VAL A 36 6.81 11.49 -1.05
CA VAL A 36 6.63 10.05 -0.87
C VAL A 36 5.28 9.59 -1.41
N CYS A 37 5.28 8.42 -2.04
CA CYS A 37 4.06 7.87 -2.61
C CYS A 37 4.26 6.41 -3.04
N LEU A 38 3.29 5.57 -2.73
CA LEU A 38 3.36 4.15 -3.08
C LEU A 38 3.20 3.95 -4.59
N GLU A 39 4.15 3.24 -5.19
CA GLU A 39 4.11 2.98 -6.63
C GLU A 39 3.06 1.92 -6.95
N ASN A 40 3.29 0.70 -6.47
CA ASN A 40 2.36 -0.41 -6.71
C ASN A 40 2.38 -1.40 -5.55
N CYS A 41 1.21 -1.94 -5.23
CA CYS A 41 1.09 -2.90 -4.14
C CYS A 41 0.30 -4.12 -4.58
N VAL A 42 1.00 -5.23 -4.79
CA VAL A 42 0.36 -6.47 -5.21
C VAL A 42 -0.02 -7.33 -4.01
N LEU A 43 -0.88 -8.31 -4.25
CA LEU A 43 -1.34 -9.21 -3.19
C LEU A 43 -0.94 -10.65 -3.48
N LYS A 44 -0.51 -11.36 -2.46
CA LYS A 44 -0.10 -12.76 -2.60
C LYS A 44 -0.69 -13.61 -1.49
N ASP A 45 -0.38 -14.90 -1.51
CA ASP A 45 -0.88 -15.83 -0.51
C ASP A 45 -0.50 -15.37 0.90
N LYS A 46 -1.50 -15.11 1.71
CA LYS A 46 -1.28 -14.65 3.08
C LYS A 46 -0.07 -13.74 3.16
N ALA A 47 0.11 -12.90 2.14
CA ALA A 47 1.23 -11.97 2.10
C ALA A 47 1.00 -10.89 1.04
N ILE A 48 1.70 -9.77 1.20
CA ILE A 48 1.58 -8.66 0.25
C ILE A 48 2.95 -8.15 -0.17
N ALA A 49 2.96 -7.28 -1.17
CA ALA A 49 4.20 -6.70 -1.67
C ALA A 49 3.95 -5.39 -2.41
N GLY A 50 4.82 -4.41 -2.17
CA GLY A 50 4.68 -3.11 -2.81
C GLY A 50 5.94 -2.28 -2.72
N THR A 51 6.12 -1.39 -3.69
CA THR A 51 7.29 -0.52 -3.73
C THR A 51 6.90 0.94 -3.54
N VAL A 52 7.58 1.61 -2.61
CA VAL A 52 7.30 3.02 -2.34
C VAL A 52 8.38 3.91 -2.93
N LYS A 53 7.98 5.10 -3.40
CA LYS A 53 8.91 6.04 -3.99
C LYS A 53 9.22 7.18 -3.02
N VAL A 54 10.40 7.76 -3.16
CA VAL A 54 10.83 8.86 -2.30
C VAL A 54 11.72 9.84 -3.05
N GLN A 55 11.69 11.10 -2.63
CA GLN A 55 12.51 12.14 -3.26
C GLN A 55 13.94 12.09 -2.77
N ASN A 56 14.88 12.29 -3.68
CA ASN A 56 16.31 12.28 -3.33
C ASN A 56 16.71 13.58 -2.65
N LEU A 57 15.98 13.96 -1.61
CA LEU A 57 16.28 15.18 -0.87
C LEU A 57 17.61 15.07 -0.13
N ALA A 58 17.74 14.03 0.68
CA ALA A 58 18.96 13.81 1.45
C ALA A 58 19.53 12.42 1.18
N PHE A 59 20.67 12.13 1.78
CA PHE A 59 21.32 10.84 1.61
C PHE A 59 20.63 9.76 2.43
N GLU A 60 20.61 9.95 3.75
CA GLU A 60 19.98 8.99 4.65
C GLU A 60 18.48 8.96 4.44
N LYS A 61 17.92 7.77 4.28
CA LYS A 61 16.49 7.61 4.08
C LYS A 61 15.94 6.46 4.94
N THR A 62 14.73 6.66 5.47
CA THR A 62 14.10 5.64 6.31
C THR A 62 12.68 5.36 5.84
N VAL A 63 12.46 4.15 5.33
CA VAL A 63 11.14 3.75 4.85
C VAL A 63 10.60 2.58 5.65
N LYS A 64 9.46 2.78 6.30
CA LYS A 64 8.83 1.73 7.10
C LYS A 64 7.32 1.73 6.91
N ILE A 65 6.76 0.56 6.62
CA ILE A 65 5.32 0.43 6.42
C ILE A 65 4.60 0.16 7.73
N ARG A 66 3.53 0.90 7.98
CA ARG A 66 2.76 0.74 9.20
C ARG A 66 1.42 0.06 8.92
N MET A 67 1.29 -1.19 9.36
CA MET A 67 0.06 -1.95 9.14
C MET A 67 -0.56 -2.37 10.47
N THR A 68 -1.88 -2.50 10.49
CA THR A 68 -2.59 -2.90 11.70
C THR A 68 -3.78 -3.80 11.37
N PHE A 69 -4.18 -4.61 12.34
CA PHE A 69 -5.31 -5.53 12.15
C PHE A 69 -6.34 -5.34 13.25
N ASP A 70 -6.18 -4.28 14.03
CA ASP A 70 -7.10 -3.99 15.13
C ASP A 70 -7.57 -2.53 15.07
N THR A 71 -8.42 -2.22 14.10
CA THR A 71 -8.92 -0.87 13.94
C THR A 71 -7.88 0.17 14.35
N TRP A 72 -6.66 -0.01 13.86
CA TRP A 72 -5.57 0.91 14.19
C TRP A 72 -5.31 0.94 15.68
N LYS A 73 -5.14 -0.22 16.28
CA LYS A 73 -4.89 -0.33 17.72
C LYS A 73 -3.55 -1.00 17.98
N SER A 74 -3.22 -2.01 17.18
CA SER A 74 -1.98 -2.74 17.32
C SER A 74 -1.22 -2.82 16.00
N TYR A 75 -0.38 -1.83 15.74
CA TYR A 75 0.39 -1.77 14.51
C TYR A 75 1.84 -2.14 14.75
N THR A 76 2.56 -2.47 13.69
CA THR A 76 3.96 -2.85 13.79
C THR A 76 4.79 -2.20 12.69
N ASP A 77 5.92 -1.60 13.07
CA ASP A 77 6.80 -0.94 12.11
C ASP A 77 7.66 -1.96 11.38
N PHE A 78 7.34 -2.19 10.11
CA PHE A 78 8.09 -3.15 9.29
C PHE A 78 9.11 -2.43 8.42
N PRO A 79 10.38 -2.87 8.51
CA PRO A 79 11.48 -2.29 7.73
C PRO A 79 11.37 -2.61 6.25
N CYS A 80 11.60 -1.59 5.42
CA CYS A 80 11.52 -1.77 3.97
C CYS A 80 12.90 -2.10 3.39
N GLN A 81 12.90 -2.76 2.24
CA GLN A 81 14.14 -3.13 1.59
C GLN A 81 14.44 -2.22 0.40
N TYR A 82 15.61 -2.39 -0.20
CA TYR A 82 16.02 -1.58 -1.33
C TYR A 82 16.05 -2.41 -2.62
N VAL A 83 15.54 -1.82 -3.70
CA VAL A 83 15.51 -2.51 -4.99
C VAL A 83 16.52 -1.90 -5.96
N LYS A 84 17.23 -2.75 -6.67
CA LYS A 84 18.23 -2.30 -7.64
C LYS A 84 17.99 -2.92 -9.01
N ASP A 85 17.18 -2.23 -9.82
CA ASP A 85 16.86 -2.71 -11.17
C ASP A 85 16.95 -1.58 -12.18
N THR A 86 17.10 -1.94 -13.46
CA THR A 86 17.20 -0.96 -14.52
C THR A 86 16.01 0.00 -14.49
N TYR A 87 14.81 -0.55 -14.32
CA TYR A 87 13.59 0.25 -14.28
C TYR A 87 13.67 1.30 -13.18
N ALA A 88 14.02 0.85 -11.97
CA ALA A 88 14.13 1.74 -10.83
C ALA A 88 14.72 3.10 -11.25
N GLY A 89 14.12 4.17 -10.74
CA GLY A 89 14.60 5.51 -11.08
C GLY A 89 16.04 5.72 -10.70
N SER A 90 16.77 6.48 -11.50
CA SER A 90 18.18 6.75 -11.25
C SER A 90 18.33 7.69 -10.05
N ASP A 91 17.61 8.80 -10.08
CA ASP A 91 17.66 9.78 -9.00
C ASP A 91 16.91 9.29 -7.77
N ARG A 92 15.60 9.16 -7.90
CA ARG A 92 14.76 8.70 -6.80
C ARG A 92 14.92 7.19 -6.59
N ASP A 93 15.23 6.80 -5.36
CA ASP A 93 15.42 5.40 -5.03
C ASP A 93 14.08 4.68 -4.95
N THR A 94 14.12 3.35 -4.94
CA THR A 94 12.90 2.54 -4.87
C THR A 94 13.01 1.50 -3.76
N PHE A 95 12.20 1.68 -2.71
CA PHE A 95 12.19 0.74 -1.59
C PHE A 95 10.97 -0.18 -1.65
N SER A 96 11.21 -1.47 -1.43
CA SER A 96 10.14 -2.45 -1.46
C SER A 96 9.76 -2.90 -0.04
N PHE A 97 8.62 -3.57 0.08
CA PHE A 97 8.16 -4.05 1.37
C PHE A 97 7.38 -5.36 1.21
N ASP A 98 7.57 -6.26 2.16
CA ASP A 98 6.89 -7.56 2.12
C ASP A 98 6.27 -7.87 3.48
N ILE A 99 4.97 -7.63 3.61
CA ILE A 99 4.26 -7.90 4.85
C ILE A 99 3.48 -9.21 4.77
N SER A 100 3.50 -9.97 5.86
CA SER A 100 2.80 -11.24 5.92
C SER A 100 1.42 -11.08 6.54
N LEU A 101 0.39 -11.31 5.74
CA LEU A 101 -0.99 -11.18 6.21
C LEU A 101 -1.21 -12.02 7.45
N PRO A 102 -2.21 -11.62 8.26
CA PRO A 102 -2.56 -12.32 9.49
C PRO A 102 -3.18 -13.70 9.23
N GLU A 103 -3.11 -14.58 10.22
CA GLU A 103 -3.67 -15.92 10.08
C GLU A 103 -4.98 -15.89 9.32
N LYS A 104 -5.94 -15.12 9.81
CA LYS A 104 -7.24 -15.01 9.17
C LYS A 104 -7.76 -13.57 9.24
N ILE A 105 -8.81 -13.30 8.48
CA ILE A 105 -9.40 -11.96 8.47
C ILE A 105 -10.90 -12.02 8.17
N GLN A 106 -11.72 -11.62 9.14
CA GLN A 106 -13.16 -11.63 8.97
C GLN A 106 -13.72 -10.21 8.98
N SER A 107 -15.04 -10.09 8.82
CA SER A 107 -15.69 -8.79 8.81
C SER A 107 -16.04 -8.34 10.23
N TYR A 108 -15.08 -8.51 11.13
CA TYR A 108 -15.27 -8.12 12.53
C TYR A 108 -14.18 -7.15 12.97
N GLU A 109 -13.19 -6.94 12.12
CA GLU A 109 -12.09 -6.04 12.42
C GLU A 109 -11.59 -5.34 11.16
N ARG A 110 -11.13 -4.10 11.33
CA ARG A 110 -10.62 -3.33 10.20
C ARG A 110 -9.13 -3.59 9.97
N MET A 111 -8.68 -3.36 8.75
CA MET A 111 -7.28 -3.58 8.40
C MET A 111 -6.80 -2.54 7.39
N GLU A 112 -5.86 -1.70 7.81
CA GLU A 112 -5.31 -0.66 6.95
C GLU A 112 -3.83 -0.45 7.22
N PHE A 113 -3.14 0.17 6.26
CA PHE A 113 -1.71 0.43 6.38
C PHE A 113 -1.35 1.79 5.79
N ALA A 114 -0.22 2.33 6.21
CA ALA A 114 0.25 3.62 5.71
C ALA A 114 1.75 3.63 5.52
N VAL A 115 2.24 4.60 4.76
CA VAL A 115 3.68 4.71 4.49
C VAL A 115 4.31 5.79 5.37
N TYR A 116 5.50 5.50 5.87
CA TYR A 116 6.22 6.44 6.73
C TYR A 116 7.64 6.66 6.22
N TYR A 117 7.85 7.81 5.58
CA TYR A 117 9.16 8.15 5.04
C TYR A 117 9.81 9.26 5.85
N GLU A 118 11.00 8.97 6.40
CA GLU A 118 11.72 9.94 7.20
C GLU A 118 12.95 10.45 6.46
N CYS A 119 13.09 11.77 6.38
CA CYS A 119 14.23 12.38 5.70
C CYS A 119 14.28 13.89 5.97
N ASN A 120 15.47 14.47 5.81
CA ASN A 120 15.65 15.89 6.04
C ASN A 120 15.00 16.32 7.35
N GLY A 121 15.18 15.52 8.39
CA GLY A 121 14.60 15.83 9.69
C GLY A 121 13.10 16.02 9.62
N GLN A 122 12.45 15.21 8.80
CA GLN A 122 10.99 15.30 8.65
C GLN A 122 10.36 13.91 8.66
N THR A 123 9.04 13.87 8.81
CA THR A 123 8.31 12.60 8.84
C THR A 123 7.08 12.66 7.95
N TYR A 124 7.23 12.20 6.72
CA TYR A 124 6.12 12.19 5.75
C TYR A 124 5.24 10.97 5.95
N TRP A 125 3.94 11.20 6.11
CA TRP A 125 2.99 10.11 6.30
C TRP A 125 1.99 10.06 5.15
N ASP A 126 2.09 9.02 4.32
CA ASP A 126 1.19 8.85 3.19
C ASP A 126 0.21 7.70 3.44
N SER A 127 -1.00 8.04 3.86
CA SER A 127 -2.01 7.03 4.13
C SER A 127 -2.96 6.88 2.94
N ASN A 128 -2.67 5.91 2.08
CA ASN A 128 -3.49 5.66 0.90
C ASN A 128 -3.71 6.94 0.10
N ARG A 129 -2.67 7.76 0.02
CA ARG A 129 -2.74 9.02 -0.72
C ARG A 129 -4.14 9.62 -0.61
N GLY A 130 -4.76 9.48 0.55
CA GLY A 130 -6.10 10.01 0.74
C GLY A 130 -6.60 9.79 2.16
N LYS A 131 -7.12 8.60 2.42
CA LYS A 131 -7.64 8.26 3.74
C LYS A 131 -6.92 7.05 4.33
N ASN A 132 -7.14 5.89 3.72
CA ASN A 132 -6.49 4.66 4.18
C ASN A 132 -6.57 3.57 3.12
N TYR A 133 -5.64 2.63 3.17
CA TYR A 133 -5.60 1.53 2.21
C TYR A 133 -6.53 0.40 2.64
N ARG A 134 -7.83 0.59 2.43
CA ARG A 134 -8.82 -0.41 2.79
C ARG A 134 -8.59 -1.70 2.02
N ILE A 135 -8.22 -2.76 2.73
CA ILE A 135 -7.97 -4.05 2.10
C ILE A 135 -9.10 -5.02 2.38
N ILE A 136 -9.81 -5.42 1.32
CA ILE A 136 -10.92 -6.34 1.45
C ILE A 136 -10.63 -7.67 0.76
N ARG A 137 -11.47 -8.66 0.99
CA ARG A 137 -11.31 -9.98 0.39
C ARG A 137 -11.78 -9.98 -1.06
N ALA A 138 -11.50 -11.06 -1.77
CA ALA A 138 -11.89 -11.19 -3.17
C ALA A 138 -13.31 -11.74 -3.28
N GLU A 139 -13.75 -12.48 -2.26
CA GLU A 139 -15.07 -13.06 -2.25
C GLU A 139 -16.10 -12.08 -1.73
N LEU A 140 -15.63 -11.07 -0.99
CA LEU A 140 -16.51 -10.05 -0.43
C LEU A 140 -16.91 -9.04 -1.51
N LYS A 141 -15.95 -8.64 -2.33
CA LYS A 141 -16.21 -7.68 -3.40
C LYS A 141 -17.43 -8.09 -4.21
N SER A 142 -18.39 -7.18 -4.32
CA SER A 142 -19.62 -7.45 -5.08
C SER A 142 -19.45 -7.03 -6.53
N THR A 143 -19.94 -7.88 -7.45
CA THR A 143 -19.84 -7.61 -8.87
C THR A 143 -21.13 -6.98 -9.39
N GLN A 144 -21.00 -5.79 -9.99
CA GLN A 144 -22.16 -5.08 -10.53
C GLN A 144 -21.97 -4.80 -12.01
N GLY A 145 -22.82 -5.40 -12.85
CA GLY A 145 -22.73 -5.18 -14.28
C GLY A 145 -23.68 -4.11 -14.77
N MET A 146 -23.88 -4.06 -16.09
CA MET A 146 -24.78 -3.07 -16.69
C MET A 146 -24.36 -1.66 -16.31
N THR A 147 -23.04 -1.42 -16.29
CA THR A 147 -22.51 -0.11 -15.95
C THR A 147 -21.68 0.46 -17.09
N LYS A 148 -21.78 1.77 -17.30
CA LYS A 148 -21.05 2.43 -18.36
C LYS A 148 -19.78 3.10 -17.81
N PRO A 149 -18.68 3.00 -18.56
CA PRO A 149 -17.40 3.60 -18.17
C PRO A 149 -17.42 5.12 -18.23
N HIS A 150 -16.62 5.74 -17.37
CA HIS A 150 -16.54 7.20 -17.33
C HIS A 150 -15.34 7.71 -18.11
N SER A 151 -15.47 8.90 -18.68
CA SER A 151 -14.39 9.50 -19.46
C SER A 151 -14.55 11.01 -19.54
N GLY A 152 -13.44 11.72 -19.37
CA GLY A 152 -13.47 13.18 -19.41
C GLY A 152 -12.34 13.75 -20.24
N PRO A 153 -12.37 15.08 -20.46
CA PRO A 153 -11.35 15.77 -21.24
C PRO A 153 -10.01 15.83 -20.52
N ASP A 154 -8.96 16.16 -21.27
CA ASP A 154 -7.62 16.25 -20.69
C ASP A 154 -7.28 17.70 -20.34
N LEU A 155 -7.05 17.94 -19.06
CA LEU A 155 -6.72 19.28 -18.58
C LEU A 155 -5.60 19.89 -19.41
N GLY A 156 -5.78 21.15 -19.81
CA GLY A 156 -4.77 21.82 -20.61
C GLY A 156 -3.63 22.36 -19.77
N GLY A 1 -2.02 -19.00 15.49
CA GLY A 1 -1.22 -19.66 16.52
C GLY A 1 -1.46 -21.15 16.57
N SER A 2 -2.72 -21.54 16.73
CA SER A 2 -3.08 -22.95 16.82
C SER A 2 -3.53 -23.47 15.45
N SER A 3 -3.49 -24.78 15.28
CA SER A 3 -3.88 -25.42 14.02
C SER A 3 -3.02 -24.91 12.87
N GLY A 4 -1.71 -24.81 13.12
CA GLY A 4 -0.79 -24.35 12.09
C GLY A 4 -0.22 -25.48 11.27
N SER A 5 -0.59 -25.54 9.99
CA SER A 5 -0.10 -26.59 9.11
C SER A 5 0.63 -25.99 7.91
N SER A 6 1.65 -26.71 7.42
CA SER A 6 2.43 -26.25 6.28
C SER A 6 1.68 -26.50 4.98
N GLY A 7 1.46 -25.45 4.21
CA GLY A 7 0.76 -25.58 2.94
C GLY A 7 -0.74 -25.49 3.10
N ALA A 8 -1.30 -24.31 2.83
CA ALA A 8 -2.73 -24.10 2.94
C ALA A 8 -3.27 -23.33 1.74
N GLU A 9 -4.30 -23.88 1.09
CA GLU A 9 -4.91 -23.24 -0.06
C GLU A 9 -6.29 -22.70 0.27
N SER A 10 -6.42 -21.38 0.31
CA SER A 10 -7.70 -20.74 0.63
C SER A 10 -7.87 -19.46 -0.18
N GLU A 11 -9.10 -18.95 -0.21
CA GLU A 11 -9.40 -17.73 -0.95
C GLU A 11 -8.34 -16.66 -0.69
N SER A 12 -8.29 -15.67 -1.56
CA SER A 12 -7.31 -14.58 -1.43
C SER A 12 -8.01 -13.26 -1.16
N PHE A 13 -7.23 -12.19 -1.06
CA PHE A 13 -7.78 -10.86 -0.80
C PHE A 13 -7.47 -9.92 -1.96
N VAL A 14 -8.12 -8.76 -1.96
CA VAL A 14 -7.92 -7.77 -3.00
C VAL A 14 -7.80 -6.36 -2.42
N LEU A 15 -7.56 -5.38 -3.28
CA LEU A 15 -7.43 -3.99 -2.85
C LEU A 15 -8.66 -3.18 -3.23
N ASP A 16 -9.22 -2.48 -2.26
CA ASP A 16 -10.41 -1.66 -2.49
C ASP A 16 -10.01 -0.27 -2.98
N PHE A 17 -8.93 -0.20 -3.76
CA PHE A 17 -8.45 1.06 -4.29
C PHE A 17 -7.72 0.86 -5.61
N SER A 18 -7.81 1.85 -6.50
CA SER A 18 -7.17 1.77 -7.80
C SER A 18 -5.69 2.12 -7.70
N GLN A 19 -4.86 1.38 -8.42
CA GLN A 19 -3.42 1.62 -8.41
C GLN A 19 -3.11 3.09 -8.68
N PRO A 20 -2.22 3.66 -7.86
CA PRO A 20 -1.81 5.07 -7.98
C PRO A 20 -0.98 5.32 -9.22
N SER A 21 0.04 4.49 -9.42
CA SER A 21 0.92 4.63 -10.59
C SER A 21 0.12 4.96 -11.84
N ALA A 22 -1.11 4.46 -11.89
CA ALA A 22 -1.98 4.70 -13.04
C ALA A 22 -1.92 6.16 -13.48
N ASP A 23 -1.89 7.06 -12.51
CA ASP A 23 -1.84 8.49 -12.79
C ASP A 23 -0.46 9.05 -12.47
N TYR A 24 0.41 9.08 -13.47
CA TYR A 24 1.77 9.59 -13.29
C TYR A 24 1.75 10.97 -12.65
N LEU A 25 0.84 11.82 -13.12
CA LEU A 25 0.71 13.17 -12.59
C LEU A 25 0.16 13.16 -11.17
N ASP A 26 -1.09 12.73 -11.04
CA ASP A 26 -1.73 12.66 -9.73
C ASP A 26 -0.83 11.97 -8.71
N PHE A 27 0.10 11.18 -9.21
CA PHE A 27 1.03 10.45 -8.35
C PHE A 27 2.24 11.32 -8.00
N ARG A 28 3.00 11.68 -9.03
CA ARG A 28 4.19 12.50 -8.84
C ARG A 28 3.90 13.70 -7.93
N ASN A 29 2.65 14.16 -7.97
CA ASN A 29 2.23 15.29 -7.14
C ASN A 29 2.42 14.98 -5.66
N ARG A 30 2.02 13.78 -5.26
CA ARG A 30 2.15 13.36 -3.87
C ARG A 30 3.60 13.11 -3.49
N LEU A 31 4.37 12.60 -4.46
CA LEU A 31 5.78 12.31 -4.23
C LEU A 31 6.60 13.59 -4.25
N GLN A 32 5.99 14.69 -4.67
CA GLN A 32 6.66 15.98 -4.73
C GLN A 32 6.24 16.87 -3.56
N ALA A 33 4.98 16.76 -3.16
CA ALA A 33 4.46 17.56 -2.06
C ALA A 33 4.57 16.78 -0.74
N ASP A 34 4.54 15.47 -0.82
CA ASP A 34 4.63 14.62 0.36
C ASP A 34 5.98 13.90 0.41
N HIS A 35 6.73 14.00 -0.69
CA HIS A 35 8.04 13.35 -0.77
C HIS A 35 7.92 11.84 -0.52
N VAL A 36 6.77 11.28 -0.86
CA VAL A 36 6.53 9.85 -0.67
C VAL A 36 5.19 9.44 -1.27
N CYS A 37 5.15 8.24 -1.85
CA CYS A 37 3.92 7.73 -2.46
C CYS A 37 4.12 6.30 -2.94
N LEU A 38 3.04 5.52 -2.90
CA LEU A 38 3.10 4.13 -3.34
C LEU A 38 2.80 4.01 -4.84
N GLU A 39 3.65 3.26 -5.54
CA GLU A 39 3.48 3.07 -6.97
C GLU A 39 2.54 1.90 -7.26
N ASN A 40 2.95 0.71 -6.86
CA ASN A 40 2.15 -0.49 -7.08
C ASN A 40 2.23 -1.43 -5.87
N CYS A 41 1.12 -2.09 -5.57
CA CYS A 41 1.06 -3.01 -4.44
C CYS A 41 0.28 -4.26 -4.81
N VAL A 42 1.01 -5.37 -5.02
CA VAL A 42 0.39 -6.64 -5.37
C VAL A 42 0.02 -7.44 -4.13
N LEU A 43 -0.81 -8.46 -4.32
CA LEU A 43 -1.24 -9.30 -3.21
C LEU A 43 -0.92 -10.77 -3.49
N LYS A 44 -0.44 -11.46 -2.46
CA LYS A 44 -0.10 -12.87 -2.59
C LYS A 44 -0.67 -13.69 -1.43
N ASP A 45 -0.33 -14.97 -1.39
CA ASP A 45 -0.82 -15.86 -0.33
C ASP A 45 -0.47 -15.30 1.05
N LYS A 46 -1.49 -15.00 1.84
CA LYS A 46 -1.30 -14.47 3.18
C LYS A 46 -0.05 -13.57 3.23
N ALA A 47 0.17 -12.83 2.16
CA ALA A 47 1.32 -11.93 2.08
C ALA A 47 1.11 -10.85 1.03
N ILE A 48 1.73 -9.69 1.23
CA ILE A 48 1.61 -8.59 0.29
C ILE A 48 2.98 -8.11 -0.18
N ALA A 49 3.00 -7.31 -1.24
CA ALA A 49 4.25 -6.79 -1.78
C ALA A 49 4.00 -5.52 -2.59
N GLY A 50 4.82 -4.50 -2.37
CA GLY A 50 4.68 -3.26 -3.10
C GLY A 50 5.93 -2.41 -3.04
N THR A 51 6.06 -1.49 -4.00
CA THR A 51 7.22 -0.61 -4.05
C THR A 51 6.82 0.85 -3.83
N VAL A 52 7.55 1.54 -2.96
CA VAL A 52 7.27 2.93 -2.67
C VAL A 52 8.37 3.84 -3.21
N LYS A 53 8.00 5.05 -3.61
CA LYS A 53 8.94 6.01 -4.15
C LYS A 53 9.21 7.12 -3.13
N VAL A 54 10.39 7.72 -3.23
CA VAL A 54 10.77 8.81 -2.32
C VAL A 54 11.69 9.81 -3.03
N GLN A 55 11.64 11.06 -2.58
CA GLN A 55 12.46 12.11 -3.16
C GLN A 55 13.87 12.10 -2.57
N ASN A 56 14.86 12.44 -3.39
CA ASN A 56 16.25 12.46 -2.94
C ASN A 56 16.55 13.75 -2.17
N LEU A 57 15.69 14.07 -1.22
CA LEU A 57 15.86 15.27 -0.41
C LEU A 57 17.20 15.24 0.33
N ALA A 58 17.44 14.18 1.08
CA ALA A 58 18.67 14.02 1.83
C ALA A 58 19.45 12.80 1.35
N PHE A 59 20.63 12.60 1.94
CA PHE A 59 21.48 11.47 1.58
C PHE A 59 20.88 10.15 2.09
N GLU A 60 20.65 10.09 3.39
CA GLU A 60 20.08 8.89 4.00
C GLU A 60 18.57 8.89 3.89
N LYS A 61 17.97 7.70 4.02
CA LYS A 61 16.52 7.57 3.94
C LYS A 61 16.02 6.47 4.88
N THR A 62 14.80 6.64 5.36
CA THR A 62 14.20 5.67 6.28
C THR A 62 12.77 5.35 5.88
N VAL A 63 12.59 4.28 5.11
CA VAL A 63 11.27 3.86 4.67
C VAL A 63 10.77 2.66 5.46
N LYS A 64 9.64 2.84 6.14
CA LYS A 64 9.05 1.78 6.95
C LYS A 64 7.54 1.78 6.83
N ILE A 65 6.97 0.63 6.47
CA ILE A 65 5.52 0.50 6.32
C ILE A 65 4.88 0.06 7.63
N ARG A 66 3.80 0.73 8.01
CA ARG A 66 3.09 0.40 9.25
C ARG A 66 1.65 -0.01 8.95
N MET A 67 1.29 -1.22 9.38
CA MET A 67 -0.05 -1.73 9.17
C MET A 67 -0.66 -2.24 10.46
N THR A 68 -1.90 -1.85 10.73
CA THR A 68 -2.61 -2.26 11.94
C THR A 68 -3.72 -3.24 11.63
N PHE A 69 -4.01 -4.13 12.57
CA PHE A 69 -5.07 -5.12 12.39
C PHE A 69 -6.10 -5.01 13.51
N ASP A 70 -6.03 -3.94 14.28
CA ASP A 70 -6.96 -3.71 15.38
C ASP A 70 -7.55 -2.31 15.31
N THR A 71 -8.30 -2.03 14.24
CA THR A 71 -8.92 -0.73 14.05
C THR A 71 -8.00 0.39 14.55
N TRP A 72 -6.72 0.29 14.20
CA TRP A 72 -5.74 1.30 14.61
C TRP A 72 -5.60 1.34 16.13
N LYS A 73 -5.33 0.18 16.72
CA LYS A 73 -5.17 0.09 18.17
C LYS A 73 -3.79 -0.48 18.52
N SER A 74 -3.28 -1.34 17.66
CA SER A 74 -1.97 -1.95 17.89
C SER A 74 -1.39 -2.49 16.58
N TYR A 75 -0.23 -1.97 16.20
CA TYR A 75 0.43 -2.39 14.98
C TYR A 75 1.93 -2.57 15.19
N THR A 76 2.62 -3.00 14.15
CA THR A 76 4.06 -3.21 14.22
C THR A 76 4.77 -2.56 13.04
N ASP A 77 5.97 -2.03 13.29
CA ASP A 77 6.76 -1.38 12.25
C ASP A 77 7.55 -2.41 11.45
N PHE A 78 7.32 -2.44 10.14
CA PHE A 78 8.02 -3.37 9.26
C PHE A 78 9.02 -2.65 8.38
N PRO A 79 10.29 -3.05 8.48
CA PRO A 79 11.39 -2.44 7.70
C PRO A 79 11.30 -2.80 6.23
N CYS A 80 11.49 -1.79 5.37
CA CYS A 80 11.43 -1.99 3.93
C CYS A 80 12.78 -2.47 3.39
N GLN A 81 12.79 -2.86 2.12
CA GLN A 81 14.02 -3.34 1.49
C GLN A 81 14.49 -2.36 0.41
N TYR A 82 15.62 -2.67 -0.22
CA TYR A 82 16.17 -1.83 -1.26
C TYR A 82 16.19 -2.55 -2.60
N VAL A 83 15.57 -1.95 -3.61
CA VAL A 83 15.51 -2.53 -4.94
C VAL A 83 16.55 -1.92 -5.86
N LYS A 84 17.52 -2.73 -6.27
CA LYS A 84 18.58 -2.26 -7.16
C LYS A 84 18.55 -3.00 -8.50
N ASP A 85 17.34 -3.20 -9.03
CA ASP A 85 17.17 -3.89 -10.30
C ASP A 85 17.22 -2.91 -11.46
N THR A 86 17.29 -3.44 -12.67
CA THR A 86 17.35 -2.61 -13.87
C THR A 86 16.22 -1.57 -13.88
N TYR A 87 15.05 -2.00 -13.44
CA TYR A 87 13.89 -1.10 -13.39
C TYR A 87 13.90 -0.25 -12.13
N ALA A 88 15.05 0.37 -11.85
CA ALA A 88 15.19 1.22 -10.67
C ALA A 88 15.87 2.53 -11.03
N GLY A 89 15.27 3.64 -10.60
CA GLY A 89 15.83 4.95 -10.88
C GLY A 89 17.05 5.25 -10.04
N SER A 90 17.70 6.37 -10.31
CA SER A 90 18.89 6.77 -9.56
C SER A 90 18.54 7.78 -8.47
N ASP A 91 18.00 8.93 -8.89
CA ASP A 91 17.62 9.97 -7.95
C ASP A 91 16.59 9.46 -6.94
N ARG A 92 15.44 9.04 -7.44
CA ARG A 92 14.36 8.53 -6.59
C ARG A 92 14.57 7.05 -6.30
N ASP A 93 14.98 6.74 -5.08
CA ASP A 93 15.20 5.35 -4.67
C ASP A 93 13.89 4.64 -4.42
N THR A 94 13.73 3.47 -5.05
CA THR A 94 12.51 2.68 -4.89
C THR A 94 12.69 1.59 -3.84
N PHE A 95 11.95 1.71 -2.74
CA PHE A 95 12.03 0.74 -1.66
C PHE A 95 10.83 -0.20 -1.68
N SER A 96 11.10 -1.50 -1.65
CA SER A 96 10.04 -2.50 -1.66
C SER A 96 9.65 -2.92 -0.25
N PHE A 97 8.46 -3.48 -0.12
CA PHE A 97 7.97 -3.92 1.19
C PHE A 97 7.25 -5.26 1.07
N ASP A 98 7.47 -6.13 2.04
CA ASP A 98 6.85 -7.45 2.06
C ASP A 98 6.30 -7.78 3.44
N ILE A 99 5.01 -7.56 3.63
CA ILE A 99 4.36 -7.84 4.91
C ILE A 99 3.65 -9.19 4.88
N SER A 100 3.70 -9.89 6.01
CA SER A 100 3.06 -11.20 6.11
C SER A 100 1.66 -11.07 6.71
N LEU A 101 0.66 -11.47 5.94
CA LEU A 101 -0.73 -11.40 6.39
C LEU A 101 -1.00 -12.44 7.47
N PRO A 102 -1.99 -12.16 8.34
CA PRO A 102 -2.37 -13.06 9.43
C PRO A 102 -3.05 -14.32 8.91
N GLU A 103 -2.97 -15.41 9.68
CA GLU A 103 -3.59 -16.67 9.31
C GLU A 103 -4.89 -16.43 8.56
N LYS A 104 -5.82 -15.75 9.22
CA LYS A 104 -7.12 -15.46 8.62
C LYS A 104 -7.66 -14.13 9.13
N ILE A 105 -8.84 -13.74 8.62
CA ILE A 105 -9.45 -12.48 9.02
C ILE A 105 -10.97 -12.55 8.87
N GLN A 106 -11.67 -12.56 10.00
CA GLN A 106 -13.13 -12.63 10.00
C GLN A 106 -13.74 -11.24 9.88
N SER A 107 -13.12 -10.39 9.06
CA SER A 107 -13.60 -9.03 8.86
C SER A 107 -14.22 -8.48 10.15
N TYR A 108 -13.55 -8.74 11.27
CA TYR A 108 -14.04 -8.27 12.56
C TYR A 108 -13.23 -7.07 13.05
N GLU A 109 -12.05 -6.89 12.48
CA GLU A 109 -11.18 -5.79 12.86
C GLU A 109 -10.59 -5.11 11.62
N ARG A 110 -10.73 -3.80 11.54
CA ARG A 110 -10.22 -3.04 10.40
C ARG A 110 -8.72 -3.29 10.22
N MET A 111 -8.27 -3.24 8.97
CA MET A 111 -6.87 -3.47 8.65
C MET A 111 -6.38 -2.48 7.59
N GLU A 112 -5.52 -1.56 8.00
CA GLU A 112 -4.99 -0.55 7.08
C GLU A 112 -3.49 -0.35 7.32
N PHE A 113 -2.84 0.29 6.36
CA PHE A 113 -1.40 0.56 6.46
C PHE A 113 -1.04 1.87 5.79
N ALA A 114 -0.14 2.63 6.42
CA ALA A 114 0.28 3.91 5.87
C ALA A 114 1.80 3.95 5.69
N VAL A 115 2.25 4.61 4.62
CA VAL A 115 3.67 4.72 4.33
C VAL A 115 4.32 5.80 5.18
N TYR A 116 5.36 5.43 5.91
CA TYR A 116 6.08 6.37 6.77
C TYR A 116 7.50 6.61 6.25
N TYR A 117 7.69 7.71 5.54
CA TYR A 117 8.99 8.05 4.99
C TYR A 117 9.64 9.18 5.79
N GLU A 118 10.68 8.85 6.54
CA GLU A 118 11.38 9.83 7.36
C GLU A 118 12.63 10.33 6.63
N CYS A 119 12.83 11.65 6.64
CA CYS A 119 13.98 12.25 6.00
C CYS A 119 14.11 13.73 6.37
N ASN A 120 15.31 14.26 6.23
CA ASN A 120 15.57 15.66 6.56
C ASN A 120 14.89 16.05 7.87
N GLY A 121 14.94 15.14 8.84
CA GLY A 121 14.33 15.40 10.14
C GLY A 121 12.85 15.71 10.03
N GLN A 122 12.17 15.02 9.11
CA GLN A 122 10.74 15.23 8.91
C GLN A 122 10.01 13.90 8.79
N THR A 123 8.68 13.96 8.80
CA THR A 123 7.86 12.76 8.71
C THR A 123 6.80 12.91 7.62
N TYR A 124 6.80 11.99 6.66
CA TYR A 124 5.84 12.03 5.56
C TYR A 124 4.90 10.82 5.63
N TRP A 125 3.61 11.08 5.45
CA TRP A 125 2.61 10.02 5.49
C TRP A 125 1.85 9.94 4.16
N ASP A 126 1.76 8.74 3.61
CA ASP A 126 1.07 8.53 2.34
C ASP A 126 0.11 7.34 2.45
N SER A 127 -1.18 7.65 2.64
CA SER A 127 -2.19 6.61 2.76
C SER A 127 -3.40 6.93 1.89
N ASN A 128 -3.53 6.20 0.78
CA ASN A 128 -4.63 6.41 -0.14
C ASN A 128 -4.91 7.90 -0.35
N ARG A 129 -3.86 8.70 -0.21
CA ARG A 129 -3.98 10.15 -0.38
C ARG A 129 -5.34 10.64 0.11
N GLY A 130 -5.84 10.01 1.17
CA GLY A 130 -7.13 10.39 1.73
C GLY A 130 -7.34 9.86 3.12
N LYS A 131 -8.02 8.73 3.22
CA LYS A 131 -8.30 8.12 4.52
C LYS A 131 -7.19 7.15 4.91
N ASN A 132 -7.18 5.97 4.27
CA ASN A 132 -6.17 4.96 4.55
C ASN A 132 -6.34 3.77 3.62
N TYR A 133 -5.26 3.01 3.44
CA TYR A 133 -5.27 1.84 2.57
C TYR A 133 -6.18 0.75 3.14
N ARG A 134 -7.36 0.61 2.56
CA ARG A 134 -8.33 -0.39 3.01
C ARG A 134 -8.13 -1.70 2.25
N ILE A 135 -7.85 -2.77 2.98
CA ILE A 135 -7.65 -4.08 2.39
C ILE A 135 -8.85 -4.99 2.63
N ILE A 136 -9.56 -5.32 1.57
CA ILE A 136 -10.73 -6.19 1.67
C ILE A 136 -10.46 -7.55 1.05
N ARG A 137 -11.36 -8.49 1.30
CA ARG A 137 -11.21 -9.85 0.76
C ARG A 137 -11.60 -9.89 -0.71
N ALA A 138 -11.26 -10.99 -1.37
CA ALA A 138 -11.58 -11.16 -2.79
C ALA A 138 -13.08 -11.35 -3.00
N GLU A 139 -13.71 -12.05 -2.07
CA GLU A 139 -15.14 -12.31 -2.16
C GLU A 139 -15.93 -11.01 -2.15
N LEU A 140 -15.35 -9.96 -1.57
CA LEU A 140 -16.00 -8.67 -1.49
C LEU A 140 -15.19 -7.60 -2.25
N LYS A 141 -15.88 -6.78 -3.01
CA LYS A 141 -15.24 -5.72 -3.79
C LYS A 141 -16.27 -4.80 -4.42
N SER A 142 -16.18 -3.52 -4.11
CA SER A 142 -17.12 -2.53 -4.66
C SER A 142 -18.53 -3.09 -4.68
N THR A 143 -18.92 -3.76 -3.59
CA THR A 143 -20.25 -4.33 -3.49
C THR A 143 -21.28 -3.29 -3.03
N GLN A 144 -20.89 -2.49 -2.04
CA GLN A 144 -21.76 -1.45 -1.52
C GLN A 144 -21.28 -0.06 -1.91
N GLY A 145 -22.19 0.81 -2.29
CA GLY A 145 -21.84 2.16 -2.68
C GLY A 145 -22.06 3.17 -1.57
N MET A 146 -23.16 3.91 -1.67
CA MET A 146 -23.49 4.92 -0.66
C MET A 146 -22.49 6.08 -0.71
N THR A 147 -22.14 6.50 -1.93
CA THR A 147 -21.20 7.60 -2.11
C THR A 147 -21.66 8.85 -1.38
N LYS A 148 -20.78 9.42 -0.57
CA LYS A 148 -21.10 10.63 0.18
C LYS A 148 -19.91 11.60 0.20
N PRO A 149 -20.21 12.91 0.16
CA PRO A 149 -19.20 13.95 0.17
C PRO A 149 -18.47 14.05 1.51
N HIS A 150 -17.16 14.21 1.46
CA HIS A 150 -16.36 14.32 2.68
C HIS A 150 -15.19 15.28 2.47
N SER A 151 -14.76 15.92 3.54
CA SER A 151 -13.65 16.87 3.49
C SER A 151 -13.02 17.06 4.87
N GLY A 152 -11.94 17.85 4.91
CA GLY A 152 -11.26 18.09 6.16
C GLY A 152 -9.78 18.33 5.98
N PRO A 153 -9.04 18.40 7.10
CA PRO A 153 -7.59 18.62 7.08
C PRO A 153 -6.82 17.42 6.53
N ASP A 154 -5.63 17.68 6.00
CA ASP A 154 -4.80 16.62 5.45
C ASP A 154 -4.17 15.77 6.55
N LEU A 155 -3.59 14.64 6.16
CA LEU A 155 -2.97 13.74 7.12
C LEU A 155 -2.03 14.50 8.05
N GLY A 156 -2.30 14.42 9.35
CA GLY A 156 -1.46 15.10 10.32
C GLY A 156 -2.21 16.19 11.07
N GLY A 1 19.58 -21.46 0.48
CA GLY A 1 18.35 -22.14 0.80
C GLY A 1 17.16 -21.21 0.86
N SER A 2 15.96 -21.77 0.87
CA SER A 2 14.74 -20.96 0.91
C SER A 2 13.90 -21.34 2.13
N SER A 3 12.86 -20.54 2.39
CA SER A 3 11.99 -20.78 3.53
C SER A 3 10.54 -20.87 3.08
N GLY A 4 9.78 -21.79 3.70
CA GLY A 4 8.39 -21.95 3.35
C GLY A 4 7.64 -22.82 4.34
N SER A 5 6.32 -22.79 4.28
CA SER A 5 5.48 -23.58 5.19
C SER A 5 4.42 -24.33 4.42
N SER A 6 3.94 -25.43 5.01
CA SER A 6 2.90 -26.25 4.37
C SER A 6 1.53 -25.91 4.93
N GLY A 7 0.49 -26.48 4.31
CA GLY A 7 -0.86 -26.23 4.75
C GLY A 7 -1.88 -26.42 3.64
N ALA A 8 -3.03 -25.76 3.78
CA ALA A 8 -4.08 -25.86 2.78
C ALA A 8 -4.33 -24.51 2.11
N GLU A 9 -3.90 -24.38 0.85
CA GLU A 9 -4.07 -23.15 0.10
C GLU A 9 -5.41 -22.50 0.43
N SER A 10 -5.38 -21.48 1.29
CA SER A 10 -6.59 -20.78 1.69
C SER A 10 -6.89 -19.63 0.73
N GLU A 11 -8.10 -19.10 0.81
CA GLU A 11 -8.51 -17.99 -0.04
C GLU A 11 -7.56 -16.81 0.10
N SER A 12 -7.57 -15.93 -0.88
CA SER A 12 -6.71 -14.75 -0.86
C SER A 12 -7.53 -13.47 -0.72
N PHE A 13 -6.83 -12.34 -0.63
CA PHE A 13 -7.50 -11.06 -0.47
C PHE A 13 -7.23 -10.16 -1.68
N VAL A 14 -7.99 -9.08 -1.79
CA VAL A 14 -7.84 -8.15 -2.90
C VAL A 14 -7.82 -6.70 -2.42
N LEU A 15 -7.53 -5.77 -3.32
CA LEU A 15 -7.48 -4.36 -2.98
C LEU A 15 -8.72 -3.63 -3.47
N ASP A 16 -9.28 -2.78 -2.61
CA ASP A 16 -10.47 -2.02 -2.96
C ASP A 16 -10.11 -0.64 -3.50
N PHE A 17 -8.96 -0.56 -4.15
CA PHE A 17 -8.48 0.70 -4.72
C PHE A 17 -7.59 0.45 -5.93
N SER A 18 -7.74 1.27 -6.96
CA SER A 18 -6.94 1.14 -8.17
C SER A 18 -5.50 1.58 -7.93
N GLN A 19 -4.59 1.05 -8.73
CA GLN A 19 -3.18 1.38 -8.60
C GLN A 19 -2.96 2.89 -8.70
N PRO A 20 -2.10 3.43 -7.83
CA PRO A 20 -1.79 4.86 -7.79
C PRO A 20 -0.97 5.29 -9.01
N SER A 21 0.05 4.52 -9.35
CA SER A 21 0.90 4.84 -10.48
C SER A 21 0.07 5.22 -11.70
N ALA A 22 -1.04 4.51 -11.91
CA ALA A 22 -1.92 4.78 -13.03
C ALA A 22 -1.96 6.27 -13.35
N ASP A 23 -2.07 7.09 -12.33
CA ASP A 23 -2.11 8.54 -12.51
C ASP A 23 -0.74 9.17 -12.25
N TYR A 24 0.02 9.35 -13.32
CA TYR A 24 1.36 9.93 -13.21
C TYR A 24 1.30 11.29 -12.50
N LEU A 25 0.31 12.09 -12.85
CA LEU A 25 0.14 13.41 -12.26
C LEU A 25 -0.33 13.29 -10.81
N ASP A 26 -1.54 12.78 -10.62
CA ASP A 26 -2.10 12.61 -9.29
C ASP A 26 -1.11 11.91 -8.37
N PHE A 27 -0.20 11.13 -8.95
CA PHE A 27 0.80 10.40 -8.19
C PHE A 27 1.98 11.30 -7.84
N ARG A 28 2.69 11.75 -8.86
CA ARG A 28 3.85 12.62 -8.66
C ARG A 28 3.52 13.74 -7.67
N ASN A 29 2.27 14.19 -7.68
CA ASN A 29 1.83 15.25 -6.78
C ASN A 29 2.11 14.89 -5.33
N ARG A 30 1.85 13.64 -4.98
CA ARG A 30 2.07 13.16 -3.62
C ARG A 30 3.56 12.97 -3.34
N LEU A 31 4.29 12.53 -4.36
CA LEU A 31 5.73 12.32 -4.23
C LEU A 31 6.50 13.64 -4.28
N GLN A 32 5.81 14.69 -4.72
CA GLN A 32 6.43 16.01 -4.82
C GLN A 32 6.00 16.89 -3.64
N ALA A 33 4.78 16.67 -3.15
CA ALA A 33 4.26 17.44 -2.03
C ALA A 33 4.44 16.69 -0.72
N ASP A 34 4.45 15.37 -0.80
CA ASP A 34 4.62 14.53 0.39
C ASP A 34 5.98 13.83 0.37
N HIS A 35 6.73 14.05 -0.70
CA HIS A 35 8.05 13.44 -0.83
C HIS A 35 7.98 11.93 -0.59
N VAL A 36 6.84 11.33 -0.92
CA VAL A 36 6.64 9.90 -0.74
C VAL A 36 5.32 9.44 -1.33
N CYS A 37 5.30 8.24 -1.88
CA CYS A 37 4.09 7.69 -2.48
C CYS A 37 4.29 6.23 -2.87
N LEU A 38 3.20 5.48 -2.90
CA LEU A 38 3.25 4.06 -3.25
C LEU A 38 3.08 3.87 -4.75
N GLU A 39 4.11 3.33 -5.40
CA GLU A 39 4.07 3.09 -6.84
C GLU A 39 3.06 2.00 -7.18
N ASN A 40 3.38 0.76 -6.78
CA ASN A 40 2.50 -0.37 -7.04
C ASN A 40 2.37 -1.25 -5.80
N CYS A 41 1.20 -1.83 -5.62
CA CYS A 41 0.94 -2.70 -4.48
C CYS A 41 0.14 -3.93 -4.90
N VAL A 42 0.82 -5.07 -4.96
CA VAL A 42 0.16 -6.32 -5.34
C VAL A 42 -0.16 -7.18 -4.12
N LEU A 43 -0.98 -8.20 -4.32
CA LEU A 43 -1.36 -9.09 -3.24
C LEU A 43 -0.97 -10.53 -3.55
N LYS A 44 -0.59 -11.28 -2.51
CA LYS A 44 -0.19 -12.67 -2.68
C LYS A 44 -0.75 -13.52 -1.54
N ASP A 45 -0.39 -14.81 -1.55
CA ASP A 45 -0.86 -15.74 -0.53
C ASP A 45 -0.52 -15.23 0.87
N LYS A 46 -1.55 -14.90 1.64
CA LYS A 46 -1.35 -14.40 3.00
C LYS A 46 -0.12 -13.49 3.08
N ALA A 47 0.11 -12.75 2.01
CA ALA A 47 1.25 -11.84 1.95
C ALA A 47 1.04 -10.75 0.91
N ILE A 48 1.76 -9.65 1.05
CA ILE A 48 1.64 -8.53 0.12
C ILE A 48 3.02 -8.04 -0.31
N ALA A 49 3.06 -7.28 -1.41
CA ALA A 49 4.31 -6.74 -1.92
C ALA A 49 4.07 -5.45 -2.69
N GLY A 50 4.87 -4.42 -2.40
CA GLY A 50 4.73 -3.15 -3.08
C GLY A 50 5.99 -2.32 -3.01
N THR A 51 6.14 -1.40 -3.96
CA THR A 51 7.31 -0.53 -4.02
C THR A 51 6.95 0.91 -3.70
N VAL A 52 7.69 1.52 -2.79
CA VAL A 52 7.45 2.91 -2.40
C VAL A 52 8.50 3.84 -2.97
N LYS A 53 8.08 5.04 -3.34
CA LYS A 53 9.00 6.03 -3.90
C LYS A 53 9.32 7.12 -2.89
N VAL A 54 10.48 7.74 -3.04
CA VAL A 54 10.91 8.80 -2.13
C VAL A 54 11.74 9.85 -2.86
N GLN A 55 11.73 11.07 -2.34
CA GLN A 55 12.49 12.16 -2.95
C GLN A 55 13.94 12.15 -2.49
N ASN A 56 14.84 12.61 -3.35
CA ASN A 56 16.26 12.65 -3.02
C ASN A 56 16.59 13.86 -2.16
N LEU A 57 15.78 14.08 -1.13
CA LEU A 57 15.99 15.21 -0.22
C LEU A 57 17.36 15.12 0.45
N ALA A 58 17.58 14.01 1.16
CA ALA A 58 18.85 13.79 1.85
C ALA A 58 19.48 12.46 1.45
N PHE A 59 20.71 12.24 1.90
CA PHE A 59 21.43 11.00 1.57
C PHE A 59 20.78 9.81 2.27
N GLU A 60 20.74 9.85 3.60
CA GLU A 60 20.14 8.76 4.37
C GLU A 60 18.62 8.83 4.32
N LYS A 61 18.00 7.70 4.00
CA LYS A 61 16.54 7.63 3.93
C LYS A 61 16.01 6.46 4.73
N THR A 62 14.86 6.65 5.39
CA THR A 62 14.26 5.60 6.20
C THR A 62 12.81 5.36 5.78
N VAL A 63 12.56 4.19 5.21
CA VAL A 63 11.22 3.83 4.75
C VAL A 63 10.68 2.64 5.53
N LYS A 64 9.58 2.85 6.24
CA LYS A 64 8.96 1.80 7.03
C LYS A 64 7.43 1.82 6.88
N ILE A 65 6.85 0.65 6.66
CA ILE A 65 5.41 0.54 6.51
C ILE A 65 4.73 0.24 7.84
N ARG A 66 3.59 0.90 8.08
CA ARG A 66 2.86 0.71 9.32
C ARG A 66 1.44 0.22 9.02
N MET A 67 1.18 -1.04 9.34
CA MET A 67 -0.15 -1.63 9.12
C MET A 67 -0.71 -2.21 10.40
N THR A 68 -2.01 -2.03 10.61
CA THR A 68 -2.67 -2.54 11.81
C THR A 68 -3.73 -3.58 11.45
N PHE A 69 -4.13 -4.37 12.44
CA PHE A 69 -5.14 -5.40 12.23
C PHE A 69 -6.20 -5.36 13.33
N ASP A 70 -6.16 -4.31 14.14
CA ASP A 70 -7.11 -4.16 15.23
C ASP A 70 -7.65 -2.72 15.27
N THR A 71 -8.55 -2.40 14.36
CA THR A 71 -9.14 -1.07 14.30
C THR A 71 -8.13 0.00 14.70
N TRP A 72 -6.94 -0.07 14.11
CA TRP A 72 -5.88 0.89 14.41
C TRP A 72 -5.59 0.93 15.90
N LYS A 73 -5.40 -0.25 16.51
CA LYS A 73 -5.11 -0.34 17.93
C LYS A 73 -3.60 -0.44 18.17
N SER A 74 -2.94 -1.29 17.39
CA SER A 74 -1.50 -1.47 17.53
C SER A 74 -0.91 -2.06 16.25
N TYR A 75 0.03 -1.33 15.66
CA TYR A 75 0.68 -1.76 14.42
C TYR A 75 2.18 -1.95 14.63
N THR A 76 2.84 -2.53 13.64
CA THR A 76 4.28 -2.76 13.71
C THR A 76 5.00 -2.12 12.53
N ASP A 77 6.15 -1.52 12.79
CA ASP A 77 6.94 -0.87 11.76
C ASP A 77 7.83 -1.89 11.04
N PHE A 78 7.44 -2.25 9.82
CA PHE A 78 8.19 -3.22 9.02
C PHE A 78 9.23 -2.51 8.17
N PRO A 79 10.47 -3.02 8.21
CA PRO A 79 11.58 -2.46 7.44
C PRO A 79 11.43 -2.70 5.94
N CYS A 80 11.61 -1.65 5.15
CA CYS A 80 11.49 -1.75 3.70
C CYS A 80 12.83 -2.14 3.08
N GLN A 81 12.77 -2.96 2.03
CA GLN A 81 13.97 -3.40 1.35
C GLN A 81 14.35 -2.45 0.22
N TYR A 82 15.52 -2.66 -0.37
CA TYR A 82 16.00 -1.82 -1.45
C TYR A 82 15.98 -2.57 -2.79
N VAL A 83 15.38 -1.95 -3.80
CA VAL A 83 15.29 -2.56 -5.12
C VAL A 83 16.40 -2.05 -6.03
N LYS A 84 17.34 -2.92 -6.36
CA LYS A 84 18.45 -2.56 -7.23
C LYS A 84 18.26 -3.14 -8.63
N ASP A 85 17.04 -3.51 -8.94
CA ASP A 85 16.73 -4.09 -10.25
C ASP A 85 17.21 -3.18 -11.37
N THR A 86 17.34 -3.75 -12.57
CA THR A 86 17.80 -2.99 -13.72
C THR A 86 17.06 -1.66 -13.83
N TYR A 87 15.76 -1.69 -13.57
CA TYR A 87 14.94 -0.49 -13.65
C TYR A 87 15.35 0.53 -12.59
N ALA A 88 15.51 0.03 -11.36
CA ALA A 88 15.90 0.89 -10.24
C ALA A 88 17.17 1.68 -10.57
N GLY A 89 17.00 2.91 -11.05
CA GLY A 89 18.15 3.74 -11.39
C GLY A 89 18.91 4.20 -10.17
N SER A 90 19.51 5.38 -10.27
CA SER A 90 20.29 5.93 -9.16
C SER A 90 19.61 7.18 -8.60
N ASP A 91 19.22 8.08 -9.48
CA ASP A 91 18.57 9.33 -9.08
C ASP A 91 17.33 9.03 -8.23
N ARG A 92 16.46 8.17 -8.75
CA ARG A 92 15.24 7.81 -8.04
C ARG A 92 15.41 6.49 -7.29
N ASP A 93 15.32 6.54 -5.97
CA ASP A 93 15.47 5.36 -5.15
C ASP A 93 14.13 4.66 -4.96
N THR A 94 14.05 3.39 -5.37
CA THR A 94 12.83 2.62 -5.24
C THR A 94 12.98 1.52 -4.20
N PHE A 95 12.18 1.60 -3.14
CA PHE A 95 12.23 0.62 -2.07
C PHE A 95 11.03 -0.32 -2.15
N SER A 96 11.23 -1.57 -1.73
CA SER A 96 10.16 -2.56 -1.76
C SER A 96 9.79 -2.99 -0.34
N PHE A 97 8.60 -3.56 -0.20
CA PHE A 97 8.12 -4.01 1.10
C PHE A 97 7.33 -5.32 0.96
N ASP A 98 7.52 -6.21 1.93
CA ASP A 98 6.84 -7.50 1.92
C ASP A 98 6.27 -7.82 3.30
N ILE A 99 4.97 -7.58 3.47
CA ILE A 99 4.32 -7.85 4.74
C ILE A 99 3.52 -9.15 4.68
N SER A 100 3.63 -9.94 5.75
CA SER A 100 2.91 -11.22 5.82
C SER A 100 1.55 -11.04 6.47
N LEU A 101 0.50 -11.42 5.74
CA LEU A 101 -0.87 -11.30 6.23
C LEU A 101 -1.06 -12.15 7.48
N PRO A 102 -2.03 -11.76 8.32
CA PRO A 102 -2.34 -12.48 9.56
C PRO A 102 -2.99 -13.84 9.31
N GLU A 103 -3.34 -14.53 10.38
CA GLU A 103 -3.96 -15.85 10.27
C GLU A 103 -5.40 -15.73 9.79
N LYS A 104 -6.12 -14.76 10.35
CA LYS A 104 -7.52 -14.53 9.98
C LYS A 104 -7.83 -13.03 9.91
N ILE A 105 -8.86 -12.68 9.14
CA ILE A 105 -9.26 -11.30 8.98
C ILE A 105 -10.77 -11.18 8.78
N GLN A 106 -11.39 -10.25 9.49
CA GLN A 106 -12.83 -10.04 9.37
C GLN A 106 -13.16 -8.54 9.44
N SER A 107 -14.40 -8.21 9.11
CA SER A 107 -14.85 -6.82 9.13
C SER A 107 -14.68 -6.22 10.52
N TYR A 108 -15.21 -6.92 11.52
CA TYR A 108 -15.12 -6.46 12.91
C TYR A 108 -13.81 -5.73 13.16
N GLU A 109 -12.73 -6.24 12.56
CA GLU A 109 -11.42 -5.63 12.72
C GLU A 109 -11.00 -4.88 11.45
N ARG A 110 -10.68 -3.61 11.62
CA ARG A 110 -10.27 -2.77 10.49
C ARG A 110 -8.81 -3.05 10.12
N MET A 111 -8.54 -3.12 8.82
CA MET A 111 -7.19 -3.37 8.33
C MET A 111 -6.75 -2.27 7.37
N GLU A 112 -5.79 -1.46 7.81
CA GLU A 112 -5.27 -0.38 7.00
C GLU A 112 -3.78 -0.15 7.26
N PHE A 113 -3.10 0.44 6.29
CA PHE A 113 -1.66 0.71 6.42
C PHE A 113 -1.32 2.09 5.85
N ALA A 114 -0.25 2.67 6.35
CA ALA A 114 0.20 3.99 5.89
C ALA A 114 1.72 4.05 5.81
N VAL A 115 2.23 4.46 4.65
CA VAL A 115 3.66 4.58 4.44
C VAL A 115 4.27 5.64 5.35
N TYR A 116 5.43 5.33 5.92
CA TYR A 116 6.12 6.26 6.81
C TYR A 116 7.53 6.55 6.31
N TYR A 117 7.68 7.68 5.63
CA TYR A 117 8.97 8.07 5.09
C TYR A 117 9.63 9.13 5.97
N GLU A 118 10.79 8.79 6.52
CA GLU A 118 11.52 9.71 7.39
C GLU A 118 12.78 10.22 6.71
N CYS A 119 12.93 11.53 6.65
CA CYS A 119 14.10 12.14 6.02
C CYS A 119 14.23 13.61 6.42
N ASN A 120 15.46 14.09 6.49
CA ASN A 120 15.72 15.48 6.87
C ASN A 120 14.94 15.86 8.13
N GLY A 121 15.06 15.02 9.15
CA GLY A 121 14.37 15.29 10.40
C GLY A 121 12.90 15.57 10.19
N GLN A 122 12.27 14.87 9.25
CA GLN A 122 10.86 15.06 8.96
C GLN A 122 10.15 13.71 8.84
N THR A 123 8.82 13.76 8.84
CA THR A 123 8.01 12.54 8.74
C THR A 123 6.88 12.72 7.75
N TYR A 124 6.83 11.84 6.75
CA TYR A 124 5.79 11.90 5.73
C TYR A 124 4.89 10.67 5.78
N TRP A 125 3.58 10.89 5.92
CA TRP A 125 2.63 9.80 5.99
C TRP A 125 1.76 9.76 4.74
N ASP A 126 1.89 8.69 3.96
CA ASP A 126 1.12 8.53 2.73
C ASP A 126 0.04 7.47 2.91
N SER A 127 -1.19 7.90 3.13
CA SER A 127 -2.31 6.99 3.32
C SER A 127 -3.26 7.05 2.13
N ASN A 128 -3.19 6.05 1.26
CA ASN A 128 -4.05 5.98 0.08
C ASN A 128 -4.39 7.38 -0.41
N ARG A 129 -3.42 8.29 -0.33
CA ARG A 129 -3.62 9.66 -0.77
C ARG A 129 -5.03 10.13 -0.48
N GLY A 130 -5.45 9.99 0.78
CA GLY A 130 -6.79 10.41 1.17
C GLY A 130 -7.11 10.05 2.61
N LYS A 131 -7.60 8.84 2.82
CA LYS A 131 -7.95 8.38 4.16
C LYS A 131 -7.04 7.24 4.60
N ASN A 132 -7.13 6.11 3.90
CA ASN A 132 -6.32 4.94 4.22
C ASN A 132 -6.51 3.84 3.17
N TYR A 133 -5.66 2.84 3.22
CA TYR A 133 -5.73 1.72 2.28
C TYR A 133 -6.61 0.60 2.82
N ARG A 134 -7.86 0.54 2.35
CA ARG A 134 -8.80 -0.48 2.79
C ARG A 134 -8.55 -1.80 2.08
N ILE A 135 -8.04 -2.78 2.81
CA ILE A 135 -7.76 -4.09 2.24
C ILE A 135 -8.88 -5.08 2.55
N ILE A 136 -9.58 -5.51 1.50
CA ILE A 136 -10.68 -6.45 1.66
C ILE A 136 -10.31 -7.82 1.10
N ARG A 137 -11.19 -8.79 1.29
CA ARG A 137 -10.95 -10.15 0.80
C ARG A 137 -11.50 -10.32 -0.62
N ALA A 138 -11.08 -11.39 -1.27
CA ALA A 138 -11.52 -11.67 -2.64
C ALA A 138 -12.96 -12.18 -2.66
N GLU A 139 -13.35 -12.87 -1.58
CA GLU A 139 -14.70 -13.40 -1.48
C GLU A 139 -15.70 -12.30 -1.13
N LEU A 140 -15.23 -11.30 -0.42
CA LEU A 140 -16.08 -10.18 -0.01
C LEU A 140 -16.61 -9.44 -1.23
N LYS A 141 -15.78 -9.30 -2.25
CA LYS A 141 -16.17 -8.62 -3.48
C LYS A 141 -16.98 -9.54 -4.39
N SER A 142 -18.27 -9.23 -4.53
CA SER A 142 -19.16 -10.03 -5.36
C SER A 142 -19.30 -9.42 -6.75
N THR A 143 -19.74 -10.23 -7.71
CA THR A 143 -19.92 -9.77 -9.08
C THR A 143 -18.58 -9.44 -9.73
N GLN A 144 -17.61 -10.35 -9.56
CA GLN A 144 -16.29 -10.16 -10.13
C GLN A 144 -16.17 -10.88 -11.48
N GLY A 145 -15.30 -10.37 -12.35
CA GLY A 145 -15.11 -10.99 -13.64
C GLY A 145 -16.41 -11.24 -14.37
N MET A 146 -16.52 -12.37 -15.04
CA MET A 146 -17.72 -12.73 -15.77
C MET A 146 -18.87 -13.02 -14.82
N THR A 147 -20.08 -13.13 -15.38
CA THR A 147 -21.26 -13.40 -14.57
C THR A 147 -22.23 -14.31 -15.32
N LYS A 148 -22.79 -15.28 -14.60
CA LYS A 148 -23.73 -16.22 -15.20
C LYS A 148 -24.67 -15.50 -16.18
N PRO A 149 -24.96 -16.17 -17.30
CA PRO A 149 -25.84 -15.61 -18.33
C PRO A 149 -27.30 -15.54 -17.89
N HIS A 150 -27.82 -14.33 -17.76
CA HIS A 150 -29.20 -14.13 -17.33
C HIS A 150 -30.14 -14.11 -18.53
N SER A 151 -31.28 -14.76 -18.40
CA SER A 151 -32.27 -14.81 -19.47
C SER A 151 -32.92 -13.45 -19.69
N GLY A 152 -33.53 -13.27 -20.85
CA GLY A 152 -34.18 -12.01 -21.16
C GLY A 152 -33.41 -11.19 -22.17
N PRO A 153 -34.04 -10.11 -22.67
CA PRO A 153 -33.41 -9.22 -23.66
C PRO A 153 -32.27 -8.40 -23.07
N ASP A 154 -31.38 -7.93 -23.93
CA ASP A 154 -30.24 -7.12 -23.49
C ASP A 154 -30.07 -5.89 -24.36
N LEU A 155 -29.57 -4.82 -23.77
CA LEU A 155 -29.37 -3.56 -24.50
C LEU A 155 -30.55 -3.26 -25.42
N GLY A 156 -31.75 -3.49 -24.91
CA GLY A 156 -32.95 -3.23 -25.69
C GLY A 156 -33.34 -1.77 -25.70
N GLY A 1 -1.43 -29.64 30.20
CA GLY A 1 -1.66 -28.34 29.61
C GLY A 1 -2.78 -28.37 28.59
N SER A 2 -2.73 -27.46 27.63
CA SER A 2 -3.75 -27.38 26.59
C SER A 2 -3.13 -27.13 25.22
N SER A 3 -3.83 -27.53 24.16
CA SER A 3 -3.35 -27.35 22.80
C SER A 3 -4.48 -27.49 21.80
N GLY A 4 -4.18 -27.17 20.54
CA GLY A 4 -5.19 -27.26 19.50
C GLY A 4 -4.95 -26.27 18.37
N SER A 5 -4.87 -26.79 17.15
CA SER A 5 -4.63 -25.95 15.98
C SER A 5 -5.95 -25.62 15.28
N SER A 6 -6.04 -24.40 14.74
CA SER A 6 -7.24 -23.96 14.04
C SER A 6 -7.15 -24.29 12.55
N GLY A 7 -5.98 -24.08 11.98
CA GLY A 7 -5.78 -24.37 10.57
C GLY A 7 -5.93 -23.12 9.71
N ALA A 8 -5.07 -23.00 8.70
CA ALA A 8 -5.10 -21.85 7.81
C ALA A 8 -6.00 -22.13 6.60
N GLU A 9 -7.30 -21.98 6.79
CA GLU A 9 -8.26 -22.21 5.72
C GLU A 9 -9.01 -20.93 5.37
N SER A 10 -8.37 -20.06 4.58
CA SER A 10 -8.97 -18.80 4.17
C SER A 10 -8.60 -18.47 2.73
N GLU A 11 -9.52 -17.82 2.02
CA GLU A 11 -9.30 -17.44 0.64
C GLU A 11 -8.38 -16.21 0.55
N SER A 12 -7.94 -15.90 -0.66
CA SER A 12 -7.06 -14.77 -0.88
C SER A 12 -7.81 -13.46 -0.73
N PHE A 13 -7.06 -12.35 -0.68
CA PHE A 13 -7.67 -11.03 -0.54
C PHE A 13 -7.29 -10.13 -1.71
N VAL A 14 -7.94 -8.97 -1.79
CA VAL A 14 -7.68 -8.02 -2.85
C VAL A 14 -7.73 -6.59 -2.34
N LEU A 15 -7.47 -5.63 -3.24
CA LEU A 15 -7.49 -4.22 -2.87
C LEU A 15 -8.80 -3.56 -3.28
N ASP A 16 -9.31 -2.68 -2.43
CA ASP A 16 -10.56 -1.98 -2.70
C ASP A 16 -10.29 -0.57 -3.19
N PHE A 17 -9.14 -0.37 -3.83
CA PHE A 17 -8.77 0.94 -4.35
C PHE A 17 -7.92 0.80 -5.60
N SER A 18 -7.98 1.81 -6.47
CA SER A 18 -7.23 1.80 -7.72
C SER A 18 -5.77 2.14 -7.46
N GLN A 19 -4.89 1.58 -8.29
CA GLN A 19 -3.45 1.82 -8.15
C GLN A 19 -3.13 3.30 -8.35
N PRO A 20 -2.24 3.83 -7.48
CA PRO A 20 -1.83 5.24 -7.55
C PRO A 20 -0.96 5.53 -8.76
N SER A 21 -0.09 4.59 -9.11
CA SER A 21 0.80 4.74 -10.25
C SER A 21 0.00 4.98 -11.54
N ALA A 22 -1.26 4.53 -11.54
CA ALA A 22 -2.12 4.70 -12.70
C ALA A 22 -2.04 6.12 -13.25
N ASP A 23 -1.97 7.10 -12.35
CA ASP A 23 -1.89 8.49 -12.75
C ASP A 23 -0.50 9.06 -12.47
N TYR A 24 0.37 9.02 -13.48
CA TYR A 24 1.73 9.52 -13.34
C TYR A 24 1.74 10.94 -12.76
N LEU A 25 0.81 11.76 -13.24
CA LEU A 25 0.71 13.15 -12.77
C LEU A 25 0.18 13.19 -11.34
N ASP A 26 -1.08 12.82 -11.16
CA ASP A 26 -1.70 12.81 -9.85
C ASP A 26 -0.80 12.12 -8.83
N PHE A 27 0.12 11.30 -9.31
CA PHE A 27 1.03 10.58 -8.44
C PHE A 27 2.26 11.43 -8.11
N ARG A 28 3.03 11.78 -9.15
CA ARG A 28 4.23 12.58 -8.97
C ARG A 28 3.94 13.79 -8.09
N ASN A 29 2.71 14.30 -8.17
CA ASN A 29 2.32 15.46 -7.38
C ASN A 29 2.45 15.17 -5.89
N ARG A 30 2.17 13.94 -5.50
CA ARG A 30 2.26 13.53 -4.11
C ARG A 30 3.71 13.28 -3.70
N LEU A 31 4.49 12.77 -4.64
CA LEU A 31 5.90 12.48 -4.39
C LEU A 31 6.73 13.76 -4.38
N GLN A 32 6.10 14.86 -4.78
CA GLN A 32 6.77 16.16 -4.82
C GLN A 32 6.31 17.05 -3.68
N ALA A 33 5.05 16.90 -3.29
CA ALA A 33 4.49 17.69 -2.21
C ALA A 33 4.65 16.99 -0.86
N ASP A 34 4.69 15.67 -0.90
CA ASP A 34 4.84 14.86 0.32
C ASP A 34 6.20 14.17 0.34
N HIS A 35 6.85 14.12 -0.81
CA HIS A 35 8.16 13.48 -0.92
C HIS A 35 8.06 11.99 -0.67
N VAL A 36 6.90 11.42 -0.97
CA VAL A 36 6.66 9.99 -0.77
C VAL A 36 5.30 9.58 -1.30
N CYS A 37 5.23 8.37 -1.86
CA CYS A 37 3.98 7.85 -2.41
C CYS A 37 4.13 6.39 -2.82
N LEU A 38 3.11 5.59 -2.54
CA LEU A 38 3.13 4.18 -2.88
C LEU A 38 2.91 3.98 -4.38
N GLU A 39 3.88 3.32 -5.01
CA GLU A 39 3.81 3.05 -6.45
C GLU A 39 2.77 1.98 -6.75
N ASN A 40 3.12 0.73 -6.45
CA ASN A 40 2.22 -0.39 -6.70
C ASN A 40 2.11 -1.27 -5.46
N CYS A 41 0.95 -1.91 -5.29
CA CYS A 41 0.72 -2.78 -4.14
C CYS A 41 -0.03 -4.04 -4.57
N VAL A 42 0.65 -5.18 -4.47
CA VAL A 42 0.05 -6.47 -4.83
C VAL A 42 -0.32 -7.28 -3.60
N LEU A 43 -1.09 -8.34 -3.80
CA LEU A 43 -1.51 -9.21 -2.71
C LEU A 43 -1.25 -10.67 -3.05
N LYS A 44 -0.62 -11.39 -2.12
CA LYS A 44 -0.32 -12.80 -2.31
C LYS A 44 -0.93 -13.64 -1.21
N ASP A 45 -0.63 -14.94 -1.22
CA ASP A 45 -1.16 -15.85 -0.21
C ASP A 45 -0.74 -15.42 1.19
N LYS A 46 -1.71 -15.05 2.00
CA LYS A 46 -1.46 -14.60 3.37
C LYS A 46 -0.21 -13.71 3.42
N ALA A 47 -0.04 -12.89 2.40
CA ALA A 47 1.10 -11.98 2.32
C ALA A 47 0.85 -10.86 1.34
N ILE A 48 1.63 -9.79 1.45
CA ILE A 48 1.49 -8.63 0.57
C ILE A 48 2.85 -8.09 0.16
N ALA A 49 2.88 -7.33 -0.94
CA ALA A 49 4.12 -6.74 -1.42
C ALA A 49 3.85 -5.44 -2.16
N GLY A 50 4.61 -4.41 -1.82
CA GLY A 50 4.44 -3.11 -2.47
C GLY A 50 5.70 -2.27 -2.44
N THR A 51 5.81 -1.35 -3.38
CA THR A 51 6.98 -0.48 -3.46
C THR A 51 6.62 0.96 -3.16
N VAL A 52 7.41 1.60 -2.31
CA VAL A 52 7.18 2.99 -1.94
C VAL A 52 8.18 3.93 -2.60
N LYS A 53 7.70 5.07 -3.07
CA LYS A 53 8.55 6.04 -3.74
C LYS A 53 9.00 7.12 -2.76
N VAL A 54 10.14 7.74 -3.05
CA VAL A 54 10.69 8.79 -2.19
C VAL A 54 11.50 9.79 -3.01
N GLN A 55 11.65 10.99 -2.46
CA GLN A 55 12.41 12.04 -3.14
C GLN A 55 13.88 12.02 -2.70
N ASN A 56 14.76 12.43 -3.61
CA ASN A 56 16.18 12.46 -3.31
C ASN A 56 16.56 13.71 -2.53
N LEU A 57 15.82 13.97 -1.44
CA LEU A 57 16.07 15.14 -0.62
C LEU A 57 17.36 14.97 0.19
N ALA A 58 17.44 13.89 0.96
CA ALA A 58 18.62 13.61 1.76
C ALA A 58 19.24 12.28 1.38
N PHE A 59 20.57 12.18 1.52
CA PHE A 59 21.29 10.96 1.18
C PHE A 59 20.72 9.77 1.96
N GLU A 60 20.68 9.90 3.28
CA GLU A 60 20.17 8.85 4.14
C GLU A 60 18.68 9.04 4.42
N LYS A 61 17.88 8.06 4.04
CA LYS A 61 16.43 8.12 4.24
C LYS A 61 15.95 6.90 5.01
N THR A 62 14.66 6.90 5.36
CA THR A 62 14.07 5.78 6.09
C THR A 62 12.65 5.50 5.59
N VAL A 63 12.42 4.25 5.15
CA VAL A 63 11.13 3.85 4.66
C VAL A 63 10.62 2.61 5.38
N LYS A 64 9.45 2.73 6.02
CA LYS A 64 8.86 1.62 6.75
C LYS A 64 7.34 1.66 6.66
N ILE A 65 6.74 0.51 6.42
CA ILE A 65 5.28 0.41 6.32
C ILE A 65 4.65 0.04 7.66
N ARG A 66 3.54 0.70 7.98
CA ARG A 66 2.85 0.44 9.23
C ARG A 66 1.41 0.00 8.97
N MET A 67 1.18 -1.32 9.02
CA MET A 67 -0.15 -1.86 8.80
C MET A 67 -0.73 -2.45 10.09
N THR A 68 -2.03 -2.30 10.28
CA THR A 68 -2.69 -2.81 11.46
C THR A 68 -3.82 -3.77 11.09
N PHE A 69 -4.11 -4.71 11.98
CA PHE A 69 -5.17 -5.69 11.75
C PHE A 69 -6.20 -5.66 12.87
N ASP A 70 -6.13 -4.62 13.69
CA ASP A 70 -7.06 -4.47 14.81
C ASP A 70 -7.62 -3.05 14.86
N THR A 71 -8.50 -2.73 13.91
CA THR A 71 -9.10 -1.40 13.85
C THR A 71 -8.14 -0.33 14.35
N TRP A 72 -6.89 -0.41 13.88
CA TRP A 72 -5.88 0.55 14.27
C TRP A 72 -5.62 0.50 15.78
N LYS A 73 -5.36 -0.71 16.29
CA LYS A 73 -5.09 -0.89 17.70
C LYS A 73 -3.74 -1.56 17.92
N SER A 74 -3.39 -2.50 17.05
CA SER A 74 -2.13 -3.22 17.15
C SER A 74 -1.38 -3.19 15.82
N TYR A 75 -0.55 -2.17 15.64
CA TYR A 75 0.23 -2.02 14.42
C TYR A 75 1.70 -2.34 14.67
N THR A 76 2.45 -2.53 13.57
CA THR A 76 3.86 -2.85 13.67
C THR A 76 4.64 -2.23 12.51
N ASP A 77 5.78 -1.63 12.82
CA ASP A 77 6.62 -1.01 11.81
C ASP A 77 7.50 -2.04 11.11
N PHE A 78 7.25 -2.25 9.82
CA PHE A 78 8.01 -3.22 9.04
C PHE A 78 9.09 -2.53 8.22
N PRO A 79 10.33 -3.05 8.32
CA PRO A 79 11.48 -2.49 7.59
C PRO A 79 11.39 -2.72 6.10
N CYS A 80 11.61 -1.67 5.31
CA CYS A 80 11.56 -1.77 3.87
C CYS A 80 12.93 -2.02 3.28
N GLN A 81 12.98 -2.35 1.99
CA GLN A 81 14.25 -2.62 1.32
C GLN A 81 14.41 -1.73 0.09
N TYR A 82 15.51 -1.90 -0.62
CA TYR A 82 15.79 -1.12 -1.82
C TYR A 82 15.84 -2.01 -3.06
N VAL A 83 14.96 -1.74 -4.01
CA VAL A 83 14.90 -2.51 -5.24
C VAL A 83 16.15 -2.28 -6.09
N LYS A 84 17.08 -3.22 -6.04
CA LYS A 84 18.31 -3.12 -6.80
C LYS A 84 18.17 -3.76 -8.17
N ASP A 85 18.16 -2.94 -9.22
CA ASP A 85 18.02 -3.43 -10.58
C ASP A 85 18.57 -2.43 -11.58
N THR A 86 19.19 -2.94 -12.64
CA THR A 86 19.77 -2.08 -13.67
C THR A 86 18.75 -1.05 -14.16
N TYR A 87 17.48 -1.45 -14.21
CA TYR A 87 16.42 -0.56 -14.66
C TYR A 87 16.00 0.39 -13.54
N ALA A 88 16.01 -0.10 -12.31
CA ALA A 88 15.64 0.71 -11.16
C ALA A 88 16.84 1.43 -10.58
N GLY A 89 16.82 2.76 -10.64
CA GLY A 89 17.92 3.55 -10.12
C GLY A 89 18.47 4.52 -11.15
N SER A 90 17.60 5.35 -11.72
CA SER A 90 18.00 6.32 -12.71
C SER A 90 18.11 7.71 -12.11
N ASP A 91 17.02 8.19 -11.52
CA ASP A 91 16.99 9.51 -10.90
C ASP A 91 16.57 9.41 -9.44
N ARG A 92 15.38 8.85 -9.20
CA ARG A 92 14.87 8.70 -7.86
C ARG A 92 15.12 7.29 -7.33
N ASP A 93 14.95 7.12 -6.02
CA ASP A 93 15.17 5.82 -5.39
C ASP A 93 13.85 5.07 -5.23
N THR A 94 13.94 3.75 -5.10
CA THR A 94 12.75 2.92 -4.94
C THR A 94 12.92 1.92 -3.80
N PHE A 95 11.89 1.80 -2.97
CA PHE A 95 11.93 0.89 -1.83
C PHE A 95 10.77 -0.10 -1.89
N SER A 96 11.03 -1.32 -1.44
CA SER A 96 10.00 -2.36 -1.43
C SER A 96 9.67 -2.80 -0.01
N PHE A 97 8.58 -3.55 0.13
CA PHE A 97 8.15 -4.03 1.44
C PHE A 97 7.36 -5.33 1.30
N ASP A 98 7.64 -6.28 2.19
CA ASP A 98 6.95 -7.57 2.17
C ASP A 98 6.40 -7.91 3.55
N ILE A 99 5.11 -7.69 3.74
CA ILE A 99 4.47 -7.98 5.02
C ILE A 99 3.69 -9.29 4.96
N SER A 100 3.63 -9.98 6.10
CA SER A 100 2.92 -11.26 6.18
C SER A 100 1.54 -11.07 6.80
N LEU A 101 0.52 -11.65 6.16
CA LEU A 101 -0.85 -11.56 6.65
C LEU A 101 -1.06 -12.46 7.85
N PRO A 102 -2.02 -12.09 8.71
CA PRO A 102 -2.35 -12.86 9.91
C PRO A 102 -3.01 -14.19 9.59
N GLU A 103 -2.96 -15.12 10.55
CA GLU A 103 -3.55 -16.44 10.35
C GLU A 103 -4.87 -16.34 9.58
N LYS A 104 -5.74 -15.45 10.02
CA LYS A 104 -7.04 -15.25 9.37
C LYS A 104 -7.63 -13.91 9.74
N ILE A 105 -8.54 -13.42 8.90
CA ILE A 105 -9.20 -12.14 9.14
C ILE A 105 -10.72 -12.27 9.09
N GLN A 106 -11.19 -13.45 8.71
CA GLN A 106 -12.62 -13.71 8.61
C GLN A 106 -13.35 -12.49 8.07
N SER A 107 -12.65 -11.68 7.28
CA SER A 107 -13.23 -10.47 6.70
C SER A 107 -14.26 -9.86 7.64
N TYR A 108 -13.91 -9.78 8.92
CA TYR A 108 -14.81 -9.21 9.92
C TYR A 108 -14.10 -8.16 10.76
N GLU A 109 -12.95 -7.70 10.27
CA GLU A 109 -12.16 -6.70 10.97
C GLU A 109 -11.60 -5.67 9.99
N ARG A 110 -11.05 -4.59 10.53
CA ARG A 110 -10.47 -3.53 9.70
C ARG A 110 -8.97 -3.77 9.50
N MET A 111 -8.50 -3.48 8.29
CA MET A 111 -7.09 -3.66 7.95
C MET A 111 -6.62 -2.57 7.01
N GLU A 112 -5.70 -1.73 7.48
CA GLU A 112 -5.16 -0.65 6.67
C GLU A 112 -3.69 -0.41 6.98
N PHE A 113 -2.99 0.25 6.06
CA PHE A 113 -1.57 0.53 6.23
C PHE A 113 -1.23 1.94 5.73
N ALA A 114 -0.22 2.55 6.34
CA ALA A 114 0.20 3.89 5.95
C ALA A 114 1.71 3.94 5.73
N VAL A 115 2.13 4.70 4.73
CA VAL A 115 3.55 4.84 4.41
C VAL A 115 4.20 5.90 5.27
N TYR A 116 5.34 5.55 5.87
CA TYR A 116 6.07 6.48 6.72
C TYR A 116 7.47 6.74 6.18
N TYR A 117 7.63 7.84 5.46
CA TYR A 117 8.91 8.20 4.88
C TYR A 117 9.59 9.30 5.70
N GLU A 118 10.72 8.96 6.31
CA GLU A 118 11.47 9.90 7.13
C GLU A 118 12.74 10.36 6.41
N CYS A 119 13.02 11.65 6.48
CA CYS A 119 14.20 12.22 5.84
C CYS A 119 14.37 13.69 6.20
N ASN A 120 15.60 14.18 6.09
CA ASN A 120 15.89 15.57 6.42
C ASN A 120 15.22 15.99 7.72
N GLY A 121 15.31 15.11 8.72
CA GLY A 121 14.71 15.40 10.01
C GLY A 121 13.23 15.73 9.90
N GLN A 122 12.53 15.02 9.01
CA GLN A 122 11.10 15.24 8.82
C GLN A 122 10.37 13.92 8.70
N THR A 123 9.04 13.98 8.81
CA THR A 123 8.21 12.78 8.72
C THR A 123 6.97 13.03 7.87
N TYR A 124 6.88 12.31 6.76
CA TYR A 124 5.74 12.46 5.85
C TYR A 124 4.85 11.23 5.89
N TRP A 125 3.55 11.44 5.93
CA TRP A 125 2.58 10.35 5.98
C TRP A 125 1.76 10.30 4.70
N ASP A 126 1.86 9.18 3.98
CA ASP A 126 1.11 9.01 2.74
C ASP A 126 0.42 7.65 2.70
N SER A 127 -0.86 7.64 3.03
CA SER A 127 -1.64 6.40 3.03
C SER A 127 -2.94 6.57 2.25
N ASN A 128 -3.03 5.91 1.11
CA ASN A 128 -4.21 5.98 0.27
C ASN A 128 -4.44 7.41 -0.23
N ARG A 129 -3.35 8.14 -0.44
CA ARG A 129 -3.43 9.51 -0.92
C ARG A 129 -4.66 10.21 -0.35
N GLY A 130 -4.92 10.01 0.93
CA GLY A 130 -6.06 10.62 1.57
C GLY A 130 -6.26 10.14 2.99
N LYS A 131 -7.12 9.15 3.17
CA LYS A 131 -7.39 8.60 4.50
C LYS A 131 -6.48 7.41 4.80
N ASN A 132 -6.76 6.29 4.15
CA ASN A 132 -5.98 5.08 4.34
C ASN A 132 -6.43 3.97 3.39
N TYR A 133 -5.56 2.99 3.18
CA TYR A 133 -5.87 1.87 2.30
C TYR A 133 -6.79 0.86 2.99
N ARG A 134 -7.84 0.46 2.29
CA ARG A 134 -8.80 -0.49 2.83
C ARG A 134 -8.68 -1.84 2.12
N ILE A 135 -7.76 -2.68 2.61
CA ILE A 135 -7.55 -3.99 2.02
C ILE A 135 -8.68 -4.95 2.38
N ILE A 136 -9.45 -5.35 1.38
CA ILE A 136 -10.57 -6.27 1.59
C ILE A 136 -10.28 -7.63 1.00
N ARG A 137 -11.25 -8.54 1.10
CA ARG A 137 -11.10 -9.89 0.57
C ARG A 137 -11.57 -9.97 -0.87
N ALA A 138 -11.37 -11.13 -1.49
CA ALA A 138 -11.77 -11.34 -2.87
C ALA A 138 -13.28 -11.59 -2.98
N GLU A 139 -13.83 -12.23 -1.96
CA GLU A 139 -15.27 -12.53 -1.94
C GLU A 139 -16.08 -11.26 -1.98
N LEU A 140 -15.53 -10.18 -1.45
CA LEU A 140 -16.21 -8.89 -1.42
C LEU A 140 -16.15 -8.21 -2.79
N LYS A 141 -14.97 -8.21 -3.38
CA LYS A 141 -14.77 -7.60 -4.69
C LYS A 141 -15.85 -8.04 -5.67
N SER A 142 -16.67 -7.08 -6.10
CA SER A 142 -17.75 -7.37 -7.04
C SER A 142 -17.28 -8.30 -8.16
N THR A 143 -18.24 -8.88 -8.88
CA THR A 143 -17.92 -9.79 -9.97
C THR A 143 -18.46 -9.27 -11.29
N GLN A 144 -18.44 -7.94 -11.45
CA GLN A 144 -18.91 -7.32 -12.68
C GLN A 144 -17.76 -7.02 -13.64
N GLY A 145 -16.74 -6.35 -13.12
CA GLY A 145 -15.59 -6.02 -13.93
C GLY A 145 -15.13 -7.17 -14.80
N MET A 146 -14.46 -6.85 -15.90
CA MET A 146 -13.97 -7.88 -16.82
C MET A 146 -12.92 -7.30 -17.77
N THR A 147 -12.33 -8.16 -18.59
CA THR A 147 -11.30 -7.75 -19.54
C THR A 147 -11.81 -6.60 -20.40
N LYS A 148 -11.01 -5.54 -20.50
CA LYS A 148 -11.36 -4.38 -21.30
C LYS A 148 -10.31 -4.11 -22.36
N PRO A 149 -10.77 -3.72 -23.57
CA PRO A 149 -9.88 -3.42 -24.69
C PRO A 149 -9.08 -2.14 -24.47
N HIS A 150 -8.20 -1.83 -25.42
CA HIS A 150 -7.37 -0.62 -25.34
C HIS A 150 -7.12 -0.04 -26.72
N SER A 151 -6.67 1.21 -26.75
CA SER A 151 -6.40 1.89 -28.01
C SER A 151 -4.90 1.94 -28.29
N GLY A 152 -4.54 2.01 -29.57
CA GLY A 152 -3.15 2.04 -29.95
C GLY A 152 -2.85 3.15 -30.94
N PRO A 153 -1.73 3.85 -30.74
CA PRO A 153 -1.30 4.96 -31.62
C PRO A 153 -0.86 4.46 -32.99
N ASP A 154 -0.38 5.39 -33.81
CA ASP A 154 0.09 5.04 -35.15
C ASP A 154 1.53 5.48 -35.35
N LEU A 155 2.12 5.07 -36.48
CA LEU A 155 3.50 5.42 -36.80
C LEU A 155 3.69 6.93 -36.84
N GLY A 156 3.02 7.57 -37.79
CA GLY A 156 3.13 9.01 -37.92
C GLY A 156 4.39 9.43 -38.66
N GLY A 1 9.22 -39.82 14.22
CA GLY A 1 9.05 -39.92 12.78
C GLY A 1 8.63 -38.59 12.17
N SER A 2 8.76 -38.48 10.85
CA SER A 2 8.39 -37.27 10.14
C SER A 2 6.93 -37.33 9.68
N SER A 3 6.41 -36.18 9.26
CA SER A 3 5.02 -36.09 8.80
C SER A 3 4.83 -34.89 7.89
N GLY A 4 4.58 -35.15 6.61
CA GLY A 4 4.38 -34.08 5.66
C GLY A 4 2.91 -33.83 5.36
N SER A 5 2.47 -34.25 4.17
CA SER A 5 1.09 -34.07 3.77
C SER A 5 0.61 -32.65 4.07
N SER A 6 1.47 -31.68 3.80
CA SER A 6 1.14 -30.28 4.05
C SER A 6 0.46 -29.66 2.84
N GLY A 7 -0.82 -29.35 2.97
CA GLY A 7 -1.56 -28.75 1.88
C GLY A 7 -2.86 -28.11 2.34
N ALA A 8 -3.15 -26.92 1.82
CA ALA A 8 -4.37 -26.21 2.18
C ALA A 8 -4.72 -25.16 1.12
N GLU A 9 -6.01 -24.88 0.99
CA GLU A 9 -6.49 -23.90 0.01
C GLU A 9 -7.28 -22.79 0.70
N SER A 10 -6.88 -21.55 0.45
CA SER A 10 -7.55 -20.40 1.05
C SER A 10 -7.77 -19.30 0.01
N GLU A 11 -8.80 -18.50 0.22
CA GLU A 11 -9.13 -17.41 -0.71
C GLU A 11 -8.19 -16.23 -0.49
N SER A 12 -7.93 -15.48 -1.56
CA SER A 12 -7.04 -14.33 -1.49
C SER A 12 -7.85 -13.05 -1.22
N PHE A 13 -7.13 -11.94 -1.07
CA PHE A 13 -7.77 -10.65 -0.82
C PHE A 13 -7.51 -9.67 -1.97
N VAL A 14 -8.22 -8.56 -1.95
CA VAL A 14 -8.06 -7.54 -2.98
C VAL A 14 -7.98 -6.14 -2.38
N LEU A 15 -7.62 -5.16 -3.20
CA LEU A 15 -7.52 -3.78 -2.75
C LEU A 15 -8.76 -2.99 -3.11
N ASP A 16 -9.30 -2.25 -2.15
CA ASP A 16 -10.49 -1.44 -2.38
C ASP A 16 -10.12 -0.04 -2.87
N PHE A 17 -9.01 0.04 -3.60
CA PHE A 17 -8.54 1.32 -4.12
C PHE A 17 -7.84 1.13 -5.47
N SER A 18 -7.92 2.14 -6.32
CA SER A 18 -7.30 2.08 -7.64
C SER A 18 -5.80 2.37 -7.55
N GLN A 19 -5.04 1.70 -8.41
CA GLN A 19 -3.58 1.89 -8.43
C GLN A 19 -3.22 3.35 -8.60
N PRO A 20 -2.26 3.82 -7.78
CA PRO A 20 -1.80 5.22 -7.83
C PRO A 20 -1.01 5.52 -9.09
N SER A 21 -0.16 4.59 -9.49
CA SER A 21 0.66 4.76 -10.69
C SER A 21 -0.21 5.04 -11.91
N ALA A 22 -1.45 4.57 -11.86
CA ALA A 22 -2.39 4.76 -12.96
C ALA A 22 -2.18 6.12 -13.63
N ASP A 23 -1.88 7.13 -12.82
CA ASP A 23 -1.66 8.48 -13.33
C ASP A 23 -0.25 8.96 -13.00
N TYR A 24 0.67 8.77 -13.93
CA TYR A 24 2.06 9.18 -13.75
C TYR A 24 2.14 10.62 -13.28
N LEU A 25 1.41 11.49 -13.95
CA LEU A 25 1.39 12.91 -13.61
C LEU A 25 0.76 13.14 -12.24
N ASP A 26 -0.55 12.91 -12.16
CA ASP A 26 -1.27 13.08 -10.90
C ASP A 26 -0.55 12.39 -9.75
N PHE A 27 0.28 11.41 -10.09
CA PHE A 27 1.04 10.67 -9.08
C PHE A 27 2.28 11.44 -8.66
N ARG A 28 3.18 11.69 -9.61
CA ARG A 28 4.41 12.41 -9.33
C ARG A 28 4.11 13.70 -8.57
N ASN A 29 2.99 14.34 -8.89
CA ASN A 29 2.60 15.58 -8.24
C ASN A 29 2.55 15.41 -6.72
N ARG A 30 2.09 14.23 -6.28
CA ARG A 30 1.98 13.95 -4.86
C ARG A 30 3.34 13.54 -4.29
N LEU A 31 4.11 12.79 -5.07
CA LEU A 31 5.43 12.35 -4.64
C LEU A 31 6.39 13.53 -4.50
N GLN A 32 6.04 14.65 -5.11
CA GLN A 32 6.87 15.86 -5.05
C GLN A 32 6.37 16.79 -3.95
N ALA A 33 5.13 16.59 -3.52
CA ALA A 33 4.55 17.41 -2.47
C ALA A 33 4.65 16.73 -1.12
N ASP A 34 4.66 15.41 -1.12
CA ASP A 34 4.76 14.63 0.11
C ASP A 34 6.11 13.93 0.21
N HIS A 35 6.83 13.89 -0.91
CA HIS A 35 8.13 13.24 -0.95
C HIS A 35 8.02 11.74 -0.69
N VAL A 36 6.85 11.19 -1.00
CA VAL A 36 6.61 9.77 -0.80
C VAL A 36 5.26 9.35 -1.38
N CYS A 37 5.22 8.16 -1.96
CA CYS A 37 3.99 7.64 -2.56
C CYS A 37 4.18 6.21 -3.04
N LEU A 38 3.13 5.40 -2.93
CA LEU A 38 3.18 4.01 -3.36
C LEU A 38 2.93 3.89 -4.86
N GLU A 39 3.82 3.19 -5.55
CA GLU A 39 3.69 2.99 -6.99
C GLU A 39 2.76 1.84 -7.30
N ASN A 40 3.25 0.61 -7.10
CA ASN A 40 2.46 -0.58 -7.35
C ASN A 40 2.37 -1.45 -6.11
N CYS A 41 1.18 -1.99 -5.85
CA CYS A 41 0.96 -2.85 -4.69
C CYS A 41 0.10 -4.05 -5.06
N VAL A 42 0.69 -5.23 -5.01
CA VAL A 42 -0.03 -6.47 -5.34
C VAL A 42 -0.30 -7.29 -4.08
N LEU A 43 -1.18 -8.28 -4.22
CA LEU A 43 -1.54 -9.14 -3.10
C LEU A 43 -1.28 -10.61 -3.44
N LYS A 44 -0.81 -11.37 -2.46
CA LYS A 44 -0.52 -12.78 -2.64
C LYS A 44 -1.10 -13.62 -1.51
N ASP A 45 -0.85 -14.92 -1.54
CA ASP A 45 -1.36 -15.83 -0.52
C ASP A 45 -0.90 -15.37 0.87
N LYS A 46 -1.84 -14.95 1.69
CA LYS A 46 -1.55 -14.49 3.04
C LYS A 46 -0.27 -13.65 3.06
N ALA A 47 -0.11 -12.81 2.05
CA ALA A 47 1.06 -11.95 1.95
C ALA A 47 0.83 -10.81 0.96
N ILE A 48 1.67 -9.78 1.04
CA ILE A 48 1.56 -8.63 0.16
C ILE A 48 2.93 -8.14 -0.27
N ALA A 49 2.96 -7.35 -1.36
CA ALA A 49 4.21 -6.80 -1.87
C ALA A 49 3.96 -5.54 -2.67
N GLY A 50 4.80 -4.52 -2.44
CA GLY A 50 4.64 -3.27 -3.15
C GLY A 50 5.90 -2.41 -3.09
N THR A 51 6.08 -1.56 -4.09
CA THR A 51 7.25 -0.68 -4.14
C THR A 51 6.86 0.77 -3.94
N VAL A 52 7.45 1.41 -2.95
CA VAL A 52 7.16 2.82 -2.65
C VAL A 52 8.28 3.73 -3.16
N LYS A 53 7.90 4.89 -3.67
CA LYS A 53 8.87 5.86 -4.18
C LYS A 53 9.15 6.95 -3.16
N VAL A 54 10.32 7.56 -3.25
CA VAL A 54 10.71 8.61 -2.34
C VAL A 54 11.66 9.60 -3.00
N GLN A 55 11.68 10.84 -2.51
CA GLN A 55 12.54 11.87 -3.06
C GLN A 55 13.93 11.82 -2.44
N ASN A 56 14.92 12.30 -3.17
CA ASN A 56 16.29 12.30 -2.68
C ASN A 56 16.63 13.64 -2.02
N LEU A 57 15.79 14.05 -1.09
CA LEU A 57 16.00 15.31 -0.37
C LEU A 57 17.26 15.25 0.48
N ALA A 58 17.34 14.24 1.35
CA ALA A 58 18.49 14.07 2.22
C ALA A 58 19.31 12.86 1.81
N PHE A 59 20.54 12.78 2.31
CA PHE A 59 21.43 11.67 1.99
C PHE A 59 20.86 10.35 2.48
N GLU A 60 20.56 10.29 3.78
CA GLU A 60 20.00 9.08 4.37
C GLU A 60 18.48 9.09 4.29
N LYS A 61 17.88 7.90 4.22
CA LYS A 61 16.43 7.76 4.15
C LYS A 61 15.94 6.67 5.08
N THR A 62 14.70 6.80 5.53
CA THR A 62 14.10 5.83 6.43
C THR A 62 12.68 5.46 6.00
N VAL A 63 12.55 4.35 5.28
CA VAL A 63 11.24 3.90 4.80
C VAL A 63 10.78 2.68 5.59
N LYS A 64 9.61 2.80 6.20
CA LYS A 64 9.04 1.71 6.98
C LYS A 64 7.52 1.67 6.84
N ILE A 65 6.98 0.48 6.66
CA ILE A 65 5.54 0.31 6.52
C ILE A 65 4.90 -0.17 7.82
N ARG A 66 3.99 0.64 8.35
CA ARG A 66 3.31 0.31 9.60
C ARG A 66 1.84 -0.04 9.34
N MET A 67 1.49 -1.30 9.55
CA MET A 67 0.11 -1.75 9.35
C MET A 67 -0.46 -2.35 10.63
N THR A 68 -1.74 -2.07 10.89
CA THR A 68 -2.40 -2.58 12.08
C THR A 68 -3.47 -3.60 11.72
N PHE A 69 -3.93 -4.34 12.71
CA PHE A 69 -4.96 -5.37 12.50
C PHE A 69 -6.04 -5.27 13.57
N ASP A 70 -5.98 -4.21 14.37
CA ASP A 70 -6.98 -4.01 15.43
C ASP A 70 -7.46 -2.57 15.45
N THR A 71 -8.25 -2.20 14.45
CA THR A 71 -8.78 -0.84 14.36
C THR A 71 -7.78 0.18 14.88
N TRP A 72 -6.52 0.03 14.48
CA TRP A 72 -5.46 0.93 14.91
C TRP A 72 -5.25 0.85 16.42
N LYS A 73 -5.11 -0.38 16.93
CA LYS A 73 -4.91 -0.60 18.36
C LYS A 73 -3.56 -1.28 18.61
N SER A 74 -3.10 -2.06 17.63
CA SER A 74 -1.83 -2.76 17.75
C SER A 74 -1.24 -3.05 16.37
N TYR A 75 -0.07 -2.50 16.11
CA TYR A 75 0.60 -2.71 14.82
C TYR A 75 2.09 -2.97 15.03
N THR A 76 2.80 -3.22 13.92
CA THR A 76 4.23 -3.48 13.98
C THR A 76 4.97 -2.77 12.85
N ASP A 77 6.10 -2.16 13.17
CA ASP A 77 6.90 -1.45 12.18
C ASP A 77 7.74 -2.41 11.36
N PHE A 78 7.45 -2.48 10.07
CA PHE A 78 8.18 -3.38 9.17
C PHE A 78 9.19 -2.59 8.33
N PRO A 79 10.48 -2.94 8.47
CA PRO A 79 11.56 -2.29 7.74
C PRO A 79 11.53 -2.62 6.25
N CYS A 80 11.80 -1.62 5.41
CA CYS A 80 11.81 -1.80 3.97
C CYS A 80 13.23 -1.94 3.44
N GLN A 81 13.37 -2.61 2.30
CA GLN A 81 14.69 -2.82 1.70
C GLN A 81 14.86 -1.92 0.47
N TYR A 82 16.08 -1.86 -0.04
CA TYR A 82 16.38 -1.05 -1.21
C TYR A 82 16.61 -1.92 -2.44
N VAL A 83 15.82 -1.68 -3.48
CA VAL A 83 15.93 -2.45 -4.72
C VAL A 83 17.03 -1.89 -5.61
N LYS A 84 18.18 -2.55 -5.61
CA LYS A 84 19.31 -2.13 -6.42
C LYS A 84 19.33 -2.85 -7.77
N ASP A 85 18.71 -2.22 -8.76
CA ASP A 85 18.64 -2.81 -10.11
C ASP A 85 18.56 -1.71 -11.17
N THR A 86 18.84 -2.09 -12.41
CA THR A 86 18.81 -1.14 -13.52
C THR A 86 17.40 -0.61 -13.75
N TYR A 87 16.41 -1.43 -13.42
CA TYR A 87 15.02 -1.04 -13.59
C TYR A 87 14.50 -0.27 -12.38
N ALA A 88 14.87 -0.74 -11.19
CA ALA A 88 14.45 -0.09 -9.96
C ALA A 88 14.70 1.41 -10.02
N GLY A 89 13.64 2.17 -10.29
CA GLY A 89 13.77 3.62 -10.37
C GLY A 89 15.05 4.05 -11.05
N SER A 90 14.98 4.25 -12.36
CA SER A 90 16.15 4.66 -13.14
C SER A 90 16.94 5.73 -12.39
N ASP A 91 16.23 6.71 -11.82
CA ASP A 91 16.87 7.78 -11.07
C ASP A 91 16.50 7.71 -9.59
N ARG A 92 15.26 8.08 -9.28
CA ARG A 92 14.78 8.06 -7.91
C ARG A 92 14.94 6.66 -7.29
N ASP A 93 15.15 6.63 -5.98
CA ASP A 93 15.32 5.36 -5.27
C ASP A 93 13.98 4.62 -5.15
N THR A 94 14.05 3.29 -5.18
CA THR A 94 12.85 2.47 -5.08
C THR A 94 12.98 1.43 -3.98
N PHE A 95 12.10 1.49 -2.99
CA PHE A 95 12.12 0.56 -1.88
C PHE A 95 10.93 -0.40 -1.95
N SER A 96 11.20 -1.68 -1.69
CA SER A 96 10.15 -2.70 -1.73
C SER A 96 9.76 -3.13 -0.31
N PHE A 97 8.55 -3.62 -0.17
CA PHE A 97 8.06 -4.08 1.12
C PHE A 97 7.26 -5.37 0.99
N ASP A 98 7.58 -6.35 1.83
CA ASP A 98 6.88 -7.64 1.81
C ASP A 98 6.36 -8.01 3.19
N ILE A 99 5.07 -7.82 3.40
CA ILE A 99 4.44 -8.13 4.67
C ILE A 99 3.63 -9.43 4.60
N SER A 100 3.63 -10.18 5.69
CA SER A 100 2.89 -11.44 5.73
C SER A 100 1.58 -11.27 6.47
N LEU A 101 0.47 -11.41 5.75
CA LEU A 101 -0.86 -11.27 6.33
C LEU A 101 -1.05 -12.24 7.50
N PRO A 102 -1.93 -11.87 8.44
CA PRO A 102 -2.23 -12.69 9.62
C PRO A 102 -2.97 -13.97 9.26
N GLU A 103 -3.17 -14.83 10.26
CA GLU A 103 -3.87 -16.09 10.04
C GLU A 103 -5.15 -15.87 9.23
N LYS A 104 -6.02 -15.00 9.72
CA LYS A 104 -7.27 -14.70 9.04
C LYS A 104 -7.70 -13.25 9.30
N ILE A 105 -8.58 -12.75 8.45
CA ILE A 105 -9.07 -11.39 8.59
C ILE A 105 -10.57 -11.30 8.33
N GLN A 106 -11.25 -10.41 9.04
CA GLN A 106 -12.69 -10.24 8.88
C GLN A 106 -13.10 -8.81 9.20
N SER A 107 -14.38 -8.50 8.97
CA SER A 107 -14.90 -7.17 9.23
C SER A 107 -14.74 -6.80 10.70
N TYR A 108 -15.03 -7.76 11.58
CA TYR A 108 -14.92 -7.54 13.01
C TYR A 108 -13.67 -6.73 13.35
N GLU A 109 -12.68 -6.82 12.48
CA GLU A 109 -11.42 -6.10 12.69
C GLU A 109 -10.99 -5.38 11.42
N ARG A 110 -10.58 -4.12 11.57
CA ARG A 110 -10.15 -3.31 10.44
C ARG A 110 -8.64 -3.46 10.21
N MET A 111 -8.23 -3.45 8.95
CA MET A 111 -6.83 -3.58 8.60
C MET A 111 -6.41 -2.49 7.62
N GLU A 112 -5.45 -1.66 8.03
CA GLU A 112 -4.96 -0.58 7.19
C GLU A 112 -3.47 -0.35 7.40
N PHE A 113 -2.81 0.20 6.38
CA PHE A 113 -1.38 0.46 6.46
C PHE A 113 -1.06 1.84 5.89
N ALA A 114 -0.03 2.47 6.44
CA ALA A 114 0.39 3.79 5.98
C ALA A 114 1.91 3.88 5.85
N VAL A 115 2.37 4.33 4.69
CA VAL A 115 3.80 4.45 4.44
C VAL A 115 4.42 5.55 5.29
N TYR A 116 5.54 5.23 5.94
CA TYR A 116 6.23 6.19 6.80
C TYR A 116 7.64 6.48 6.28
N TYR A 117 7.80 7.63 5.65
CA TYR A 117 9.09 8.03 5.11
C TYR A 117 9.68 9.20 5.89
N GLU A 118 10.71 8.92 6.67
CA GLU A 118 11.37 9.96 7.47
C GLU A 118 12.58 10.53 6.74
N CYS A 119 12.58 11.84 6.53
CA CYS A 119 13.66 12.51 5.84
C CYS A 119 13.79 13.96 6.29
N ASN A 120 15.02 14.42 6.48
CA ASN A 120 15.27 15.79 6.91
C ASN A 120 14.51 16.10 8.20
N GLY A 121 14.58 15.18 9.15
CA GLY A 121 13.90 15.37 10.42
C GLY A 121 12.42 15.61 10.25
N GLN A 122 11.84 14.99 9.23
CA GLN A 122 10.41 15.14 8.96
C GLN A 122 9.73 13.77 8.88
N THR A 123 8.40 13.79 8.84
CA THR A 123 7.62 12.55 8.77
C THR A 123 6.44 12.70 7.81
N TYR A 124 6.39 11.85 6.80
CA TYR A 124 5.31 11.88 5.82
C TYR A 124 4.51 10.58 5.84
N TRP A 125 3.18 10.72 5.87
CA TRP A 125 2.30 9.55 5.89
C TRP A 125 1.48 9.47 4.61
N ASP A 126 1.67 8.40 3.86
CA ASP A 126 0.95 8.21 2.61
C ASP A 126 -0.07 7.08 2.75
N SER A 127 -1.33 7.45 2.97
CA SER A 127 -2.41 6.47 3.14
C SER A 127 -3.62 6.86 2.29
N ASN A 128 -3.83 6.13 1.20
CA ASN A 128 -4.96 6.40 0.31
C ASN A 128 -5.19 7.89 0.16
N ARG A 129 -4.13 8.67 0.33
CA ARG A 129 -4.22 10.13 0.22
C ARG A 129 -5.57 10.62 0.71
N GLY A 130 -6.10 9.97 1.73
CA GLY A 130 -7.39 10.36 2.27
C GLY A 130 -7.66 9.76 3.64
N LYS A 131 -8.34 8.62 3.66
CA LYS A 131 -8.65 7.94 4.92
C LYS A 131 -7.54 6.97 5.31
N ASN A 132 -7.48 5.84 4.63
CA ASN A 132 -6.45 4.83 4.91
C ASN A 132 -6.55 3.68 3.92
N TYR A 133 -5.42 3.01 3.71
CA TYR A 133 -5.38 1.88 2.78
C TYR A 133 -6.22 0.72 3.30
N ARG A 134 -7.49 0.69 2.88
CA ARG A 134 -8.41 -0.37 3.29
C ARG A 134 -8.24 -1.62 2.43
N ILE A 135 -7.86 -2.72 3.07
CA ILE A 135 -7.67 -3.98 2.36
C ILE A 135 -8.81 -4.95 2.63
N ILE A 136 -9.64 -5.17 1.61
CA ILE A 136 -10.78 -6.07 1.74
C ILE A 136 -10.46 -7.43 1.12
N ARG A 137 -11.32 -8.40 1.39
CA ARG A 137 -11.14 -9.75 0.86
C ARG A 137 -11.52 -9.81 -0.61
N ALA A 138 -11.10 -10.88 -1.29
CA ALA A 138 -11.39 -11.06 -2.70
C ALA A 138 -12.87 -11.37 -2.92
N GLU A 139 -13.46 -12.09 -1.97
CA GLU A 139 -14.87 -12.46 -2.07
C GLU A 139 -15.75 -11.22 -2.14
N LEU A 140 -15.31 -10.14 -1.51
CA LEU A 140 -16.06 -8.89 -1.50
C LEU A 140 -15.40 -7.86 -2.43
N LYS A 141 -16.21 -7.27 -3.31
CA LYS A 141 -15.71 -6.27 -4.24
C LYS A 141 -16.85 -5.65 -5.03
N SER A 142 -16.87 -4.32 -5.07
CA SER A 142 -17.92 -3.60 -5.80
C SER A 142 -17.42 -3.13 -7.16
N THR A 143 -18.35 -2.84 -8.06
CA THR A 143 -18.01 -2.38 -9.40
C THR A 143 -17.46 -0.97 -9.38
N GLN A 144 -16.46 -0.70 -10.22
CA GLN A 144 -15.84 0.61 -10.29
C GLN A 144 -16.07 1.24 -11.67
N GLY A 145 -15.86 2.55 -11.76
CA GLY A 145 -16.04 3.25 -13.02
C GLY A 145 -17.30 4.11 -13.02
N MET A 146 -17.12 5.40 -13.25
CA MET A 146 -18.25 6.33 -13.28
C MET A 146 -17.98 7.49 -14.23
N THR A 147 -19.02 7.99 -14.87
CA THR A 147 -18.90 9.10 -15.80
C THR A 147 -18.74 10.42 -15.07
N LYS A 148 -17.85 11.28 -15.57
CA LYS A 148 -17.61 12.58 -14.96
C LYS A 148 -17.45 13.65 -16.02
N PRO A 149 -18.11 14.80 -15.81
CA PRO A 149 -18.05 15.94 -16.75
C PRO A 149 -16.69 16.61 -16.76
N HIS A 150 -16.19 16.94 -15.57
CA HIS A 150 -14.89 17.60 -15.44
C HIS A 150 -14.36 17.47 -14.02
N SER A 151 -13.10 17.85 -13.83
CA SER A 151 -12.47 17.78 -12.51
C SER A 151 -12.99 18.87 -11.59
N GLY A 152 -12.66 20.11 -11.90
CA GLY A 152 -13.11 21.23 -11.09
C GLY A 152 -12.03 22.28 -10.90
N PRO A 153 -11.27 22.14 -9.79
CA PRO A 153 -10.18 23.08 -9.46
C PRO A 153 -9.00 22.94 -10.40
N ASP A 154 -9.14 22.07 -11.40
CA ASP A 154 -8.07 21.85 -12.38
C ASP A 154 -7.30 23.13 -12.64
N LEU A 155 -8.03 24.19 -12.98
CA LEU A 155 -7.41 25.49 -13.27
C LEU A 155 -7.30 26.32 -12.00
N GLY A 156 -6.42 27.33 -12.03
CA GLY A 156 -6.24 28.19 -10.87
C GLY A 156 -4.81 28.17 -10.36
N GLY A 1 4.50 -36.42 6.37
CA GLY A 1 3.62 -35.95 7.43
C GLY A 1 4.35 -35.13 8.46
N SER A 2 3.73 -34.03 8.89
CA SER A 2 4.33 -33.14 9.88
C SER A 2 3.28 -32.27 10.54
N SER A 3 3.57 -31.81 11.75
CA SER A 3 2.64 -30.97 12.50
C SER A 3 2.90 -29.50 12.22
N GLY A 4 1.82 -28.72 12.14
CA GLY A 4 1.95 -27.30 11.88
C GLY A 4 0.61 -26.59 11.85
N SER A 5 -0.24 -26.96 10.90
CA SER A 5 -1.56 -26.35 10.77
C SER A 5 -2.64 -27.42 10.63
N SER A 6 -3.76 -27.21 11.32
CA SER A 6 -4.86 -28.15 11.28
C SER A 6 -5.55 -28.13 9.92
N GLY A 7 -5.82 -26.93 9.41
CA GLY A 7 -6.46 -26.80 8.11
C GLY A 7 -6.79 -25.37 7.77
N ALA A 8 -6.07 -24.82 6.80
CA ALA A 8 -6.28 -23.44 6.38
C ALA A 8 -7.16 -23.38 5.13
N GLU A 9 -8.45 -23.14 5.32
CA GLU A 9 -9.39 -23.06 4.22
C GLU A 9 -10.00 -21.67 4.12
N SER A 10 -9.44 -20.83 3.26
CA SER A 10 -9.92 -19.47 3.08
C SER A 10 -9.38 -18.87 1.78
N GLU A 11 -10.14 -17.95 1.20
CA GLU A 11 -9.73 -17.30 -0.04
C GLU A 11 -8.78 -16.15 0.25
N SER A 12 -8.26 -15.55 -0.82
CA SER A 12 -7.33 -14.43 -0.68
C SER A 12 -8.07 -13.11 -0.56
N PHE A 13 -7.32 -12.04 -0.30
CA PHE A 13 -7.92 -10.72 -0.16
C PHE A 13 -7.50 -9.80 -1.31
N VAL A 14 -8.03 -8.58 -1.31
CA VAL A 14 -7.71 -7.61 -2.36
C VAL A 14 -7.67 -6.20 -1.80
N LEU A 15 -7.36 -5.23 -2.67
CA LEU A 15 -7.29 -3.84 -2.26
C LEU A 15 -8.55 -3.08 -2.68
N ASP A 16 -9.15 -2.36 -1.74
CA ASP A 16 -10.36 -1.59 -2.02
C ASP A 16 -10.01 -0.23 -2.59
N PHE A 17 -8.88 -0.15 -3.29
CA PHE A 17 -8.43 1.10 -3.89
C PHE A 17 -7.71 0.84 -5.20
N SER A 18 -7.85 1.76 -6.14
CA SER A 18 -7.21 1.64 -7.45
C SER A 18 -5.72 1.99 -7.36
N GLN A 19 -4.90 1.24 -8.09
CA GLN A 19 -3.46 1.47 -8.10
C GLN A 19 -3.15 2.94 -8.37
N PRO A 20 -2.23 3.51 -7.57
CA PRO A 20 -1.82 4.91 -7.71
C PRO A 20 -1.01 5.15 -8.98
N SER A 21 -0.07 4.26 -9.26
CA SER A 21 0.77 4.38 -10.46
C SER A 21 -0.08 4.67 -11.69
N ALA A 22 -1.23 4.02 -11.78
CA ALA A 22 -2.13 4.22 -12.90
C ALA A 22 -2.09 5.65 -13.41
N ASP A 23 -2.01 6.60 -12.49
CA ASP A 23 -1.95 8.01 -12.84
C ASP A 23 -0.57 8.58 -12.56
N TYR A 24 0.25 8.68 -13.61
CA TYR A 24 1.60 9.21 -13.48
C TYR A 24 1.59 10.59 -12.84
N LEU A 25 0.75 11.48 -13.37
CA LEU A 25 0.63 12.83 -12.85
C LEU A 25 0.08 12.83 -11.43
N ASP A 26 -1.19 12.48 -11.29
CA ASP A 26 -1.83 12.42 -9.98
C ASP A 26 -0.93 11.73 -8.96
N PHE A 27 -0.04 10.89 -9.45
CA PHE A 27 0.88 10.16 -8.57
C PHE A 27 2.08 11.02 -8.20
N ARG A 28 2.85 11.42 -9.20
CA ARG A 28 4.03 12.26 -8.97
C ARG A 28 3.68 13.45 -8.09
N ASN A 29 2.44 13.91 -8.19
CA ASN A 29 1.99 15.05 -7.39
C ASN A 29 2.21 14.80 -5.90
N ARG A 30 2.02 13.56 -5.48
CA ARG A 30 2.20 13.19 -4.09
C ARG A 30 3.69 13.00 -3.76
N LEU A 31 4.44 12.50 -4.73
CA LEU A 31 5.86 12.28 -4.55
C LEU A 31 6.64 13.58 -4.61
N GLN A 32 5.97 14.64 -5.07
CA GLN A 32 6.59 15.95 -5.18
C GLN A 32 6.13 16.87 -4.06
N ALA A 33 4.90 16.66 -3.60
CA ALA A 33 4.33 17.46 -2.53
C ALA A 33 4.49 16.79 -1.18
N ASP A 34 4.55 15.46 -1.20
CA ASP A 34 4.71 14.68 0.03
C ASP A 34 6.08 14.00 0.08
N HIS A 35 6.77 14.02 -1.06
CA HIS A 35 8.09 13.40 -1.15
C HIS A 35 8.02 11.90 -0.87
N VAL A 36 6.89 11.30 -1.21
CA VAL A 36 6.68 9.87 -1.00
C VAL A 36 5.35 9.42 -1.58
N CYS A 37 5.36 8.25 -2.22
CA CYS A 37 4.15 7.70 -2.82
C CYS A 37 4.35 6.23 -3.20
N LEU A 38 3.30 5.43 -3.03
CA LEU A 38 3.37 4.01 -3.34
C LEU A 38 3.16 3.78 -4.84
N GLU A 39 4.09 3.07 -5.47
CA GLU A 39 3.99 2.78 -6.89
C GLU A 39 2.93 1.71 -7.16
N ASN A 40 3.25 0.48 -6.80
CA ASN A 40 2.33 -0.64 -7.00
C ASN A 40 2.28 -1.55 -5.77
N CYS A 41 1.10 -2.03 -5.44
CA CYS A 41 0.92 -2.91 -4.29
C CYS A 41 0.03 -4.10 -4.63
N VAL A 42 0.63 -5.29 -4.66
CA VAL A 42 -0.11 -6.50 -4.98
C VAL A 42 -0.41 -7.31 -3.73
N LEU A 43 -1.32 -8.26 -3.84
CA LEU A 43 -1.70 -9.10 -2.72
C LEU A 43 -1.60 -10.58 -3.09
N LYS A 44 -0.72 -11.29 -2.38
CA LYS A 44 -0.52 -12.72 -2.62
C LYS A 44 -1.44 -13.56 -1.74
N ASP A 45 -1.28 -14.88 -1.80
CA ASP A 45 -2.09 -15.78 -1.01
C ASP A 45 -2.31 -15.23 0.40
N LYS A 46 -1.26 -15.25 1.21
CA LYS A 46 -1.34 -14.74 2.57
C LYS A 46 -0.23 -13.73 2.85
N ALA A 47 0.13 -12.96 1.82
CA ALA A 47 1.18 -11.96 1.96
C ALA A 47 0.95 -10.81 0.97
N ILE A 48 1.80 -9.79 1.07
CA ILE A 48 1.70 -8.64 0.19
C ILE A 48 3.08 -8.16 -0.26
N ALA A 49 3.11 -7.39 -1.34
CA ALA A 49 4.36 -6.87 -1.88
C ALA A 49 4.14 -5.60 -2.69
N GLY A 50 4.90 -4.56 -2.39
CA GLY A 50 4.76 -3.30 -3.10
C GLY A 50 6.02 -2.46 -3.04
N THR A 51 6.16 -1.54 -3.99
CA THR A 51 7.33 -0.66 -4.04
C THR A 51 6.93 0.79 -3.87
N VAL A 52 7.61 1.49 -2.95
CA VAL A 52 7.32 2.88 -2.68
C VAL A 52 8.42 3.78 -3.25
N LYS A 53 8.06 5.04 -3.53
CA LYS A 53 9.02 6.00 -4.07
C LYS A 53 9.28 7.13 -3.08
N VAL A 54 10.43 7.78 -3.21
CA VAL A 54 10.78 8.89 -2.34
C VAL A 54 11.64 9.91 -3.07
N GLN A 55 11.77 11.09 -2.48
CA GLN A 55 12.56 12.16 -3.08
C GLN A 55 13.91 12.32 -2.36
N ASN A 56 14.98 12.45 -3.13
CA ASN A 56 16.31 12.61 -2.57
C ASN A 56 16.46 13.95 -1.88
N LEU A 57 16.00 14.03 -0.63
CA LEU A 57 16.08 15.26 0.14
C LEU A 57 17.28 15.24 1.08
N ALA A 58 17.47 14.11 1.77
CA ALA A 58 18.57 13.95 2.70
C ALA A 58 19.47 12.78 2.29
N PHE A 59 20.71 12.82 2.75
CA PHE A 59 21.67 11.76 2.43
C PHE A 59 21.11 10.39 2.80
N GLU A 60 20.56 10.29 4.02
CA GLU A 60 19.99 9.04 4.50
C GLU A 60 18.47 9.11 4.52
N LYS A 61 17.83 7.96 4.37
CA LYS A 61 16.37 7.88 4.38
C LYS A 61 15.89 6.67 5.16
N THR A 62 14.68 6.77 5.71
CA THR A 62 14.10 5.67 6.49
C THR A 62 12.69 5.35 6.01
N VAL A 63 12.57 4.32 5.20
CA VAL A 63 11.26 3.90 4.68
C VAL A 63 10.77 2.64 5.37
N LYS A 64 9.63 2.75 6.05
CA LYS A 64 9.06 1.61 6.76
C LYS A 64 7.53 1.65 6.71
N ILE A 65 6.92 0.57 6.24
CA ILE A 65 5.47 0.49 6.15
C ILE A 65 4.86 0.16 7.51
N ARG A 66 3.75 0.83 7.82
CA ARG A 66 3.06 0.60 9.09
C ARG A 66 1.62 0.17 8.86
N MET A 67 1.35 -1.11 9.06
CA MET A 67 0.01 -1.65 8.86
C MET A 67 -0.57 -2.16 10.18
N THR A 68 -1.88 -2.00 10.35
CA THR A 68 -2.55 -2.44 11.56
C THR A 68 -3.71 -3.38 11.24
N PHE A 69 -4.03 -4.26 12.17
CA PHE A 69 -5.12 -5.21 12.00
C PHE A 69 -6.14 -5.11 13.13
N ASP A 70 -6.02 -4.03 13.91
CA ASP A 70 -6.93 -3.80 15.03
C ASP A 70 -7.43 -2.36 15.04
N THR A 71 -8.32 -2.04 14.11
CA THR A 71 -8.87 -0.69 14.02
C THR A 71 -7.85 0.35 14.45
N TRP A 72 -6.63 0.24 13.95
CA TRP A 72 -5.56 1.17 14.29
C TRP A 72 -5.28 1.15 15.79
N LYS A 73 -5.12 -0.06 16.33
CA LYS A 73 -4.84 -0.21 17.76
C LYS A 73 -3.46 -0.84 17.98
N SER A 74 -3.12 -1.81 17.14
CA SER A 74 -1.84 -2.49 17.24
C SER A 74 -1.14 -2.55 15.89
N TYR A 75 -0.28 -1.57 15.63
CA TYR A 75 0.45 -1.51 14.36
C TYR A 75 1.90 -1.95 14.55
N THR A 76 2.52 -2.37 13.46
CA THR A 76 3.91 -2.82 13.50
C THR A 76 4.74 -2.14 12.41
N ASP A 77 6.03 -1.93 12.69
CA ASP A 77 6.92 -1.30 11.74
C ASP A 77 7.75 -2.34 10.99
N PHE A 78 7.52 -2.45 9.69
CA PHE A 78 8.23 -3.40 8.86
C PHE A 78 9.28 -2.71 7.99
N PRO A 79 10.51 -3.24 7.99
CA PRO A 79 11.62 -2.67 7.21
C PRO A 79 11.42 -2.86 5.71
N CYS A 80 11.70 -1.81 4.95
CA CYS A 80 11.56 -1.86 3.49
C CYS A 80 12.89 -2.16 2.82
N GLN A 81 12.85 -2.96 1.76
CA GLN A 81 14.07 -3.32 1.04
C GLN A 81 14.40 -2.26 -0.02
N TYR A 82 15.48 -2.49 -0.75
CA TYR A 82 15.91 -1.56 -1.79
C TYR A 82 15.87 -2.23 -3.17
N VAL A 83 15.30 -1.53 -4.14
CA VAL A 83 15.20 -2.04 -5.50
C VAL A 83 15.96 -1.15 -6.48
N LYS A 84 17.17 -1.57 -6.83
CA LYS A 84 17.99 -0.82 -7.77
C LYS A 84 17.69 -1.22 -9.21
N ASP A 85 16.87 -0.41 -9.88
CA ASP A 85 16.50 -0.70 -11.27
C ASP A 85 17.05 0.39 -12.20
N THR A 86 17.64 -0.03 -13.31
CA THR A 86 18.20 0.90 -14.28
C THR A 86 17.36 2.17 -14.37
N TYR A 87 16.04 2.00 -14.32
CA TYR A 87 15.12 3.13 -14.41
C TYR A 87 14.92 3.77 -13.04
N ALA A 88 14.86 2.95 -12.00
CA ALA A 88 14.68 3.43 -10.64
C ALA A 88 16.02 3.76 -10.00
N GLY A 89 16.23 5.04 -9.68
CA GLY A 89 17.48 5.45 -9.06
C GLY A 89 17.85 6.88 -9.41
N SER A 90 17.19 7.42 -10.42
CA SER A 90 17.46 8.79 -10.86
C SER A 90 17.25 9.78 -9.71
N ASP A 91 18.36 10.24 -9.13
CA ASP A 91 18.30 11.19 -8.02
C ASP A 91 17.21 10.80 -7.03
N ARG A 92 16.86 9.52 -7.01
CA ARG A 92 15.83 9.03 -6.11
C ARG A 92 16.18 7.64 -5.58
N ASP A 93 15.30 7.07 -4.76
CA ASP A 93 15.52 5.76 -4.18
C ASP A 93 14.22 4.97 -4.11
N THR A 94 14.23 3.76 -4.66
CA THR A 94 13.05 2.91 -4.66
C THR A 94 13.16 1.81 -3.62
N PHE A 95 12.24 1.80 -2.66
CA PHE A 95 12.24 0.80 -1.59
C PHE A 95 11.05 -0.14 -1.74
N SER A 96 11.26 -1.41 -1.40
CA SER A 96 10.20 -2.41 -1.49
C SER A 96 9.72 -2.82 -0.10
N PHE A 97 8.57 -3.50 -0.06
CA PHE A 97 8.00 -3.94 1.22
C PHE A 97 7.22 -5.23 1.02
N ASP A 98 7.52 -6.23 1.85
CA ASP A 98 6.83 -7.51 1.78
C ASP A 98 6.33 -7.94 3.16
N ILE A 99 5.07 -7.63 3.44
CA ILE A 99 4.47 -7.98 4.71
C ILE A 99 3.69 -9.29 4.62
N SER A 100 3.71 -10.07 5.70
CA SER A 100 3.02 -11.35 5.74
C SER A 100 1.67 -11.21 6.42
N LEU A 101 0.61 -11.66 5.74
CA LEU A 101 -0.74 -11.58 6.29
C LEU A 101 -0.93 -12.61 7.40
N PRO A 102 -1.85 -12.30 8.34
CA PRO A 102 -2.15 -13.19 9.46
C PRO A 102 -2.87 -14.46 9.03
N GLU A 103 -2.91 -15.45 9.92
CA GLU A 103 -3.56 -16.72 9.63
C GLU A 103 -4.77 -16.51 8.73
N LYS A 104 -5.60 -15.53 9.08
CA LYS A 104 -6.80 -15.22 8.31
C LYS A 104 -7.49 -13.98 8.85
N ILE A 105 -8.61 -13.62 8.24
CA ILE A 105 -9.37 -12.44 8.66
C ILE A 105 -10.86 -12.63 8.39
N GLN A 106 -11.66 -12.62 9.45
CA GLN A 106 -13.10 -12.78 9.33
C GLN A 106 -13.79 -11.42 9.15
N SER A 107 -13.07 -10.47 8.58
CA SER A 107 -13.60 -9.13 8.35
C SER A 107 -14.33 -8.63 9.59
N TYR A 108 -13.70 -8.78 10.75
CA TYR A 108 -14.30 -8.34 12.01
C TYR A 108 -13.65 -7.05 12.50
N GLU A 109 -12.38 -6.86 12.15
CA GLU A 109 -11.65 -5.67 12.54
C GLU A 109 -11.03 -4.97 11.34
N ARG A 110 -11.03 -3.64 11.36
CA ARG A 110 -10.47 -2.86 10.27
C ARG A 110 -8.99 -3.16 10.08
N MET A 111 -8.51 -3.00 8.85
CA MET A 111 -7.11 -3.26 8.54
C MET A 111 -6.62 -2.32 7.44
N GLU A 112 -5.58 -1.53 7.76
CA GLU A 112 -5.02 -0.59 6.79
C GLU A 112 -3.54 -0.36 7.07
N PHE A 113 -2.88 0.34 6.16
CA PHE A 113 -1.46 0.64 6.30
C PHE A 113 -1.12 2.00 5.68
N ALA A 114 -0.17 2.69 6.29
CA ALA A 114 0.25 4.00 5.80
C ALA A 114 1.77 4.08 5.69
N VAL A 115 2.24 4.51 4.52
CA VAL A 115 3.68 4.64 4.29
C VAL A 115 4.30 5.67 5.22
N TYR A 116 5.47 5.34 5.77
CA TYR A 116 6.16 6.24 6.68
C TYR A 116 7.57 6.55 6.18
N TYR A 117 7.72 7.71 5.54
CA TYR A 117 9.01 8.13 5.00
C TYR A 117 9.63 9.22 5.87
N GLU A 118 10.70 8.87 6.58
CA GLU A 118 11.39 9.82 7.45
C GLU A 118 12.63 10.39 6.75
N CYS A 119 12.85 11.69 6.91
CA CYS A 119 14.00 12.34 6.31
C CYS A 119 14.12 13.78 6.81
N ASN A 120 15.36 14.26 6.90
CA ASN A 120 15.62 15.62 7.36
C ASN A 120 14.79 15.93 8.60
N GLY A 121 14.72 14.98 9.53
CA GLY A 121 13.96 15.18 10.75
C GLY A 121 12.49 15.45 10.47
N GLN A 122 11.94 14.75 9.47
CA GLN A 122 10.55 14.92 9.10
C GLN A 122 9.87 13.56 8.92
N THR A 123 8.55 13.56 8.91
CA THR A 123 7.78 12.34 8.75
C THR A 123 6.61 12.53 7.79
N TYR A 124 6.67 11.84 6.65
CA TYR A 124 5.62 11.94 5.65
C TYR A 124 4.76 10.68 5.62
N TRP A 125 3.45 10.86 5.67
CA TRP A 125 2.52 9.74 5.65
C TRP A 125 1.72 9.72 4.34
N ASP A 126 1.76 8.58 3.65
CA ASP A 126 1.04 8.42 2.40
C ASP A 126 -0.01 7.32 2.50
N SER A 127 -1.25 7.71 2.70
CA SER A 127 -2.34 6.75 2.82
C SER A 127 -3.53 7.15 1.95
N ASN A 128 -3.74 6.40 0.87
CA ASN A 128 -4.83 6.69 -0.05
C ASN A 128 -5.03 8.19 -0.22
N ARG A 129 -3.95 8.94 -0.05
CA ARG A 129 -4.00 10.40 -0.20
C ARG A 129 -5.34 10.94 0.30
N GLY A 130 -5.89 10.30 1.33
CA GLY A 130 -7.17 10.73 1.88
C GLY A 130 -7.42 10.15 3.27
N LYS A 131 -8.08 9.01 3.30
CA LYS A 131 -8.40 8.34 4.56
C LYS A 131 -7.29 7.37 4.97
N ASN A 132 -7.25 6.22 4.30
CA ASN A 132 -6.25 5.21 4.59
C ASN A 132 -6.37 4.03 3.63
N TYR A 133 -5.28 3.28 3.47
CA TYR A 133 -5.27 2.14 2.57
C TYR A 133 -6.15 1.01 3.11
N ARG A 134 -7.37 0.94 2.59
CA ARG A 134 -8.31 -0.09 3.01
C ARG A 134 -7.99 -1.43 2.37
N ILE A 135 -7.98 -2.48 3.19
CA ILE A 135 -7.68 -3.82 2.70
C ILE A 135 -8.80 -4.80 3.03
N ILE A 136 -9.63 -5.11 2.05
CA ILE A 136 -10.74 -6.03 2.25
C ILE A 136 -10.51 -7.33 1.49
N ARG A 137 -11.32 -8.35 1.81
CA ARG A 137 -11.20 -9.64 1.16
C ARG A 137 -11.67 -9.57 -0.29
N ALA A 138 -11.38 -10.61 -1.05
CA ALA A 138 -11.77 -10.67 -2.46
C ALA A 138 -13.27 -10.87 -2.60
N GLU A 139 -13.86 -11.60 -1.66
CA GLU A 139 -15.30 -11.87 -1.69
C GLU A 139 -16.08 -10.56 -1.81
N LEU A 140 -15.51 -9.48 -1.31
CA LEU A 140 -16.15 -8.17 -1.36
C LEU A 140 -15.90 -7.49 -2.70
N LYS A 141 -14.63 -7.46 -3.11
CA LYS A 141 -14.26 -6.84 -4.36
C LYS A 141 -13.93 -7.90 -5.41
N SER A 142 -14.97 -8.53 -5.96
CA SER A 142 -14.80 -9.56 -6.97
C SER A 142 -14.66 -8.95 -8.36
N THR A 143 -14.44 -9.79 -9.35
CA THR A 143 -14.29 -9.34 -10.73
C THR A 143 -15.60 -8.79 -11.28
N GLN A 144 -15.52 -8.01 -12.35
CA GLN A 144 -16.71 -7.43 -12.97
C GLN A 144 -17.01 -8.09 -14.30
N GLY A 145 -17.92 -9.07 -14.28
CA GLY A 145 -18.28 -9.77 -15.50
C GLY A 145 -17.07 -10.10 -16.36
N MET A 146 -17.31 -10.25 -17.66
CA MET A 146 -16.24 -10.55 -18.60
C MET A 146 -15.20 -9.45 -18.62
N THR A 147 -14.03 -9.75 -19.17
CA THR A 147 -12.95 -8.77 -19.26
C THR A 147 -13.49 -7.37 -19.49
N LYS A 148 -12.80 -6.37 -18.96
CA LYS A 148 -13.21 -4.98 -19.12
C LYS A 148 -12.58 -4.37 -20.37
N PRO A 149 -13.32 -3.46 -21.02
CA PRO A 149 -12.85 -2.78 -22.24
C PRO A 149 -11.72 -1.80 -21.96
N HIS A 150 -10.80 -1.66 -22.91
CA HIS A 150 -9.68 -0.75 -22.76
C HIS A 150 -9.79 0.43 -23.72
N SER A 151 -9.25 1.58 -23.32
CA SER A 151 -9.30 2.77 -24.14
C SER A 151 -8.32 2.68 -25.30
N GLY A 152 -8.76 3.13 -26.47
CA GLY A 152 -7.90 3.09 -27.65
C GLY A 152 -7.39 4.46 -28.05
N PRO A 153 -7.16 4.66 -29.35
CA PRO A 153 -6.67 5.93 -29.88
C PRO A 153 -7.71 7.04 -29.81
N ASP A 154 -8.82 6.76 -29.13
CA ASP A 154 -9.89 7.74 -28.97
C ASP A 154 -9.52 8.78 -27.93
N LEU A 155 -8.32 9.33 -28.06
CA LEU A 155 -7.84 10.36 -27.13
C LEU A 155 -8.37 10.10 -25.72
N GLY A 156 -8.32 8.85 -25.30
CA GLY A 156 -8.80 8.49 -23.98
C GLY A 156 -9.99 9.33 -23.54
N GLY A 1 10.16 -14.96 21.42
CA GLY A 1 9.28 -15.69 20.53
C GLY A 1 7.89 -15.08 20.45
N SER A 2 7.38 -14.93 19.23
CA SER A 2 6.07 -14.36 19.03
C SER A 2 5.23 -15.22 18.09
N SER A 3 3.95 -14.88 17.95
CA SER A 3 3.05 -15.63 17.09
C SER A 3 3.74 -16.05 15.80
N GLY A 4 3.31 -17.18 15.25
CA GLY A 4 3.91 -17.67 14.01
C GLY A 4 2.87 -18.01 12.97
N SER A 5 2.83 -19.28 12.57
CA SER A 5 1.87 -19.74 11.57
C SER A 5 1.94 -21.25 11.41
N SER A 6 0.77 -21.88 11.30
CA SER A 6 0.69 -23.33 11.16
C SER A 6 -0.25 -23.71 10.02
N GLY A 7 0.27 -23.68 8.80
CA GLY A 7 -0.54 -24.03 7.64
C GLY A 7 -1.86 -23.28 7.61
N ALA A 8 -1.79 -21.97 7.36
CA ALA A 8 -2.99 -21.14 7.31
C ALA A 8 -3.48 -20.97 5.87
N GLU A 9 -4.53 -21.70 5.52
CA GLU A 9 -5.09 -21.62 4.18
C GLU A 9 -6.47 -20.98 4.20
N SER A 10 -6.57 -19.79 3.59
CA SER A 10 -7.84 -19.07 3.54
C SER A 10 -8.03 -18.40 2.18
N GLU A 11 -9.24 -17.92 1.93
CA GLU A 11 -9.56 -17.26 0.67
C GLU A 11 -8.62 -16.07 0.43
N SER A 12 -8.52 -15.65 -0.82
CA SER A 12 -7.65 -14.54 -1.20
C SER A 12 -8.37 -13.21 -0.99
N PHE A 13 -7.60 -12.13 -0.95
CA PHE A 13 -8.16 -10.79 -0.76
C PHE A 13 -7.81 -9.88 -1.93
N VAL A 14 -8.43 -8.71 -1.97
CA VAL A 14 -8.18 -7.75 -3.04
C VAL A 14 -8.03 -6.33 -2.48
N LEU A 15 -7.79 -5.38 -3.37
CA LEU A 15 -7.63 -3.98 -2.96
C LEU A 15 -8.90 -3.19 -3.25
N ASP A 16 -9.38 -2.48 -2.23
CA ASP A 16 -10.59 -1.67 -2.37
C ASP A 16 -10.26 -0.28 -2.88
N PHE A 17 -9.17 -0.18 -3.63
CA PHE A 17 -8.74 1.10 -4.18
C PHE A 17 -7.92 0.90 -5.45
N SER A 18 -8.00 1.87 -6.36
CA SER A 18 -7.27 1.79 -7.63
C SER A 18 -5.80 2.15 -7.41
N GLN A 19 -4.92 1.43 -8.08
CA GLN A 19 -3.48 1.67 -7.98
C GLN A 19 -3.16 3.14 -8.22
N PRO A 20 -2.22 3.67 -7.41
CA PRO A 20 -1.80 5.07 -7.52
C PRO A 20 -1.02 5.35 -8.78
N SER A 21 -0.04 4.50 -9.08
CA SER A 21 0.79 4.66 -10.27
C SER A 21 -0.06 4.98 -11.48
N ALA A 22 -1.23 4.33 -11.58
CA ALA A 22 -2.14 4.56 -12.69
C ALA A 22 -2.09 5.99 -13.17
N ASP A 23 -2.06 6.93 -12.22
CA ASP A 23 -2.01 8.35 -12.55
C ASP A 23 -0.62 8.92 -12.33
N TYR A 24 0.19 8.94 -13.38
CA TYR A 24 1.55 9.44 -13.30
C TYR A 24 1.58 10.83 -12.66
N LEU A 25 0.78 11.74 -13.20
CA LEU A 25 0.70 13.11 -12.69
C LEU A 25 0.15 13.12 -11.27
N ASP A 26 -1.11 12.72 -11.12
CA ASP A 26 -1.76 12.70 -9.83
C ASP A 26 -0.88 11.98 -8.80
N PHE A 27 0.02 11.13 -9.29
CA PHE A 27 0.91 10.38 -8.42
C PHE A 27 2.13 11.23 -8.03
N ARG A 28 2.90 11.63 -9.03
CA ARG A 28 4.09 12.44 -8.79
C ARG A 28 3.76 13.65 -7.94
N ASN A 29 2.55 14.17 -8.08
CA ASN A 29 2.11 15.33 -7.32
C ASN A 29 2.24 15.07 -5.82
N ARG A 30 2.00 13.83 -5.42
CA ARG A 30 2.09 13.46 -4.01
C ARG A 30 3.53 13.13 -3.62
N LEU A 31 4.30 12.63 -4.59
CA LEU A 31 5.69 12.28 -4.34
C LEU A 31 6.59 13.51 -4.40
N GLN A 32 6.08 14.58 -5.02
CA GLN A 32 6.82 15.81 -5.14
C GLN A 32 6.43 16.81 -4.05
N ALA A 33 5.19 16.69 -3.57
CA ALA A 33 4.69 17.56 -2.52
C ALA A 33 4.78 16.89 -1.16
N ASP A 34 4.70 15.57 -1.15
CA ASP A 34 4.77 14.81 0.09
C ASP A 34 6.11 14.09 0.22
N HIS A 35 6.86 14.06 -0.88
CA HIS A 35 8.16 13.40 -0.89
C HIS A 35 8.03 11.91 -0.58
N VAL A 36 6.88 11.34 -0.91
CA VAL A 36 6.62 9.94 -0.67
C VAL A 36 5.28 9.50 -1.26
N CYS A 37 5.25 8.30 -1.83
CA CYS A 37 4.03 7.78 -2.44
C CYS A 37 4.20 6.31 -2.81
N LEU A 38 3.13 5.54 -2.71
CA LEU A 38 3.16 4.12 -3.04
C LEU A 38 3.02 3.91 -4.54
N GLU A 39 3.98 3.20 -5.13
CA GLU A 39 3.96 2.94 -6.56
C GLU A 39 2.95 1.84 -6.90
N ASN A 40 3.23 0.62 -6.44
CA ASN A 40 2.35 -0.51 -6.68
C ASN A 40 2.28 -1.43 -5.46
N CYS A 41 1.11 -2.01 -5.24
CA CYS A 41 0.91 -2.90 -4.10
C CYS A 41 0.12 -4.14 -4.52
N VAL A 42 0.80 -5.27 -4.58
CA VAL A 42 0.16 -6.53 -4.96
C VAL A 42 -0.29 -7.31 -3.74
N LEU A 43 -1.14 -8.31 -3.96
CA LEU A 43 -1.65 -9.14 -2.88
C LEU A 43 -1.43 -10.62 -3.18
N LYS A 44 -0.68 -11.29 -2.32
CA LYS A 44 -0.41 -12.71 -2.48
C LYS A 44 -1.45 -13.56 -1.77
N ASP A 45 -1.26 -14.87 -1.79
CA ASP A 45 -2.19 -15.79 -1.15
C ASP A 45 -2.38 -15.43 0.33
N LYS A 46 -1.27 -15.37 1.06
CA LYS A 46 -1.33 -15.03 2.48
C LYS A 46 -0.30 -13.95 2.82
N ALA A 47 0.16 -13.23 1.80
CA ALA A 47 1.14 -12.18 1.99
C ALA A 47 0.88 -11.02 1.03
N ILE A 48 1.71 -9.99 1.13
CA ILE A 48 1.57 -8.81 0.27
C ILE A 48 2.94 -8.25 -0.10
N ALA A 49 2.96 -7.38 -1.12
CA ALA A 49 4.20 -6.76 -1.57
C ALA A 49 3.92 -5.44 -2.28
N GLY A 50 4.82 -4.49 -2.10
CA GLY A 50 4.66 -3.19 -2.74
C GLY A 50 5.92 -2.35 -2.68
N THR A 51 6.09 -1.46 -3.65
CA THR A 51 7.26 -0.59 -3.70
C THR A 51 6.87 0.86 -3.49
N VAL A 52 7.59 1.54 -2.60
CA VAL A 52 7.33 2.95 -2.31
C VAL A 52 8.37 3.85 -2.95
N LYS A 53 7.96 5.05 -3.34
CA LYS A 53 8.86 6.01 -3.97
C LYS A 53 9.13 7.18 -3.04
N VAL A 54 10.29 7.81 -3.19
CA VAL A 54 10.66 8.96 -2.38
C VAL A 54 11.56 9.92 -3.15
N GLN A 55 11.53 11.19 -2.77
CA GLN A 55 12.34 12.21 -3.42
C GLN A 55 13.75 12.24 -2.83
N ASN A 56 14.74 12.29 -3.72
CA ASN A 56 16.14 12.32 -3.29
C ASN A 56 16.50 13.70 -2.74
N LEU A 57 15.91 14.05 -1.60
CA LEU A 57 16.17 15.33 -0.96
C LEU A 57 17.50 15.31 -0.21
N ALA A 58 17.65 14.35 0.69
CA ALA A 58 18.87 14.21 1.47
C ALA A 58 19.68 13.01 1.02
N PHE A 59 20.81 12.78 1.68
CA PHE A 59 21.67 11.65 1.35
C PHE A 59 21.10 10.34 1.90
N GLU A 60 20.76 10.35 3.19
CA GLU A 60 20.21 9.17 3.84
C GLU A 60 18.73 9.38 4.17
N LYS A 61 18.01 8.28 4.32
CA LYS A 61 16.59 8.32 4.63
C LYS A 61 16.14 7.07 5.36
N THR A 62 14.87 7.02 5.73
CA THR A 62 14.31 5.88 6.44
C THR A 62 12.89 5.57 5.97
N VAL A 63 12.72 4.44 5.32
CA VAL A 63 11.42 4.02 4.82
C VAL A 63 10.86 2.84 5.62
N LYS A 64 9.66 3.02 6.17
CA LYS A 64 9.03 1.97 6.96
C LYS A 64 7.52 1.98 6.76
N ILE A 65 6.92 0.81 6.65
CA ILE A 65 5.49 0.68 6.46
C ILE A 65 4.78 0.35 7.77
N ARG A 66 3.66 1.02 8.03
CA ARG A 66 2.90 0.79 9.24
C ARG A 66 1.54 0.18 8.92
N MET A 67 1.42 -1.13 9.17
CA MET A 67 0.18 -1.85 8.91
C MET A 67 -0.48 -2.29 10.22
N THR A 68 -1.80 -2.21 10.27
CA THR A 68 -2.55 -2.60 11.46
C THR A 68 -3.64 -3.61 11.12
N PHE A 69 -4.12 -4.33 12.13
CA PHE A 69 -5.16 -5.32 11.94
C PHE A 69 -6.28 -5.15 12.96
N ASP A 70 -6.15 -4.12 13.78
CA ASP A 70 -7.16 -3.82 14.80
C ASP A 70 -7.54 -2.35 14.79
N THR A 71 -8.34 -1.95 13.80
CA THR A 71 -8.77 -0.57 13.67
C THR A 71 -7.69 0.39 14.15
N TRP A 72 -6.45 0.14 13.72
CA TRP A 72 -5.33 0.99 14.10
C TRP A 72 -5.10 0.94 15.61
N LYS A 73 -5.04 -0.27 16.16
CA LYS A 73 -4.83 -0.45 17.60
C LYS A 73 -3.52 -1.22 17.85
N SER A 74 -3.29 -2.26 17.07
CA SER A 74 -2.09 -3.07 17.22
C SER A 74 -1.35 -3.19 15.89
N TYR A 75 -0.43 -2.26 15.65
CA TYR A 75 0.35 -2.26 14.42
C TYR A 75 1.81 -2.54 14.70
N THR A 76 2.57 -2.85 13.65
CA THR A 76 3.99 -3.14 13.79
C THR A 76 4.81 -2.42 12.72
N ASP A 77 5.92 -1.82 13.14
CA ASP A 77 6.78 -1.09 12.22
C ASP A 77 7.67 -2.05 11.44
N PHE A 78 7.31 -2.29 10.18
CA PHE A 78 8.08 -3.20 9.33
C PHE A 78 9.11 -2.43 8.51
N PRO A 79 10.38 -2.77 8.70
CA PRO A 79 11.50 -2.13 8.00
C PRO A 79 11.52 -2.48 6.51
N CYS A 80 11.67 -1.46 5.67
CA CYS A 80 11.71 -1.68 4.22
C CYS A 80 13.13 -1.94 3.75
N GLN A 81 13.26 -2.41 2.52
CA GLN A 81 14.57 -2.71 1.95
C GLN A 81 14.79 -1.93 0.65
N TYR A 82 15.99 -2.02 0.11
CA TYR A 82 16.33 -1.33 -1.13
C TYR A 82 16.25 -2.28 -2.33
N VAL A 83 15.52 -1.87 -3.35
CA VAL A 83 15.37 -2.67 -4.55
C VAL A 83 16.40 -2.29 -5.61
N LYS A 84 17.40 -3.15 -5.79
CA LYS A 84 18.45 -2.89 -6.77
C LYS A 84 18.45 -3.98 -7.86
N ASP A 85 17.55 -3.83 -8.84
CA ASP A 85 17.46 -4.79 -9.93
C ASP A 85 17.27 -4.08 -11.26
N THR A 86 17.64 -4.76 -12.35
CA THR A 86 17.51 -4.18 -13.68
C THR A 86 16.15 -3.53 -13.88
N TYR A 87 15.10 -4.21 -13.42
CA TYR A 87 13.74 -3.70 -13.54
C TYR A 87 13.39 -2.80 -12.36
N ALA A 88 14.33 -1.92 -12.00
CA ALA A 88 14.12 -1.00 -10.88
C ALA A 88 14.86 0.31 -11.11
N GLY A 89 14.27 1.41 -10.62
CA GLY A 89 14.89 2.71 -10.78
C GLY A 89 16.34 2.72 -10.35
N SER A 90 17.17 3.46 -11.08
CA SER A 90 18.60 3.55 -10.78
C SER A 90 18.88 4.71 -9.82
N ASP A 91 18.44 5.91 -10.21
CA ASP A 91 18.64 7.09 -9.40
C ASP A 91 17.65 7.13 -8.25
N ARG A 92 16.36 7.23 -8.56
CA ARG A 92 15.32 7.28 -7.56
C ARG A 92 15.37 6.04 -6.66
N ASP A 93 15.47 6.26 -5.36
CA ASP A 93 15.53 5.16 -4.40
C ASP A 93 14.16 4.48 -4.27
N THR A 94 14.05 3.27 -4.81
CA THR A 94 12.81 2.52 -4.76
C THR A 94 12.85 1.47 -3.65
N PHE A 95 12.12 1.72 -2.58
CA PHE A 95 12.07 0.79 -1.45
C PHE A 95 10.92 -0.20 -1.60
N SER A 96 11.15 -1.44 -1.18
CA SER A 96 10.13 -2.47 -1.28
C SER A 96 9.73 -2.98 0.11
N PHE A 97 8.51 -3.48 0.21
CA PHE A 97 8.00 -4.00 1.48
C PHE A 97 7.24 -5.31 1.28
N ASP A 98 7.49 -6.27 2.16
CA ASP A 98 6.84 -7.58 2.07
C ASP A 98 6.26 -7.97 3.43
N ILE A 99 4.96 -7.74 3.60
CA ILE A 99 4.28 -8.09 4.84
C ILE A 99 3.52 -9.41 4.72
N SER A 100 3.51 -10.18 5.80
CA SER A 100 2.82 -11.46 5.81
C SER A 100 1.46 -11.35 6.49
N LEU A 101 0.42 -11.75 5.79
CA LEU A 101 -0.94 -11.70 6.32
C LEU A 101 -1.13 -12.74 7.42
N PRO A 102 -2.06 -12.46 8.35
CA PRO A 102 -2.37 -13.36 9.46
C PRO A 102 -3.08 -14.64 9.00
N GLU A 103 -3.05 -15.66 9.84
CA GLU A 103 -3.69 -16.93 9.51
C GLU A 103 -5.07 -16.70 8.90
N LYS A 104 -5.78 -15.71 9.41
CA LYS A 104 -7.11 -15.38 8.91
C LYS A 104 -7.40 -13.89 9.05
N ILE A 105 -8.53 -13.46 8.51
CA ILE A 105 -8.92 -12.06 8.57
C ILE A 105 -10.44 -11.90 8.56
N GLN A 106 -10.99 -11.43 9.68
CA GLN A 106 -12.43 -11.24 9.80
C GLN A 106 -12.79 -9.76 9.78
N SER A 107 -14.08 -9.46 9.73
CA SER A 107 -14.55 -8.08 9.70
C SER A 107 -14.54 -7.48 11.10
N TYR A 108 -14.58 -8.34 12.11
CA TYR A 108 -14.59 -7.89 13.49
C TYR A 108 -13.68 -6.68 13.67
N GLU A 109 -12.52 -6.71 13.02
CA GLU A 109 -11.57 -5.60 13.11
C GLU A 109 -11.09 -5.19 11.73
N ARG A 110 -10.98 -3.88 11.51
CA ARG A 110 -10.54 -3.35 10.23
C ARG A 110 -9.05 -3.62 10.02
N MET A 111 -8.60 -3.48 8.77
CA MET A 111 -7.20 -3.70 8.43
C MET A 111 -6.73 -2.70 7.39
N GLU A 112 -5.78 -1.84 7.79
CA GLU A 112 -5.24 -0.83 6.89
C GLU A 112 -3.73 -0.70 7.07
N PHE A 113 -3.10 0.04 6.16
CA PHE A 113 -1.65 0.24 6.22
C PHE A 113 -1.27 1.59 5.60
N ALA A 114 -0.31 2.26 6.23
CA ALA A 114 0.14 3.57 5.75
C ALA A 114 1.66 3.58 5.56
N VAL A 115 2.13 4.51 4.74
CA VAL A 115 3.56 4.63 4.48
C VAL A 115 4.20 5.70 5.36
N TYR A 116 5.37 5.40 5.89
CA TYR A 116 6.09 6.32 6.76
C TYR A 116 7.48 6.61 6.23
N TYR A 117 7.64 7.73 5.53
CA TYR A 117 8.93 8.10 4.97
C TYR A 117 9.60 9.19 5.81
N GLU A 118 10.87 8.99 6.13
CA GLU A 118 11.62 9.95 6.93
C GLU A 118 12.80 10.50 6.14
N CYS A 119 13.02 11.81 6.25
CA CYS A 119 14.12 12.46 5.54
C CYS A 119 14.21 13.93 5.94
N ASN A 120 15.44 14.41 6.14
CA ASN A 120 15.66 15.80 6.52
C ASN A 120 14.94 16.13 7.83
N GLY A 121 15.11 15.27 8.83
CA GLY A 121 14.48 15.48 10.11
C GLY A 121 12.98 15.69 9.99
N GLN A 122 12.38 15.05 8.99
CA GLN A 122 10.94 15.16 8.76
C GLN A 122 10.29 13.78 8.72
N THR A 123 8.97 13.76 8.87
CA THR A 123 8.22 12.51 8.85
C THR A 123 7.01 12.61 7.92
N TYR A 124 7.16 12.12 6.70
CA TYR A 124 6.07 12.16 5.72
C TYR A 124 5.16 10.95 5.87
N TRP A 125 3.88 11.20 6.05
CA TRP A 125 2.90 10.11 6.20
C TRP A 125 1.93 10.10 5.03
N ASP A 126 1.92 8.98 4.29
CA ASP A 126 1.04 8.84 3.14
C ASP A 126 -0.03 7.78 3.41
N SER A 127 -1.22 8.24 3.79
CA SER A 127 -2.32 7.33 4.08
C SER A 127 -3.28 7.23 2.90
N ASN A 128 -3.05 6.25 2.03
CA ASN A 128 -3.89 6.06 0.85
C ASN A 128 -4.22 7.39 0.20
N ARG A 129 -3.22 8.25 0.07
CA ARG A 129 -3.40 9.57 -0.54
C ARG A 129 -4.80 10.11 -0.23
N GLY A 130 -5.23 9.92 1.01
CA GLY A 130 -6.54 10.40 1.41
C GLY A 130 -6.93 9.93 2.81
N LYS A 131 -7.52 8.75 2.90
CA LYS A 131 -7.94 8.19 4.17
C LYS A 131 -7.04 7.03 4.57
N ASN A 132 -7.16 5.91 3.85
CA ASN A 132 -6.35 4.73 4.13
C ASN A 132 -6.60 3.65 3.08
N TYR A 133 -5.67 2.70 3.00
CA TYR A 133 -5.78 1.61 2.03
C TYR A 133 -6.65 0.48 2.58
N ARG A 134 -7.96 0.60 2.38
CA ARG A 134 -8.89 -0.41 2.86
C ARG A 134 -8.71 -1.72 2.10
N ILE A 135 -8.30 -2.76 2.81
CA ILE A 135 -8.08 -4.07 2.21
C ILE A 135 -9.25 -5.00 2.51
N ILE A 136 -10.00 -5.36 1.47
CA ILE A 136 -11.14 -6.25 1.62
C ILE A 136 -10.86 -7.61 0.97
N ARG A 137 -11.73 -8.57 1.25
CA ARG A 137 -11.58 -9.91 0.70
C ARG A 137 -12.04 -9.96 -0.76
N ALA A 138 -11.59 -10.98 -1.48
CA ALA A 138 -11.96 -11.14 -2.88
C ALA A 138 -13.40 -11.59 -3.03
N GLU A 139 -13.90 -12.30 -2.03
CA GLU A 139 -15.28 -12.79 -2.05
C GLU A 139 -16.26 -11.68 -1.70
N LEU A 140 -15.76 -10.65 -1.01
CA LEU A 140 -16.59 -9.52 -0.61
C LEU A 140 -16.88 -8.61 -1.80
N LYS A 141 -15.83 -8.18 -2.47
CA LYS A 141 -15.97 -7.30 -3.64
C LYS A 141 -16.97 -7.88 -4.63
N SER A 142 -17.97 -7.08 -4.98
CA SER A 142 -19.00 -7.52 -5.92
C SER A 142 -19.48 -6.34 -6.77
N THR A 143 -19.90 -6.64 -8.00
CA THR A 143 -20.38 -5.61 -8.92
C THR A 143 -21.71 -5.04 -8.44
N GLN A 144 -21.90 -3.74 -8.63
CA GLN A 144 -23.13 -3.07 -8.21
C GLN A 144 -23.88 -2.54 -9.42
N GLY A 145 -23.18 -1.83 -10.29
CA GLY A 145 -23.81 -1.27 -11.48
C GLY A 145 -23.55 0.21 -11.63
N MET A 146 -24.01 0.78 -12.74
CA MET A 146 -23.83 2.20 -13.01
C MET A 146 -22.35 2.57 -12.98
N THR A 147 -21.53 1.79 -13.69
CA THR A 147 -20.10 2.04 -13.75
C THR A 147 -19.80 3.48 -14.15
N LYS A 148 -18.80 4.07 -13.52
CA LYS A 148 -18.40 5.44 -13.81
C LYS A 148 -16.98 5.72 -13.33
N PRO A 149 -16.13 6.20 -14.24
CA PRO A 149 -14.73 6.52 -13.94
C PRO A 149 -14.60 7.74 -13.03
N HIS A 150 -13.61 7.70 -12.15
CA HIS A 150 -13.37 8.82 -11.22
C HIS A 150 -12.03 9.48 -11.50
N SER A 151 -12.08 10.58 -12.26
CA SER A 151 -10.87 11.31 -12.61
C SER A 151 -10.16 11.82 -11.36
N GLY A 152 -8.85 12.04 -11.47
CA GLY A 152 -8.09 12.53 -10.33
C GLY A 152 -8.42 13.96 -9.99
N PRO A 153 -8.38 14.28 -8.69
CA PRO A 153 -8.69 15.62 -8.19
C PRO A 153 -7.61 16.64 -8.57
N ASP A 154 -7.71 17.84 -8.00
CA ASP A 154 -6.74 18.89 -8.28
C ASP A 154 -6.05 19.35 -7.01
N LEU A 155 -4.81 18.93 -6.83
CA LEU A 155 -4.04 19.30 -5.64
C LEU A 155 -4.94 19.39 -4.41
N GLY A 156 -5.77 18.39 -4.22
CA GLY A 156 -6.68 18.37 -3.09
C GLY A 156 -8.06 17.88 -3.44
N GLY A 1 0.47 -34.42 17.46
CA GLY A 1 0.75 -34.37 16.03
C GLY A 1 2.22 -34.09 15.74
N SER A 2 2.64 -34.37 14.51
CA SER A 2 4.02 -34.15 14.10
C SER A 2 4.10 -33.19 12.93
N SER A 3 3.28 -33.43 11.91
CA SER A 3 3.26 -32.58 10.72
C SER A 3 2.05 -31.66 10.74
N GLY A 4 2.27 -30.40 10.36
CA GLY A 4 1.18 -29.44 10.33
C GLY A 4 0.09 -29.81 9.35
N SER A 5 -0.41 -28.82 8.62
CA SER A 5 -1.47 -29.05 7.65
C SER A 5 -1.22 -28.25 6.37
N SER A 6 -1.65 -28.80 5.24
CA SER A 6 -1.46 -28.14 3.94
C SER A 6 -2.66 -28.39 3.03
N GLY A 7 -3.40 -27.33 2.73
CA GLY A 7 -4.55 -27.45 1.87
C GLY A 7 -5.78 -26.78 2.44
N ALA A 8 -5.91 -25.47 2.18
CA ALA A 8 -7.04 -24.71 2.68
C ALA A 8 -7.82 -24.07 1.52
N GLU A 9 -9.04 -24.56 1.29
CA GLU A 9 -9.88 -24.05 0.23
C GLU A 9 -10.40 -22.66 0.57
N SER A 10 -9.57 -21.65 0.32
CA SER A 10 -9.95 -20.27 0.60
C SER A 10 -9.50 -19.34 -0.53
N GLU A 11 -10.14 -18.18 -0.62
CA GLU A 11 -9.80 -17.21 -1.66
C GLU A 11 -8.89 -16.12 -1.10
N SER A 12 -8.10 -15.51 -1.99
CA SER A 12 -7.18 -14.45 -1.58
C SER A 12 -7.93 -13.14 -1.36
N PHE A 13 -7.19 -12.10 -0.99
CA PHE A 13 -7.77 -10.79 -0.73
C PHE A 13 -7.55 -9.86 -1.92
N VAL A 14 -8.07 -8.63 -1.82
CA VAL A 14 -7.93 -7.65 -2.88
C VAL A 14 -7.87 -6.23 -2.30
N LEU A 15 -7.55 -5.27 -3.16
CA LEU A 15 -7.47 -3.88 -2.74
C LEU A 15 -8.71 -3.11 -3.15
N ASP A 16 -9.30 -2.37 -2.21
CA ASP A 16 -10.49 -1.59 -2.48
C ASP A 16 -10.13 -0.22 -3.03
N PHE A 17 -9.00 -0.14 -3.71
CA PHE A 17 -8.53 1.12 -4.29
C PHE A 17 -7.80 0.87 -5.61
N SER A 18 -7.89 1.84 -6.51
CA SER A 18 -7.24 1.74 -7.81
C SER A 18 -5.76 2.07 -7.71
N GLN A 19 -4.92 1.22 -8.29
CA GLN A 19 -3.48 1.41 -8.26
C GLN A 19 -3.13 2.89 -8.37
N PRO A 20 -2.12 3.33 -7.61
CA PRO A 20 -1.67 4.73 -7.60
C PRO A 20 -0.99 5.11 -8.90
N SER A 21 -0.07 4.27 -9.36
CA SER A 21 0.67 4.53 -10.60
C SER A 21 -0.28 4.92 -11.71
N ALA A 22 -1.46 4.31 -11.73
CA ALA A 22 -2.46 4.60 -12.76
C ALA A 22 -2.46 6.07 -13.12
N ASP A 23 -2.25 6.93 -12.14
CA ASP A 23 -2.22 8.36 -12.34
C ASP A 23 -0.80 8.90 -12.28
N TYR A 24 -0.19 9.09 -13.45
CA TYR A 24 1.18 9.59 -13.52
C TYR A 24 1.31 10.95 -12.83
N LEU A 25 0.36 11.84 -13.13
CA LEU A 25 0.37 13.17 -12.53
C LEU A 25 0.03 13.11 -11.05
N ASP A 26 -1.16 12.58 -10.74
CA ASP A 26 -1.60 12.45 -9.35
C ASP A 26 -0.53 11.78 -8.50
N PHE A 27 0.21 10.86 -9.12
CA PHE A 27 1.27 10.14 -8.42
C PHE A 27 2.48 11.03 -8.17
N ARG A 28 3.14 11.43 -9.27
CA ARG A 28 4.31 12.29 -9.18
C ARG A 28 4.05 13.48 -8.25
N ASN A 29 2.88 14.09 -8.40
CA ASN A 29 2.51 15.24 -7.58
C ASN A 29 2.54 14.88 -6.09
N ARG A 30 2.15 13.65 -5.78
CA ARG A 30 2.13 13.18 -4.40
C ARG A 30 3.54 12.89 -3.90
N LEU A 31 4.43 12.52 -4.82
CA LEU A 31 5.81 12.22 -4.47
C LEU A 31 6.65 13.50 -4.40
N GLN A 32 6.12 14.58 -4.98
CA GLN A 32 6.81 15.87 -4.98
C GLN A 32 6.30 16.75 -3.85
N ALA A 33 5.03 16.56 -3.48
CA ALA A 33 4.43 17.36 -2.42
C ALA A 33 4.48 16.60 -1.08
N ASP A 34 4.42 15.29 -1.16
CA ASP A 34 4.46 14.45 0.04
C ASP A 34 5.82 13.79 0.20
N HIS A 35 6.65 13.90 -0.83
CA HIS A 35 7.98 13.31 -0.81
C HIS A 35 7.91 11.79 -0.60
N VAL A 36 6.81 11.20 -1.06
CA VAL A 36 6.62 9.76 -0.93
C VAL A 36 5.34 9.31 -1.62
N CYS A 37 5.37 8.11 -2.21
CA CYS A 37 4.22 7.58 -2.90
C CYS A 37 4.44 6.12 -3.29
N LEU A 38 3.37 5.33 -3.28
CA LEU A 38 3.45 3.92 -3.62
C LEU A 38 3.23 3.70 -5.12
N GLU A 39 4.17 3.02 -5.76
CA GLU A 39 4.07 2.75 -7.19
C GLU A 39 3.03 1.66 -7.47
N ASN A 40 3.32 0.45 -6.99
CA ASN A 40 2.41 -0.67 -7.18
C ASN A 40 2.36 -1.54 -5.93
N CYS A 41 1.16 -2.00 -5.58
CA CYS A 41 0.97 -2.85 -4.41
C CYS A 41 0.12 -4.06 -4.75
N VAL A 42 0.78 -5.19 -5.01
CA VAL A 42 0.08 -6.43 -5.34
C VAL A 42 -0.18 -7.27 -4.09
N LEU A 43 -1.08 -8.24 -4.22
CA LEU A 43 -1.42 -9.11 -3.11
C LEU A 43 -1.04 -10.56 -3.41
N LYS A 44 -0.60 -11.27 -2.39
CA LYS A 44 -0.21 -12.67 -2.54
C LYS A 44 -0.74 -13.52 -1.40
N ASP A 45 -0.41 -14.81 -1.41
CA ASP A 45 -0.86 -15.72 -0.38
C ASP A 45 -0.46 -15.21 1.01
N LYS A 46 -1.45 -14.93 1.84
CA LYS A 46 -1.20 -14.44 3.19
C LYS A 46 0.02 -13.53 3.22
N ALA A 47 0.20 -12.73 2.17
CA ALA A 47 1.33 -11.82 2.08
C ALA A 47 1.10 -10.77 0.99
N ILE A 48 1.80 -9.65 1.10
CA ILE A 48 1.67 -8.57 0.14
C ILE A 48 3.04 -8.07 -0.31
N ALA A 49 3.08 -7.34 -1.42
CA ALA A 49 4.32 -6.80 -1.95
C ALA A 49 4.06 -5.54 -2.77
N GLY A 50 4.92 -4.55 -2.60
CA GLY A 50 4.77 -3.30 -3.33
C GLY A 50 6.04 -2.46 -3.30
N THR A 51 6.15 -1.54 -4.26
CA THR A 51 7.31 -0.68 -4.36
C THR A 51 6.95 0.77 -4.05
N VAL A 52 7.73 1.40 -3.17
CA VAL A 52 7.49 2.79 -2.79
C VAL A 52 8.59 3.70 -3.32
N LYS A 53 8.23 4.95 -3.59
CA LYS A 53 9.18 5.93 -4.11
C LYS A 53 9.47 7.01 -3.07
N VAL A 54 10.67 7.58 -3.14
CA VAL A 54 11.06 8.63 -2.21
C VAL A 54 11.97 9.65 -2.89
N GLN A 55 11.82 10.92 -2.50
CA GLN A 55 12.63 11.99 -3.07
C GLN A 55 13.99 12.06 -2.40
N ASN A 56 15.04 12.12 -3.21
CA ASN A 56 16.41 12.20 -2.70
C ASN A 56 16.67 13.55 -2.06
N LEU A 57 16.08 13.77 -0.88
CA LEU A 57 16.27 15.02 -0.17
C LEU A 57 17.54 15.00 0.69
N ALA A 58 17.65 13.98 1.53
CA ALA A 58 18.82 13.83 2.39
C ALA A 58 19.68 12.65 1.96
N PHE A 59 20.78 12.44 2.65
CA PHE A 59 21.69 11.34 2.34
C PHE A 59 21.04 9.99 2.66
N GLU A 60 20.75 9.78 3.93
CA GLU A 60 20.13 8.53 4.37
C GLU A 60 18.61 8.60 4.25
N LYS A 61 17.95 7.45 4.34
CA LYS A 61 16.50 7.39 4.26
C LYS A 61 15.96 6.27 5.15
N THR A 62 14.75 6.48 5.67
CA THR A 62 14.11 5.49 6.53
C THR A 62 12.68 5.22 6.09
N VAL A 63 12.52 4.16 5.29
CA VAL A 63 11.20 3.78 4.79
C VAL A 63 10.65 2.58 5.55
N LYS A 64 9.45 2.71 6.07
CA LYS A 64 8.81 1.63 6.82
C LYS A 64 7.29 1.68 6.65
N ILE A 65 6.68 0.50 6.49
CA ILE A 65 5.24 0.42 6.32
C ILE A 65 4.55 0.19 7.66
N ARG A 66 3.64 1.11 8.01
CA ARG A 66 2.91 1.01 9.26
C ARG A 66 1.49 0.50 9.03
N MET A 67 1.30 -0.80 9.22
CA MET A 67 -0.01 -1.43 9.02
C MET A 67 -0.53 -2.00 10.34
N THR A 68 -1.83 -1.85 10.56
CA THR A 68 -2.46 -2.34 11.78
C THR A 68 -3.55 -3.37 11.46
N PHE A 69 -3.94 -4.15 12.46
CA PHE A 69 -4.97 -5.16 12.29
C PHE A 69 -5.99 -5.11 13.42
N ASP A 70 -5.92 -4.06 14.23
CA ASP A 70 -6.83 -3.88 15.34
C ASP A 70 -7.37 -2.45 15.38
N THR A 71 -8.25 -2.13 14.45
CA THR A 71 -8.84 -0.80 14.38
C THR A 71 -7.84 0.26 14.82
N TRP A 72 -6.61 0.16 14.33
CA TRP A 72 -5.56 1.11 14.68
C TRP A 72 -5.25 1.07 16.16
N LYS A 73 -5.04 -0.14 16.68
CA LYS A 73 -4.75 -0.32 18.10
C LYS A 73 -3.38 -1.00 18.28
N SER A 74 -3.06 -1.91 17.37
CA SER A 74 -1.80 -2.63 17.44
C SER A 74 -1.06 -2.57 16.10
N TYR A 75 -0.21 -1.57 15.95
CA TYR A 75 0.56 -1.39 14.72
C TYR A 75 2.01 -1.84 14.91
N THR A 76 2.63 -2.26 13.81
CA THR A 76 4.02 -2.71 13.84
C THR A 76 4.82 -2.11 12.69
N ASP A 77 5.96 -1.51 13.02
CA ASP A 77 6.83 -0.90 12.02
C ASP A 77 7.67 -1.96 11.31
N PHE A 78 7.33 -2.22 10.05
CA PHE A 78 8.05 -3.21 9.26
C PHE A 78 9.13 -2.55 8.39
N PRO A 79 10.37 -3.04 8.50
CA PRO A 79 11.50 -2.51 7.73
C PRO A 79 11.40 -2.84 6.25
N CYS A 80 11.57 -1.82 5.41
CA CYS A 80 11.50 -2.00 3.96
C CYS A 80 12.84 -2.48 3.41
N GLN A 81 12.89 -2.71 2.10
CA GLN A 81 14.10 -3.17 1.45
C GLN A 81 14.53 -2.20 0.34
N TYR A 82 15.64 -2.51 -0.31
CA TYR A 82 16.16 -1.68 -1.39
C TYR A 82 15.99 -2.36 -2.73
N VAL A 83 15.39 -1.64 -3.68
CA VAL A 83 15.16 -2.17 -5.02
C VAL A 83 16.42 -2.03 -5.88
N LYS A 84 16.90 -3.16 -6.38
CA LYS A 84 18.09 -3.17 -7.22
C LYS A 84 17.78 -3.71 -8.61
N ASP A 85 17.61 -2.81 -9.57
CA ASP A 85 17.31 -3.20 -10.94
C ASP A 85 17.55 -2.04 -11.90
N THR A 86 17.60 -2.35 -13.20
CA THR A 86 17.82 -1.34 -14.22
C THR A 86 16.90 -0.14 -14.02
N TYR A 87 15.63 -0.42 -13.71
CA TYR A 87 14.64 0.62 -13.50
C TYR A 87 15.15 1.65 -12.49
N ALA A 88 15.65 1.16 -11.37
CA ALA A 88 16.17 2.03 -10.32
C ALA A 88 16.85 3.25 -10.90
N GLY A 89 16.22 4.42 -10.75
CA GLY A 89 16.78 5.64 -11.28
C GLY A 89 17.99 6.11 -10.48
N SER A 90 18.77 7.01 -11.08
CA SER A 90 19.96 7.54 -10.43
C SER A 90 19.59 8.59 -9.39
N ASP A 91 19.02 9.70 -9.86
CA ASP A 91 18.61 10.79 -8.98
C ASP A 91 17.91 10.24 -7.74
N ARG A 92 16.71 9.71 -7.93
CA ARG A 92 15.93 9.16 -6.83
C ARG A 92 16.17 7.65 -6.69
N ASP A 93 15.44 7.03 -5.77
CA ASP A 93 15.58 5.59 -5.53
C ASP A 93 14.22 4.96 -5.29
N THR A 94 14.21 3.64 -5.10
CA THR A 94 12.98 2.90 -4.86
C THR A 94 13.18 1.83 -3.80
N PHE A 95 12.22 1.69 -2.90
CA PHE A 95 12.29 0.71 -1.83
C PHE A 95 11.08 -0.21 -1.87
N SER A 96 11.34 -1.52 -1.83
CA SER A 96 10.27 -2.52 -1.87
C SER A 96 9.88 -2.96 -0.45
N PHE A 97 8.71 -3.57 -0.33
CA PHE A 97 8.24 -4.04 0.96
C PHE A 97 7.47 -5.36 0.82
N ASP A 98 7.70 -6.27 1.75
CA ASP A 98 7.03 -7.58 1.72
C ASP A 98 6.50 -7.94 3.10
N ILE A 99 5.23 -7.63 3.35
CA ILE A 99 4.60 -7.92 4.62
C ILE A 99 3.81 -9.23 4.56
N SER A 100 3.89 -10.02 5.64
CA SER A 100 3.18 -11.29 5.71
C SER A 100 1.87 -11.14 6.47
N LEU A 101 0.77 -11.43 5.80
CA LEU A 101 -0.55 -11.33 6.41
C LEU A 101 -0.67 -12.27 7.61
N PRO A 102 -1.57 -11.93 8.54
CA PRO A 102 -1.79 -12.73 9.75
C PRO A 102 -2.48 -14.06 9.45
N GLU A 103 -2.50 -14.96 10.42
CA GLU A 103 -3.11 -16.26 10.26
C GLU A 103 -4.36 -16.17 9.37
N LYS A 104 -5.29 -15.31 9.76
CA LYS A 104 -6.53 -15.11 9.00
C LYS A 104 -7.03 -13.69 9.14
N ILE A 105 -7.99 -13.32 8.29
CA ILE A 105 -8.55 -11.98 8.32
C ILE A 105 -9.99 -11.98 7.81
N GLN A 106 -10.93 -11.63 8.68
CA GLN A 106 -12.34 -11.58 8.30
C GLN A 106 -12.91 -10.18 8.50
N SER A 107 -14.22 -10.05 8.30
CA SER A 107 -14.89 -8.76 8.45
C SER A 107 -15.28 -8.52 9.90
N TYR A 108 -14.28 -8.59 10.78
CA TYR A 108 -14.52 -8.38 12.21
C TYR A 108 -13.69 -7.21 12.72
N GLU A 109 -12.56 -6.96 12.07
CA GLU A 109 -11.68 -5.86 12.46
C GLU A 109 -11.20 -5.08 11.24
N ARG A 110 -10.80 -3.83 11.46
CA ARG A 110 -10.34 -2.98 10.38
C ARG A 110 -8.85 -3.22 10.11
N MET A 111 -8.48 -3.24 8.83
CA MET A 111 -7.09 -3.46 8.44
C MET A 111 -6.65 -2.43 7.41
N GLU A 112 -5.76 -1.54 7.81
CA GLU A 112 -5.25 -0.50 6.91
C GLU A 112 -3.75 -0.29 7.11
N PHE A 113 -3.14 0.44 6.18
CA PHE A 113 -1.71 0.71 6.25
C PHE A 113 -1.39 2.08 5.66
N ALA A 114 -0.33 2.71 6.17
CA ALA A 114 0.09 4.02 5.69
C ALA A 114 1.60 4.11 5.59
N VAL A 115 2.08 4.51 4.42
CA VAL A 115 3.52 4.63 4.18
C VAL A 115 4.14 5.67 5.12
N TYR A 116 5.26 5.30 5.72
CA TYR A 116 5.96 6.19 6.65
C TYR A 116 7.39 6.42 6.21
N TYR A 117 7.62 7.54 5.52
CA TYR A 117 8.95 7.88 5.03
C TYR A 117 9.54 9.03 5.84
N GLU A 118 10.63 8.74 6.56
CA GLU A 118 11.30 9.74 7.38
C GLU A 118 12.56 10.27 6.69
N CYS A 119 12.76 11.58 6.75
CA CYS A 119 13.93 12.21 6.13
C CYS A 119 14.01 13.68 6.49
N ASN A 120 15.23 14.18 6.65
CA ASN A 120 15.46 15.58 7.00
C ASN A 120 14.67 15.94 8.25
N GLY A 121 14.58 15.00 9.18
CA GLY A 121 13.86 15.25 10.42
C GLY A 121 12.37 15.48 10.20
N GLN A 122 11.85 14.90 9.11
CA GLN A 122 10.44 15.05 8.78
C GLN A 122 9.77 13.68 8.65
N THR A 123 8.46 13.64 8.87
CA THR A 123 7.71 12.40 8.77
C THR A 123 6.57 12.52 7.76
N TYR A 124 6.69 11.79 6.65
CA TYR A 124 5.68 11.81 5.61
C TYR A 124 4.77 10.60 5.70
N TRP A 125 3.46 10.84 5.82
CA TRP A 125 2.49 9.76 5.91
C TRP A 125 1.54 9.77 4.72
N ASP A 126 1.63 8.74 3.89
CA ASP A 126 0.78 8.62 2.71
C ASP A 126 -0.30 7.58 2.92
N SER A 127 -1.55 8.03 3.02
CA SER A 127 -2.68 7.13 3.22
C SER A 127 -3.81 7.46 2.27
N ASN A 128 -3.85 6.76 1.13
CA ASN A 128 -4.89 6.97 0.13
C ASN A 128 -5.22 8.46 0.01
N ARG A 129 -4.22 9.30 0.21
CA ARG A 129 -4.41 10.75 0.13
C ARG A 129 -5.80 11.14 0.60
N GLY A 130 -6.29 10.44 1.62
CA GLY A 130 -7.61 10.74 2.16
C GLY A 130 -7.85 10.08 3.50
N LYS A 131 -8.45 8.90 3.48
CA LYS A 131 -8.74 8.16 4.70
C LYS A 131 -7.61 7.19 5.04
N ASN A 132 -7.57 6.08 4.31
CA ASN A 132 -6.53 5.07 4.52
C ASN A 132 -6.65 3.95 3.49
N TYR A 133 -5.62 3.11 3.43
CA TYR A 133 -5.60 2.00 2.48
C TYR A 133 -6.50 0.86 2.96
N ARG A 134 -7.77 0.90 2.54
CA ARG A 134 -8.73 -0.12 2.93
C ARG A 134 -8.43 -1.45 2.23
N ILE A 135 -8.25 -2.50 3.02
CA ILE A 135 -7.96 -3.82 2.48
C ILE A 135 -9.12 -4.79 2.72
N ILE A 136 -9.73 -5.25 1.63
CA ILE A 136 -10.84 -6.18 1.73
C ILE A 136 -10.51 -7.51 1.08
N ARG A 137 -11.42 -8.47 1.18
CA ARG A 137 -11.22 -9.80 0.60
C ARG A 137 -11.71 -9.83 -0.85
N ALA A 138 -11.36 -10.91 -1.55
CA ALA A 138 -11.75 -11.06 -2.94
C ALA A 138 -13.22 -11.45 -3.05
N GLU A 139 -13.75 -12.07 -1.99
CA GLU A 139 -15.15 -12.50 -1.97
C GLU A 139 -16.07 -11.33 -1.64
N LEU A 140 -15.52 -10.31 -0.99
CA LEU A 140 -16.29 -9.13 -0.62
C LEU A 140 -16.54 -8.25 -1.83
N LYS A 141 -15.54 -8.15 -2.71
CA LYS A 141 -15.66 -7.34 -3.91
C LYS A 141 -16.60 -7.98 -4.92
N SER A 142 -17.38 -7.15 -5.62
CA SER A 142 -18.32 -7.65 -6.62
C SER A 142 -18.06 -7.01 -7.98
N THR A 143 -18.73 -7.52 -9.00
CA THR A 143 -18.57 -7.00 -10.36
C THR A 143 -18.85 -5.50 -10.40
N GLN A 144 -18.07 -4.78 -11.20
CA GLN A 144 -18.23 -3.34 -11.33
C GLN A 144 -19.42 -3.00 -12.23
N GLY A 145 -19.91 -1.77 -12.11
CA GLY A 145 -21.03 -1.35 -12.92
C GLY A 145 -21.09 0.16 -13.08
N MET A 146 -20.33 0.69 -14.03
CA MET A 146 -20.29 2.13 -14.28
C MET A 146 -20.96 2.46 -15.61
N THR A 147 -22.02 3.25 -15.56
CA THR A 147 -22.75 3.64 -16.76
C THR A 147 -22.41 5.08 -17.16
N LYS A 148 -22.27 5.31 -18.46
CA LYS A 148 -21.96 6.64 -18.97
C LYS A 148 -22.29 6.74 -20.46
N PRO A 149 -23.09 7.75 -20.81
CA PRO A 149 -23.51 8.00 -22.20
C PRO A 149 -22.35 8.47 -23.08
N HIS A 150 -21.44 9.24 -22.49
CA HIS A 150 -20.30 9.76 -23.22
C HIS A 150 -20.72 10.33 -24.57
N SER A 151 -21.89 10.94 -24.60
CA SER A 151 -22.41 11.52 -25.83
C SER A 151 -21.83 12.91 -26.07
N GLY A 152 -21.32 13.14 -27.28
CA GLY A 152 -20.73 14.42 -27.61
C GLY A 152 -20.46 14.56 -29.10
N PRO A 153 -20.61 15.78 -29.62
CA PRO A 153 -20.38 16.07 -31.04
C PRO A 153 -18.91 16.00 -31.41
N ASP A 154 -18.63 15.86 -32.71
CA ASP A 154 -17.26 15.78 -33.19
C ASP A 154 -16.97 16.89 -34.20
N LEU A 155 -15.69 17.10 -34.50
CA LEU A 155 -15.29 18.13 -35.45
C LEU A 155 -15.74 19.51 -34.97
N GLY A 156 -15.49 19.81 -33.71
CA GLY A 156 -15.87 21.10 -33.15
C GLY A 156 -15.07 21.46 -31.93
N GLY A 1 7.69 -23.54 19.38
CA GLY A 1 6.55 -24.43 19.36
C GLY A 1 6.39 -25.15 18.03
N SER A 2 5.39 -26.03 17.95
CA SER A 2 5.13 -26.78 16.73
C SER A 2 4.34 -25.94 15.73
N SER A 3 5.05 -25.36 14.77
CA SER A 3 4.40 -24.53 13.75
C SER A 3 3.41 -25.34 12.93
N GLY A 4 3.87 -26.47 12.39
CA GLY A 4 3.00 -27.31 11.59
C GLY A 4 2.14 -26.52 10.63
N SER A 5 1.06 -27.14 10.15
CA SER A 5 0.16 -26.49 9.21
C SER A 5 -1.26 -27.02 9.39
N SER A 6 -2.21 -26.09 9.53
CA SER A 6 -3.61 -26.46 9.71
C SER A 6 -4.21 -26.95 8.40
N GLY A 7 -5.38 -27.58 8.49
CA GLY A 7 -6.04 -28.09 7.30
C GLY A 7 -7.18 -27.20 6.83
N ALA A 8 -6.85 -25.96 6.48
CA ALA A 8 -7.84 -25.00 6.02
C ALA A 8 -7.19 -23.89 5.20
N GLU A 9 -7.69 -23.70 3.98
CA GLU A 9 -7.16 -22.66 3.10
C GLU A 9 -8.19 -21.57 2.86
N SER A 10 -7.94 -20.39 3.43
CA SER A 10 -8.84 -19.25 3.29
C SER A 10 -8.55 -18.49 2.00
N GLU A 11 -9.61 -18.14 1.27
CA GLU A 11 -9.46 -17.41 0.03
C GLU A 11 -8.47 -16.25 0.18
N SER A 12 -8.10 -15.64 -0.94
CA SER A 12 -7.15 -14.54 -0.93
C SER A 12 -7.88 -13.21 -0.72
N PHE A 13 -7.11 -12.13 -0.63
CA PHE A 13 -7.67 -10.80 -0.43
C PHE A 13 -7.37 -9.90 -1.62
N VAL A 14 -7.84 -8.66 -1.56
CA VAL A 14 -7.62 -7.69 -2.63
C VAL A 14 -7.56 -6.28 -2.09
N LEU A 15 -7.45 -5.31 -2.99
CA LEU A 15 -7.38 -3.90 -2.61
C LEU A 15 -8.66 -3.16 -2.98
N ASP A 16 -9.22 -2.44 -2.03
CA ASP A 16 -10.45 -1.68 -2.27
C ASP A 16 -10.13 -0.31 -2.87
N PHE A 17 -8.97 -0.19 -3.48
CA PHE A 17 -8.55 1.06 -4.09
C PHE A 17 -7.87 0.83 -5.43
N SER A 18 -7.80 1.87 -6.25
CA SER A 18 -7.18 1.77 -7.57
C SER A 18 -5.70 2.12 -7.49
N GLN A 19 -4.86 1.29 -8.09
CA GLN A 19 -3.42 1.51 -8.10
C GLN A 19 -3.10 3.00 -8.23
N PRO A 20 -2.09 3.46 -7.48
CA PRO A 20 -1.68 4.87 -7.50
C PRO A 20 -1.00 5.25 -8.82
N SER A 21 -0.06 4.43 -9.26
CA SER A 21 0.66 4.68 -10.51
C SER A 21 -0.31 5.05 -11.62
N ALA A 22 -1.51 4.47 -11.57
CA ALA A 22 -2.52 4.74 -12.58
C ALA A 22 -2.53 6.20 -13.00
N ASP A 23 -2.16 7.07 -12.07
CA ASP A 23 -2.11 8.50 -12.33
C ASP A 23 -0.68 9.02 -12.26
N TYR A 24 -0.08 9.26 -13.42
CA TYR A 24 1.28 9.75 -13.49
C TYR A 24 1.40 11.12 -12.81
N LEU A 25 0.46 12.00 -13.11
CA LEU A 25 0.45 13.34 -12.54
C LEU A 25 0.16 13.30 -11.04
N ASP A 26 -1.04 12.84 -10.70
CA ASP A 26 -1.44 12.74 -9.30
C ASP A 26 -0.39 12.00 -8.48
N PHE A 27 0.32 11.08 -9.12
CA PHE A 27 1.35 10.30 -8.46
C PHE A 27 2.60 11.13 -8.24
N ARG A 28 3.23 11.57 -9.33
CA ARG A 28 4.43 12.38 -9.26
C ARG A 28 4.23 13.56 -8.32
N ASN A 29 3.09 14.24 -8.47
CA ASN A 29 2.78 15.40 -7.64
C ASN A 29 2.83 15.04 -6.16
N ARG A 30 2.49 13.79 -5.84
CA ARG A 30 2.50 13.32 -4.46
C ARG A 30 3.92 13.01 -4.01
N LEU A 31 4.77 12.62 -4.95
CA LEU A 31 6.16 12.28 -4.64
C LEU A 31 7.02 13.55 -4.57
N GLN A 32 6.48 14.65 -5.08
CA GLN A 32 7.19 15.92 -5.06
C GLN A 32 6.68 16.83 -3.96
N ALA A 33 5.40 16.67 -3.61
CA ALA A 33 4.78 17.47 -2.58
C ALA A 33 4.80 16.74 -1.24
N ASP A 34 4.79 15.41 -1.30
CA ASP A 34 4.80 14.60 -0.08
C ASP A 34 6.14 13.87 0.06
N HIS A 35 6.93 13.87 -0.99
CA HIS A 35 8.23 13.21 -0.98
C HIS A 35 8.09 11.71 -0.74
N VAL A 36 6.96 11.15 -1.20
CA VAL A 36 6.71 9.74 -1.04
C VAL A 36 5.42 9.33 -1.75
N CYS A 37 5.46 8.18 -2.43
CA CYS A 37 4.31 7.68 -3.16
C CYS A 37 4.49 6.21 -3.52
N LEU A 38 3.47 5.41 -3.24
CA LEU A 38 3.51 3.98 -3.53
C LEU A 38 3.30 3.73 -5.02
N GLU A 39 4.23 2.99 -5.63
CA GLU A 39 4.14 2.67 -7.05
C GLU A 39 3.06 1.62 -7.31
N ASN A 40 3.35 0.39 -6.92
CA ASN A 40 2.40 -0.71 -7.10
C ASN A 40 2.37 -1.61 -5.87
N CYS A 41 1.19 -2.17 -5.59
CA CYS A 41 1.02 -3.05 -4.44
C CYS A 41 0.18 -4.27 -4.81
N VAL A 42 0.83 -5.41 -4.95
CA VAL A 42 0.13 -6.65 -5.30
C VAL A 42 -0.20 -7.47 -4.05
N LEU A 43 -1.05 -8.47 -4.23
CA LEU A 43 -1.46 -9.33 -3.12
C LEU A 43 -1.18 -10.79 -3.43
N LYS A 44 -0.78 -11.54 -2.41
CA LYS A 44 -0.48 -12.96 -2.58
C LYS A 44 -0.98 -13.76 -1.38
N ASP A 45 -0.71 -15.07 -1.39
CA ASP A 45 -1.13 -15.94 -0.30
C ASP A 45 -0.68 -15.39 1.05
N LYS A 46 -1.64 -14.94 1.84
CA LYS A 46 -1.34 -14.39 3.16
C LYS A 46 -0.04 -13.57 3.13
N ALA A 47 0.13 -12.78 2.08
CA ALA A 47 1.32 -11.95 1.93
C ALA A 47 1.09 -10.85 0.91
N ILE A 48 1.87 -9.78 1.03
CA ILE A 48 1.75 -8.64 0.11
C ILE A 48 3.12 -8.20 -0.37
N ALA A 49 3.13 -7.36 -1.41
CA ALA A 49 4.38 -6.85 -1.97
C ALA A 49 4.13 -5.59 -2.80
N GLY A 50 4.95 -4.57 -2.56
CA GLY A 50 4.81 -3.32 -3.30
C GLY A 50 6.05 -2.46 -3.22
N THR A 51 6.21 -1.56 -4.19
CA THR A 51 7.35 -0.66 -4.23
C THR A 51 6.94 0.78 -3.96
N VAL A 52 7.72 1.47 -3.14
CA VAL A 52 7.44 2.86 -2.80
C VAL A 52 8.55 3.78 -3.31
N LYS A 53 8.16 4.95 -3.78
CA LYS A 53 9.12 5.93 -4.29
C LYS A 53 9.40 7.01 -3.26
N VAL A 54 10.60 7.59 -3.33
CA VAL A 54 11.00 8.63 -2.40
C VAL A 54 11.89 9.67 -3.08
N GLN A 55 11.89 10.88 -2.54
CA GLN A 55 12.70 11.95 -3.09
C GLN A 55 14.07 11.99 -2.45
N ASN A 56 15.06 12.50 -3.19
CA ASN A 56 16.43 12.58 -2.68
C ASN A 56 16.63 13.86 -1.86
N LEU A 57 15.88 13.97 -0.77
CA LEU A 57 15.98 15.14 0.10
C LEU A 57 17.25 15.09 0.93
N ALA A 58 17.42 14.01 1.69
CA ALA A 58 18.60 13.84 2.52
C ALA A 58 19.45 12.67 2.05
N PHE A 59 20.71 12.65 2.48
CA PHE A 59 21.63 11.58 2.10
C PHE A 59 20.99 10.20 2.29
N GLU A 60 20.61 9.91 3.53
CA GLU A 60 19.99 8.63 3.86
C GLU A 60 18.48 8.79 3.97
N LYS A 61 17.77 7.66 3.91
CA LYS A 61 16.31 7.66 4.02
C LYS A 61 15.83 6.52 4.90
N THR A 62 14.68 6.72 5.55
CA THR A 62 14.12 5.71 6.43
C THR A 62 12.68 5.36 6.01
N VAL A 63 12.55 4.35 5.16
CA VAL A 63 11.23 3.91 4.69
C VAL A 63 10.74 2.71 5.48
N LYS A 64 9.57 2.86 6.11
CA LYS A 64 8.98 1.79 6.89
C LYS A 64 7.45 1.81 6.78
N ILE A 65 6.88 0.66 6.47
CA ILE A 65 5.43 0.53 6.34
C ILE A 65 4.79 0.14 7.66
N ARG A 66 3.70 0.82 8.02
CA ARG A 66 2.99 0.55 9.25
C ARG A 66 1.55 0.14 8.97
N MET A 67 1.24 -1.13 9.19
CA MET A 67 -0.10 -1.65 8.96
C MET A 67 -0.69 -2.24 10.24
N THR A 68 -1.97 -2.02 10.45
CA THR A 68 -2.65 -2.54 11.65
C THR A 68 -3.76 -3.51 11.27
N PHE A 69 -4.17 -4.35 12.22
CA PHE A 69 -5.22 -5.32 11.98
C PHE A 69 -6.23 -5.31 13.12
N ASP A 70 -6.18 -4.27 13.94
CA ASP A 70 -7.09 -4.14 15.08
C ASP A 70 -7.74 -2.76 15.10
N THR A 71 -8.16 -2.29 13.94
CA THR A 71 -8.80 -0.98 13.82
C THR A 71 -7.90 0.11 14.39
N TRP A 72 -6.62 0.04 14.08
CA TRP A 72 -5.66 1.03 14.55
C TRP A 72 -5.50 0.96 16.07
N LYS A 73 -5.35 -0.26 16.58
CA LYS A 73 -5.20 -0.47 18.01
C LYS A 73 -3.88 -1.18 18.33
N SER A 74 -3.27 -1.76 17.31
CA SER A 74 -2.00 -2.46 17.46
C SER A 74 -1.43 -2.87 16.11
N TYR A 75 -0.23 -2.40 15.81
CA TYR A 75 0.43 -2.71 14.55
C TYR A 75 1.93 -2.92 14.76
N THR A 76 2.61 -3.35 13.70
CA THR A 76 4.04 -3.61 13.76
C THR A 76 4.78 -2.83 12.67
N ASP A 77 5.98 -2.36 13.00
CA ASP A 77 6.78 -1.61 12.04
C ASP A 77 7.66 -2.54 11.21
N PHE A 78 7.39 -2.59 9.90
CA PHE A 78 8.14 -3.44 8.99
C PHE A 78 9.12 -2.63 8.17
N PRO A 79 10.41 -2.96 8.28
CA PRO A 79 11.48 -2.27 7.56
C PRO A 79 11.44 -2.56 6.05
N CYS A 80 11.61 -1.51 5.25
CA CYS A 80 11.59 -1.65 3.80
C CYS A 80 12.96 -2.08 3.28
N GLN A 81 12.97 -2.73 2.12
CA GLN A 81 14.21 -3.20 1.51
C GLN A 81 14.57 -2.36 0.30
N TYR A 82 15.81 -2.50 -0.17
CA TYR A 82 16.29 -1.75 -1.33
C TYR A 82 16.32 -2.63 -2.57
N VAL A 83 15.70 -2.15 -3.65
CA VAL A 83 15.67 -2.90 -4.90
C VAL A 83 16.67 -2.34 -5.90
N LYS A 84 17.68 -3.12 -6.23
CA LYS A 84 18.71 -2.71 -7.17
C LYS A 84 18.56 -3.45 -8.50
N ASP A 85 18.15 -2.71 -9.53
CA ASP A 85 17.97 -3.29 -10.86
C ASP A 85 18.05 -2.21 -11.93
N THR A 86 18.31 -2.64 -13.17
CA THR A 86 18.40 -1.71 -14.29
C THR A 86 17.21 -0.76 -14.33
N TYR A 87 16.04 -1.29 -13.98
CA TYR A 87 14.81 -0.49 -13.99
C TYR A 87 14.87 0.58 -12.91
N ALA A 88 15.34 0.20 -11.72
CA ALA A 88 15.45 1.13 -10.60
C ALA A 88 15.87 2.51 -11.09
N GLY A 89 15.06 3.52 -10.75
CA GLY A 89 15.37 4.88 -11.15
C GLY A 89 16.85 5.20 -11.05
N SER A 90 17.37 5.91 -12.03
CA SER A 90 18.78 6.28 -12.04
C SER A 90 19.12 7.21 -10.88
N ASP A 91 18.27 8.21 -10.66
CA ASP A 91 18.47 9.16 -9.58
C ASP A 91 17.73 8.72 -8.32
N ARG A 92 16.41 8.70 -8.39
CA ARG A 92 15.59 8.30 -7.24
C ARG A 92 15.80 6.82 -6.93
N ASP A 93 15.46 6.43 -5.70
CA ASP A 93 15.60 5.04 -5.28
C ASP A 93 14.24 4.36 -5.17
N THR A 94 14.25 3.03 -5.25
CA THR A 94 13.02 2.26 -5.18
C THR A 94 13.07 1.25 -4.04
N PHE A 95 12.29 1.49 -2.99
CA PHE A 95 12.25 0.60 -1.84
C PHE A 95 11.06 -0.34 -1.92
N SER A 96 11.31 -1.63 -1.70
CA SER A 96 10.25 -2.64 -1.75
C SER A 96 9.86 -3.08 -0.35
N PHE A 97 8.59 -3.45 -0.19
CA PHE A 97 8.08 -3.90 1.11
C PHE A 97 7.34 -5.23 0.98
N ASP A 98 7.64 -6.15 1.88
CA ASP A 98 6.98 -7.46 1.86
C ASP A 98 6.45 -7.82 3.24
N ILE A 99 5.13 -7.74 3.40
CA ILE A 99 4.49 -8.04 4.67
C ILE A 99 3.72 -9.36 4.59
N SER A 100 3.83 -10.19 5.62
CA SER A 100 3.14 -11.47 5.66
C SER A 100 1.83 -11.35 6.42
N LEU A 101 0.73 -11.26 5.67
CA LEU A 101 -0.60 -11.14 6.27
C LEU A 101 -0.70 -12.01 7.52
N PRO A 102 -1.59 -11.61 8.44
CA PRO A 102 -1.81 -12.34 9.70
C PRO A 102 -2.51 -13.68 9.47
N GLU A 103 -2.82 -14.36 10.57
CA GLU A 103 -3.48 -15.65 10.49
C GLU A 103 -4.78 -15.56 9.71
N LYS A 104 -5.65 -14.64 10.12
CA LYS A 104 -6.92 -14.44 9.46
C LYS A 104 -7.46 -13.03 9.72
N ILE A 105 -8.40 -12.59 8.88
CA ILE A 105 -8.99 -11.27 9.02
C ILE A 105 -10.46 -11.27 8.59
N GLN A 106 -11.30 -10.63 9.39
CA GLN A 106 -12.73 -10.56 9.09
C GLN A 106 -13.24 -9.13 9.21
N SER A 107 -14.54 -8.96 9.00
CA SER A 107 -15.15 -7.63 9.07
C SER A 107 -15.00 -7.04 10.47
N TYR A 108 -15.38 -7.81 11.48
CA TYR A 108 -15.29 -7.36 12.87
C TYR A 108 -14.05 -6.50 13.07
N GLU A 109 -12.97 -6.85 12.38
CA GLU A 109 -11.72 -6.11 12.49
C GLU A 109 -11.39 -5.40 11.19
N ARG A 110 -10.56 -4.36 11.27
CA ARG A 110 -10.16 -3.60 10.09
C ARG A 110 -8.67 -3.77 9.81
N MET A 111 -8.27 -3.49 8.57
CA MET A 111 -6.88 -3.62 8.18
C MET A 111 -6.47 -2.47 7.25
N GLU A 112 -5.54 -1.65 7.72
CA GLU A 112 -5.06 -0.52 6.94
C GLU A 112 -3.55 -0.34 7.09
N PHE A 113 -2.93 0.30 6.10
CA PHE A 113 -1.49 0.53 6.14
C PHE A 113 -1.16 1.91 5.56
N ALA A 114 -0.26 2.61 6.24
CA ALA A 114 0.15 3.95 5.81
C ALA A 114 1.67 4.03 5.65
N VAL A 115 2.12 4.56 4.53
CA VAL A 115 3.55 4.70 4.26
C VAL A 115 4.17 5.78 5.14
N TYR A 116 5.35 5.51 5.67
CA TYR A 116 6.05 6.45 6.53
C TYR A 116 7.49 6.67 6.06
N TYR A 117 7.72 7.78 5.37
CA TYR A 117 9.03 8.10 4.87
C TYR A 117 9.66 9.25 5.66
N GLU A 118 10.65 8.91 6.49
CA GLU A 118 11.33 9.91 7.30
C GLU A 118 12.56 10.45 6.58
N CYS A 119 12.74 11.77 6.65
CA CYS A 119 13.87 12.42 6.00
C CYS A 119 13.96 13.89 6.40
N ASN A 120 15.19 14.37 6.61
CA ASN A 120 15.41 15.75 7.00
C ASN A 120 14.66 16.08 8.28
N GLY A 121 14.64 15.13 9.21
CA GLY A 121 13.95 15.33 10.47
C GLY A 121 12.47 15.58 10.29
N GLN A 122 11.89 14.96 9.26
CA GLN A 122 10.47 15.10 8.98
C GLN A 122 9.77 13.75 8.98
N THR A 123 8.48 13.76 8.66
CA THR A 123 7.70 12.53 8.63
C THR A 123 6.50 12.66 7.70
N TYR A 124 6.52 11.92 6.59
CA TYR A 124 5.44 11.96 5.63
C TYR A 124 4.54 10.73 5.74
N TRP A 125 3.23 10.95 5.73
CA TRP A 125 2.27 9.86 5.84
C TRP A 125 1.30 9.88 4.68
N ASP A 126 1.38 8.87 3.82
CA ASP A 126 0.51 8.77 2.66
C ASP A 126 -0.56 7.68 2.87
N SER A 127 -1.79 8.11 3.11
CA SER A 127 -2.90 7.19 3.33
C SER A 127 -4.05 7.48 2.38
N ASN A 128 -4.11 6.72 1.28
CA ASN A 128 -5.17 6.90 0.30
C ASN A 128 -5.56 8.37 0.17
N ARG A 129 -4.59 9.25 0.36
CA ARG A 129 -4.83 10.69 0.27
C ARG A 129 -6.22 11.04 0.80
N GLY A 130 -6.68 10.29 1.79
CA GLY A 130 -7.98 10.53 2.38
C GLY A 130 -8.16 9.86 3.72
N LYS A 131 -8.74 8.67 3.71
CA LYS A 131 -8.96 7.91 4.94
C LYS A 131 -7.80 6.98 5.23
N ASN A 132 -7.72 5.88 4.49
CA ASN A 132 -6.65 4.91 4.67
C ASN A 132 -6.73 3.80 3.62
N TYR A 133 -5.70 2.98 3.54
CA TYR A 133 -5.66 1.89 2.57
C TYR A 133 -6.48 0.70 3.07
N ARG A 134 -7.77 0.71 2.76
CA ARG A 134 -8.66 -0.36 3.17
C ARG A 134 -8.41 -1.63 2.34
N ILE A 135 -7.98 -2.68 3.02
CA ILE A 135 -7.70 -3.95 2.36
C ILE A 135 -8.80 -4.97 2.62
N ILE A 136 -9.67 -5.16 1.65
CA ILE A 136 -10.78 -6.11 1.78
C ILE A 136 -10.39 -7.47 1.20
N ARG A 137 -11.31 -8.43 1.29
CA ARG A 137 -11.08 -9.77 0.78
C ARG A 137 -11.42 -9.85 -0.71
N ALA A 138 -11.02 -10.95 -1.33
CA ALA A 138 -11.27 -11.15 -2.76
C ALA A 138 -12.68 -11.69 -2.99
N GLU A 139 -13.30 -12.20 -1.94
CA GLU A 139 -14.65 -12.75 -2.02
C GLU A 139 -15.69 -11.71 -1.62
N LEU A 140 -15.26 -10.76 -0.79
CA LEU A 140 -16.16 -9.70 -0.32
C LEU A 140 -16.25 -8.57 -1.35
N LYS A 141 -15.12 -8.27 -1.98
CA LYS A 141 -15.08 -7.22 -2.99
C LYS A 141 -16.32 -7.27 -3.89
N SER A 142 -17.06 -6.16 -3.92
CA SER A 142 -18.27 -6.08 -4.74
C SER A 142 -18.53 -4.65 -5.17
N THR A 143 -19.05 -4.49 -6.38
CA THR A 143 -19.36 -3.17 -6.91
C THR A 143 -20.31 -2.41 -6.00
N GLN A 144 -20.08 -1.11 -5.85
CA GLN A 144 -20.92 -0.28 -5.01
C GLN A 144 -21.48 0.91 -5.80
N GLY A 145 -20.62 1.53 -6.59
CA GLY A 145 -21.05 2.68 -7.38
C GLY A 145 -19.96 3.72 -7.53
N MET A 146 -20.36 4.97 -7.71
CA MET A 146 -19.40 6.07 -7.86
C MET A 146 -19.24 6.83 -6.55
N THR A 147 -18.26 6.41 -5.74
CA THR A 147 -18.00 7.05 -4.46
C THR A 147 -17.60 8.50 -4.65
N LYS A 148 -18.07 9.36 -3.75
CA LYS A 148 -17.77 10.78 -3.81
C LYS A 148 -16.89 11.20 -2.63
N PRO A 149 -15.93 12.10 -2.90
CA PRO A 149 -15.01 12.60 -1.88
C PRO A 149 -15.70 13.50 -0.87
N HIS A 150 -15.52 13.21 0.41
CA HIS A 150 -16.14 14.00 1.48
C HIS A 150 -15.12 14.95 2.10
N SER A 151 -13.90 14.46 2.29
CA SER A 151 -12.84 15.27 2.89
C SER A 151 -11.48 14.91 2.29
N GLY A 152 -10.60 15.90 2.18
CA GLY A 152 -9.28 15.66 1.63
C GLY A 152 -8.19 15.76 2.68
N PRO A 153 -6.93 15.80 2.22
CA PRO A 153 -5.77 15.89 3.11
C PRO A 153 -5.67 17.25 3.79
N ASP A 154 -6.59 18.15 3.47
CA ASP A 154 -6.61 19.48 4.05
C ASP A 154 -5.20 20.07 4.11
N LEU A 155 -4.36 19.66 3.17
CA LEU A 155 -2.97 20.14 3.12
C LEU A 155 -2.93 21.66 3.10
N GLY A 156 -3.50 22.25 2.05
CA GLY A 156 -3.51 23.69 1.93
C GLY A 156 -4.25 24.36 3.06
N GLY A 1 -14.90 -21.93 24.71
CA GLY A 1 -13.91 -22.98 24.82
C GLY A 1 -14.29 -24.21 24.01
N SER A 2 -14.05 -24.16 22.71
CA SER A 2 -14.38 -25.27 21.82
C SER A 2 -13.78 -25.06 20.44
N SER A 3 -12.89 -25.97 20.03
CA SER A 3 -12.24 -25.88 18.73
C SER A 3 -12.09 -27.26 18.10
N GLY A 4 -11.83 -27.29 16.80
CA GLY A 4 -11.67 -28.55 16.10
C GLY A 4 -10.64 -28.47 15.00
N SER A 5 -10.23 -29.62 14.49
CA SER A 5 -9.24 -29.68 13.42
C SER A 5 -9.72 -28.93 12.18
N SER A 6 -8.82 -28.70 11.23
CA SER A 6 -9.16 -27.99 10.00
C SER A 6 -8.03 -28.11 8.98
N GLY A 7 -8.37 -27.96 7.71
CA GLY A 7 -7.38 -28.05 6.66
C GLY A 7 -7.06 -26.70 6.04
N ALA A 8 -7.44 -26.52 4.78
CA ALA A 8 -7.21 -25.28 4.08
C ALA A 8 -8.46 -24.78 3.36
N GLU A 9 -9.21 -23.91 4.02
CA GLU A 9 -10.44 -23.38 3.46
C GLU A 9 -10.44 -21.84 3.51
N SER A 10 -9.28 -21.25 3.22
CA SER A 10 -9.16 -19.80 3.24
C SER A 10 -9.07 -19.23 1.83
N GLU A 11 -9.59 -18.03 1.65
CA GLU A 11 -9.56 -17.38 0.34
C GLU A 11 -8.65 -16.15 0.35
N SER A 12 -8.22 -15.74 -0.83
CA SER A 12 -7.34 -14.58 -0.96
C SER A 12 -8.14 -13.29 -0.96
N PHE A 13 -7.51 -12.20 -0.50
CA PHE A 13 -8.17 -10.90 -0.44
C PHE A 13 -7.77 -10.04 -1.65
N VAL A 14 -8.33 -8.84 -1.71
CA VAL A 14 -8.03 -7.92 -2.80
C VAL A 14 -8.03 -6.48 -2.31
N LEU A 15 -7.58 -5.57 -3.17
CA LEU A 15 -7.52 -4.15 -2.83
C LEU A 15 -8.78 -3.43 -3.31
N ASP A 16 -9.32 -2.57 -2.45
CA ASP A 16 -10.53 -1.81 -2.78
C ASP A 16 -10.16 -0.40 -3.25
N PHE A 17 -8.96 -0.26 -3.81
CA PHE A 17 -8.50 1.03 -4.30
C PHE A 17 -7.67 0.86 -5.58
N SER A 18 -7.74 1.85 -6.45
CA SER A 18 -7.00 1.80 -7.71
C SER A 18 -5.52 2.13 -7.48
N GLN A 19 -4.66 1.51 -8.29
CA GLN A 19 -3.22 1.73 -8.17
C GLN A 19 -2.88 3.19 -8.40
N PRO A 20 -1.97 3.73 -7.57
CA PRO A 20 -1.53 5.13 -7.66
C PRO A 20 -0.69 5.38 -8.90
N SER A 21 0.19 4.44 -9.23
CA SER A 21 1.05 4.57 -10.39
C SER A 21 0.24 4.85 -11.65
N ALA A 22 -0.94 4.25 -11.72
CA ALA A 22 -1.81 4.44 -12.87
C ALA A 22 -1.68 5.84 -13.44
N ASP A 23 -1.72 6.83 -12.58
CA ASP A 23 -1.60 8.23 -13.00
C ASP A 23 -0.21 8.78 -12.67
N TYR A 24 0.67 8.78 -13.66
CA TYR A 24 2.02 9.28 -13.48
C TYR A 24 2.02 10.71 -12.95
N LEU A 25 1.21 11.56 -13.58
CA LEU A 25 1.12 12.96 -13.17
C LEU A 25 0.46 13.08 -11.81
N ASP A 26 -0.81 12.67 -11.73
CA ASP A 26 -1.56 12.73 -10.48
C ASP A 26 -0.76 12.11 -9.34
N PHE A 27 0.15 11.19 -9.68
CA PHE A 27 0.97 10.52 -8.69
C PHE A 27 2.14 11.40 -8.28
N ARG A 28 3.01 11.71 -9.22
CA ARG A 28 4.18 12.54 -8.96
C ARG A 28 3.79 13.77 -8.15
N ASN A 29 2.65 14.36 -8.46
CA ASN A 29 2.16 15.54 -7.76
C ASN A 29 2.17 15.31 -6.26
N ARG A 30 1.89 14.08 -5.85
CA ARG A 30 1.85 13.73 -4.43
C ARG A 30 3.26 13.48 -3.90
N LEU A 31 4.13 12.98 -4.77
CA LEU A 31 5.52 12.70 -4.39
C LEU A 31 6.32 13.99 -4.27
N GLN A 32 5.77 15.08 -4.81
CA GLN A 32 6.44 16.37 -4.77
C GLN A 32 5.88 17.23 -3.64
N ALA A 33 4.64 16.97 -3.27
CA ALA A 33 3.98 17.73 -2.21
C ALA A 33 4.09 17.00 -0.87
N ASP A 34 4.17 15.68 -0.92
CA ASP A 34 4.27 14.86 0.29
C ASP A 34 5.66 14.24 0.40
N HIS A 35 6.42 14.29 -0.69
CA HIS A 35 7.77 13.75 -0.70
C HIS A 35 7.75 12.23 -0.50
N VAL A 36 6.61 11.62 -0.85
CA VAL A 36 6.46 10.17 -0.71
C VAL A 36 5.13 9.70 -1.29
N CYS A 37 5.14 8.54 -1.93
CA CYS A 37 3.94 7.97 -2.53
C CYS A 37 4.19 6.54 -2.99
N LEU A 38 3.20 5.68 -2.77
CA LEU A 38 3.30 4.28 -3.17
C LEU A 38 3.11 4.13 -4.68
N GLU A 39 3.99 3.35 -5.31
CA GLU A 39 3.91 3.13 -6.74
C GLU A 39 2.93 2.00 -7.07
N ASN A 40 3.29 0.78 -6.67
CA ASN A 40 2.44 -0.38 -6.92
C ASN A 40 2.36 -1.27 -5.68
N CYS A 41 1.17 -1.78 -5.40
CA CYS A 41 0.95 -2.64 -4.25
C CYS A 41 0.11 -3.86 -4.61
N VAL A 42 0.62 -5.04 -4.29
CA VAL A 42 -0.08 -6.28 -4.59
C VAL A 42 -0.42 -7.05 -3.33
N LEU A 43 -1.34 -8.01 -3.44
CA LEU A 43 -1.74 -8.82 -2.30
C LEU A 43 -1.78 -10.29 -2.66
N LYS A 44 -0.91 -11.07 -2.03
CA LYS A 44 -0.84 -12.50 -2.29
C LYS A 44 -1.79 -13.27 -1.36
N ASP A 45 -1.74 -14.60 -1.43
CA ASP A 45 -2.59 -15.44 -0.61
C ASP A 45 -2.57 -14.97 0.85
N LYS A 46 -1.46 -15.21 1.54
CA LYS A 46 -1.31 -14.80 2.92
C LYS A 46 -0.13 -13.86 3.10
N ALA A 47 0.07 -12.98 2.12
CA ALA A 47 1.17 -12.02 2.17
C ALA A 47 0.92 -10.87 1.19
N ILE A 48 1.76 -9.84 1.29
CA ILE A 48 1.63 -8.68 0.42
C ILE A 48 3.00 -8.18 -0.03
N ALA A 49 3.01 -7.28 -1.01
CA ALA A 49 4.25 -6.74 -1.54
C ALA A 49 4.00 -5.44 -2.31
N GLY A 50 4.75 -4.39 -1.97
CA GLY A 50 4.59 -3.12 -2.64
C GLY A 50 5.84 -2.26 -2.55
N THR A 51 6.02 -1.39 -3.54
CA THR A 51 7.18 -0.52 -3.59
C THR A 51 6.79 0.92 -3.32
N VAL A 52 7.50 1.57 -2.40
CA VAL A 52 7.22 2.95 -2.04
C VAL A 52 8.28 3.89 -2.63
N LYS A 53 7.82 5.00 -3.20
CA LYS A 53 8.72 5.98 -3.80
C LYS A 53 8.95 7.16 -2.85
N VAL A 54 10.08 7.84 -3.02
CA VAL A 54 10.41 8.99 -2.19
C VAL A 54 11.26 10.00 -2.96
N GLN A 55 11.33 11.22 -2.44
CA GLN A 55 12.11 12.27 -3.09
C GLN A 55 13.58 12.18 -2.68
N ASN A 56 14.46 12.45 -3.63
CA ASN A 56 15.90 12.39 -3.38
C ASN A 56 16.38 13.69 -2.73
N LEU A 57 15.76 14.06 -1.61
CA LEU A 57 16.13 15.27 -0.90
C LEU A 57 17.46 15.10 -0.19
N ALA A 58 17.56 14.06 0.63
CA ALA A 58 18.80 13.79 1.36
C ALA A 58 19.24 12.34 1.17
N PHE A 59 20.51 12.07 1.44
CA PHE A 59 21.05 10.73 1.31
C PHE A 59 20.38 9.76 2.28
N GLU A 60 20.43 10.10 3.57
CA GLU A 60 19.83 9.27 4.60
C GLU A 60 18.33 9.14 4.38
N LYS A 61 17.84 7.90 4.45
CA LYS A 61 16.41 7.64 4.27
C LYS A 61 15.96 6.46 5.13
N THR A 62 14.80 6.60 5.76
CA THR A 62 14.26 5.55 6.61
C THR A 62 12.80 5.26 6.27
N VAL A 63 12.58 4.32 5.35
CA VAL A 63 11.24 3.95 4.94
C VAL A 63 10.73 2.74 5.71
N LYS A 64 9.52 2.85 6.26
CA LYS A 64 8.93 1.76 7.02
C LYS A 64 7.41 1.74 6.85
N ILE A 65 6.86 0.55 6.61
CA ILE A 65 5.43 0.39 6.42
C ILE A 65 4.78 -0.20 7.66
N ARG A 66 3.71 0.45 8.13
CA ARG A 66 2.99 -0.02 9.32
C ARG A 66 1.60 -0.52 8.94
N MET A 67 1.31 -1.77 9.28
CA MET A 67 0.02 -2.37 8.98
C MET A 67 -0.67 -2.82 10.27
N THR A 68 -1.95 -2.47 10.39
CA THR A 68 -2.73 -2.83 11.56
C THR A 68 -3.88 -3.75 11.19
N PHE A 69 -4.42 -4.43 12.20
CA PHE A 69 -5.53 -5.36 11.98
C PHE A 69 -6.70 -5.05 12.92
N ASP A 70 -6.49 -4.07 13.80
CA ASP A 70 -7.52 -3.68 14.75
C ASP A 70 -7.64 -2.16 14.82
N THR A 71 -8.30 -1.58 13.82
CA THR A 71 -8.49 -0.14 13.77
C THR A 71 -7.26 0.60 14.32
N TRP A 72 -6.10 0.28 13.75
CA TRP A 72 -4.86 0.92 14.17
C TRP A 72 -4.69 0.83 15.70
N LYS A 73 -4.92 -0.36 16.24
CA LYS A 73 -4.78 -0.58 17.68
C LYS A 73 -3.45 -1.23 18.01
N SER A 74 -3.14 -2.32 17.32
CA SER A 74 -1.89 -3.04 17.54
C SER A 74 -1.21 -3.37 16.23
N TYR A 75 -0.31 -2.48 15.80
CA TYR A 75 0.41 -2.68 14.55
C TYR A 75 1.90 -2.87 14.81
N THR A 76 2.65 -3.15 13.74
CA THR A 76 4.08 -3.36 13.86
C THR A 76 4.84 -2.62 12.75
N ASP A 77 6.02 -2.12 13.08
CA ASP A 77 6.84 -1.39 12.12
C ASP A 77 7.72 -2.34 11.32
N PHE A 78 7.44 -2.45 10.03
CA PHE A 78 8.20 -3.33 9.15
C PHE A 78 9.19 -2.54 8.29
N PRO A 79 10.47 -2.90 8.36
CA PRO A 79 11.52 -2.23 7.60
C PRO A 79 11.42 -2.52 6.10
N CYS A 80 11.71 -1.50 5.29
CA CYS A 80 11.66 -1.63 3.84
C CYS A 80 13.05 -1.88 3.26
N GLN A 81 13.11 -2.63 2.16
CA GLN A 81 14.37 -2.93 1.52
C GLN A 81 14.64 -1.97 0.36
N TYR A 82 15.75 -2.18 -0.33
CA TYR A 82 16.12 -1.34 -1.46
C TYR A 82 16.05 -2.11 -2.78
N VAL A 83 15.33 -1.55 -3.74
CA VAL A 83 15.19 -2.19 -5.05
C VAL A 83 16.24 -1.70 -6.02
N LYS A 84 17.15 -2.61 -6.40
CA LYS A 84 18.22 -2.28 -7.33
C LYS A 84 17.82 -2.60 -8.76
N ASP A 85 17.40 -1.58 -9.50
CA ASP A 85 16.99 -1.77 -10.89
C ASP A 85 17.19 -0.48 -11.69
N THR A 86 17.30 -0.62 -13.01
CA THR A 86 17.49 0.53 -13.89
C THR A 86 16.57 1.69 -13.48
N TYR A 87 15.35 1.35 -13.11
CA TYR A 87 14.38 2.37 -12.70
C TYR A 87 14.54 2.72 -11.23
N ALA A 88 15.79 2.80 -10.78
CA ALA A 88 16.09 3.13 -9.39
C ALA A 88 17.51 3.66 -9.24
N GLY A 89 17.65 4.77 -8.52
CA GLY A 89 18.96 5.35 -8.32
C GLY A 89 19.32 6.36 -9.40
N SER A 90 19.06 5.99 -10.65
CA SER A 90 19.36 6.87 -11.77
C SER A 90 18.45 8.09 -11.78
N ASP A 91 17.16 7.85 -11.59
CA ASP A 91 16.18 8.93 -11.57
C ASP A 91 15.68 9.18 -10.15
N ARG A 92 15.13 8.15 -9.53
CA ARG A 92 14.61 8.24 -8.17
C ARG A 92 14.77 6.93 -7.43
N ASP A 93 14.76 6.99 -6.10
CA ASP A 93 14.90 5.80 -5.26
C ASP A 93 13.57 5.06 -5.16
N THR A 94 13.64 3.73 -5.17
CA THR A 94 12.45 2.90 -5.08
C THR A 94 12.63 1.80 -4.04
N PHE A 95 11.92 1.93 -2.92
CA PHE A 95 12.00 0.94 -1.85
C PHE A 95 10.91 -0.12 -2.01
N SER A 96 11.06 -1.22 -1.26
CA SER A 96 10.09 -2.31 -1.32
C SER A 96 9.74 -2.80 0.08
N PHE A 97 8.61 -3.49 0.20
CA PHE A 97 8.17 -4.02 1.48
C PHE A 97 7.42 -5.34 1.29
N ASP A 98 7.73 -6.30 2.14
CA ASP A 98 7.10 -7.62 2.08
C ASP A 98 6.53 -8.02 3.44
N ILE A 99 5.25 -7.78 3.64
CA ILE A 99 4.59 -8.12 4.90
C ILE A 99 3.83 -9.43 4.78
N SER A 100 3.75 -10.17 5.89
CA SER A 100 3.06 -11.45 5.91
C SER A 100 1.68 -11.30 6.54
N LEU A 101 0.66 -11.85 5.87
CA LEU A 101 -0.71 -11.78 6.36
C LEU A 101 -0.94 -12.80 7.47
N PRO A 102 -1.88 -12.49 8.38
CA PRO A 102 -2.22 -13.38 9.50
C PRO A 102 -2.95 -14.63 9.04
N GLU A 103 -2.86 -15.68 9.85
CA GLU A 103 -3.51 -16.95 9.52
C GLU A 103 -4.87 -16.72 8.87
N LYS A 104 -5.71 -15.93 9.52
CA LYS A 104 -7.04 -15.62 9.02
C LYS A 104 -7.41 -14.17 9.31
N ILE A 105 -8.49 -13.70 8.69
CA ILE A 105 -8.96 -12.34 8.89
C ILE A 105 -10.47 -12.24 8.75
N GLN A 106 -11.14 -11.85 9.82
CA GLN A 106 -12.59 -11.72 9.81
C GLN A 106 -13.01 -10.26 9.65
N SER A 107 -14.22 -10.05 9.15
CA SER A 107 -14.74 -8.70 8.94
C SER A 107 -15.27 -8.12 10.24
N TYR A 108 -14.45 -8.16 11.29
CA TYR A 108 -14.84 -7.64 12.58
C TYR A 108 -14.27 -6.24 12.80
N GLU A 109 -12.97 -6.08 12.56
CA GLU A 109 -12.31 -4.80 12.73
C GLU A 109 -11.78 -4.28 11.39
N ARG A 110 -11.27 -3.06 11.40
CA ARG A 110 -10.72 -2.45 10.18
C ARG A 110 -9.26 -2.84 9.98
N MET A 111 -8.86 -3.01 8.73
CA MET A 111 -7.50 -3.38 8.40
C MET A 111 -6.93 -2.46 7.34
N GLU A 112 -5.92 -1.67 7.72
CA GLU A 112 -5.29 -0.74 6.79
C GLU A 112 -3.81 -0.55 7.14
N PHE A 113 -3.13 0.27 6.35
CA PHE A 113 -1.71 0.53 6.57
C PHE A 113 -1.34 1.93 6.09
N ALA A 114 -0.29 2.50 6.70
CA ALA A 114 0.16 3.84 6.33
C ALA A 114 1.67 3.85 6.10
N VAL A 115 2.11 4.62 5.11
CA VAL A 115 3.52 4.73 4.78
C VAL A 115 4.20 5.79 5.64
N TYR A 116 5.43 5.51 6.06
CA TYR A 116 6.20 6.44 6.89
C TYR A 116 7.60 6.66 6.32
N TYR A 117 7.80 7.82 5.69
CA TYR A 117 9.09 8.15 5.10
C TYR A 117 9.78 9.26 5.89
N GLU A 118 10.93 8.92 6.48
CA GLU A 118 11.68 9.88 7.27
C GLU A 118 12.93 10.34 6.50
N CYS A 119 13.05 11.65 6.35
CA CYS A 119 14.19 12.24 5.63
C CYS A 119 14.30 13.74 5.92
N ASN A 120 15.53 14.24 5.90
CA ASN A 120 15.78 15.65 6.16
C ASN A 120 15.13 16.08 7.47
N GLY A 121 15.32 15.29 8.52
CA GLY A 121 14.76 15.60 9.82
C GLY A 121 13.26 15.87 9.74
N GLN A 122 12.56 15.09 8.93
CA GLN A 122 11.12 15.26 8.76
C GLN A 122 10.41 13.91 8.76
N THR A 123 9.09 13.94 8.83
CA THR A 123 8.30 12.72 8.83
C THR A 123 7.03 12.88 7.99
N TYR A 124 7.02 12.25 6.82
CA TYR A 124 5.87 12.32 5.92
C TYR A 124 4.99 11.09 6.05
N TRP A 125 3.70 11.32 6.27
CA TRP A 125 2.75 10.22 6.41
C TRP A 125 1.82 10.14 5.20
N ASP A 126 1.96 9.08 4.43
CA ASP A 126 1.14 8.88 3.24
C ASP A 126 0.13 7.75 3.46
N SER A 127 -1.10 8.12 3.79
CA SER A 127 -2.16 7.15 4.03
C SER A 127 -3.13 7.10 2.85
N ASN A 128 -2.90 6.16 1.95
CA ASN A 128 -3.77 6.00 0.77
C ASN A 128 -4.04 7.35 0.12
N ARG A 129 -3.00 8.18 0.05
CA ARG A 129 -3.12 9.51 -0.56
C ARG A 129 -4.52 10.09 -0.32
N GLY A 130 -5.02 9.93 0.90
CA GLY A 130 -6.34 10.43 1.23
C GLY A 130 -6.79 10.02 2.61
N LYS A 131 -7.39 8.83 2.71
CA LYS A 131 -7.87 8.32 3.98
C LYS A 131 -7.01 7.16 4.46
N ASN A 132 -7.12 6.03 3.76
CA ASN A 132 -6.34 4.84 4.12
C ASN A 132 -6.56 3.72 3.11
N TYR A 133 -5.61 2.81 3.02
CA TYR A 133 -5.69 1.70 2.08
C TYR A 133 -6.57 0.59 2.65
N ARG A 134 -7.85 0.63 2.30
CA ARG A 134 -8.81 -0.37 2.77
C ARG A 134 -8.60 -1.70 2.06
N ILE A 135 -8.35 -2.75 2.83
CA ILE A 135 -8.12 -4.08 2.26
C ILE A 135 -9.32 -4.99 2.51
N ILE A 136 -10.04 -5.32 1.43
CA ILE A 136 -11.20 -6.18 1.54
C ILE A 136 -10.92 -7.57 0.97
N ARG A 137 -11.84 -8.50 1.20
CA ARG A 137 -11.69 -9.86 0.70
C ARG A 137 -12.04 -9.96 -0.77
N ALA A 138 -11.65 -11.05 -1.41
CA ALA A 138 -11.93 -11.26 -2.83
C ALA A 138 -13.38 -11.69 -3.04
N GLU A 139 -13.95 -12.32 -2.02
CA GLU A 139 -15.34 -12.79 -2.10
C GLU A 139 -16.30 -11.61 -2.15
N LEU A 140 -15.87 -10.47 -1.64
CA LEU A 140 -16.70 -9.27 -1.63
C LEU A 140 -16.74 -8.62 -3.02
N LYS A 141 -15.57 -8.35 -3.57
CA LYS A 141 -15.47 -7.73 -4.89
C LYS A 141 -16.08 -8.64 -5.96
N SER A 142 -16.76 -8.02 -6.93
CA SER A 142 -17.39 -8.77 -8.00
C SER A 142 -16.94 -8.26 -9.37
N THR A 143 -16.61 -9.18 -10.26
CA THR A 143 -16.16 -8.83 -11.60
C THR A 143 -17.27 -8.14 -12.39
N GLN A 144 -17.02 -6.90 -12.78
CA GLN A 144 -18.01 -6.14 -13.55
C GLN A 144 -17.31 -5.23 -14.56
N GLY A 145 -17.91 -5.13 -15.75
CA GLY A 145 -17.34 -4.30 -16.79
C GLY A 145 -18.11 -3.01 -17.00
N MET A 146 -18.36 -2.29 -15.90
CA MET A 146 -19.08 -1.03 -15.96
C MET A 146 -18.44 -0.08 -16.96
N THR A 147 -19.28 0.61 -17.74
CA THR A 147 -18.80 1.55 -18.75
C THR A 147 -18.94 2.99 -18.27
N LYS A 148 -18.11 3.88 -18.80
CA LYS A 148 -18.16 5.29 -18.43
C LYS A 148 -17.40 6.14 -19.43
N PRO A 149 -18.07 7.15 -20.00
CA PRO A 149 -17.48 8.06 -20.98
C PRO A 149 -16.43 8.98 -20.35
N HIS A 150 -15.36 9.24 -21.10
CA HIS A 150 -14.29 10.11 -20.62
C HIS A 150 -14.74 11.56 -20.57
N SER A 151 -14.64 12.17 -19.39
CA SER A 151 -15.04 13.56 -19.20
C SER A 151 -13.84 14.49 -19.31
N GLY A 152 -14.12 15.79 -19.42
CA GLY A 152 -13.05 16.77 -19.52
C GLY A 152 -13.56 18.20 -19.43
N PRO A 153 -12.65 19.14 -19.21
CA PRO A 153 -12.98 20.56 -19.10
C PRO A 153 -13.41 21.16 -20.43
N ASP A 154 -13.74 22.46 -20.42
CA ASP A 154 -14.16 23.14 -21.63
C ASP A 154 -13.36 24.43 -21.83
N LEU A 155 -13.17 25.18 -20.75
CA LEU A 155 -12.42 26.44 -20.81
C LEU A 155 -11.00 26.23 -20.32
N GLY A 156 -10.13 27.19 -20.63
CA GLY A 156 -8.74 27.10 -20.23
C GLY A 156 -8.16 25.72 -20.42
N GLY A 1 2.32 -39.97 -11.09
CA GLY A 1 2.16 -38.84 -10.19
C GLY A 1 0.89 -38.93 -9.37
N SER A 2 0.85 -38.18 -8.28
CA SER A 2 -0.32 -38.18 -7.40
C SER A 2 -0.48 -36.84 -6.71
N SER A 3 -1.67 -36.25 -6.84
CA SER A 3 -1.96 -34.95 -6.23
C SER A 3 -2.17 -35.09 -4.73
N GLY A 4 -2.39 -33.96 -4.06
CA GLY A 4 -2.60 -33.98 -2.63
C GLY A 4 -1.67 -33.05 -1.89
N SER A 5 -0.37 -33.22 -2.11
CA SER A 5 0.64 -32.38 -1.46
C SER A 5 0.88 -31.11 -2.25
N SER A 6 0.99 -31.24 -3.57
CA SER A 6 1.23 -30.10 -4.43
C SER A 6 -0.05 -29.29 -4.64
N GLY A 7 -0.06 -28.07 -4.11
CA GLY A 7 -1.23 -27.22 -4.24
C GLY A 7 -1.86 -26.90 -2.90
N ALA A 8 -2.87 -26.03 -2.92
CA ALA A 8 -3.57 -25.64 -1.70
C ALA A 8 -4.89 -24.96 -2.01
N GLU A 9 -5.96 -25.43 -1.37
CA GLU A 9 -7.28 -24.86 -1.59
C GLU A 9 -7.53 -23.68 -0.66
N SER A 10 -7.49 -22.47 -1.22
CA SER A 10 -7.71 -21.26 -0.43
C SER A 10 -8.05 -20.08 -1.33
N GLU A 11 -8.65 -19.05 -0.75
CA GLU A 11 -9.03 -17.86 -1.50
C GLU A 11 -8.01 -16.74 -1.29
N SER A 12 -8.19 -15.65 -2.02
CA SER A 12 -7.29 -14.51 -1.92
C SER A 12 -8.05 -13.23 -1.63
N PHE A 13 -7.33 -12.18 -1.25
CA PHE A 13 -7.95 -10.89 -0.93
C PHE A 13 -7.70 -9.88 -2.05
N VAL A 14 -8.31 -8.71 -1.92
CA VAL A 14 -8.16 -7.66 -2.92
C VAL A 14 -8.04 -6.29 -2.26
N LEU A 15 -7.78 -5.26 -3.07
CA LEU A 15 -7.65 -3.90 -2.57
C LEU A 15 -8.91 -3.09 -2.85
N ASP A 16 -9.35 -2.33 -1.85
CA ASP A 16 -10.54 -1.49 -2.00
C ASP A 16 -10.18 -0.11 -2.53
N PHE A 17 -9.13 -0.05 -3.35
CA PHE A 17 -8.68 1.20 -3.93
C PHE A 17 -7.90 0.96 -5.22
N SER A 18 -7.86 1.99 -6.07
CA SER A 18 -7.16 1.88 -7.34
C SER A 18 -5.67 2.17 -7.16
N GLN A 19 -4.85 1.57 -8.03
CA GLN A 19 -3.41 1.76 -7.96
C GLN A 19 -3.04 3.21 -8.28
N PRO A 20 -2.15 3.78 -7.46
CA PRO A 20 -1.69 5.17 -7.63
C PRO A 20 -0.81 5.34 -8.86
N SER A 21 0.07 4.37 -9.09
CA SER A 21 0.97 4.41 -10.24
C SER A 21 0.19 4.58 -11.54
N ALA A 22 -1.05 4.09 -11.56
CA ALA A 22 -1.90 4.19 -12.73
C ALA A 22 -1.63 5.48 -13.49
N ASP A 23 -1.48 6.58 -12.75
CA ASP A 23 -1.22 7.88 -13.35
C ASP A 23 0.17 8.39 -12.98
N TYR A 24 1.10 8.32 -13.94
CA TYR A 24 2.47 8.76 -13.71
C TYR A 24 2.49 10.23 -13.30
N LEU A 25 1.75 11.06 -14.01
CA LEU A 25 1.69 12.49 -13.72
C LEU A 25 1.02 12.74 -12.37
N ASP A 26 -0.29 12.48 -12.31
CA ASP A 26 -1.05 12.68 -11.08
C ASP A 26 -0.29 12.11 -9.88
N PHE A 27 0.60 11.16 -10.14
CA PHE A 27 1.38 10.53 -9.08
C PHE A 27 2.62 11.35 -8.76
N ARG A 28 3.50 11.49 -9.75
CA ARG A 28 4.73 12.26 -9.57
C ARG A 28 4.45 13.59 -8.90
N ASN A 29 3.25 14.12 -9.12
CA ASN A 29 2.85 15.40 -8.53
C ASN A 29 2.80 15.30 -7.02
N ARG A 30 2.28 14.18 -6.52
CA ARG A 30 2.16 13.97 -5.08
C ARG A 30 3.52 13.65 -4.47
N LEU A 31 4.32 12.89 -5.20
CA LEU A 31 5.66 12.51 -4.73
C LEU A 31 6.58 13.72 -4.68
N GLN A 32 6.15 14.81 -5.30
CA GLN A 32 6.94 16.04 -5.33
C GLN A 32 6.41 17.05 -4.33
N ALA A 33 5.13 16.94 -4.01
CA ALA A 33 4.49 17.84 -3.05
C ALA A 33 4.57 17.29 -1.63
N ASP A 34 4.52 15.97 -1.51
CA ASP A 34 4.59 15.32 -0.21
C ASP A 34 5.94 14.65 0.00
N HIS A 35 6.63 14.38 -1.10
CA HIS A 35 7.94 13.75 -1.04
C HIS A 35 7.82 12.27 -0.65
N VAL A 36 6.67 11.68 -0.96
CA VAL A 36 6.42 10.29 -0.63
C VAL A 36 5.09 9.82 -1.20
N CYS A 37 5.08 8.66 -1.84
CA CYS A 37 3.87 8.10 -2.42
C CYS A 37 4.07 6.63 -2.78
N LEU A 38 3.00 5.84 -2.64
CA LEU A 38 3.06 4.42 -2.96
C LEU A 38 2.95 4.20 -4.46
N GLU A 39 3.83 3.36 -4.99
CA GLU A 39 3.84 3.05 -6.42
C GLU A 39 2.83 1.96 -6.74
N ASN A 40 3.17 0.72 -6.39
CA ASN A 40 2.29 -0.41 -6.64
C ASN A 40 2.24 -1.35 -5.43
N CYS A 41 1.06 -1.85 -5.12
CA CYS A 41 0.88 -2.75 -3.99
C CYS A 41 0.07 -3.98 -4.39
N VAL A 42 0.78 -5.07 -4.70
CA VAL A 42 0.13 -6.31 -5.10
C VAL A 42 -0.19 -7.18 -3.89
N LEU A 43 -1.08 -8.16 -4.08
CA LEU A 43 -1.47 -9.06 -3.01
C LEU A 43 -1.13 -10.51 -3.37
N LYS A 44 -0.69 -11.27 -2.38
CA LYS A 44 -0.35 -12.67 -2.59
C LYS A 44 -0.94 -13.55 -1.50
N ASP A 45 -0.61 -14.84 -1.54
CA ASP A 45 -1.11 -15.79 -0.55
C ASP A 45 -0.73 -15.34 0.87
N LYS A 46 -1.73 -15.06 1.68
CA LYS A 46 -1.51 -14.63 3.06
C LYS A 46 -0.26 -13.76 3.15
N ALA A 47 -0.05 -12.92 2.15
CA ALA A 47 1.11 -12.02 2.13
C ALA A 47 0.93 -10.92 1.09
N ILE A 48 1.54 -9.77 1.35
CA ILE A 48 1.45 -8.64 0.43
C ILE A 48 2.82 -8.19 -0.03
N ALA A 49 2.86 -7.38 -1.07
CA ALA A 49 4.12 -6.87 -1.61
C ALA A 49 3.91 -5.58 -2.38
N GLY A 50 4.71 -4.57 -2.06
CA GLY A 50 4.59 -3.28 -2.74
C GLY A 50 5.86 -2.46 -2.63
N THR A 51 6.05 -1.55 -3.59
CA THR A 51 7.23 -0.70 -3.61
C THR A 51 6.85 0.77 -3.44
N VAL A 52 7.47 1.43 -2.46
CA VAL A 52 7.19 2.84 -2.21
C VAL A 52 8.29 3.72 -2.77
N LYS A 53 7.88 4.83 -3.41
CA LYS A 53 8.84 5.76 -4.00
C LYS A 53 9.02 6.98 -3.10
N VAL A 54 10.23 7.52 -3.07
CA VAL A 54 10.55 8.68 -2.27
C VAL A 54 11.50 9.62 -2.99
N GLN A 55 11.54 10.88 -2.56
CA GLN A 55 12.41 11.88 -3.17
C GLN A 55 13.79 11.87 -2.52
N ASN A 56 14.83 11.86 -3.35
CA ASN A 56 16.20 11.85 -2.86
C ASN A 56 16.63 13.24 -2.42
N LEU A 57 15.88 13.82 -1.50
CA LEU A 57 16.18 15.15 -0.98
C LEU A 57 17.48 15.14 -0.17
N ALA A 58 17.53 14.28 0.83
CA ALA A 58 18.71 14.16 1.69
C ALA A 58 19.53 12.92 1.34
N PHE A 59 20.83 13.00 1.56
CA PHE A 59 21.73 11.89 1.27
C PHE A 59 21.06 10.55 1.60
N GLU A 60 20.70 10.38 2.86
CA GLU A 60 20.06 9.16 3.32
C GLU A 60 18.61 9.41 3.73
N LYS A 61 17.84 8.34 3.84
CA LYS A 61 16.43 8.46 4.24
C LYS A 61 15.98 7.22 5.01
N THR A 62 14.72 7.20 5.40
CA THR A 62 14.16 6.08 6.15
C THR A 62 12.73 5.78 5.71
N VAL A 63 12.50 4.56 5.24
CA VAL A 63 11.18 4.16 4.79
C VAL A 63 10.70 2.91 5.54
N LYS A 64 9.50 2.99 6.11
CA LYS A 64 8.93 1.87 6.85
C LYS A 64 7.42 1.84 6.70
N ILE A 65 6.86 0.64 6.58
CA ILE A 65 5.42 0.47 6.43
C ILE A 65 4.79 -0.02 7.72
N ARG A 66 3.76 0.68 8.17
CA ARG A 66 3.06 0.32 9.40
C ARG A 66 1.64 -0.15 9.11
N MET A 67 1.40 -1.45 9.31
CA MET A 67 0.08 -2.02 9.06
C MET A 67 -0.46 -2.69 10.32
N THR A 68 -1.73 -2.43 10.61
CA THR A 68 -2.37 -3.00 11.79
C THR A 68 -3.46 -4.00 11.40
N PHE A 69 -3.70 -4.98 12.27
CA PHE A 69 -4.71 -6.00 12.01
C PHE A 69 -5.74 -6.03 13.13
N ASP A 70 -5.73 -5.00 13.96
CA ASP A 70 -6.68 -4.90 15.08
C ASP A 70 -7.29 -3.51 15.15
N THR A 71 -8.15 -3.20 14.20
CA THR A 71 -8.81 -1.90 14.14
C THR A 71 -7.91 -0.81 14.71
N TRP A 72 -6.66 -0.80 14.27
CA TRP A 72 -5.69 0.19 14.72
C TRP A 72 -5.46 0.08 16.22
N LYS A 73 -5.19 -1.14 16.68
CA LYS A 73 -4.94 -1.38 18.10
C LYS A 73 -3.55 -1.94 18.33
N SER A 74 -3.13 -2.85 17.44
CA SER A 74 -1.81 -3.46 17.55
C SER A 74 -1.09 -3.42 16.20
N TYR A 75 -0.24 -2.43 16.02
CA TYR A 75 0.51 -2.27 14.78
C TYR A 75 1.98 -2.62 14.99
N THR A 76 2.69 -2.86 13.89
CA THR A 76 4.11 -3.21 13.95
C THR A 76 4.89 -2.52 12.83
N ASP A 77 6.05 -1.99 13.17
CA ASP A 77 6.90 -1.31 12.20
C ASP A 77 7.71 -2.32 11.39
N PHE A 78 7.53 -2.31 10.08
CA PHE A 78 8.25 -3.23 9.20
C PHE A 78 9.24 -2.47 8.33
N PRO A 79 10.52 -2.85 8.42
CA PRO A 79 11.59 -2.22 7.64
C PRO A 79 11.50 -2.55 6.16
N CYS A 80 11.66 -1.52 5.32
CA CYS A 80 11.60 -1.70 3.87
C CYS A 80 12.96 -2.10 3.32
N GLN A 81 13.00 -2.41 2.02
CA GLN A 81 14.23 -2.80 1.37
C GLN A 81 14.58 -1.84 0.23
N TYR A 82 15.71 -2.09 -0.43
CA TYR A 82 16.15 -1.24 -1.53
C TYR A 82 16.09 -2.00 -2.85
N VAL A 83 15.58 -1.33 -3.88
CA VAL A 83 15.46 -1.94 -5.21
C VAL A 83 16.63 -1.54 -6.10
N LYS A 84 17.57 -2.45 -6.28
CA LYS A 84 18.74 -2.20 -7.10
C LYS A 84 18.62 -2.91 -8.45
N ASP A 85 17.42 -2.90 -9.01
CA ASP A 85 17.17 -3.54 -10.30
C ASP A 85 17.63 -2.65 -11.45
N THR A 86 17.75 -3.24 -12.63
CA THR A 86 18.18 -2.50 -13.82
C THR A 86 17.44 -1.17 -13.94
N TYR A 87 16.15 -1.19 -13.61
CA TYR A 87 15.33 0.01 -13.69
C TYR A 87 15.42 0.81 -12.39
N ALA A 88 16.62 0.90 -11.84
CA ALA A 88 16.84 1.64 -10.60
C ALA A 88 18.34 1.82 -10.33
N GLY A 89 18.76 3.07 -10.19
CA GLY A 89 20.16 3.36 -9.93
C GLY A 89 20.35 4.33 -8.78
N SER A 90 20.47 5.62 -9.11
CA SER A 90 20.66 6.64 -8.09
C SER A 90 19.57 7.71 -8.19
N ASP A 91 19.30 8.16 -9.41
CA ASP A 91 18.29 9.18 -9.65
C ASP A 91 17.12 9.02 -8.66
N ARG A 92 16.45 7.89 -8.73
CA ARG A 92 15.32 7.62 -7.85
C ARG A 92 15.56 6.37 -7.01
N ASP A 93 15.04 6.36 -5.79
CA ASP A 93 15.21 5.23 -4.89
C ASP A 93 13.88 4.51 -4.67
N THR A 94 13.78 3.30 -5.20
CA THR A 94 12.56 2.51 -5.06
C THR A 94 12.69 1.50 -3.93
N PHE A 95 11.94 1.72 -2.85
CA PHE A 95 11.98 0.82 -1.71
C PHE A 95 10.84 -0.21 -1.79
N SER A 96 11.15 -1.45 -1.42
CA SER A 96 10.16 -2.53 -1.46
C SER A 96 9.79 -2.97 -0.05
N PHE A 97 8.71 -3.72 0.07
CA PHE A 97 8.25 -4.21 1.36
C PHE A 97 7.44 -5.50 1.20
N ASP A 98 7.62 -6.42 2.13
CA ASP A 98 6.90 -7.69 2.09
C ASP A 98 6.35 -8.04 3.47
N ILE A 99 5.07 -7.78 3.68
CA ILE A 99 4.41 -8.07 4.95
C ILE A 99 3.58 -9.34 4.87
N SER A 100 3.59 -10.12 5.94
CA SER A 100 2.83 -11.37 5.99
C SER A 100 1.43 -11.13 6.53
N LEU A 101 0.46 -11.83 5.95
CA LEU A 101 -0.93 -11.69 6.37
C LEU A 101 -1.32 -12.81 7.33
N PRO A 102 -2.32 -12.52 8.19
CA PRO A 102 -2.81 -13.50 9.17
C PRO A 102 -3.56 -14.65 8.53
N GLU A 103 -4.19 -15.48 9.36
CA GLU A 103 -4.95 -16.63 8.86
C GLU A 103 -6.24 -16.17 8.18
N LYS A 104 -7.01 -15.33 8.87
CA LYS A 104 -8.26 -14.82 8.34
C LYS A 104 -8.39 -13.32 8.59
N ILE A 105 -9.25 -12.67 7.83
CA ILE A 105 -9.47 -11.23 7.96
C ILE A 105 -10.86 -10.84 7.45
N GLN A 106 -11.55 -10.01 8.24
CA GLN A 106 -12.88 -9.55 7.87
C GLN A 106 -13.22 -8.23 8.56
N SER A 107 -14.45 -7.77 8.38
CA SER A 107 -14.89 -6.52 8.98
C SER A 107 -14.19 -6.27 10.32
N TYR A 108 -14.54 -7.07 11.31
CA TYR A 108 -13.95 -6.96 12.64
C TYR A 108 -12.45 -6.72 12.55
N GLU A 109 -11.84 -6.31 13.65
CA GLU A 109 -10.41 -6.05 13.70
C GLU A 109 -9.91 -5.53 12.36
N ARG A 110 -10.53 -4.45 11.88
CA ARG A 110 -10.14 -3.86 10.61
C ARG A 110 -8.63 -3.92 10.41
N MET A 111 -8.21 -3.93 9.14
CA MET A 111 -6.79 -3.99 8.81
C MET A 111 -6.41 -2.88 7.85
N GLU A 112 -5.59 -1.94 8.32
CA GLU A 112 -5.15 -0.82 7.49
C GLU A 112 -3.66 -0.58 7.65
N PHE A 113 -3.06 0.12 6.68
CA PHE A 113 -1.64 0.42 6.72
C PHE A 113 -1.37 1.84 6.21
N ALA A 114 -0.23 2.39 6.61
CA ALA A 114 0.15 3.74 6.19
C ALA A 114 1.65 3.82 5.93
N VAL A 115 2.04 4.78 5.09
CA VAL A 115 3.45 4.97 4.75
C VAL A 115 4.08 6.04 5.64
N TYR A 116 5.32 5.79 6.06
CA TYR A 116 6.03 6.73 6.92
C TYR A 116 7.42 7.03 6.35
N TYR A 117 7.54 8.11 5.60
CA TYR A 117 8.80 8.51 5.01
C TYR A 117 9.49 9.58 5.85
N GLU A 118 10.62 9.23 6.43
CA GLU A 118 11.38 10.16 7.26
C GLU A 118 12.62 10.66 6.53
N CYS A 119 12.78 11.98 6.48
CA CYS A 119 13.93 12.59 5.81
C CYS A 119 13.97 14.09 6.07
N ASN A 120 15.18 14.66 5.99
CA ASN A 120 15.37 16.08 6.22
C ASN A 120 14.70 16.51 7.52
N GLY A 121 14.94 15.75 8.59
CA GLY A 121 14.36 16.06 9.89
C GLY A 121 12.86 16.26 9.81
N GLN A 122 12.20 15.46 8.98
CA GLN A 122 10.75 15.55 8.82
C GLN A 122 10.11 14.16 8.85
N THR A 123 8.80 14.12 9.04
CA THR A 123 8.08 12.86 9.10
C THR A 123 6.82 12.92 8.23
N TYR A 124 6.97 12.54 6.96
CA TYR A 124 5.85 12.55 6.02
C TYR A 124 5.02 11.27 6.17
N TRP A 125 3.73 11.44 6.44
CA TRP A 125 2.83 10.30 6.59
C TRP A 125 1.83 10.24 5.44
N ASP A 126 1.93 9.19 4.63
CA ASP A 126 1.04 9.01 3.49
C ASP A 126 0.03 7.89 3.76
N SER A 127 -1.18 8.28 4.16
CA SER A 127 -2.23 7.32 4.45
C SER A 127 -3.29 7.31 3.36
N ASN A 128 -3.10 6.43 2.38
CA ASN A 128 -4.05 6.32 1.27
C ASN A 128 -4.47 7.69 0.78
N ARG A 129 -3.53 8.64 0.76
CA ARG A 129 -3.81 9.99 0.31
C ARG A 129 -5.22 10.41 0.69
N GLY A 130 -5.64 10.05 1.90
CA GLY A 130 -6.96 10.39 2.37
C GLY A 130 -7.28 9.82 3.74
N LYS A 131 -7.84 8.62 3.76
CA LYS A 131 -8.18 7.95 5.01
C LYS A 131 -7.22 6.82 5.31
N ASN A 132 -7.28 5.77 4.50
CA ASN A 132 -6.41 4.61 4.68
C ASN A 132 -6.61 3.60 3.55
N TYR A 133 -5.74 2.60 3.50
CA TYR A 133 -5.83 1.57 2.46
C TYR A 133 -6.65 0.38 2.95
N ARG A 134 -7.96 0.53 2.93
CA ARG A 134 -8.87 -0.53 3.37
C ARG A 134 -8.67 -1.79 2.54
N ILE A 135 -8.09 -2.82 3.17
CA ILE A 135 -7.84 -4.08 2.48
C ILE A 135 -8.98 -5.07 2.71
N ILE A 136 -9.76 -5.32 1.66
CA ILE A 136 -10.88 -6.24 1.75
C ILE A 136 -10.58 -7.53 1.00
N ARG A 137 -11.50 -8.50 1.12
CA ARG A 137 -11.33 -9.78 0.45
C ARG A 137 -11.91 -9.74 -0.97
N ALA A 138 -11.58 -10.75 -1.76
CA ALA A 138 -12.08 -10.82 -3.14
C ALA A 138 -13.51 -11.33 -3.18
N GLU A 139 -13.82 -12.28 -2.30
CA GLU A 139 -15.17 -12.85 -2.24
C GLU A 139 -16.17 -11.82 -1.73
N LEU A 140 -15.80 -11.11 -0.68
CA LEU A 140 -16.66 -10.09 -0.10
C LEU A 140 -17.15 -9.11 -1.17
N LYS A 141 -16.22 -8.57 -1.94
CA LYS A 141 -16.54 -7.63 -2.99
C LYS A 141 -17.77 -8.08 -3.76
N SER A 142 -18.91 -7.46 -3.46
CA SER A 142 -20.16 -7.80 -4.13
C SER A 142 -21.16 -6.65 -4.02
N THR A 143 -22.35 -6.84 -4.61
CA THR A 143 -23.38 -5.81 -4.59
C THR A 143 -24.63 -6.33 -3.88
N GLN A 144 -25.44 -5.39 -3.38
CA GLN A 144 -26.67 -5.76 -2.68
C GLN A 144 -27.89 -5.16 -3.39
N GLY A 145 -28.92 -5.98 -3.57
CA GLY A 145 -30.13 -5.52 -4.23
C GLY A 145 -31.16 -6.63 -4.39
N MET A 146 -31.32 -7.09 -5.62
CA MET A 146 -32.27 -8.16 -5.91
C MET A 146 -33.70 -7.72 -5.58
N THR A 147 -34.03 -6.49 -5.95
CA THR A 147 -35.36 -5.95 -5.69
C THR A 147 -36.20 -5.90 -6.96
N LYS A 148 -37.48 -6.25 -6.82
CA LYS A 148 -38.40 -6.25 -7.96
C LYS A 148 -39.63 -5.39 -7.68
N PRO A 149 -39.89 -4.42 -8.57
CA PRO A 149 -41.04 -3.52 -8.44
C PRO A 149 -42.36 -4.22 -8.66
N HIS A 150 -43.33 -3.94 -7.80
CA HIS A 150 -44.66 -4.55 -7.89
C HIS A 150 -45.75 -3.54 -7.59
N SER A 151 -46.79 -3.51 -8.41
CA SER A 151 -47.89 -2.58 -8.23
C SER A 151 -48.54 -2.78 -6.86
N GLY A 152 -48.25 -1.86 -5.94
CA GLY A 152 -48.81 -1.94 -4.61
C GLY A 152 -50.19 -1.32 -4.51
N PRO A 153 -50.62 -1.01 -3.28
CA PRO A 153 -51.93 -0.40 -3.02
C PRO A 153 -52.00 1.05 -3.51
N ASP A 154 -53.21 1.59 -3.58
CA ASP A 154 -53.42 2.95 -4.03
C ASP A 154 -54.31 3.72 -3.05
N LEU A 155 -54.53 5.00 -3.34
CA LEU A 155 -55.37 5.83 -2.49
C LEU A 155 -56.83 5.75 -2.92
N GLY A 156 -57.07 6.00 -4.20
CA GLY A 156 -58.43 5.94 -4.72
C GLY A 156 -58.57 4.97 -5.88
N GLY A 1 -11.94 -18.70 27.34
CA GLY A 1 -12.33 -20.08 27.17
C GLY A 1 -11.82 -20.67 25.87
N SER A 2 -12.45 -21.75 25.43
CA SER A 2 -12.05 -22.41 24.19
C SER A 2 -13.18 -22.37 23.16
N SER A 3 -12.84 -22.04 21.93
CA SER A 3 -13.81 -21.96 20.85
C SER A 3 -13.12 -21.90 19.49
N GLY A 4 -13.37 -22.91 18.66
CA GLY A 4 -12.76 -22.96 17.35
C GLY A 4 -13.79 -22.86 16.24
N SER A 5 -13.44 -23.37 15.06
CA SER A 5 -14.33 -23.33 13.92
C SER A 5 -14.66 -24.74 13.43
N SER A 6 -15.65 -24.85 12.55
CA SER A 6 -16.07 -26.14 12.01
C SER A 6 -15.17 -26.56 10.85
N GLY A 7 -14.93 -25.63 9.93
CA GLY A 7 -14.09 -25.92 8.78
C GLY A 7 -13.14 -24.79 8.45
N ALA A 8 -11.94 -25.14 7.98
CA ALA A 8 -10.95 -24.14 7.63
C ALA A 8 -11.06 -23.73 6.17
N GLU A 9 -11.64 -22.57 5.92
CA GLU A 9 -11.80 -22.06 4.56
C GLU A 9 -10.98 -20.80 4.33
N SER A 10 -9.78 -20.96 3.81
CA SER A 10 -8.89 -19.84 3.55
C SER A 10 -9.18 -19.22 2.17
N GLU A 11 -9.86 -18.09 2.17
CA GLU A 11 -10.20 -17.41 0.93
C GLU A 11 -9.13 -16.39 0.56
N SER A 12 -9.30 -15.76 -0.60
CA SER A 12 -8.34 -14.75 -1.07
C SER A 12 -8.84 -13.34 -0.77
N PHE A 13 -7.97 -12.36 -0.98
CA PHE A 13 -8.33 -10.97 -0.73
C PHE A 13 -7.94 -10.09 -1.93
N VAL A 14 -8.40 -8.84 -1.91
CA VAL A 14 -8.10 -7.90 -2.98
C VAL A 14 -8.05 -6.47 -2.46
N LEU A 15 -7.79 -5.53 -3.37
CA LEU A 15 -7.72 -4.12 -3.00
C LEU A 15 -8.92 -3.35 -3.54
N ASP A 16 -9.51 -2.51 -2.70
CA ASP A 16 -10.67 -1.71 -3.10
C ASP A 16 -10.22 -0.33 -3.59
N PHE A 17 -9.02 -0.27 -4.14
CA PHE A 17 -8.49 0.99 -4.65
C PHE A 17 -7.56 0.74 -5.84
N SER A 18 -7.61 1.64 -6.82
CA SER A 18 -6.79 1.52 -8.02
C SER A 18 -5.35 1.92 -7.72
N GLN A 19 -4.41 1.29 -8.41
CA GLN A 19 -2.99 1.59 -8.24
C GLN A 19 -2.71 3.07 -8.43
N PRO A 20 -1.84 3.63 -7.58
CA PRO A 20 -1.47 5.05 -7.63
C PRO A 20 -0.63 5.38 -8.86
N SER A 21 0.38 4.57 -9.12
CA SER A 21 1.26 4.77 -10.26
C SER A 21 0.45 5.05 -11.52
N ALA A 22 -0.66 4.36 -11.67
CA ALA A 22 -1.53 4.54 -12.83
C ALA A 22 -1.53 5.99 -13.30
N ASP A 23 -1.67 6.91 -12.36
CA ASP A 23 -1.68 8.33 -12.68
C ASP A 23 -0.32 8.97 -12.39
N TYR A 24 0.47 9.17 -13.43
CA TYR A 24 1.79 9.76 -13.29
C TYR A 24 1.71 11.15 -12.66
N LEU A 25 0.69 11.91 -13.07
CA LEU A 25 0.49 13.25 -12.54
C LEU A 25 0.00 13.22 -11.10
N ASP A 26 -1.23 12.75 -10.91
CA ASP A 26 -1.80 12.65 -9.58
C ASP A 26 -0.85 11.98 -8.62
N PHE A 27 0.09 11.20 -9.16
CA PHE A 27 1.07 10.49 -8.35
C PHE A 27 2.25 11.39 -8.01
N ARG A 28 2.95 11.85 -9.04
CA ARG A 28 4.10 12.73 -8.85
C ARG A 28 3.77 13.87 -7.90
N ASN A 29 2.52 14.32 -7.94
CA ASN A 29 2.08 15.41 -7.08
C ASN A 29 2.31 15.08 -5.61
N ARG A 30 2.04 13.84 -5.24
CA ARG A 30 2.22 13.38 -3.87
C ARG A 30 3.70 13.17 -3.55
N LEU A 31 4.44 12.66 -4.53
CA LEU A 31 5.86 12.40 -4.36
C LEU A 31 6.66 13.70 -4.44
N GLN A 32 6.01 14.76 -4.91
CA GLN A 32 6.66 16.06 -5.03
C GLN A 32 6.20 17.01 -3.93
N ALA A 33 4.97 16.82 -3.47
CA ALA A 33 4.40 17.66 -2.42
C ALA A 33 4.55 16.99 -1.05
N ASP A 34 4.61 15.67 -1.05
CA ASP A 34 4.75 14.91 0.19
C ASP A 34 6.08 14.18 0.25
N HIS A 35 6.78 14.15 -0.89
CA HIS A 35 8.07 13.49 -0.98
C HIS A 35 7.94 11.99 -0.71
N VAL A 36 6.78 11.43 -1.05
CA VAL A 36 6.53 10.01 -0.84
C VAL A 36 5.18 9.60 -1.42
N CYS A 37 5.16 8.44 -2.08
CA CYS A 37 3.94 7.94 -2.70
C CYS A 37 4.11 6.48 -3.12
N LEU A 38 3.24 5.63 -2.62
CA LEU A 38 3.28 4.20 -2.95
C LEU A 38 3.20 3.99 -4.46
N GLU A 39 4.14 3.22 -4.99
CA GLU A 39 4.18 2.94 -6.42
C GLU A 39 3.08 1.94 -6.80
N ASN A 40 3.22 0.71 -6.31
CA ASN A 40 2.24 -0.34 -6.60
C ASN A 40 2.18 -1.34 -5.46
N CYS A 41 0.99 -1.85 -5.18
CA CYS A 41 0.79 -2.82 -4.11
C CYS A 41 -0.08 -3.98 -4.59
N VAL A 42 0.46 -5.19 -4.49
CA VAL A 42 -0.26 -6.38 -4.92
C VAL A 42 -0.54 -7.30 -3.73
N LEU A 43 -1.41 -8.29 -3.95
CA LEU A 43 -1.78 -9.23 -2.90
C LEU A 43 -1.36 -10.65 -3.28
N LYS A 44 -0.94 -11.42 -2.29
CA LYS A 44 -0.53 -12.80 -2.51
C LYS A 44 -1.07 -13.72 -1.42
N ASP A 45 -0.70 -14.99 -1.50
CA ASP A 45 -1.14 -15.97 -0.51
C ASP A 45 -0.82 -15.50 0.91
N LYS A 46 -1.87 -15.25 1.69
CA LYS A 46 -1.70 -14.79 3.06
C LYS A 46 -0.48 -13.87 3.19
N ALA A 47 -0.26 -13.05 2.17
CA ALA A 47 0.87 -12.12 2.17
C ALA A 47 0.66 -11.02 1.15
N ILE A 48 1.45 -9.96 1.25
CA ILE A 48 1.36 -8.83 0.34
C ILE A 48 2.75 -8.33 -0.07
N ALA A 49 2.80 -7.52 -1.12
CA ALA A 49 4.06 -6.97 -1.61
C ALA A 49 3.82 -5.69 -2.40
N GLY A 50 4.63 -4.67 -2.12
CA GLY A 50 4.50 -3.40 -2.82
C GLY A 50 5.76 -2.57 -2.77
N THR A 51 5.90 -1.64 -3.70
CA THR A 51 7.07 -0.78 -3.76
C THR A 51 6.69 0.68 -3.56
N VAL A 52 7.41 1.35 -2.67
CA VAL A 52 7.16 2.76 -2.37
C VAL A 52 8.25 3.65 -2.95
N LYS A 53 7.84 4.76 -3.56
CA LYS A 53 8.79 5.70 -4.15
C LYS A 53 8.98 6.92 -3.25
N VAL A 54 10.19 7.47 -3.26
CA VAL A 54 10.50 8.65 -2.45
C VAL A 54 11.39 9.62 -3.21
N GLN A 55 11.58 10.81 -2.64
CA GLN A 55 12.41 11.83 -3.28
C GLN A 55 13.84 11.77 -2.75
N ASN A 56 14.80 11.98 -3.64
CA ASN A 56 16.21 11.95 -3.26
C ASN A 56 16.65 13.29 -2.66
N LEU A 57 15.86 13.79 -1.72
CA LEU A 57 16.16 15.06 -1.07
C LEU A 57 17.42 14.95 -0.21
N ALA A 58 17.42 13.99 0.72
CA ALA A 58 18.55 13.77 1.59
C ALA A 58 19.30 12.50 1.22
N PHE A 59 20.54 12.37 1.70
CA PHE A 59 21.36 11.20 1.42
C PHE A 59 20.71 9.94 1.98
N GLU A 60 20.63 9.86 3.30
CA GLU A 60 20.04 8.70 3.97
C GLU A 60 18.55 8.91 4.18
N LYS A 61 17.78 7.83 4.06
CA LYS A 61 16.33 7.89 4.24
C LYS A 61 15.85 6.72 5.11
N THR A 62 14.58 6.78 5.51
CA THR A 62 14.00 5.74 6.34
C THR A 62 12.56 5.46 5.93
N VAL A 63 12.35 4.29 5.32
CA VAL A 63 11.01 3.91 4.88
C VAL A 63 10.52 2.68 5.65
N LYS A 64 9.40 2.82 6.33
CA LYS A 64 8.82 1.73 7.10
C LYS A 64 7.30 1.74 7.00
N ILE A 65 6.72 0.59 6.64
CA ILE A 65 5.28 0.47 6.51
C ILE A 65 4.66 -0.04 7.80
N ARG A 66 3.53 0.55 8.19
CA ARG A 66 2.83 0.15 9.41
C ARG A 66 1.49 -0.48 9.07
N MET A 67 1.34 -1.75 9.45
CA MET A 67 0.11 -2.49 9.19
C MET A 67 -0.59 -2.85 10.50
N THR A 68 -1.91 -2.75 10.51
CA THR A 68 -2.69 -3.07 11.70
C THR A 68 -3.93 -3.90 11.34
N PHE A 69 -4.34 -4.76 12.28
CA PHE A 69 -5.50 -5.61 12.06
C PHE A 69 -6.56 -5.37 13.13
N ASP A 70 -6.39 -4.29 13.88
CA ASP A 70 -7.34 -3.95 14.94
C ASP A 70 -7.71 -2.48 14.88
N THR A 71 -8.55 -2.12 13.91
CA THR A 71 -8.98 -0.74 13.74
C THR A 71 -7.89 0.24 14.17
N TRP A 72 -6.67 0.00 13.71
CA TRP A 72 -5.54 0.86 14.05
C TRP A 72 -5.29 0.85 15.55
N LYS A 73 -5.18 -0.34 16.12
CA LYS A 73 -4.93 -0.49 17.55
C LYS A 73 -3.60 -1.18 17.81
N SER A 74 -3.28 -2.17 16.98
CA SER A 74 -2.03 -2.91 17.12
C SER A 74 -1.31 -3.00 15.78
N TYR A 75 -0.41 -2.05 15.53
CA TYR A 75 0.35 -2.02 14.29
C TYR A 75 1.81 -2.38 14.54
N THR A 76 2.54 -2.65 13.46
CA THR A 76 3.95 -3.01 13.56
C THR A 76 4.77 -2.31 12.49
N ASP A 77 5.96 -1.86 12.86
CA ASP A 77 6.85 -1.17 11.93
C ASP A 77 7.71 -2.17 11.16
N PHE A 78 7.52 -2.21 9.85
CA PHE A 78 8.29 -3.13 9.00
C PHE A 78 9.31 -2.37 8.17
N PRO A 79 10.59 -2.78 8.28
CA PRO A 79 11.69 -2.15 7.55
C PRO A 79 11.63 -2.44 6.05
N CYS A 80 11.74 -1.38 5.25
CA CYS A 80 11.71 -1.52 3.80
C CYS A 80 13.12 -1.68 3.23
N GLN A 81 13.20 -2.26 2.03
CA GLN A 81 14.48 -2.46 1.37
C GLN A 81 14.55 -1.70 0.06
N TYR A 82 15.72 -1.71 -0.57
CA TYR A 82 15.92 -1.03 -1.84
C TYR A 82 15.98 -2.02 -3.00
N VAL A 83 15.23 -1.72 -4.06
CA VAL A 83 15.20 -2.58 -5.23
C VAL A 83 16.19 -2.12 -6.30
N LYS A 84 17.22 -2.92 -6.53
CA LYS A 84 18.24 -2.58 -7.52
C LYS A 84 18.42 -3.72 -8.52
N ASP A 85 18.11 -3.46 -9.78
CA ASP A 85 18.24 -4.46 -10.83
C ASP A 85 18.18 -3.82 -12.21
N THR A 86 18.96 -4.34 -13.15
CA THR A 86 18.99 -3.81 -14.50
C THR A 86 17.58 -3.55 -15.02
N TYR A 87 16.66 -4.44 -14.67
CA TYR A 87 15.27 -4.30 -15.09
C TYR A 87 14.48 -3.43 -14.13
N ALA A 88 15.13 -2.38 -13.60
CA ALA A 88 14.48 -1.48 -12.67
C ALA A 88 14.40 -0.07 -13.24
N GLY A 89 13.55 0.10 -14.25
CA GLY A 89 13.39 1.41 -14.87
C GLY A 89 12.74 2.42 -13.93
N SER A 90 13.51 2.91 -12.98
CA SER A 90 13.01 3.88 -12.02
C SER A 90 13.98 5.05 -11.85
N ASP A 91 15.28 4.74 -11.89
CA ASP A 91 16.31 5.76 -11.75
C ASP A 91 16.08 6.59 -10.50
N ARG A 92 15.40 6.01 -9.52
CA ARG A 92 15.11 6.70 -8.27
C ARG A 92 15.21 5.76 -7.08
N ASP A 93 15.11 6.31 -5.88
CA ASP A 93 15.18 5.51 -4.66
C ASP A 93 13.90 4.71 -4.46
N THR A 94 13.79 3.60 -5.18
CA THR A 94 12.62 2.74 -5.08
C THR A 94 12.79 1.70 -3.98
N PHE A 95 11.82 1.64 -3.07
CA PHE A 95 11.86 0.67 -1.97
C PHE A 95 10.75 -0.37 -2.10
N SER A 96 10.93 -1.50 -1.42
CA SER A 96 9.95 -2.58 -1.47
C SER A 96 9.59 -3.05 -0.06
N PHE A 97 8.34 -3.47 0.12
CA PHE A 97 7.87 -3.95 1.40
C PHE A 97 7.17 -5.29 1.27
N ASP A 98 7.49 -6.22 2.16
CA ASP A 98 6.88 -7.55 2.14
C ASP A 98 6.31 -7.91 3.51
N ILE A 99 5.01 -7.76 3.66
CA ILE A 99 4.34 -8.07 4.92
C ILE A 99 3.60 -9.39 4.84
N SER A 100 3.72 -10.20 5.90
CA SER A 100 3.07 -11.51 5.94
C SER A 100 1.77 -11.43 6.72
N LEU A 101 0.64 -11.50 6.00
CA LEU A 101 -0.67 -11.44 6.63
C LEU A 101 -0.77 -12.41 7.79
N PRO A 102 -1.65 -12.11 8.75
CA PRO A 102 -1.87 -12.94 9.94
C PRO A 102 -2.54 -14.27 9.60
N GLU A 103 -2.48 -15.21 10.53
CA GLU A 103 -3.08 -16.52 10.33
C GLU A 103 -4.36 -16.41 9.50
N LYS A 104 -5.28 -15.56 9.95
CA LYS A 104 -6.55 -15.36 9.25
C LYS A 104 -7.09 -13.95 9.50
N ILE A 105 -8.19 -13.62 8.83
CA ILE A 105 -8.82 -12.32 8.99
C ILE A 105 -10.33 -12.42 8.92
N GLN A 106 -11.01 -11.73 9.83
CA GLN A 106 -12.47 -11.75 9.87
C GLN A 106 -13.03 -10.33 9.80
N SER A 107 -14.35 -10.22 9.86
CA SER A 107 -15.01 -8.93 9.80
C SER A 107 -15.36 -8.43 11.19
N TYR A 108 -14.37 -8.38 12.07
CA TYR A 108 -14.57 -7.92 13.43
C TYR A 108 -13.91 -6.55 13.65
N GLU A 109 -12.90 -6.25 12.84
CA GLU A 109 -12.20 -4.97 12.95
C GLU A 109 -11.74 -4.49 11.57
N ARG A 110 -11.13 -3.32 11.55
CA ARG A 110 -10.64 -2.74 10.30
C ARG A 110 -9.19 -3.14 10.04
N MET A 111 -8.77 -3.04 8.79
CA MET A 111 -7.41 -3.38 8.41
C MET A 111 -6.87 -2.42 7.35
N GLU A 112 -5.81 -1.69 7.69
CA GLU A 112 -5.21 -0.74 6.77
C GLU A 112 -3.72 -0.56 7.07
N PHE A 113 -3.03 0.14 6.18
CA PHE A 113 -1.59 0.39 6.35
C PHE A 113 -1.23 1.79 5.88
N ALA A 114 -0.31 2.42 6.59
CA ALA A 114 0.13 3.77 6.25
C ALA A 114 1.63 3.81 5.99
N VAL A 115 2.06 4.75 5.15
CA VAL A 115 3.48 4.88 4.81
C VAL A 115 4.14 5.96 5.67
N TYR A 116 5.31 5.65 6.19
CA TYR A 116 6.06 6.59 7.03
C TYR A 116 7.45 6.84 6.47
N TYR A 117 7.60 7.93 5.74
CA TYR A 117 8.89 8.29 5.15
C TYR A 117 9.56 9.41 5.93
N GLU A 118 10.70 9.08 6.55
CA GLU A 118 11.44 10.07 7.34
C GLU A 118 12.63 10.60 6.55
N CYS A 119 12.71 11.93 6.47
CA CYS A 119 13.80 12.58 5.74
C CYS A 119 13.88 14.06 6.08
N ASN A 120 15.07 14.62 5.97
CA ASN A 120 15.27 16.04 6.27
C ASN A 120 14.70 16.40 7.64
N GLY A 121 14.92 15.51 8.61
CA GLY A 121 14.42 15.75 9.95
C GLY A 121 12.93 16.00 9.98
N GLN A 122 12.19 15.29 9.13
CA GLN A 122 10.74 15.44 9.05
C GLN A 122 10.05 14.08 9.05
N THR A 123 8.73 14.09 9.10
CA THR A 123 7.95 12.86 9.12
C THR A 123 6.77 12.95 8.14
N TYR A 124 7.00 12.47 6.91
CA TYR A 124 5.96 12.49 5.90
C TYR A 124 5.03 11.29 6.03
N TRP A 125 3.73 11.56 6.12
CA TRP A 125 2.74 10.50 6.26
C TRP A 125 1.92 10.35 4.98
N ASP A 126 2.00 9.19 4.36
CA ASP A 126 1.27 8.92 3.13
C ASP A 126 0.50 7.61 3.23
N SER A 127 -0.80 7.71 3.53
CA SER A 127 -1.65 6.54 3.66
C SER A 127 -2.86 6.65 2.74
N ASN A 128 -2.77 6.01 1.58
CA ASN A 128 -3.86 6.02 0.61
C ASN A 128 -4.13 7.44 0.12
N ARG A 129 -3.05 8.20 -0.08
CA ARG A 129 -3.18 9.59 -0.54
C ARG A 129 -4.47 10.22 -0.03
N GLY A 130 -4.79 9.94 1.23
CA GLY A 130 -6.00 10.50 1.82
C GLY A 130 -6.24 9.99 3.22
N LYS A 131 -7.07 8.95 3.34
CA LYS A 131 -7.39 8.38 4.65
C LYS A 131 -6.48 7.18 4.94
N ASN A 132 -6.69 6.09 4.20
CA ASN A 132 -5.90 4.88 4.39
C ASN A 132 -6.27 3.83 3.35
N TYR A 133 -5.36 2.90 3.11
CA TYR A 133 -5.58 1.84 2.13
C TYR A 133 -6.49 0.76 2.70
N ARG A 134 -7.70 0.66 2.15
CA ARG A 134 -8.67 -0.33 2.61
C ARG A 134 -8.46 -1.67 1.89
N ILE A 135 -8.26 -2.72 2.67
CA ILE A 135 -8.05 -4.06 2.12
C ILE A 135 -9.29 -4.93 2.30
N ILE A 136 -10.05 -5.10 1.23
CA ILE A 136 -11.25 -5.91 1.26
C ILE A 136 -10.97 -7.33 0.79
N ARG A 137 -11.93 -8.23 1.03
CA ARG A 137 -11.78 -9.63 0.64
C ARG A 137 -11.99 -9.78 -0.87
N ALA A 138 -11.60 -10.94 -1.39
CA ALA A 138 -11.73 -11.22 -2.82
C ALA A 138 -13.18 -11.49 -3.20
N GLU A 139 -13.90 -12.15 -2.29
CA GLU A 139 -15.30 -12.48 -2.53
C GLU A 139 -16.15 -11.21 -2.61
N LEU A 140 -16.06 -10.39 -1.57
CA LEU A 140 -16.84 -9.15 -1.52
C LEU A 140 -16.87 -8.48 -2.89
N LYS A 141 -15.73 -8.44 -3.57
CA LYS A 141 -15.64 -7.84 -4.89
C LYS A 141 -16.90 -8.10 -5.70
N SER A 142 -17.25 -7.16 -6.56
CA SER A 142 -18.45 -7.29 -7.39
C SER A 142 -18.36 -6.37 -8.61
N THR A 143 -18.71 -6.91 -9.78
CA THR A 143 -18.68 -6.13 -11.02
C THR A 143 -19.30 -4.76 -10.83
N GLN A 144 -18.84 -3.79 -11.61
CA GLN A 144 -19.35 -2.43 -11.52
C GLN A 144 -18.86 -1.58 -12.69
N GLY A 145 -19.69 -0.66 -13.15
CA GLY A 145 -19.32 0.20 -14.26
C GLY A 145 -19.46 1.67 -13.93
N MET A 146 -19.38 2.51 -14.96
CA MET A 146 -19.50 3.95 -14.77
C MET A 146 -20.89 4.43 -15.16
N THR A 147 -21.61 5.00 -14.18
CA THR A 147 -22.97 5.50 -14.43
C THR A 147 -22.92 6.84 -15.16
N LYS A 148 -21.76 7.48 -15.15
CA LYS A 148 -21.59 8.76 -15.82
C LYS A 148 -20.12 9.13 -15.92
N PRO A 149 -19.68 9.53 -17.12
CA PRO A 149 -18.29 9.92 -17.38
C PRO A 149 -17.93 11.24 -16.72
N HIS A 150 -16.87 11.22 -15.91
CA HIS A 150 -16.42 12.42 -15.22
C HIS A 150 -15.78 13.41 -16.19
N SER A 151 -16.28 14.64 -16.19
CA SER A 151 -15.77 15.68 -17.08
C SER A 151 -14.36 16.09 -16.66
N GLY A 152 -13.61 16.63 -17.62
CA GLY A 152 -12.24 17.06 -17.34
C GLY A 152 -12.17 18.52 -16.96
N PRO A 153 -11.12 18.88 -16.20
CA PRO A 153 -10.91 20.27 -15.75
C PRO A 153 -10.53 21.19 -16.89
N ASP A 154 -10.95 22.45 -16.80
CA ASP A 154 -10.65 23.43 -17.82
C ASP A 154 -10.62 22.80 -19.21
N LEU A 155 -11.58 21.91 -19.47
CA LEU A 155 -11.66 21.23 -20.75
C LEU A 155 -11.44 22.20 -21.90
N GLY A 156 -10.50 21.85 -22.79
CA GLY A 156 -10.20 22.70 -23.92
C GLY A 156 -8.76 22.57 -24.38
N GLY A 1 -20.77 -14.47 -4.78
CA GLY A 1 -22.06 -14.71 -4.16
C GLY A 1 -22.05 -15.96 -3.29
N SER A 2 -21.39 -15.86 -2.13
CA SER A 2 -21.31 -16.99 -1.21
C SER A 2 -21.22 -16.50 0.23
N SER A 3 -22.03 -17.09 1.10
CA SER A 3 -22.03 -16.70 2.52
C SER A 3 -20.62 -16.72 3.09
N GLY A 4 -20.00 -17.90 3.07
CA GLY A 4 -18.65 -18.04 3.60
C GLY A 4 -17.97 -19.30 3.10
N SER A 5 -16.66 -19.39 3.35
CA SER A 5 -15.89 -20.55 2.92
C SER A 5 -15.88 -21.63 3.99
N SER A 6 -16.07 -22.87 3.57
CA SER A 6 -16.08 -24.01 4.49
C SER A 6 -14.82 -24.86 4.34
N GLY A 7 -14.52 -25.64 5.36
CA GLY A 7 -13.35 -26.50 5.32
C GLY A 7 -12.06 -25.71 5.38
N ALA A 8 -11.08 -26.11 4.56
CA ALA A 8 -9.80 -25.43 4.52
C ALA A 8 -9.64 -24.61 3.25
N GLU A 9 -10.74 -23.99 2.81
CA GLU A 9 -10.73 -23.18 1.60
C GLU A 9 -10.38 -21.73 1.93
N SER A 10 -9.09 -21.43 1.95
CA SER A 10 -8.63 -20.08 2.25
C SER A 10 -8.62 -19.21 0.99
N GLU A 11 -9.41 -18.14 1.03
CA GLU A 11 -9.50 -17.23 -0.11
C GLU A 11 -8.48 -16.10 0.01
N SER A 12 -8.26 -15.38 -1.09
CA SER A 12 -7.31 -14.28 -1.10
C SER A 12 -8.02 -12.94 -0.95
N PHE A 13 -7.25 -11.89 -0.67
CA PHE A 13 -7.80 -10.56 -0.49
C PHE A 13 -7.35 -9.63 -1.61
N VAL A 14 -8.06 -8.51 -1.76
CA VAL A 14 -7.72 -7.53 -2.79
C VAL A 14 -7.67 -6.12 -2.23
N LEU A 15 -7.41 -5.15 -3.08
CA LEU A 15 -7.34 -3.75 -2.66
C LEU A 15 -8.55 -2.97 -3.17
N ASP A 16 -9.15 -2.18 -2.29
CA ASP A 16 -10.31 -1.38 -2.64
C ASP A 16 -9.89 -0.04 -3.24
N PHE A 17 -8.74 -0.04 -3.92
CA PHE A 17 -8.22 1.18 -4.54
C PHE A 17 -7.48 0.84 -5.83
N SER A 18 -7.56 1.76 -6.80
CA SER A 18 -6.89 1.56 -8.09
C SER A 18 -5.42 1.96 -8.00
N GLN A 19 -4.55 1.13 -8.59
CA GLN A 19 -3.12 1.38 -8.58
C GLN A 19 -2.83 2.86 -8.77
N PRO A 20 -1.98 3.42 -7.90
CA PRO A 20 -1.60 4.84 -7.96
C PRO A 20 -0.72 5.16 -9.17
N SER A 21 0.19 4.24 -9.48
CA SER A 21 1.09 4.43 -10.62
C SER A 21 0.30 4.71 -11.91
N ALA A 22 -0.86 4.08 -12.02
CA ALA A 22 -1.71 4.26 -13.19
C ALA A 22 -1.60 5.69 -13.73
N ASP A 23 -1.58 6.66 -12.83
CA ASP A 23 -1.47 8.06 -13.21
C ASP A 23 -0.09 8.62 -12.88
N TYR A 24 0.76 8.73 -13.90
CA TYR A 24 2.11 9.24 -13.71
C TYR A 24 2.08 10.66 -13.15
N LEU A 25 1.15 11.47 -13.63
CA LEU A 25 1.02 12.85 -13.18
C LEU A 25 0.43 12.90 -11.77
N ASP A 26 -0.80 12.43 -11.62
CA ASP A 26 -1.46 12.42 -10.33
C ASP A 26 -0.59 11.77 -9.26
N PHE A 27 0.35 10.93 -9.71
CA PHE A 27 1.25 10.24 -8.80
C PHE A 27 2.43 11.12 -8.44
N ARG A 28 3.24 11.46 -9.44
CA ARG A 28 4.41 12.31 -9.22
C ARG A 28 4.07 13.51 -8.35
N ASN A 29 2.86 14.04 -8.54
CA ASN A 29 2.40 15.19 -7.79
C ASN A 29 2.46 14.92 -6.28
N ARG A 30 2.17 13.68 -5.90
CA ARG A 30 2.19 13.30 -4.50
C ARG A 30 3.62 13.10 -4.01
N LEU A 31 4.49 12.66 -4.91
CA LEU A 31 5.90 12.43 -4.57
C LEU A 31 6.67 13.75 -4.53
N GLN A 32 6.01 14.82 -4.98
CA GLN A 32 6.64 16.14 -4.99
C GLN A 32 6.04 17.04 -3.91
N ALA A 33 4.78 16.77 -3.56
CA ALA A 33 4.10 17.55 -2.53
C ALA A 33 4.21 16.88 -1.17
N ASP A 34 4.35 15.56 -1.17
CA ASP A 34 4.46 14.80 0.07
C ASP A 34 5.83 14.14 0.17
N HIS A 35 6.55 14.10 -0.94
CA HIS A 35 7.88 13.49 -0.98
C HIS A 35 7.78 11.99 -0.75
N VAL A 36 6.66 11.40 -1.14
CA VAL A 36 6.46 9.96 -0.98
C VAL A 36 5.13 9.53 -1.60
N CYS A 37 5.14 8.36 -2.24
CA CYS A 37 3.95 7.83 -2.88
C CYS A 37 4.15 6.37 -3.29
N LEU A 38 3.15 5.55 -3.00
CA LEU A 38 3.22 4.13 -3.33
C LEU A 38 3.06 3.91 -4.83
N GLU A 39 4.00 3.16 -5.41
CA GLU A 39 3.97 2.87 -6.84
C GLU A 39 2.97 1.76 -7.15
N ASN A 40 3.30 0.55 -6.73
CA ASN A 40 2.44 -0.59 -6.97
C ASN A 40 2.36 -1.48 -5.72
N CYS A 41 1.17 -2.01 -5.46
CA CYS A 41 0.96 -2.87 -4.29
C CYS A 41 0.14 -4.10 -4.68
N VAL A 42 0.80 -5.26 -4.69
CA VAL A 42 0.14 -6.51 -5.04
C VAL A 42 -0.23 -7.30 -3.79
N LEU A 43 -1.05 -8.33 -3.96
CA LEU A 43 -1.47 -9.17 -2.85
C LEU A 43 -1.35 -10.65 -3.20
N LYS A 44 -0.86 -11.44 -2.26
CA LYS A 44 -0.70 -12.88 -2.47
C LYS A 44 -1.33 -13.66 -1.33
N ASP A 45 -1.15 -14.98 -1.36
CA ASP A 45 -1.70 -15.85 -0.34
C ASP A 45 -1.18 -15.47 1.04
N LYS A 46 -2.06 -14.91 1.87
CA LYS A 46 -1.68 -14.49 3.22
C LYS A 46 -0.39 -13.69 3.21
N ALA A 47 -0.22 -12.85 2.19
CA ALA A 47 0.97 -12.03 2.06
C ALA A 47 0.72 -10.85 1.12
N ILE A 48 1.60 -9.86 1.18
CA ILE A 48 1.48 -8.67 0.34
C ILE A 48 2.84 -8.13 -0.04
N ALA A 49 2.88 -7.31 -1.10
CA ALA A 49 4.13 -6.72 -1.56
C ALA A 49 3.87 -5.43 -2.34
N GLY A 50 4.75 -4.45 -2.15
CA GLY A 50 4.60 -3.17 -2.82
C GLY A 50 5.86 -2.33 -2.76
N THR A 51 6.06 -1.49 -3.77
CA THR A 51 7.23 -0.63 -3.83
C THR A 51 6.84 0.83 -3.58
N VAL A 52 7.53 1.46 -2.63
CA VAL A 52 7.27 2.86 -2.31
C VAL A 52 8.33 3.77 -2.89
N LYS A 53 7.91 4.94 -3.38
CA LYS A 53 8.83 5.90 -3.97
C LYS A 53 9.01 7.10 -3.06
N VAL A 54 10.21 7.69 -3.08
CA VAL A 54 10.51 8.85 -2.26
C VAL A 54 11.37 9.86 -3.01
N GLN A 55 11.62 11.00 -2.38
CA GLN A 55 12.42 12.05 -3.00
C GLN A 55 13.81 12.11 -2.37
N ASN A 56 14.83 12.23 -3.21
CA ASN A 56 16.21 12.30 -2.74
C ASN A 56 16.49 13.65 -2.08
N LEU A 57 16.00 13.83 -0.87
CA LEU A 57 16.20 15.08 -0.14
C LEU A 57 17.42 15.00 0.76
N ALA A 58 17.47 13.96 1.59
CA ALA A 58 18.59 13.76 2.50
C ALA A 58 19.44 12.57 2.08
N PHE A 59 20.70 12.56 2.48
CA PHE A 59 21.61 11.46 2.14
C PHE A 59 20.93 10.12 2.35
N GLU A 60 20.46 9.87 3.55
CA GLU A 60 19.79 8.61 3.88
C GLU A 60 18.34 8.86 4.30
N LYS A 61 17.55 7.79 4.33
CA LYS A 61 16.15 7.89 4.70
C LYS A 61 15.69 6.62 5.43
N THR A 62 14.45 6.65 5.92
CA THR A 62 13.90 5.50 6.64
C THR A 62 12.49 5.20 6.17
N VAL A 63 12.36 4.22 5.29
CA VAL A 63 11.07 3.82 4.76
C VAL A 63 10.55 2.56 5.45
N LYS A 64 9.39 2.69 6.10
CA LYS A 64 8.78 1.56 6.80
C LYS A 64 7.25 1.59 6.66
N ILE A 65 6.68 0.42 6.45
CA ILE A 65 5.23 0.30 6.30
C ILE A 65 4.55 0.12 7.65
N ARG A 66 3.51 0.91 7.90
CA ARG A 66 2.77 0.84 9.16
C ARG A 66 1.36 0.29 8.92
N MET A 67 1.21 -1.01 9.13
CA MET A 67 -0.09 -1.65 8.95
C MET A 67 -0.67 -2.11 10.28
N THR A 68 -1.99 -2.13 10.38
CA THR A 68 -2.66 -2.54 11.61
C THR A 68 -3.93 -3.33 11.30
N PHE A 69 -4.29 -4.24 12.21
CA PHE A 69 -5.49 -5.05 12.03
C PHE A 69 -6.41 -4.94 13.24
N ASP A 70 -6.13 -3.96 14.10
CA ASP A 70 -6.94 -3.74 15.29
C ASP A 70 -7.26 -2.25 15.46
N THR A 71 -7.80 -1.64 14.41
CA THR A 71 -8.14 -0.23 14.45
C THR A 71 -6.96 0.62 14.95
N TRP A 72 -5.77 0.25 14.52
CA TRP A 72 -4.56 0.96 14.90
C TRP A 72 -4.28 0.80 16.39
N LYS A 73 -4.34 -0.45 16.86
CA LYS A 73 -4.10 -0.76 18.27
C LYS A 73 -2.90 -1.68 18.42
N SER A 74 -2.73 -2.58 17.46
CA SER A 74 -1.61 -3.54 17.49
C SER A 74 -0.96 -3.64 16.13
N TYR A 75 -0.14 -2.64 15.79
CA TYR A 75 0.55 -2.61 14.51
C TYR A 75 2.02 -2.98 14.68
N THR A 76 2.63 -3.47 13.61
CA THR A 76 4.04 -3.84 13.64
C THR A 76 4.84 -3.09 12.57
N ASP A 77 6.02 -2.64 12.94
CA ASP A 77 6.88 -1.91 12.01
C ASP A 77 7.65 -2.87 11.10
N PHE A 78 7.39 -2.79 9.81
CA PHE A 78 8.03 -3.66 8.83
C PHE A 78 9.08 -2.88 8.03
N PRO A 79 10.33 -3.35 8.07
CA PRO A 79 11.44 -2.71 7.34
C PRO A 79 11.32 -2.88 5.83
N CYS A 80 11.45 -1.77 5.11
CA CYS A 80 11.36 -1.79 3.65
C CYS A 80 12.72 -2.09 3.02
N GLN A 81 12.70 -2.83 1.93
CA GLN A 81 13.93 -3.20 1.23
C GLN A 81 14.24 -2.20 0.13
N TYR A 82 15.29 -2.47 -0.64
CA TYR A 82 15.69 -1.59 -1.73
C TYR A 82 15.54 -2.29 -3.07
N VAL A 83 14.96 -1.58 -4.04
CA VAL A 83 14.76 -2.13 -5.38
C VAL A 83 15.90 -1.76 -6.30
N LYS A 84 16.56 -2.77 -6.86
CA LYS A 84 17.68 -2.56 -7.77
C LYS A 84 17.51 -3.38 -9.04
N ASP A 85 16.93 -2.76 -10.07
CA ASP A 85 16.71 -3.43 -11.35
C ASP A 85 16.69 -2.42 -12.49
N THR A 86 16.71 -2.93 -13.72
CA THR A 86 16.69 -2.08 -14.90
C THR A 86 15.44 -1.23 -14.94
N TYR A 87 14.34 -1.77 -14.43
CA TYR A 87 13.07 -1.05 -14.41
C TYR A 87 12.95 -0.21 -13.15
N ALA A 88 13.94 0.65 -12.91
CA ALA A 88 13.94 1.52 -11.75
C ALA A 88 14.74 2.79 -12.01
N GLY A 89 14.29 3.90 -11.43
CA GLY A 89 14.98 5.16 -11.60
C GLY A 89 16.31 5.21 -10.89
N SER A 90 17.37 5.53 -11.63
CA SER A 90 18.71 5.60 -11.05
C SER A 90 18.75 6.56 -9.87
N ASP A 91 18.38 7.81 -10.11
CA ASP A 91 18.36 8.83 -9.07
C ASP A 91 17.25 8.55 -8.06
N ARG A 92 16.05 8.29 -8.56
CA ARG A 92 14.91 8.01 -7.70
C ARG A 92 15.11 6.68 -6.96
N ASP A 93 15.29 6.78 -5.64
CA ASP A 93 15.49 5.59 -4.82
C ASP A 93 14.15 4.90 -4.54
N THR A 94 13.94 3.76 -5.19
CA THR A 94 12.71 3.00 -5.02
C THR A 94 12.89 1.88 -3.99
N PHE A 95 12.07 1.92 -2.95
CA PHE A 95 12.14 0.91 -1.89
C PHE A 95 10.98 -0.08 -2.01
N SER A 96 11.16 -1.26 -1.42
CA SER A 96 10.15 -2.31 -1.46
C SER A 96 9.74 -2.72 -0.05
N PHE A 97 8.68 -3.52 0.03
CA PHE A 97 8.19 -3.99 1.32
C PHE A 97 7.43 -5.33 1.16
N ASP A 98 7.76 -6.28 2.01
CA ASP A 98 7.11 -7.59 1.96
C ASP A 98 6.59 -7.99 3.34
N ILE A 99 5.27 -7.92 3.50
CA ILE A 99 4.65 -8.28 4.78
C ILE A 99 3.93 -9.61 4.68
N SER A 100 4.03 -10.41 5.74
CA SER A 100 3.40 -11.72 5.78
C SER A 100 2.12 -11.69 6.60
N LEU A 101 0.99 -11.46 5.93
CA LEU A 101 -0.31 -11.39 6.59
C LEU A 101 -0.38 -12.39 7.74
N PRO A 102 -1.21 -12.09 8.74
CA PRO A 102 -1.40 -12.95 9.91
C PRO A 102 -2.11 -14.25 9.58
N GLU A 103 -2.14 -15.18 10.53
CA GLU A 103 -2.80 -16.46 10.33
C GLU A 103 -4.02 -16.31 9.43
N LYS A 104 -4.90 -15.38 9.77
CA LYS A 104 -6.11 -15.14 8.99
C LYS A 104 -6.61 -13.71 9.21
N ILE A 105 -7.49 -13.27 8.32
CA ILE A 105 -8.06 -11.92 8.42
C ILE A 105 -9.58 -11.95 8.29
N GLN A 106 -10.26 -11.16 9.11
CA GLN A 106 -11.71 -11.10 9.10
C GLN A 106 -12.19 -9.66 8.93
N SER A 107 -11.34 -8.72 9.30
CA SER A 107 -11.67 -7.30 9.20
C SER A 107 -12.87 -6.96 10.08
N TYR A 108 -12.90 -7.54 11.27
CA TYR A 108 -14.00 -7.30 12.20
C TYR A 108 -14.03 -5.84 12.65
N GLU A 109 -12.89 -5.37 13.17
CA GLU A 109 -12.80 -3.99 13.64
C GLU A 109 -12.38 -3.06 12.51
N ARG A 110 -11.08 -3.09 12.18
CA ARG A 110 -10.55 -2.25 11.12
C ARG A 110 -9.20 -2.76 10.65
N MET A 111 -8.92 -2.61 9.36
CA MET A 111 -7.67 -3.06 8.78
C MET A 111 -7.17 -2.07 7.73
N GLU A 112 -6.03 -1.44 8.01
CA GLU A 112 -5.45 -0.48 7.09
C GLU A 112 -3.96 -0.31 7.35
N PHE A 113 -3.27 0.40 6.44
CA PHE A 113 -1.84 0.62 6.57
C PHE A 113 -1.44 1.96 5.94
N ALA A 114 -0.48 2.63 6.55
CA ALA A 114 -0.01 3.92 6.06
C ALA A 114 1.50 3.93 5.92
N VAL A 115 1.99 4.54 4.85
CA VAL A 115 3.42 4.63 4.60
C VAL A 115 4.08 5.69 5.48
N TYR A 116 5.29 5.40 5.94
CA TYR A 116 6.02 6.32 6.80
C TYR A 116 7.42 6.60 6.25
N TYR A 117 7.55 7.68 5.50
CA TYR A 117 8.83 8.04 4.90
C TYR A 117 9.52 9.14 5.72
N GLU A 118 10.59 8.78 6.41
CA GLU A 118 11.33 9.72 7.23
C GLU A 118 12.53 10.28 6.47
N CYS A 119 12.74 11.59 6.58
CA CYS A 119 13.85 12.24 5.90
C CYS A 119 13.97 13.70 6.34
N ASN A 120 15.19 14.23 6.27
CA ASN A 120 15.45 15.61 6.67
C ASN A 120 14.77 15.93 8.01
N GLY A 121 14.91 15.02 8.96
CA GLY A 121 14.30 15.22 10.27
C GLY A 121 12.82 15.48 10.19
N GLN A 122 12.15 14.87 9.21
CA GLN A 122 10.72 15.06 9.03
C GLN A 122 10.01 13.71 8.97
N THR A 123 8.69 13.76 8.83
CA THR A 123 7.88 12.54 8.77
C THR A 123 6.70 12.72 7.83
N TYR A 124 6.62 11.86 6.81
CA TYR A 124 5.52 11.93 5.85
C TYR A 124 4.66 10.68 5.91
N TRP A 125 3.35 10.87 5.98
CA TRP A 125 2.41 9.77 6.06
C TRP A 125 1.48 9.75 4.85
N ASP A 126 1.60 8.71 4.03
CA ASP A 126 0.77 8.59 2.83
C ASP A 126 -0.39 7.62 3.08
N SER A 127 -1.58 8.17 3.25
CA SER A 127 -2.76 7.36 3.50
C SER A 127 -3.86 7.66 2.48
N ASN A 128 -3.89 6.90 1.39
CA ASN A 128 -4.88 7.09 0.34
C ASN A 128 -5.18 8.58 0.15
N ARG A 129 -4.19 9.42 0.40
CA ARG A 129 -4.36 10.86 0.26
C ARG A 129 -5.77 11.28 0.65
N GLY A 130 -6.35 10.60 1.63
CA GLY A 130 -7.69 10.92 2.07
C GLY A 130 -8.00 10.33 3.43
N LYS A 131 -8.61 9.15 3.44
CA LYS A 131 -8.97 8.49 4.70
C LYS A 131 -7.86 7.53 5.13
N ASN A 132 -7.79 6.38 4.47
CA ASN A 132 -6.78 5.38 4.79
C ASN A 132 -6.85 4.20 3.81
N TYR A 133 -5.74 3.46 3.71
CA TYR A 133 -5.68 2.32 2.82
C TYR A 133 -6.60 1.20 3.28
N ARG A 134 -7.72 1.03 2.59
CA ARG A 134 -8.68 0.01 2.94
C ARG A 134 -8.35 -1.31 2.23
N ILE A 135 -8.41 -2.41 2.99
CA ILE A 135 -8.11 -3.73 2.44
C ILE A 135 -9.32 -4.66 2.55
N ILE A 136 -9.95 -4.94 1.42
CA ILE A 136 -11.11 -5.81 1.39
C ILE A 136 -10.75 -7.19 0.84
N ARG A 137 -11.71 -8.11 0.90
CA ARG A 137 -11.49 -9.47 0.41
C ARG A 137 -11.89 -9.59 -1.06
N ALA A 138 -11.41 -10.64 -1.72
CA ALA A 138 -11.72 -10.87 -3.12
C ALA A 138 -13.14 -11.37 -3.30
N GLU A 139 -13.66 -12.02 -2.27
CA GLU A 139 -15.02 -12.55 -2.31
C GLU A 139 -16.05 -11.42 -2.25
N LEU A 140 -15.63 -10.27 -1.75
CA LEU A 140 -16.51 -9.11 -1.64
C LEU A 140 -16.38 -8.21 -2.86
N LYS A 141 -15.14 -7.92 -3.25
CA LYS A 141 -14.88 -7.07 -4.40
C LYS A 141 -15.74 -7.46 -5.58
N SER A 142 -16.83 -6.72 -5.78
CA SER A 142 -17.75 -6.99 -6.87
C SER A 142 -17.60 -5.96 -7.99
N THR A 143 -17.22 -6.42 -9.18
CA THR A 143 -17.05 -5.53 -10.32
C THR A 143 -18.27 -4.64 -10.52
N GLN A 144 -18.02 -3.34 -10.67
CA GLN A 144 -19.08 -2.38 -10.87
C GLN A 144 -19.47 -2.27 -12.34
N GLY A 145 -20.75 -2.10 -12.61
CA GLY A 145 -21.23 -2.00 -13.97
C GLY A 145 -22.41 -1.06 -14.11
N MET A 146 -22.19 0.22 -13.85
CA MET A 146 -23.25 1.22 -13.94
C MET A 146 -22.79 2.43 -14.74
N THR A 147 -23.75 3.25 -15.18
CA THR A 147 -23.45 4.43 -15.97
C THR A 147 -22.19 5.13 -15.45
N LYS A 148 -21.25 5.41 -16.34
CA LYS A 148 -20.02 6.07 -15.98
C LYS A 148 -19.88 7.42 -16.70
N PRO A 149 -19.29 8.40 -16.00
CA PRO A 149 -19.09 9.75 -16.56
C PRO A 149 -18.04 9.77 -17.66
N HIS A 150 -18.46 10.19 -18.85
CA HIS A 150 -17.55 10.26 -19.98
C HIS A 150 -16.19 10.80 -19.57
N SER A 151 -15.16 10.45 -20.33
CA SER A 151 -13.80 10.89 -20.04
C SER A 151 -13.00 11.11 -21.32
N GLY A 152 -12.04 12.02 -21.26
CA GLY A 152 -11.21 12.30 -22.43
C GLY A 152 -10.51 13.64 -22.33
N PRO A 153 -10.18 14.23 -23.48
CA PRO A 153 -9.49 15.51 -23.54
C PRO A 153 -10.38 16.67 -23.10
N ASP A 154 -9.75 17.76 -22.66
CA ASP A 154 -10.50 18.94 -22.20
C ASP A 154 -10.29 20.10 -23.16
N LEU A 155 -10.35 19.81 -24.46
CA LEU A 155 -10.18 20.85 -25.48
C LEU A 155 -11.33 21.85 -25.44
N GLY A 156 -10.99 23.14 -25.57
CA GLY A 156 -12.01 24.16 -25.55
C GLY A 156 -11.42 25.55 -25.78
N GLY A 1 -18.56 -17.19 23.73
CA GLY A 1 -17.36 -17.89 24.12
C GLY A 1 -17.08 -19.10 23.26
N SER A 2 -16.67 -18.85 22.01
CA SER A 2 -16.37 -19.92 21.08
C SER A 2 -15.19 -19.57 20.19
N SER A 3 -14.19 -20.44 20.17
CA SER A 3 -12.99 -20.20 19.37
C SER A 3 -13.20 -20.69 17.93
N GLY A 4 -13.65 -21.92 17.79
CA GLY A 4 -13.88 -22.47 16.47
C GLY A 4 -12.60 -22.67 15.69
N SER A 5 -11.97 -23.83 15.85
CA SER A 5 -10.73 -24.13 15.17
C SER A 5 -10.87 -25.38 14.29
N SER A 6 -11.20 -25.16 13.03
CA SER A 6 -11.39 -26.26 12.09
C SER A 6 -10.62 -26.01 10.79
N GLY A 7 -10.54 -27.03 9.94
CA GLY A 7 -9.83 -26.90 8.69
C GLY A 7 -10.55 -26.00 7.71
N ALA A 8 -10.45 -24.69 7.91
CA ALA A 8 -11.09 -23.72 7.03
C ALA A 8 -10.06 -22.85 6.31
N GLU A 9 -9.65 -23.32 5.13
CA GLU A 9 -8.66 -22.58 4.34
C GLU A 9 -9.25 -21.27 3.82
N SER A 10 -9.09 -20.21 4.60
CA SER A 10 -9.60 -18.89 4.22
C SER A 10 -9.21 -18.55 2.79
N GLU A 11 -9.90 -17.57 2.21
CA GLU A 11 -9.62 -17.14 0.85
C GLU A 11 -8.73 -15.90 0.83
N SER A 12 -8.03 -15.70 -0.28
CA SER A 12 -7.13 -14.55 -0.42
C SER A 12 -7.92 -13.26 -0.43
N PHE A 13 -7.22 -12.14 -0.26
CA PHE A 13 -7.86 -10.83 -0.24
C PHE A 13 -7.52 -10.05 -1.51
N VAL A 14 -8.03 -8.83 -1.60
CA VAL A 14 -7.79 -7.99 -2.76
C VAL A 14 -7.63 -6.52 -2.35
N LEU A 15 -7.47 -5.65 -3.34
CA LEU A 15 -7.31 -4.22 -3.09
C LEU A 15 -8.61 -3.47 -3.33
N ASP A 16 -9.08 -2.76 -2.31
CA ASP A 16 -10.32 -1.99 -2.42
C ASP A 16 -10.04 -0.58 -2.89
N PHE A 17 -8.99 -0.42 -3.71
CA PHE A 17 -8.61 0.88 -4.23
C PHE A 17 -7.93 0.74 -5.59
N SER A 18 -7.78 1.86 -6.29
CA SER A 18 -7.15 1.87 -7.60
C SER A 18 -5.66 2.16 -7.48
N GLN A 19 -4.85 1.58 -8.36
CA GLN A 19 -3.41 1.78 -8.35
C GLN A 19 -3.06 3.25 -8.55
N PRO A 20 -2.08 3.73 -7.79
CA PRO A 20 -1.63 5.12 -7.85
C PRO A 20 -0.90 5.43 -9.16
N SER A 21 0.04 4.57 -9.53
CA SER A 21 0.82 4.75 -10.75
C SER A 21 -0.09 5.14 -11.91
N ALA A 22 -1.29 4.56 -11.94
CA ALA A 22 -2.25 4.84 -12.99
C ALA A 22 -2.15 6.29 -13.45
N ASP A 23 -1.99 7.21 -12.49
CA ASP A 23 -1.87 8.62 -12.80
C ASP A 23 -0.45 9.12 -12.57
N TYR A 24 0.33 9.17 -13.64
CA TYR A 24 1.72 9.62 -13.55
C TYR A 24 1.80 11.01 -12.92
N LEU A 25 0.93 11.91 -13.35
CA LEU A 25 0.90 13.27 -12.82
C LEU A 25 0.43 13.27 -11.37
N ASP A 26 -0.84 12.94 -11.16
CA ASP A 26 -1.41 12.91 -9.81
C ASP A 26 -0.48 12.18 -8.85
N PHE A 27 0.36 11.30 -9.40
CA PHE A 27 1.30 10.53 -8.58
C PHE A 27 2.54 11.36 -8.27
N ARG A 28 3.23 11.80 -9.31
CA ARG A 28 4.44 12.59 -9.15
C ARG A 28 4.20 13.77 -8.21
N ASN A 29 2.98 14.31 -8.25
CA ASN A 29 2.62 15.44 -7.40
C ASN A 29 2.80 15.09 -5.93
N ARG A 30 2.42 13.88 -5.55
CA ARG A 30 2.55 13.42 -4.17
C ARG A 30 4.01 13.17 -3.82
N LEU A 31 4.77 12.63 -4.76
CA LEU A 31 6.18 12.35 -4.54
C LEU A 31 7.00 13.62 -4.56
N GLN A 32 6.37 14.72 -4.95
CA GLN A 32 7.04 16.02 -5.01
C GLN A 32 6.60 16.91 -3.85
N ALA A 33 5.33 16.81 -3.49
CA ALA A 33 4.79 17.61 -2.39
C ALA A 33 4.88 16.86 -1.06
N ASP A 34 4.82 15.55 -1.12
CA ASP A 34 4.90 14.72 0.08
C ASP A 34 6.24 14.00 0.16
N HIS A 35 6.95 13.98 -0.96
CA HIS A 35 8.25 13.31 -1.03
C HIS A 35 8.12 11.81 -0.81
N VAL A 36 6.96 11.27 -1.20
CA VAL A 36 6.70 9.84 -1.06
C VAL A 36 5.37 9.46 -1.70
N CYS A 37 5.36 8.33 -2.39
CA CYS A 37 4.15 7.85 -3.05
C CYS A 37 4.30 6.39 -3.47
N LEU A 38 3.30 5.58 -3.15
CA LEU A 38 3.31 4.16 -3.49
C LEU A 38 3.18 3.97 -5.00
N GLU A 39 4.10 3.21 -5.57
CA GLU A 39 4.09 2.94 -7.00
C GLU A 39 3.08 1.84 -7.34
N ASN A 40 3.43 0.60 -7.02
CA ASN A 40 2.55 -0.54 -7.28
C ASN A 40 2.41 -1.42 -6.05
N CYS A 41 1.22 -1.98 -5.86
CA CYS A 41 0.97 -2.84 -4.71
C CYS A 41 0.12 -4.05 -5.12
N VAL A 42 0.68 -5.24 -4.96
CA VAL A 42 -0.01 -6.47 -5.31
C VAL A 42 -0.35 -7.29 -4.07
N LEU A 43 -1.28 -8.22 -4.22
CA LEU A 43 -1.69 -9.07 -3.11
C LEU A 43 -1.45 -10.55 -3.43
N LYS A 44 -1.02 -11.30 -2.43
CA LYS A 44 -0.75 -12.72 -2.61
C LYS A 44 -1.34 -13.54 -1.46
N ASP A 45 -1.08 -14.84 -1.47
CA ASP A 45 -1.58 -15.73 -0.43
C ASP A 45 -1.10 -15.28 0.95
N LYS A 46 -2.03 -14.84 1.78
CA LYS A 46 -1.70 -14.37 3.13
C LYS A 46 -0.41 -13.56 3.13
N ALA A 47 -0.22 -12.75 2.09
CA ALA A 47 0.97 -11.92 1.97
C ALA A 47 0.76 -10.81 0.93
N ILE A 48 1.58 -9.77 1.01
CA ILE A 48 1.48 -8.66 0.08
C ILE A 48 2.87 -8.21 -0.39
N ALA A 49 2.90 -7.34 -1.39
CA ALA A 49 4.16 -6.83 -1.92
C ALA A 49 3.94 -5.54 -2.70
N GLY A 50 4.74 -4.53 -2.41
CA GLY A 50 4.63 -3.26 -3.09
C GLY A 50 5.89 -2.42 -2.98
N THR A 51 6.05 -1.48 -3.91
CA THR A 51 7.23 -0.61 -3.92
C THR A 51 6.83 0.84 -3.69
N VAL A 52 7.44 1.46 -2.69
CA VAL A 52 7.15 2.86 -2.36
C VAL A 52 8.25 3.77 -2.87
N LYS A 53 7.86 4.86 -3.54
CA LYS A 53 8.81 5.81 -4.08
C LYS A 53 9.00 6.99 -3.13
N VAL A 54 10.19 7.57 -3.14
CA VAL A 54 10.50 8.71 -2.27
C VAL A 54 11.49 9.65 -2.94
N GLN A 55 11.56 10.88 -2.44
CA GLN A 55 12.47 11.87 -2.99
C GLN A 55 13.85 11.75 -2.36
N ASN A 56 14.87 12.17 -3.10
CA ASN A 56 16.24 12.11 -2.61
C ASN A 56 16.60 13.37 -1.84
N LEU A 57 15.68 13.85 -1.02
CA LEU A 57 15.90 15.05 -0.22
C LEU A 57 17.23 14.97 0.53
N ALA A 58 17.38 13.93 1.34
CA ALA A 58 18.61 13.74 2.10
C ALA A 58 19.29 12.42 1.74
N PHE A 59 20.39 12.12 2.41
CA PHE A 59 21.13 10.89 2.15
C PHE A 59 20.46 9.70 2.85
N GLU A 60 20.46 9.72 4.18
CA GLU A 60 19.86 8.65 4.96
C GLU A 60 18.33 8.75 4.93
N LYS A 61 17.67 7.60 4.89
CA LYS A 61 16.22 7.56 4.87
C LYS A 61 15.69 6.38 5.69
N THR A 62 14.55 6.59 6.34
CA THR A 62 13.95 5.55 7.17
C THR A 62 12.57 5.17 6.64
N VAL A 63 12.54 4.23 5.71
CA VAL A 63 11.29 3.76 5.13
C VAL A 63 10.75 2.55 5.87
N LYS A 64 9.54 2.68 6.41
CA LYS A 64 8.91 1.59 7.15
C LYS A 64 7.39 1.64 7.01
N ILE A 65 6.80 0.51 6.67
CA ILE A 65 5.36 0.42 6.50
C ILE A 65 4.65 0.20 7.84
N ARG A 66 3.61 0.97 8.09
CA ARG A 66 2.86 0.86 9.34
C ARG A 66 1.49 0.22 9.09
N MET A 67 1.37 -1.06 9.41
CA MET A 67 0.12 -1.78 9.22
C MET A 67 -0.41 -2.29 10.56
N THR A 68 -1.73 -2.37 10.67
CA THR A 68 -2.38 -2.84 11.89
C THR A 68 -3.50 -3.83 11.58
N PHE A 69 -3.82 -4.68 12.56
CA PHE A 69 -4.88 -5.67 12.39
C PHE A 69 -5.88 -5.59 13.53
N ASP A 70 -5.75 -4.56 14.36
CA ASP A 70 -6.65 -4.37 15.49
C ASP A 70 -7.18 -2.94 15.52
N THR A 71 -8.10 -2.63 14.61
CA THR A 71 -8.68 -1.31 14.55
C THR A 71 -7.67 -0.23 14.95
N TRP A 72 -6.50 -0.28 14.32
CA TRP A 72 -5.44 0.69 14.61
C TRP A 72 -5.10 0.69 16.10
N LYS A 73 -4.91 -0.50 16.66
CA LYS A 73 -4.57 -0.62 18.08
C LYS A 73 -3.08 -0.84 18.26
N SER A 74 -2.51 -1.72 17.45
CA SER A 74 -1.08 -2.03 17.53
C SER A 74 -0.53 -2.41 16.16
N TYR A 75 0.38 -1.59 15.65
CA TYR A 75 0.98 -1.84 14.34
C TYR A 75 2.45 -2.21 14.49
N THR A 76 3.00 -2.84 13.45
CA THR A 76 4.40 -3.26 13.46
C THR A 76 5.19 -2.54 12.37
N ASP A 77 6.32 -1.96 12.76
CA ASP A 77 7.17 -1.25 11.80
C ASP A 77 8.05 -2.22 11.02
N PHE A 78 7.63 -2.54 9.80
CA PHE A 78 8.37 -3.45 8.95
C PHE A 78 9.39 -2.70 8.10
N PRO A 79 10.64 -3.18 8.12
CA PRO A 79 11.74 -2.57 7.36
C PRO A 79 11.59 -2.77 5.86
N CYS A 80 11.72 -1.69 5.11
CA CYS A 80 11.60 -1.76 3.65
C CYS A 80 12.97 -1.84 3.00
N GLN A 81 13.03 -2.48 1.83
CA GLN A 81 14.27 -2.63 1.10
C GLN A 81 14.38 -1.61 -0.04
N TYR A 82 15.47 -1.66 -0.78
CA TYR A 82 15.69 -0.75 -1.89
C TYR A 82 15.67 -1.49 -3.22
N VAL A 83 14.95 -0.93 -4.19
CA VAL A 83 14.84 -1.53 -5.51
C VAL A 83 15.49 -0.66 -6.57
N LYS A 84 16.67 -1.06 -7.02
CA LYS A 84 17.40 -0.32 -8.04
C LYS A 84 16.97 -0.74 -9.44
N ASP A 85 15.99 -0.02 -9.98
CA ASP A 85 15.48 -0.32 -11.32
C ASP A 85 16.02 0.68 -12.34
N THR A 86 16.53 0.16 -13.45
CA THR A 86 17.07 1.00 -14.50
C THR A 86 16.31 2.31 -14.61
N TYR A 87 14.98 2.22 -14.68
CA TYR A 87 14.14 3.41 -14.78
C TYR A 87 14.05 4.13 -13.44
N ALA A 88 13.99 3.36 -12.35
CA ALA A 88 13.90 3.93 -11.02
C ALA A 88 15.29 4.20 -10.45
N GLY A 89 15.63 5.49 -10.34
CA GLY A 89 16.93 5.86 -9.81
C GLY A 89 17.27 7.31 -10.09
N SER A 90 16.73 7.84 -11.19
CA SER A 90 16.99 9.22 -11.57
C SER A 90 16.77 10.16 -10.40
N ASP A 91 17.85 10.62 -9.80
CA ASP A 91 17.78 11.53 -8.66
C ASP A 91 16.59 11.19 -7.76
N ARG A 92 16.22 9.91 -7.74
CA ARG A 92 15.09 9.47 -6.93
C ARG A 92 15.48 8.25 -6.09
N ASP A 93 14.51 7.71 -5.36
CA ASP A 93 14.76 6.54 -4.52
C ASP A 93 13.52 5.65 -4.46
N THR A 94 13.71 4.36 -4.68
CA THR A 94 12.62 3.40 -4.65
C THR A 94 12.82 2.36 -3.56
N PHE A 95 11.76 2.05 -2.83
CA PHE A 95 11.83 1.07 -1.75
C PHE A 95 10.75 0.01 -1.92
N SER A 96 11.01 -1.18 -1.39
CA SER A 96 10.08 -2.30 -1.48
C SER A 96 9.62 -2.75 -0.10
N PHE A 97 8.63 -3.63 -0.07
CA PHE A 97 8.11 -4.15 1.20
C PHE A 97 7.33 -5.44 0.97
N ASP A 98 7.56 -6.41 1.85
CA ASP A 98 6.88 -7.71 1.76
C ASP A 98 6.34 -8.14 3.11
N ILE A 99 5.06 -7.88 3.35
CA ILE A 99 4.43 -8.25 4.61
C ILE A 99 3.67 -9.56 4.48
N SER A 100 3.50 -10.25 5.61
CA SER A 100 2.81 -11.53 5.63
C SER A 100 1.50 -11.43 6.40
N LEU A 101 0.39 -11.33 5.68
CA LEU A 101 -0.92 -11.22 6.30
C LEU A 101 -1.03 -12.13 7.51
N PRO A 102 -1.89 -11.76 8.47
CA PRO A 102 -2.12 -12.55 9.69
C PRO A 102 -2.83 -13.87 9.42
N GLU A 103 -3.12 -14.60 10.48
CA GLU A 103 -3.80 -15.88 10.36
C GLU A 103 -5.16 -15.71 9.68
N LYS A 104 -5.97 -14.82 10.24
CA LYS A 104 -7.30 -14.56 9.69
C LYS A 104 -7.77 -13.16 10.04
N ILE A 105 -8.83 -12.70 9.37
CA ILE A 105 -9.37 -11.37 9.61
C ILE A 105 -10.88 -11.35 9.43
N GLN A 106 -11.59 -10.94 10.47
CA GLN A 106 -13.05 -10.88 10.42
C GLN A 106 -13.53 -9.44 10.24
N SER A 107 -14.83 -9.27 10.04
CA SER A 107 -15.41 -7.95 9.85
C SER A 107 -15.17 -7.07 11.06
N TYR A 108 -15.06 -7.69 12.23
CA TYR A 108 -14.83 -6.96 13.47
C TYR A 108 -13.36 -6.66 13.66
N GLU A 109 -12.67 -6.36 12.56
CA GLU A 109 -11.24 -6.06 12.61
C GLU A 109 -10.82 -5.27 11.37
N ARG A 110 -10.43 -4.02 11.58
CA ARG A 110 -10.00 -3.15 10.49
C ARG A 110 -8.53 -3.39 10.15
N MET A 111 -8.23 -3.45 8.86
CA MET A 111 -6.86 -3.67 8.41
C MET A 111 -6.45 -2.61 7.39
N GLU A 112 -5.51 -1.74 7.80
CA GLU A 112 -5.03 -0.68 6.93
C GLU A 112 -3.53 -0.49 7.09
N PHE A 113 -2.92 0.21 6.13
CA PHE A 113 -1.48 0.46 6.16
C PHE A 113 -1.16 1.82 5.56
N ALA A 114 -0.32 2.58 6.25
CA ALA A 114 0.08 3.91 5.79
C ALA A 114 1.60 4.03 5.70
N VAL A 115 2.11 4.35 4.52
CA VAL A 115 3.54 4.49 4.31
C VAL A 115 4.12 5.57 5.23
N TYR A 116 5.30 5.31 5.77
CA TYR A 116 5.96 6.25 6.67
C TYR A 116 7.40 6.52 6.20
N TYR A 117 7.57 7.61 5.49
CA TYR A 117 8.89 8.00 4.98
C TYR A 117 9.48 9.14 5.80
N GLU A 118 10.57 8.84 6.52
CA GLU A 118 11.23 9.85 7.35
C GLU A 118 12.48 10.38 6.66
N CYS A 119 12.63 11.70 6.65
CA CYS A 119 13.78 12.33 6.02
C CYS A 119 13.86 13.81 6.41
N ASN A 120 15.08 14.32 6.52
CA ASN A 120 15.29 15.72 6.90
C ASN A 120 14.48 16.09 8.13
N GLY A 121 14.53 15.24 9.14
CA GLY A 121 13.79 15.50 10.36
C GLY A 121 12.31 15.72 10.11
N GLN A 122 11.79 15.07 9.07
CA GLN A 122 10.38 15.21 8.72
C GLN A 122 9.70 13.84 8.68
N THR A 123 8.37 13.85 8.65
CA THR A 123 7.60 12.61 8.61
C THR A 123 6.47 12.70 7.58
N TYR A 124 6.49 11.81 6.59
CA TYR A 124 5.48 11.80 5.56
C TYR A 124 4.61 10.54 5.67
N TRP A 125 3.30 10.74 5.64
CA TRP A 125 2.36 9.61 5.73
C TRP A 125 1.48 9.54 4.49
N ASP A 126 1.66 8.49 3.71
CA ASP A 126 0.88 8.29 2.49
C ASP A 126 -0.28 7.32 2.73
N SER A 127 -1.47 7.86 2.94
CA SER A 127 -2.65 7.05 3.18
C SER A 127 -3.70 7.27 2.10
N ASN A 128 -3.69 6.42 1.08
CA ASN A 128 -4.64 6.53 -0.02
C ASN A 128 -4.92 7.98 -0.36
N ARG A 129 -3.92 8.84 -0.15
CA ARG A 129 -4.06 10.26 -0.43
C ARG A 129 -5.44 10.76 -0.04
N GLY A 130 -6.07 10.08 0.91
CA GLY A 130 -7.39 10.47 1.36
C GLY A 130 -7.70 9.95 2.75
N LYS A 131 -8.18 8.71 2.82
CA LYS A 131 -8.53 8.10 4.10
C LYS A 131 -7.44 7.13 4.55
N ASN A 132 -7.41 5.97 3.92
CA ASN A 132 -6.42 4.95 4.26
C ASN A 132 -6.53 3.75 3.30
N TYR A 133 -5.44 3.00 3.20
CA TYR A 133 -5.40 1.83 2.32
C TYR A 133 -6.32 0.73 2.85
N ARG A 134 -7.54 0.68 2.34
CA ARG A 134 -8.51 -0.32 2.76
C ARG A 134 -8.22 -1.66 2.09
N ILE A 135 -8.05 -2.70 2.90
CA ILE A 135 -7.78 -4.03 2.39
C ILE A 135 -8.91 -5.01 2.72
N ILE A 136 -9.71 -5.36 1.72
CA ILE A 136 -10.82 -6.28 1.90
C ILE A 136 -10.53 -7.63 1.27
N ARG A 137 -11.32 -8.63 1.65
CA ARG A 137 -11.14 -9.98 1.12
C ARG A 137 -11.52 -10.04 -0.36
N ALA A 138 -11.27 -11.19 -0.99
CA ALA A 138 -11.58 -11.37 -2.39
C ALA A 138 -13.05 -11.72 -2.60
N GLU A 139 -13.62 -12.44 -1.63
CA GLU A 139 -15.02 -12.84 -1.71
C GLU A 139 -15.93 -11.61 -1.71
N LEU A 140 -15.60 -10.64 -0.88
CA LEU A 140 -16.39 -9.41 -0.78
C LEU A 140 -16.42 -8.67 -2.11
N LYS A 141 -15.24 -8.47 -2.69
CA LYS A 141 -15.13 -7.78 -3.97
C LYS A 141 -15.79 -8.58 -5.08
N SER A 142 -17.01 -8.19 -5.44
CA SER A 142 -17.76 -8.88 -6.48
C SER A 142 -17.81 -8.04 -7.75
N THR A 143 -17.85 -8.71 -8.90
CA THR A 143 -17.90 -8.02 -10.19
C THR A 143 -18.98 -6.95 -10.19
N GLN A 144 -18.56 -5.69 -10.34
CA GLN A 144 -19.48 -4.57 -10.36
C GLN A 144 -19.24 -3.69 -11.58
N GLY A 145 -20.09 -2.68 -11.76
CA GLY A 145 -19.96 -1.78 -12.89
C GLY A 145 -20.31 -0.35 -12.54
N MET A 146 -19.53 0.24 -11.64
CA MET A 146 -19.77 1.61 -11.22
C MET A 146 -18.46 2.38 -11.08
N THR A 147 -18.47 3.64 -11.49
CA THR A 147 -17.28 4.48 -11.42
C THR A 147 -17.59 5.82 -10.75
N LYS A 148 -16.64 6.31 -9.97
CA LYS A 148 -16.80 7.59 -9.27
C LYS A 148 -15.47 8.32 -9.15
N PRO A 149 -15.49 9.62 -9.47
CA PRO A 149 -14.29 10.47 -9.42
C PRO A 149 -13.83 10.72 -7.98
N HIS A 150 -14.76 11.15 -7.14
CA HIS A 150 -14.45 11.43 -5.74
C HIS A 150 -13.06 12.04 -5.60
N SER A 151 -12.70 12.92 -6.54
CA SER A 151 -11.40 13.55 -6.52
C SER A 151 -11.53 15.06 -6.34
N GLY A 152 -12.18 15.71 -7.31
CA GLY A 152 -12.36 17.15 -7.24
C GLY A 152 -11.34 17.91 -8.05
N PRO A 153 -11.17 19.20 -7.74
CA PRO A 153 -10.22 20.07 -8.44
C PRO A 153 -8.77 19.71 -8.13
N ASP A 154 -7.90 19.85 -9.11
CA ASP A 154 -6.48 19.54 -8.95
C ASP A 154 -5.73 20.73 -8.36
N LEU A 155 -6.01 21.91 -8.89
CA LEU A 155 -5.36 23.13 -8.41
C LEU A 155 -6.29 23.93 -7.52
N GLY A 156 -5.71 24.60 -6.52
CA GLY A 156 -6.51 25.40 -5.60
C GLY A 156 -7.22 24.54 -4.56
N GLY A 1 -29.28 -10.75 6.80
CA GLY A 1 -27.85 -10.98 6.71
C GLY A 1 -27.18 -11.03 8.07
N SER A 2 -25.86 -10.89 8.08
CA SER A 2 -25.09 -10.90 9.32
C SER A 2 -25.47 -12.13 10.15
N SER A 3 -25.60 -13.27 9.50
CA SER A 3 -25.95 -14.51 10.19
C SER A 3 -24.98 -14.79 11.33
N GLY A 4 -23.69 -14.76 11.03
CA GLY A 4 -22.68 -15.01 12.04
C GLY A 4 -21.91 -16.29 11.79
N SER A 5 -21.20 -16.35 10.67
CA SER A 5 -20.42 -17.53 10.32
C SER A 5 -19.15 -17.60 11.16
N SER A 6 -19.14 -18.53 12.12
CA SER A 6 -18.00 -18.71 12.99
C SER A 6 -17.23 -19.98 12.64
N GLY A 7 -16.33 -19.87 11.67
CA GLY A 7 -15.55 -21.03 11.25
C GLY A 7 -14.14 -20.64 10.85
N ALA A 8 -13.41 -21.60 10.28
CA ALA A 8 -12.04 -21.36 9.84
C ALA A 8 -11.97 -21.07 8.35
N GLU A 9 -12.92 -20.27 7.87
CA GLU A 9 -12.96 -19.91 6.46
C GLU A 9 -12.06 -18.70 6.17
N SER A 10 -10.89 -18.98 5.61
CA SER A 10 -9.93 -17.93 5.30
C SER A 10 -9.67 -17.88 3.79
N GLU A 11 -10.32 -16.94 3.12
CA GLU A 11 -10.16 -16.78 1.68
C GLU A 11 -9.18 -15.65 1.36
N SER A 12 -8.80 -15.55 0.09
CA SER A 12 -7.86 -14.51 -0.34
C SER A 12 -8.46 -13.12 -0.13
N PHE A 13 -7.64 -12.10 -0.37
CA PHE A 13 -8.08 -10.72 -0.20
C PHE A 13 -7.66 -9.87 -1.39
N VAL A 14 -8.11 -8.62 -1.42
CA VAL A 14 -7.79 -7.71 -2.51
C VAL A 14 -7.76 -6.27 -2.02
N LEU A 15 -7.49 -5.34 -2.94
CA LEU A 15 -7.45 -3.92 -2.60
C LEU A 15 -8.68 -3.20 -3.12
N ASP A 16 -9.25 -2.34 -2.27
CA ASP A 16 -10.44 -1.58 -2.64
C ASP A 16 -10.06 -0.18 -3.12
N PHE A 17 -8.89 -0.07 -3.72
CA PHE A 17 -8.41 1.21 -4.23
C PHE A 17 -7.66 1.03 -5.55
N SER A 18 -7.72 2.05 -6.40
CA SER A 18 -7.05 2.00 -7.70
C SER A 18 -5.56 2.29 -7.56
N GLN A 19 -4.76 1.66 -8.40
CA GLN A 19 -3.31 1.85 -8.37
C GLN A 19 -2.95 3.32 -8.55
N PRO A 20 -2.01 3.80 -7.73
CA PRO A 20 -1.56 5.19 -7.77
C PRO A 20 -0.74 5.49 -9.03
N SER A 21 0.16 4.59 -9.37
CA SER A 21 1.01 4.77 -10.54
C SER A 21 0.16 5.07 -11.78
N ALA A 22 -1.02 4.47 -11.84
CA ALA A 22 -1.93 4.68 -12.96
C ALA A 22 -1.80 6.10 -13.51
N ASP A 23 -1.62 7.06 -12.61
CA ASP A 23 -1.49 8.46 -13.01
C ASP A 23 -0.08 8.97 -12.74
N TYR A 24 0.75 8.99 -13.78
CA TYR A 24 2.12 9.45 -13.66
C TYR A 24 2.18 10.86 -13.08
N LEU A 25 1.42 11.77 -13.69
CA LEU A 25 1.38 13.16 -13.23
C LEU A 25 0.78 13.25 -11.83
N ASP A 26 -0.51 12.93 -11.73
CA ASP A 26 -1.20 12.98 -10.44
C ASP A 26 -0.38 12.28 -9.36
N PHE A 27 0.51 11.38 -9.78
CA PHE A 27 1.34 10.65 -8.84
C PHE A 27 2.56 11.47 -8.44
N ARG A 28 3.37 11.85 -9.42
CA ARG A 28 4.57 12.64 -9.19
C ARG A 28 4.24 13.88 -8.37
N ASN A 29 3.02 14.39 -8.53
CA ASN A 29 2.59 15.58 -7.81
C ASN A 29 2.61 15.35 -6.31
N ARG A 30 2.23 14.14 -5.89
CA ARG A 30 2.20 13.78 -4.48
C ARG A 30 3.61 13.47 -3.98
N LEU A 31 4.42 12.86 -4.84
CA LEU A 31 5.79 12.51 -4.48
C LEU A 31 6.66 13.75 -4.37
N GLN A 32 6.16 14.88 -4.87
CA GLN A 32 6.89 16.13 -4.83
C GLN A 32 6.37 17.04 -3.72
N ALA A 33 5.15 16.76 -3.27
CA ALA A 33 4.54 17.54 -2.20
C ALA A 33 4.60 16.81 -0.86
N ASP A 34 4.69 15.49 -0.92
CA ASP A 34 4.77 14.67 0.29
C ASP A 34 6.09 13.90 0.34
N HIS A 35 6.87 13.99 -0.73
CA HIS A 35 8.15 13.31 -0.81
C HIS A 35 7.98 11.81 -0.57
N VAL A 36 6.84 11.28 -0.96
CA VAL A 36 6.55 9.86 -0.79
C VAL A 36 5.25 9.47 -1.47
N CYS A 37 5.21 8.28 -2.05
CA CYS A 37 4.02 7.79 -2.74
C CYS A 37 4.22 6.36 -3.21
N LEU A 38 3.26 5.49 -2.88
CA LEU A 38 3.33 4.08 -3.26
C LEU A 38 3.15 3.93 -4.77
N GLU A 39 4.08 3.22 -5.40
CA GLU A 39 4.03 3.00 -6.84
C GLU A 39 3.01 1.91 -7.17
N ASN A 40 3.32 0.67 -6.80
CA ASN A 40 2.43 -0.45 -7.06
C ASN A 40 2.36 -1.39 -5.87
N CYS A 41 1.18 -1.94 -5.61
CA CYS A 41 0.98 -2.85 -4.50
C CYS A 41 0.12 -4.05 -4.91
N VAL A 42 0.67 -5.25 -4.74
CA VAL A 42 -0.05 -6.47 -5.10
C VAL A 42 -0.39 -7.29 -3.86
N LEU A 43 -1.27 -8.27 -4.03
CA LEU A 43 -1.67 -9.14 -2.93
C LEU A 43 -1.46 -10.61 -3.28
N LYS A 44 -0.69 -11.30 -2.44
CA LYS A 44 -0.40 -12.71 -2.65
C LYS A 44 -1.05 -13.57 -1.57
N ASP A 45 -0.79 -14.87 -1.61
CA ASP A 45 -1.34 -15.80 -0.64
C ASP A 45 -0.85 -15.47 0.77
N LYS A 46 -1.77 -15.07 1.64
CA LYS A 46 -1.43 -14.73 3.02
C LYS A 46 -0.18 -13.86 3.07
N ALA A 47 -0.01 -13.00 2.07
CA ALA A 47 1.14 -12.12 2.00
C ALA A 47 0.93 -11.00 0.99
N ILE A 48 1.65 -9.90 1.16
CA ILE A 48 1.53 -8.76 0.27
C ILE A 48 2.90 -8.26 -0.17
N ALA A 49 2.92 -7.44 -1.22
CA ALA A 49 4.17 -6.90 -1.73
C ALA A 49 3.93 -5.59 -2.48
N GLY A 50 4.85 -4.65 -2.33
CA GLY A 50 4.71 -3.36 -3.01
C GLY A 50 5.97 -2.53 -2.92
N THR A 51 6.16 -1.65 -3.91
CA THR A 51 7.34 -0.79 -3.94
C THR A 51 6.98 0.66 -3.66
N VAL A 52 7.66 1.26 -2.69
CA VAL A 52 7.40 2.65 -2.31
C VAL A 52 8.46 3.57 -2.90
N LYS A 53 8.02 4.72 -3.39
CA LYS A 53 8.93 5.70 -3.97
C LYS A 53 9.12 6.89 -3.04
N VAL A 54 10.31 7.48 -3.09
CA VAL A 54 10.61 8.65 -2.25
C VAL A 54 11.55 9.62 -2.96
N GLN A 55 11.75 10.78 -2.37
CA GLN A 55 12.62 11.80 -2.96
C GLN A 55 14.00 11.76 -2.32
N ASN A 56 15.03 12.06 -3.10
CA ASN A 56 16.40 12.07 -2.62
C ASN A 56 16.75 13.41 -2.00
N LEU A 57 16.00 13.80 -0.97
CA LEU A 57 16.23 15.06 -0.28
C LEU A 57 17.53 15.02 0.51
N ALA A 58 17.63 14.06 1.42
CA ALA A 58 18.82 13.90 2.25
C ALA A 58 19.60 12.66 1.85
N PHE A 59 20.92 12.72 2.03
CA PHE A 59 21.79 11.60 1.69
C PHE A 59 21.09 10.27 1.94
N GLU A 60 20.72 10.03 3.20
CA GLU A 60 20.04 8.80 3.57
C GLU A 60 18.60 9.08 4.01
N LYS A 61 17.76 8.05 3.94
CA LYS A 61 16.36 8.18 4.33
C LYS A 61 15.91 6.98 5.15
N THR A 62 14.64 6.99 5.57
CA THR A 62 14.09 5.90 6.35
C THR A 62 12.64 5.61 5.96
N VAL A 63 12.43 4.43 5.38
CA VAL A 63 11.10 4.03 4.95
C VAL A 63 10.61 2.80 5.73
N LYS A 64 9.39 2.88 6.24
CA LYS A 64 8.81 1.77 6.99
C LYS A 64 7.28 1.80 6.91
N ILE A 65 6.70 0.69 6.47
CA ILE A 65 5.25 0.59 6.35
C ILE A 65 4.60 0.34 7.70
N ARG A 66 3.47 1.00 7.95
CA ARG A 66 2.76 0.85 9.21
C ARG A 66 1.43 0.14 8.99
N MET A 67 1.39 -1.15 9.27
CA MET A 67 0.17 -1.94 9.11
C MET A 67 -0.39 -2.37 10.46
N THR A 68 -1.70 -2.58 10.52
CA THR A 68 -2.35 -3.00 11.75
C THR A 68 -3.60 -3.82 11.47
N PHE A 69 -4.03 -4.60 12.46
CA PHE A 69 -5.22 -5.44 12.31
C PHE A 69 -6.17 -5.24 13.47
N ASP A 70 -5.88 -4.25 14.31
CA ASP A 70 -6.72 -3.95 15.46
C ASP A 70 -7.13 -2.48 15.47
N THR A 71 -8.01 -2.10 14.55
CA THR A 71 -8.47 -0.73 14.46
C THR A 71 -7.37 0.26 14.82
N TRP A 72 -6.17 0.01 14.31
CA TRP A 72 -5.03 0.87 14.59
C TRP A 72 -4.68 0.86 16.06
N LYS A 73 -4.57 -0.33 16.64
CA LYS A 73 -4.24 -0.48 18.05
C LYS A 73 -2.94 -1.27 18.23
N SER A 74 -2.70 -2.20 17.32
CA SER A 74 -1.49 -3.02 17.38
C SER A 74 -0.81 -3.08 16.02
N TYR A 75 -0.04 -2.04 15.71
CA TYR A 75 0.68 -1.97 14.44
C TYR A 75 2.16 -2.27 14.63
N THR A 76 2.83 -2.62 13.53
CA THR A 76 4.25 -2.94 13.57
C THR A 76 5.02 -2.15 12.52
N ASP A 77 6.27 -1.81 12.84
CA ASP A 77 7.11 -1.05 11.92
C ASP A 77 7.96 -1.99 11.07
N PHE A 78 7.56 -2.17 9.81
CA PHE A 78 8.29 -3.05 8.90
C PHE A 78 9.23 -2.24 8.01
N PRO A 79 10.54 -2.50 8.16
CA PRO A 79 11.57 -1.82 7.37
C PRO A 79 11.55 -2.20 5.91
N CYS A 80 11.59 -1.20 5.03
CA CYS A 80 11.57 -1.45 3.60
C CYS A 80 12.95 -1.84 3.09
N GLN A 81 12.98 -2.63 2.02
CA GLN A 81 14.24 -3.09 1.44
C GLN A 81 14.66 -2.20 0.27
N TYR A 82 15.79 -2.53 -0.34
CA TYR A 82 16.29 -1.75 -1.47
C TYR A 82 16.23 -2.57 -2.76
N VAL A 83 15.52 -2.04 -3.75
CA VAL A 83 15.38 -2.72 -5.04
C VAL A 83 16.63 -2.54 -5.89
N LYS A 84 17.32 -3.65 -6.17
CA LYS A 84 18.52 -3.61 -6.98
C LYS A 84 18.23 -4.04 -8.41
N ASP A 85 18.23 -3.07 -9.32
CA ASP A 85 17.95 -3.35 -10.73
C ASP A 85 18.51 -2.25 -11.63
N THR A 86 18.67 -2.55 -12.91
CA THR A 86 19.19 -1.58 -13.86
C THR A 86 18.34 -0.31 -13.88
N TYR A 87 17.03 -0.49 -13.80
CA TYR A 87 16.10 0.64 -13.81
C TYR A 87 16.05 1.32 -12.44
N ALA A 88 16.00 0.50 -11.40
CA ALA A 88 15.95 1.03 -10.03
C ALA A 88 17.25 1.76 -9.68
N GLY A 89 17.12 3.05 -9.38
CA GLY A 89 18.28 3.84 -9.03
C GLY A 89 18.71 4.77 -10.15
N SER A 90 18.80 4.22 -11.37
CA SER A 90 19.21 5.01 -12.52
C SER A 90 18.63 6.42 -12.45
N ASP A 91 17.37 6.51 -12.07
CA ASP A 91 16.69 7.80 -11.96
C ASP A 91 16.43 8.16 -10.50
N ARG A 92 15.60 7.35 -9.83
CA ARG A 92 15.27 7.58 -8.43
C ARG A 92 15.47 6.31 -7.61
N ASP A 93 15.11 6.38 -6.33
CA ASP A 93 15.25 5.24 -5.44
C ASP A 93 13.91 4.55 -5.22
N THR A 94 13.85 3.26 -5.55
CA THR A 94 12.63 2.49 -5.40
C THR A 94 12.77 1.45 -4.28
N PHE A 95 12.03 1.66 -3.21
CA PHE A 95 12.07 0.74 -2.07
C PHE A 95 10.96 -0.31 -2.17
N SER A 96 11.22 -1.49 -1.61
CA SER A 96 10.25 -2.57 -1.65
C SER A 96 9.85 -2.99 -0.24
N PHE A 97 8.73 -3.69 -0.13
CA PHE A 97 8.24 -4.15 1.17
C PHE A 97 7.44 -5.45 1.01
N ASP A 98 7.68 -6.39 1.92
CA ASP A 98 6.98 -7.67 1.89
C ASP A 98 6.44 -8.03 3.27
N ILE A 99 5.14 -7.86 3.46
CA ILE A 99 4.50 -8.15 4.73
C ILE A 99 3.75 -9.49 4.67
N SER A 100 3.72 -10.19 5.79
CA SER A 100 3.04 -11.47 5.86
C SER A 100 1.68 -11.34 6.54
N LEU A 101 0.64 -11.78 5.85
CA LEU A 101 -0.72 -11.69 6.38
C LEU A 101 -0.91 -12.69 7.52
N PRO A 102 -1.87 -12.39 8.41
CA PRO A 102 -2.18 -13.25 9.55
C PRO A 102 -2.84 -14.56 9.14
N GLU A 103 -2.89 -15.51 10.07
CA GLU A 103 -3.49 -16.81 9.80
C GLU A 103 -4.86 -16.65 9.14
N LYS A 104 -5.61 -15.65 9.59
CA LYS A 104 -6.94 -15.39 9.05
C LYS A 104 -7.53 -14.11 9.65
N ILE A 105 -8.73 -13.75 9.20
CA ILE A 105 -9.40 -12.56 9.70
C ILE A 105 -10.91 -12.71 9.63
N GLN A 106 -11.55 -12.75 10.79
CA GLN A 106 -13.00 -12.89 10.87
C GLN A 106 -13.69 -11.53 10.75
N SER A 107 -13.14 -10.67 9.91
CA SER A 107 -13.70 -9.34 9.71
C SER A 107 -14.29 -8.80 11.01
N TYR A 108 -13.63 -9.09 12.12
CA TYR A 108 -14.09 -8.64 13.43
C TYR A 108 -13.43 -7.32 13.81
N GLU A 109 -12.54 -6.84 12.94
CA GLU A 109 -11.84 -5.58 13.19
C GLU A 109 -11.45 -4.91 11.87
N ARG A 110 -10.77 -3.77 11.98
CA ARG A 110 -10.35 -3.02 10.79
C ARG A 110 -8.89 -3.32 10.47
N MET A 111 -8.56 -3.26 9.18
CA MET A 111 -7.19 -3.52 8.73
C MET A 111 -6.77 -2.50 7.66
N GLU A 112 -5.67 -1.81 7.92
CA GLU A 112 -5.16 -0.81 6.99
C GLU A 112 -3.65 -0.66 7.13
N PHE A 113 -3.05 0.12 6.24
CA PHE A 113 -1.61 0.35 6.26
C PHE A 113 -1.27 1.73 5.69
N ALA A 114 -0.40 2.45 6.40
CA ALA A 114 0.01 3.79 5.96
C ALA A 114 1.52 3.86 5.78
N VAL A 115 1.95 4.48 4.70
CA VAL A 115 3.38 4.63 4.41
C VAL A 115 4.01 5.70 5.29
N TYR A 116 5.05 5.32 6.02
CA TYR A 116 5.74 6.24 6.91
C TYR A 116 7.15 6.55 6.39
N TYR A 117 7.27 7.65 5.66
CA TYR A 117 8.55 8.07 5.10
C TYR A 117 9.19 9.16 5.95
N GLU A 118 10.29 8.82 6.62
CA GLU A 118 10.99 9.78 7.46
C GLU A 118 12.27 10.27 6.78
N CYS A 119 12.46 11.58 6.81
CA CYS A 119 13.64 12.18 6.20
C CYS A 119 13.76 13.66 6.57
N ASN A 120 14.99 14.16 6.62
CA ASN A 120 15.23 15.54 6.97
C ASN A 120 14.44 15.95 8.21
N GLY A 121 14.46 15.09 9.22
CA GLY A 121 13.73 15.36 10.45
C GLY A 121 12.26 15.64 10.20
N GLN A 122 11.67 14.90 9.27
CA GLN A 122 10.27 15.07 8.94
C GLN A 122 9.54 13.72 8.91
N THR A 123 8.22 13.77 8.80
CA THR A 123 7.41 12.55 8.76
C THR A 123 6.22 12.71 7.82
N TYR A 124 6.23 11.96 6.73
CA TYR A 124 5.15 12.01 5.75
C TYR A 124 4.34 10.73 5.75
N TRP A 125 3.01 10.87 5.72
CA TRP A 125 2.12 9.72 5.72
C TRP A 125 1.32 9.66 4.43
N ASP A 126 1.51 8.57 3.68
CA ASP A 126 0.80 8.38 2.42
C ASP A 126 -0.20 7.23 2.52
N SER A 127 -1.47 7.56 2.71
CA SER A 127 -2.51 6.55 2.83
C SER A 127 -3.72 6.91 1.97
N ASN A 128 -3.87 6.21 0.86
CA ASN A 128 -4.98 6.45 -0.06
C ASN A 128 -5.19 7.96 -0.26
N ARG A 129 -4.14 8.73 -0.06
CA ARG A 129 -4.21 10.17 -0.22
C ARG A 129 -5.58 10.70 0.20
N GLY A 130 -6.12 10.14 1.27
CA GLY A 130 -7.42 10.57 1.77
C GLY A 130 -7.71 10.04 3.16
N LYS A 131 -8.38 8.89 3.22
CA LYS A 131 -8.73 8.28 4.50
C LYS A 131 -7.65 7.31 4.96
N ASN A 132 -7.59 6.15 4.33
CA ASN A 132 -6.60 5.13 4.68
C ASN A 132 -6.70 3.93 3.73
N TYR A 133 -5.60 3.22 3.58
CA TYR A 133 -5.56 2.04 2.71
C TYR A 133 -6.47 0.94 3.24
N ARG A 134 -7.71 0.92 2.74
CA ARG A 134 -8.68 -0.08 3.17
C ARG A 134 -8.45 -1.40 2.44
N ILE A 135 -8.21 -2.46 3.20
CA ILE A 135 -7.98 -3.77 2.62
C ILE A 135 -9.20 -4.68 2.79
N ILE A 136 -9.93 -4.89 1.71
CA ILE A 136 -11.11 -5.73 1.73
C ILE A 136 -10.79 -7.16 1.33
N ARG A 137 -11.80 -8.02 1.34
CA ARG A 137 -11.62 -9.42 0.96
C ARG A 137 -11.78 -9.61 -0.54
N ALA A 138 -11.36 -10.77 -1.03
CA ALA A 138 -11.46 -11.08 -2.45
C ALA A 138 -12.89 -11.41 -2.84
N GLU A 139 -13.60 -12.10 -1.95
CA GLU A 139 -14.98 -12.48 -2.21
C GLU A 139 -15.89 -11.24 -2.22
N LEU A 140 -15.55 -10.25 -1.40
CA LEU A 140 -16.34 -9.03 -1.33
C LEU A 140 -16.24 -8.24 -2.64
N LYS A 141 -15.02 -7.88 -3.02
CA LYS A 141 -14.79 -7.13 -4.25
C LYS A 141 -15.59 -7.72 -5.40
N SER A 142 -16.50 -6.93 -5.96
CA SER A 142 -17.34 -7.38 -7.07
C SER A 142 -17.14 -6.48 -8.29
N THR A 143 -17.05 -7.09 -9.46
CA THR A 143 -16.87 -6.35 -10.70
C THR A 143 -18.16 -6.32 -11.52
N GLN A 144 -18.81 -5.16 -11.53
CA GLN A 144 -20.05 -4.99 -12.28
C GLN A 144 -19.79 -5.03 -13.78
N GLY A 145 -18.85 -4.23 -14.24
CA GLY A 145 -18.52 -4.19 -15.65
C GLY A 145 -19.69 -3.73 -16.50
N MET A 146 -19.38 -3.09 -17.62
CA MET A 146 -20.41 -2.59 -18.53
C MET A 146 -20.17 -3.07 -19.96
N THR A 147 -21.08 -2.73 -20.85
CA THR A 147 -20.96 -3.13 -22.25
C THR A 147 -21.10 -1.93 -23.18
N LYS A 148 -20.38 -1.96 -24.29
CA LYS A 148 -20.41 -0.88 -25.27
C LYS A 148 -19.68 -1.27 -26.55
N PRO A 149 -20.12 -0.71 -27.68
CA PRO A 149 -19.51 -0.98 -28.98
C PRO A 149 -18.12 -0.38 -29.11
N HIS A 150 -17.10 -1.25 -29.10
CA HIS A 150 -15.72 -0.80 -29.21
C HIS A 150 -15.57 0.21 -30.34
N SER A 151 -15.19 1.43 -29.98
CA SER A 151 -15.01 2.50 -30.96
C SER A 151 -14.39 3.74 -30.32
N GLY A 152 -13.72 4.55 -31.14
CA GLY A 152 -13.09 5.75 -30.63
C GLY A 152 -12.63 6.68 -31.74
N PRO A 153 -13.47 7.68 -32.06
CA PRO A 153 -13.17 8.66 -33.11
C PRO A 153 -12.02 9.59 -32.72
N ASP A 154 -11.41 10.21 -33.72
CA ASP A 154 -10.30 11.14 -33.49
C ASP A 154 -10.76 12.33 -32.66
N LEU A 155 -9.83 12.96 -31.96
CA LEU A 155 -10.14 14.11 -31.12
C LEU A 155 -10.07 15.40 -31.94
N GLY A 156 -10.73 16.44 -31.44
CA GLY A 156 -10.73 17.72 -32.13
C GLY A 156 -9.45 18.51 -31.89
N GLY A 1 -30.76 -10.09 -4.20
CA GLY A 1 -29.90 -11.25 -4.38
C GLY A 1 -29.57 -11.94 -3.08
N SER A 2 -28.71 -12.94 -3.15
CA SER A 2 -28.31 -13.70 -1.95
C SER A 2 -27.05 -14.51 -2.23
N SER A 3 -26.02 -14.29 -1.41
CA SER A 3 -24.76 -15.01 -1.56
C SER A 3 -24.18 -15.36 -0.19
N GLY A 4 -23.21 -16.28 -0.18
CA GLY A 4 -22.59 -16.69 1.05
C GLY A 4 -22.57 -18.21 1.21
N SER A 5 -21.76 -18.68 2.15
CA SER A 5 -21.66 -20.12 2.41
C SER A 5 -21.40 -20.39 3.89
N SER A 6 -21.48 -21.66 4.27
CA SER A 6 -21.26 -22.05 5.66
C SER A 6 -19.84 -22.55 5.87
N GLY A 7 -19.34 -22.40 7.09
CA GLY A 7 -17.99 -22.84 7.40
C GLY A 7 -16.96 -21.75 7.19
N ALA A 8 -15.70 -22.04 7.51
CA ALA A 8 -14.63 -21.08 7.35
C ALA A 8 -13.89 -21.30 6.03
N GLU A 9 -14.33 -20.61 4.99
CA GLU A 9 -13.71 -20.73 3.67
C GLU A 9 -12.60 -19.69 3.50
N SER A 10 -11.42 -20.02 4.01
CA SER A 10 -10.27 -19.12 3.92
C SER A 10 -9.86 -18.92 2.46
N GLU A 11 -9.96 -17.69 1.98
CA GLU A 11 -9.60 -17.36 0.61
C GLU A 11 -8.63 -16.18 0.56
N SER A 12 -8.22 -15.81 -0.64
CA SER A 12 -7.29 -14.70 -0.82
C SER A 12 -8.00 -13.36 -0.62
N PHE A 13 -7.24 -12.28 -0.73
CA PHE A 13 -7.79 -10.94 -0.57
C PHE A 13 -7.35 -10.02 -1.71
N VAL A 14 -8.01 -8.87 -1.82
CA VAL A 14 -7.69 -7.91 -2.87
C VAL A 14 -7.77 -6.48 -2.34
N LEU A 15 -7.29 -5.53 -3.14
CA LEU A 15 -7.31 -4.12 -2.75
C LEU A 15 -8.54 -3.42 -3.29
N ASP A 16 -9.24 -2.72 -2.41
CA ASP A 16 -10.45 -2.00 -2.80
C ASP A 16 -10.11 -0.60 -3.32
N PHE A 17 -8.95 -0.49 -3.96
CA PHE A 17 -8.51 0.79 -4.50
C PHE A 17 -7.59 0.58 -5.71
N SER A 18 -7.77 1.42 -6.73
CA SER A 18 -6.96 1.33 -7.94
C SER A 18 -5.51 1.72 -7.67
N GLN A 19 -4.60 1.14 -8.43
CA GLN A 19 -3.18 1.43 -8.27
C GLN A 19 -2.90 2.92 -8.45
N PRO A 20 -2.03 3.47 -7.60
CA PRO A 20 -1.66 4.89 -7.65
C PRO A 20 -0.82 5.24 -8.87
N SER A 21 0.17 4.39 -9.16
CA SER A 21 1.03 4.61 -10.32
C SER A 21 0.23 4.93 -11.56
N ALA A 22 -0.93 4.27 -11.69
CA ALA A 22 -1.80 4.49 -12.84
C ALA A 22 -1.73 5.94 -13.33
N ASP A 23 -1.79 6.87 -12.39
CA ASP A 23 -1.73 8.28 -12.72
C ASP A 23 -0.33 8.85 -12.47
N TYR A 24 0.44 8.99 -13.55
CA TYR A 24 1.80 9.50 -13.44
C TYR A 24 1.80 10.91 -12.84
N LEU A 25 0.93 11.77 -13.35
CA LEU A 25 0.83 13.13 -12.85
C LEU A 25 0.29 13.17 -11.43
N ASP A 26 -0.96 12.75 -11.26
CA ASP A 26 -1.59 12.73 -9.94
C ASP A 26 -0.67 12.06 -8.92
N PHE A 27 0.20 11.19 -9.39
CA PHE A 27 1.13 10.49 -8.51
C PHE A 27 2.35 11.36 -8.21
N ARG A 28 3.08 11.72 -9.25
CA ARG A 28 4.28 12.55 -9.09
C ARG A 28 3.98 13.74 -8.19
N ASN A 29 2.76 14.24 -8.25
CA ASN A 29 2.35 15.39 -7.43
C ASN A 29 2.47 15.06 -5.95
N ARG A 30 2.15 13.83 -5.59
CA ARG A 30 2.22 13.39 -4.20
C ARG A 30 3.66 13.17 -3.77
N LEU A 31 4.48 12.68 -4.70
CA LEU A 31 5.89 12.42 -4.42
C LEU A 31 6.69 13.71 -4.39
N GLN A 32 6.06 14.80 -4.82
CA GLN A 32 6.72 16.11 -4.83
C GLN A 32 6.19 16.99 -3.71
N ALA A 33 4.95 16.74 -3.28
CA ALA A 33 4.34 17.50 -2.21
C ALA A 33 4.49 16.81 -0.87
N ASP A 34 4.50 15.47 -0.90
CA ASP A 34 4.64 14.68 0.31
C ASP A 34 5.99 13.98 0.35
N HIS A 35 6.71 14.04 -0.77
CA HIS A 35 8.03 13.42 -0.86
C HIS A 35 7.92 11.91 -0.63
N VAL A 36 6.79 11.33 -1.00
CA VAL A 36 6.56 9.91 -0.85
C VAL A 36 5.23 9.48 -1.45
N CYS A 37 5.22 8.32 -2.10
CA CYS A 37 4.01 7.80 -2.73
C CYS A 37 4.20 6.36 -3.17
N LEU A 38 3.23 5.51 -2.84
CA LEU A 38 3.30 4.10 -3.21
C LEU A 38 3.10 3.92 -4.71
N GLU A 39 3.99 3.14 -5.33
CA GLU A 39 3.91 2.88 -6.76
C GLU A 39 2.83 1.84 -7.08
N ASN A 40 3.04 0.62 -6.58
CA ASN A 40 2.09 -0.45 -6.81
C ASN A 40 2.05 -1.40 -5.61
N CYS A 41 0.86 -1.90 -5.31
CA CYS A 41 0.67 -2.82 -4.20
C CYS A 41 -0.18 -4.02 -4.60
N VAL A 42 0.37 -5.21 -4.41
CA VAL A 42 -0.34 -6.44 -4.76
C VAL A 42 -0.65 -7.27 -3.51
N LEU A 43 -1.51 -8.27 -3.67
CA LEU A 43 -1.89 -9.14 -2.56
C LEU A 43 -1.74 -10.60 -2.94
N LYS A 44 -0.89 -11.32 -2.20
CA LYS A 44 -0.66 -12.73 -2.46
C LYS A 44 -1.51 -13.60 -1.53
N ASP A 45 -1.46 -14.91 -1.75
CA ASP A 45 -2.22 -15.84 -0.93
C ASP A 45 -2.33 -15.35 0.52
N LYS A 46 -1.22 -15.39 1.24
CA LYS A 46 -1.20 -14.94 2.63
C LYS A 46 -0.08 -13.92 2.84
N ALA A 47 0.10 -13.03 1.89
CA ALA A 47 1.13 -11.99 1.98
C ALA A 47 0.84 -10.84 1.02
N ILE A 48 1.71 -9.84 1.02
CA ILE A 48 1.55 -8.68 0.15
C ILE A 48 2.91 -8.11 -0.26
N ALA A 49 2.92 -7.40 -1.38
CA ALA A 49 4.15 -6.80 -1.89
C ALA A 49 3.86 -5.47 -2.58
N GLY A 50 4.66 -4.46 -2.25
CA GLY A 50 4.48 -3.15 -2.85
C GLY A 50 5.74 -2.31 -2.81
N THR A 51 5.92 -1.47 -3.82
CA THR A 51 7.10 -0.60 -3.89
C THR A 51 6.73 0.85 -3.62
N VAL A 52 7.42 1.46 -2.66
CA VAL A 52 7.18 2.85 -2.30
C VAL A 52 8.25 3.77 -2.88
N LYS A 53 7.81 4.92 -3.37
CA LYS A 53 8.74 5.89 -3.96
C LYS A 53 8.93 7.09 -3.04
N VAL A 54 10.16 7.60 -2.99
CA VAL A 54 10.48 8.75 -2.15
C VAL A 54 11.38 9.74 -2.88
N GLN A 55 11.48 10.94 -2.34
CA GLN A 55 12.32 11.98 -2.94
C GLN A 55 13.72 11.98 -2.33
N ASN A 56 14.73 12.07 -3.18
CA ASN A 56 16.11 12.09 -2.72
C ASN A 56 16.49 13.45 -2.17
N LEU A 57 16.02 13.75 -0.96
CA LEU A 57 16.31 15.02 -0.32
C LEU A 57 17.61 14.95 0.48
N ALA A 58 17.71 13.93 1.34
CA ALA A 58 18.89 13.73 2.15
C ALA A 58 19.67 12.49 1.73
N PHE A 59 20.88 12.33 2.26
CA PHE A 59 21.71 11.19 1.93
C PHE A 59 21.05 9.89 2.38
N GLU A 60 20.73 9.81 3.67
CA GLU A 60 20.09 8.62 4.23
C GLU A 60 18.58 8.67 4.05
N LYS A 61 17.93 7.52 4.21
CA LYS A 61 16.48 7.43 4.07
C LYS A 61 15.92 6.36 4.98
N THR A 62 14.76 6.64 5.58
CA THR A 62 14.11 5.68 6.47
C THR A 62 12.70 5.37 6.00
N VAL A 63 12.56 4.28 5.25
CA VAL A 63 11.26 3.87 4.73
C VAL A 63 10.76 2.61 5.45
N LYS A 64 9.62 2.74 6.11
CA LYS A 64 9.03 1.62 6.83
C LYS A 64 7.51 1.63 6.71
N ILE A 65 6.95 0.48 6.35
CA ILE A 65 5.51 0.35 6.19
C ILE A 65 4.85 -0.14 7.48
N ARG A 66 3.88 0.63 7.97
CA ARG A 66 3.18 0.27 9.20
C ARG A 66 1.72 -0.07 8.91
N MET A 67 1.33 -1.29 9.23
CA MET A 67 -0.05 -1.74 9.01
C MET A 67 -0.65 -2.29 10.30
N THR A 68 -1.92 -1.94 10.54
CA THR A 68 -2.62 -2.40 11.74
C THR A 68 -3.74 -3.36 11.38
N PHE A 69 -4.18 -4.16 12.36
CA PHE A 69 -5.25 -5.12 12.14
C PHE A 69 -6.30 -5.01 13.25
N ASP A 70 -6.18 -3.97 14.06
CA ASP A 70 -7.13 -3.75 15.15
C ASP A 70 -7.56 -2.29 15.22
N THR A 71 -8.47 -1.91 14.32
CA THR A 71 -8.98 -0.54 14.27
C THR A 71 -7.89 0.45 14.66
N TRP A 72 -6.74 0.35 14.02
CA TRP A 72 -5.62 1.24 14.31
C TRP A 72 -5.36 1.33 15.81
N LYS A 73 -5.27 0.18 16.46
CA LYS A 73 -5.02 0.11 17.90
C LYS A 73 -3.57 -0.26 18.19
N SER A 74 -2.96 -1.00 17.27
CA SER A 74 -1.57 -1.42 17.43
C SER A 74 -1.07 -2.10 16.16
N TYR A 75 0.04 -1.58 15.62
CA TYR A 75 0.63 -2.13 14.41
C TYR A 75 2.12 -2.43 14.62
N THR A 76 2.74 -3.00 13.59
CA THR A 76 4.16 -3.34 13.65
C THR A 76 4.93 -2.64 12.54
N ASP A 77 6.07 -2.06 12.89
CA ASP A 77 6.91 -1.37 11.91
C ASP A 77 7.74 -2.36 11.12
N PHE A 78 7.45 -2.46 9.83
CA PHE A 78 8.18 -3.37 8.94
C PHE A 78 9.21 -2.62 8.10
N PRO A 79 10.48 -3.03 8.22
CA PRO A 79 11.59 -2.42 7.48
C PRO A 79 11.52 -2.72 5.99
N CYS A 80 11.73 -1.69 5.17
CA CYS A 80 11.69 -1.84 3.72
C CYS A 80 13.09 -2.12 3.17
N GLN A 81 13.14 -2.58 1.93
CA GLN A 81 14.42 -2.89 1.28
C GLN A 81 14.61 -2.06 0.02
N TYR A 82 15.79 -2.16 -0.57
CA TYR A 82 16.10 -1.42 -1.80
C TYR A 82 16.05 -2.33 -3.01
N VAL A 83 15.36 -1.90 -4.05
CA VAL A 83 15.24 -2.67 -5.28
C VAL A 83 16.30 -2.26 -6.30
N LYS A 84 17.36 -3.04 -6.40
CA LYS A 84 18.44 -2.76 -7.33
C LYS A 84 18.44 -3.76 -8.48
N ASP A 85 17.24 -4.12 -8.95
CA ASP A 85 17.10 -5.06 -10.05
C ASP A 85 17.17 -4.34 -11.39
N THR A 86 17.54 -5.08 -12.44
CA THR A 86 17.64 -4.52 -13.77
C THR A 86 16.38 -3.77 -14.15
N TYR A 87 15.22 -4.37 -13.87
CA TYR A 87 13.94 -3.75 -14.18
C TYR A 87 13.86 -2.34 -13.60
N ALA A 88 14.29 -2.19 -12.35
CA ALA A 88 14.26 -0.90 -11.69
C ALA A 88 15.12 0.12 -12.44
N GLY A 89 14.47 0.96 -13.22
CA GLY A 89 15.18 1.97 -13.98
C GLY A 89 15.06 3.36 -13.37
N SER A 90 13.87 3.67 -12.87
CA SER A 90 13.61 4.98 -12.26
C SER A 90 14.75 5.37 -11.32
N ASP A 91 15.61 6.27 -11.79
CA ASP A 91 16.74 6.73 -11.00
C ASP A 91 16.38 6.79 -9.51
N ARG A 92 15.28 7.45 -9.19
CA ARG A 92 14.83 7.58 -7.82
C ARG A 92 15.00 6.26 -7.07
N ASP A 93 15.14 6.34 -5.76
CA ASP A 93 15.30 5.16 -4.93
C ASP A 93 13.97 4.45 -4.71
N THR A 94 13.79 3.32 -5.39
CA THR A 94 12.55 2.56 -5.27
C THR A 94 12.67 1.46 -4.21
N PHE A 95 12.00 1.68 -3.09
CA PHE A 95 12.03 0.71 -1.99
C PHE A 95 10.85 -0.26 -2.08
N SER A 96 11.11 -1.52 -1.77
CA SER A 96 10.07 -2.55 -1.83
C SER A 96 9.73 -3.03 -0.42
N PHE A 97 8.49 -3.48 -0.25
CA PHE A 97 8.03 -3.97 1.05
C PHE A 97 7.24 -5.27 0.89
N ASP A 98 7.52 -6.23 1.77
CA ASP A 98 6.84 -7.52 1.72
C ASP A 98 6.39 -7.95 3.12
N ILE A 99 5.12 -7.70 3.43
CA ILE A 99 4.57 -8.05 4.73
C ILE A 99 3.84 -9.39 4.67
N SER A 100 3.89 -10.13 5.78
CA SER A 100 3.24 -11.43 5.85
C SER A 100 1.88 -11.32 6.54
N LEU A 101 0.82 -11.63 5.80
CA LEU A 101 -0.54 -11.56 6.33
C LEU A 101 -0.67 -12.45 7.56
N PRO A 102 -1.62 -12.09 8.45
CA PRO A 102 -1.88 -12.85 9.67
C PRO A 102 -2.50 -14.21 9.41
N GLU A 103 -2.44 -15.10 10.39
CA GLU A 103 -3.00 -16.44 10.25
C GLU A 103 -4.25 -16.42 9.39
N LYS A 104 -5.11 -15.43 9.63
CA LYS A 104 -6.36 -15.29 8.88
C LYS A 104 -6.91 -13.88 8.99
N ILE A 105 -7.99 -13.61 8.27
CA ILE A 105 -8.62 -12.30 8.29
C ILE A 105 -10.12 -12.40 8.03
N GLN A 106 -10.90 -11.67 8.82
CA GLN A 106 -12.35 -11.68 8.66
C GLN A 106 -12.91 -10.27 8.78
N SER A 107 -14.15 -10.09 8.30
CA SER A 107 -14.80 -8.78 8.35
C SER A 107 -15.30 -8.47 9.76
N TYR A 108 -14.39 -8.56 10.72
CA TYR A 108 -14.71 -8.29 12.12
C TYR A 108 -14.10 -6.97 12.58
N GLU A 109 -12.86 -6.73 12.15
CA GLU A 109 -12.15 -5.51 12.52
C GLU A 109 -11.53 -4.84 11.30
N ARG A 110 -11.32 -3.54 11.39
CA ARG A 110 -10.73 -2.79 10.28
C ARG A 110 -9.25 -3.13 10.11
N MET A 111 -8.76 -3.02 8.88
CA MET A 111 -7.36 -3.32 8.59
C MET A 111 -6.84 -2.41 7.49
N GLU A 112 -5.86 -1.57 7.84
CA GLU A 112 -5.27 -0.64 6.88
C GLU A 112 -3.80 -0.38 7.21
N PHE A 113 -3.10 0.27 6.28
CA PHE A 113 -1.69 0.57 6.48
C PHE A 113 -1.36 1.96 5.97
N ALA A 114 -0.25 2.51 6.43
CA ALA A 114 0.18 3.84 6.02
C ALA A 114 1.69 3.91 5.85
N VAL A 115 2.14 4.57 4.78
CA VAL A 115 3.57 4.71 4.51
C VAL A 115 4.20 5.77 5.40
N TYR A 116 5.36 5.44 5.95
CA TYR A 116 6.08 6.35 6.84
C TYR A 116 7.51 6.58 6.34
N TYR A 117 7.71 7.70 5.65
CA TYR A 117 9.03 8.04 5.12
C TYR A 117 9.67 9.17 5.92
N GLU A 118 10.68 8.82 6.71
CA GLU A 118 11.38 9.81 7.54
C GLU A 118 12.66 10.28 6.85
N CYS A 119 12.87 11.59 6.86
CA CYS A 119 14.05 12.18 6.23
C CYS A 119 14.12 13.68 6.48
N ASN A 120 15.33 14.23 6.47
CA ASN A 120 15.53 15.65 6.70
C ASN A 120 14.77 16.11 7.94
N GLY A 121 14.84 15.32 9.01
CA GLY A 121 14.16 15.67 10.24
C GLY A 121 12.68 15.91 10.04
N GLN A 122 12.07 15.14 9.14
CA GLN A 122 10.66 15.29 8.84
C GLN A 122 9.97 13.92 8.78
N THR A 123 8.65 13.93 8.79
CA THR A 123 7.87 12.69 8.74
C THR A 123 6.69 12.82 7.79
N TYR A 124 6.76 12.10 6.67
CA TYR A 124 5.70 12.14 5.67
C TYR A 124 4.78 10.92 5.81
N TRP A 125 3.48 11.17 5.76
CA TRP A 125 2.49 10.10 5.88
C TRP A 125 1.62 10.02 4.63
N ASP A 126 1.53 8.83 4.04
CA ASP A 126 0.72 8.63 2.84
C ASP A 126 -0.39 7.62 3.11
N SER A 127 -1.59 8.13 3.34
CA SER A 127 -2.74 7.28 3.60
C SER A 127 -3.77 7.38 2.48
N ASN A 128 -3.79 6.39 1.60
CA ASN A 128 -4.72 6.37 0.48
C ASN A 128 -5.12 7.79 0.09
N ARG A 129 -4.14 8.69 0.04
CA ARG A 129 -4.39 10.08 -0.33
C ARG A 129 -5.76 10.53 0.18
N GLY A 130 -6.00 10.33 1.48
CA GLY A 130 -7.26 10.74 2.07
C GLY A 130 -7.41 10.24 3.51
N LYS A 131 -7.96 9.04 3.66
CA LYS A 131 -8.16 8.46 4.99
C LYS A 131 -7.13 7.37 5.26
N ASN A 132 -7.26 6.25 4.54
CA ASN A 132 -6.34 5.13 4.70
C ASN A 132 -6.63 4.04 3.69
N TYR A 133 -5.61 3.25 3.37
CA TYR A 133 -5.76 2.17 2.39
C TYR A 133 -6.57 1.01 2.99
N ARG A 134 -7.75 0.79 2.43
CA ARG A 134 -8.62 -0.28 2.90
C ARG A 134 -8.34 -1.58 2.15
N ILE A 135 -8.32 -2.69 2.89
CA ILE A 135 -8.07 -4.00 2.29
C ILE A 135 -9.27 -4.92 2.45
N ILE A 136 -9.89 -5.27 1.33
CA ILE A 136 -11.05 -6.16 1.34
C ILE A 136 -10.68 -7.57 0.92
N ARG A 137 -11.67 -8.45 0.88
CA ARG A 137 -11.44 -9.83 0.48
C ARG A 137 -11.57 -10.00 -1.03
N ALA A 138 -11.06 -11.11 -1.54
CA ALA A 138 -11.11 -11.39 -2.97
C ALA A 138 -12.55 -11.56 -3.44
N GLU A 139 -13.37 -12.23 -2.63
CA GLU A 139 -14.77 -12.45 -2.96
C GLU A 139 -15.43 -11.15 -3.44
N LEU A 140 -14.89 -10.03 -3.01
CA LEU A 140 -15.43 -8.72 -3.39
C LEU A 140 -14.43 -7.95 -4.25
N LYS A 141 -14.92 -7.33 -5.31
CA LYS A 141 -14.07 -6.56 -6.21
C LYS A 141 -14.91 -5.83 -7.26
N SER A 142 -14.54 -4.59 -7.56
CA SER A 142 -15.27 -3.79 -8.54
C SER A 142 -14.82 -4.15 -9.96
N THR A 143 -15.78 -4.45 -10.82
CA THR A 143 -15.50 -4.80 -12.20
C THR A 143 -16.61 -4.35 -13.12
N GLN A 144 -16.25 -4.03 -14.37
CA GLN A 144 -17.22 -3.57 -15.35
C GLN A 144 -16.65 -3.66 -16.77
N GLY A 145 -17.53 -3.81 -17.75
CA GLY A 145 -17.10 -3.90 -19.13
C GLY A 145 -18.07 -3.23 -20.09
N MET A 146 -18.40 -1.98 -19.81
CA MET A 146 -19.32 -1.24 -20.66
C MET A 146 -18.61 -0.06 -21.32
N THR A 147 -18.81 0.09 -22.63
CA THR A 147 -18.19 1.18 -23.38
C THR A 147 -18.16 2.47 -22.57
N LYS A 148 -17.00 3.11 -22.53
CA LYS A 148 -16.84 4.35 -21.79
C LYS A 148 -17.60 5.49 -22.46
N PRO A 149 -18.17 6.38 -21.64
CA PRO A 149 -18.95 7.53 -22.13
C PRO A 149 -18.06 8.56 -22.81
N HIS A 150 -18.20 8.69 -24.12
CA HIS A 150 -17.41 9.65 -24.89
C HIS A 150 -17.76 11.08 -24.49
N SER A 151 -16.98 11.63 -23.55
CA SER A 151 -17.22 12.99 -23.08
C SER A 151 -16.21 13.95 -23.69
N GLY A 152 -16.55 15.24 -23.68
CA GLY A 152 -15.66 16.25 -24.24
C GLY A 152 -15.86 17.61 -23.60
N PRO A 153 -15.18 17.84 -22.47
CA PRO A 153 -15.26 19.11 -21.74
C PRO A 153 -14.60 20.26 -22.49
N ASP A 154 -14.79 21.47 -21.99
CA ASP A 154 -14.20 22.65 -22.61
C ASP A 154 -13.29 23.38 -21.63
N LEU A 155 -12.70 24.49 -22.09
CA LEU A 155 -11.81 25.28 -21.26
C LEU A 155 -12.59 26.10 -20.24
N GLY A 156 -11.98 26.35 -19.08
CA GLY A 156 -12.64 27.12 -18.04
C GLY A 156 -14.14 26.89 -18.01
N GLY A 1 13.97 -18.94 13.76
CA GLY A 1 14.50 -19.86 12.76
C GLY A 1 13.50 -20.18 11.67
N SER A 2 12.66 -21.19 11.90
CA SER A 2 11.65 -21.58 10.93
C SER A 2 10.39 -20.76 11.09
N SER A 3 10.24 -19.73 10.25
CA SER A 3 9.08 -18.86 10.31
C SER A 3 8.89 -18.12 8.99
N GLY A 4 7.80 -18.42 8.30
CA GLY A 4 7.52 -17.78 7.03
C GLY A 4 6.30 -18.37 6.33
N SER A 5 6.33 -19.68 6.12
CA SER A 5 5.23 -20.37 5.46
C SER A 5 3.95 -20.27 6.28
N SER A 6 2.88 -19.81 5.65
CA SER A 6 1.59 -19.66 6.31
C SER A 6 0.77 -20.95 6.21
N GLY A 7 -0.26 -21.05 7.04
CA GLY A 7 -1.10 -22.23 7.02
C GLY A 7 -2.56 -21.90 7.30
N ALA A 8 -3.37 -21.88 6.24
CA ALA A 8 -4.79 -21.58 6.36
C ALA A 8 -5.54 -21.95 5.09
N GLU A 9 -6.86 -22.03 5.20
CA GLU A 9 -7.71 -22.37 4.05
C GLU A 9 -8.64 -21.22 3.70
N SER A 10 -8.20 -20.00 3.97
CA SER A 10 -9.00 -18.82 3.68
C SER A 10 -9.02 -18.52 2.18
N GLU A 11 -9.74 -17.47 1.79
CA GLU A 11 -9.84 -17.07 0.40
C GLU A 11 -8.91 -15.90 0.10
N SER A 12 -8.55 -15.75 -1.17
CA SER A 12 -7.67 -14.67 -1.59
C SER A 12 -8.23 -13.31 -1.16
N PHE A 13 -7.39 -12.29 -1.24
CA PHE A 13 -7.81 -10.94 -0.86
C PHE A 13 -7.50 -9.94 -1.98
N VAL A 14 -8.13 -8.77 -1.91
CA VAL A 14 -7.92 -7.73 -2.92
C VAL A 14 -7.84 -6.35 -2.26
N LEU A 15 -7.60 -5.34 -3.09
CA LEU A 15 -7.50 -3.97 -2.60
C LEU A 15 -8.75 -3.17 -2.94
N ASP A 16 -9.31 -2.49 -1.95
CA ASP A 16 -10.51 -1.68 -2.15
C ASP A 16 -10.15 -0.30 -2.66
N PHE A 17 -9.07 -0.22 -3.43
CA PHE A 17 -8.62 1.06 -3.98
C PHE A 17 -7.89 0.85 -5.30
N SER A 18 -7.89 1.88 -6.14
CA SER A 18 -7.23 1.80 -7.44
C SER A 18 -5.75 2.13 -7.32
N GLN A 19 -4.94 1.55 -8.20
CA GLN A 19 -3.50 1.78 -8.19
C GLN A 19 -3.18 3.24 -8.43
N PRO A 20 -2.29 3.80 -7.60
CA PRO A 20 -1.88 5.21 -7.71
C PRO A 20 -1.03 5.47 -8.94
N SER A 21 -0.07 4.58 -9.20
CA SER A 21 0.81 4.72 -10.35
C SER A 21 0.01 4.97 -11.62
N ALA A 22 -1.17 4.38 -11.69
CA ALA A 22 -2.04 4.54 -12.85
C ALA A 22 -1.91 5.94 -13.45
N ASP A 23 -1.88 6.95 -12.58
CA ASP A 23 -1.76 8.33 -13.01
C ASP A 23 -0.38 8.88 -12.69
N TYR A 24 0.52 8.84 -13.67
CA TYR A 24 1.88 9.33 -13.49
C TYR A 24 1.88 10.76 -12.97
N LEU A 25 0.96 11.57 -13.50
CA LEU A 25 0.85 12.96 -13.09
C LEU A 25 0.31 13.08 -11.67
N ASP A 26 -0.97 12.77 -11.50
CA ASP A 26 -1.61 12.83 -10.19
C ASP A 26 -0.75 12.15 -9.13
N PHE A 27 0.11 11.24 -9.57
CA PHE A 27 0.99 10.51 -8.67
C PHE A 27 2.25 11.33 -8.36
N ARG A 28 3.00 11.66 -9.42
CA ARG A 28 4.22 12.43 -9.26
C ARG A 28 3.97 13.71 -8.46
N ASN A 29 2.77 14.26 -8.61
CA ASN A 29 2.41 15.48 -7.90
C ASN A 29 2.49 15.28 -6.40
N ARG A 30 2.14 14.08 -5.94
CA ARG A 30 2.17 13.76 -4.52
C ARG A 30 3.60 13.44 -4.07
N LEU A 31 4.37 12.84 -4.96
CA LEU A 31 5.75 12.49 -4.66
C LEU A 31 6.66 13.72 -4.67
N GLN A 32 6.11 14.84 -5.13
CA GLN A 32 6.86 16.08 -5.18
C GLN A 32 6.42 17.04 -4.08
N ALA A 33 5.19 16.87 -3.61
CA ALA A 33 4.66 17.71 -2.55
C ALA A 33 4.75 17.01 -1.20
N ASP A 34 4.78 15.68 -1.22
CA ASP A 34 4.88 14.90 0.01
C ASP A 34 6.19 14.12 0.06
N HIS A 35 6.96 14.20 -1.02
CA HIS A 35 8.24 13.51 -1.10
C HIS A 35 8.07 12.03 -0.76
N VAL A 36 6.89 11.48 -1.05
CA VAL A 36 6.61 10.08 -0.77
C VAL A 36 5.29 9.66 -1.40
N CYS A 37 5.25 8.42 -1.92
CA CYS A 37 4.05 7.89 -2.55
C CYS A 37 4.24 6.43 -2.92
N LEU A 38 3.16 5.66 -2.80
CA LEU A 38 3.20 4.23 -3.12
C LEU A 38 3.02 4.01 -4.62
N GLU A 39 3.99 3.34 -5.24
CA GLU A 39 3.94 3.05 -6.66
C GLU A 39 2.90 1.99 -6.97
N ASN A 40 3.17 0.76 -6.56
CA ASN A 40 2.27 -0.35 -6.79
C ASN A 40 2.25 -1.31 -5.61
N CYS A 41 1.08 -1.85 -5.31
CA CYS A 41 0.94 -2.78 -4.19
C CYS A 41 0.17 -4.03 -4.61
N VAL A 42 0.91 -5.09 -4.93
CA VAL A 42 0.30 -6.35 -5.36
C VAL A 42 -0.04 -7.23 -4.16
N LEU A 43 -0.88 -8.23 -4.38
CA LEU A 43 -1.27 -9.15 -3.32
C LEU A 43 -0.88 -10.58 -3.67
N LYS A 44 -0.51 -11.35 -2.65
CA LYS A 44 -0.11 -12.74 -2.83
C LYS A 44 -0.74 -13.64 -1.77
N ASP A 45 -0.38 -14.92 -1.80
CA ASP A 45 -0.91 -15.88 -0.84
C ASP A 45 -0.58 -15.45 0.59
N LYS A 46 -1.61 -15.20 1.38
CA LYS A 46 -1.43 -14.79 2.77
C LYS A 46 -0.22 -13.87 2.91
N ALA A 47 -0.02 -13.01 1.92
CA ALA A 47 1.10 -12.07 1.93
C ALA A 47 0.90 -10.97 0.89
N ILE A 48 1.54 -9.83 1.12
CA ILE A 48 1.44 -8.70 0.21
C ILE A 48 2.81 -8.17 -0.15
N ALA A 49 2.87 -7.35 -1.21
CA ALA A 49 4.13 -6.78 -1.66
C ALA A 49 3.88 -5.47 -2.41
N GLY A 50 4.79 -4.51 -2.22
CA GLY A 50 4.67 -3.22 -2.89
C GLY A 50 5.94 -2.41 -2.83
N THR A 51 6.07 -1.44 -3.74
CA THR A 51 7.25 -0.59 -3.78
C THR A 51 6.88 0.86 -3.52
N VAL A 52 7.66 1.53 -2.67
CA VAL A 52 7.41 2.93 -2.34
C VAL A 52 8.49 3.83 -2.94
N LYS A 53 8.07 4.99 -3.45
CA LYS A 53 8.99 5.94 -4.05
C LYS A 53 9.27 7.10 -3.10
N VAL A 54 10.45 7.70 -3.23
CA VAL A 54 10.85 8.82 -2.39
C VAL A 54 11.80 9.75 -3.12
N GLN A 55 11.81 11.02 -2.72
CA GLN A 55 12.68 12.01 -3.34
C GLN A 55 14.09 11.96 -2.75
N ASN A 56 15.07 12.32 -3.55
CA ASN A 56 16.47 12.31 -3.11
C ASN A 56 16.78 13.56 -2.29
N LEU A 57 15.94 13.85 -1.31
CA LEU A 57 16.13 15.02 -0.47
C LEU A 57 17.41 14.89 0.36
N ALA A 58 17.52 13.80 1.12
CA ALA A 58 18.69 13.56 1.95
C ALA A 58 19.39 12.26 1.54
N PHE A 59 20.67 12.16 1.86
CA PHE A 59 21.45 10.97 1.53
C PHE A 59 20.84 9.73 2.16
N GLU A 60 20.68 9.76 3.48
CA GLU A 60 20.11 8.63 4.21
C GLU A 60 18.63 8.86 4.51
N LYS A 61 17.82 7.84 4.27
CA LYS A 61 16.38 7.94 4.52
C LYS A 61 15.90 6.75 5.35
N THR A 62 14.67 6.84 5.83
CA THR A 62 14.08 5.78 6.63
C THR A 62 12.63 5.53 6.24
N VAL A 63 12.39 4.40 5.58
CA VAL A 63 11.04 4.05 5.14
C VAL A 63 10.50 2.86 5.94
N LYS A 64 9.31 3.04 6.51
CA LYS A 64 8.68 1.99 7.30
C LYS A 64 7.17 1.98 7.09
N ILE A 65 6.63 0.81 6.77
CA ILE A 65 5.19 0.67 6.54
C ILE A 65 4.49 0.15 7.79
N ARG A 66 3.55 0.94 8.31
CA ARG A 66 2.81 0.57 9.50
C ARG A 66 1.41 0.08 9.13
N MET A 67 1.08 -1.14 9.55
CA MET A 67 -0.23 -1.72 9.26
C MET A 67 -0.84 -2.32 10.53
N THR A 68 -2.14 -2.09 10.72
CA THR A 68 -2.84 -2.60 11.88
C THR A 68 -3.83 -3.70 11.49
N PHE A 69 -4.30 -4.44 12.48
CA PHE A 69 -5.25 -5.52 12.24
C PHE A 69 -6.44 -5.43 13.20
N ASP A 70 -6.35 -4.52 14.15
CA ASP A 70 -7.41 -4.32 15.13
C ASP A 70 -7.71 -2.84 15.33
N THR A 71 -8.65 -2.32 14.54
CA THR A 71 -9.02 -0.91 14.62
C THR A 71 -7.84 -0.05 15.03
N TRP A 72 -6.75 -0.15 14.27
CA TRP A 72 -5.55 0.62 14.56
C TRP A 72 -5.24 0.62 16.06
N LYS A 73 -5.18 -0.58 16.64
CA LYS A 73 -4.89 -0.72 18.07
C LYS A 73 -3.40 -0.90 18.30
N SER A 74 -2.76 -1.67 17.42
CA SER A 74 -1.33 -1.94 17.53
C SER A 74 -0.77 -2.52 16.23
N TYR A 75 0.03 -1.73 15.53
CA TYR A 75 0.62 -2.16 14.27
C TYR A 75 2.12 -2.43 14.44
N THR A 76 2.71 -3.05 13.43
CA THR A 76 4.14 -3.37 13.46
C THR A 76 4.89 -2.62 12.37
N ASP A 77 5.98 -1.95 12.76
CA ASP A 77 6.79 -1.20 11.81
C ASP A 77 7.70 -2.13 11.01
N PHE A 78 7.28 -2.46 9.80
CA PHE A 78 8.06 -3.33 8.93
C PHE A 78 9.09 -2.54 8.14
N PRO A 79 10.36 -2.98 8.23
CA PRO A 79 11.47 -2.33 7.53
C PRO A 79 11.40 -2.52 6.02
N CYS A 80 11.59 -1.44 5.28
CA CYS A 80 11.55 -1.49 3.82
C CYS A 80 12.93 -1.80 3.25
N GLN A 81 12.95 -2.62 2.20
CA GLN A 81 14.21 -3.00 1.57
C GLN A 81 14.51 -2.10 0.37
N TYR A 82 15.66 -2.31 -0.24
CA TYR A 82 16.07 -1.52 -1.40
C TYR A 82 16.03 -2.35 -2.67
N VAL A 83 15.40 -1.80 -3.71
CA VAL A 83 15.30 -2.49 -5.00
C VAL A 83 16.35 -2.00 -5.98
N LYS A 84 17.25 -2.89 -6.37
CA LYS A 84 18.31 -2.54 -7.31
C LYS A 84 18.17 -3.35 -8.60
N ASP A 85 16.93 -3.50 -9.07
CA ASP A 85 16.67 -4.24 -10.30
C ASP A 85 17.15 -3.46 -11.52
N THR A 86 17.32 -4.16 -12.63
CA THR A 86 17.78 -3.54 -13.86
C THR A 86 16.97 -2.29 -14.18
N TYR A 87 15.67 -2.36 -13.96
CA TYR A 87 14.78 -1.24 -14.23
C TYR A 87 14.91 -0.17 -13.14
N ALA A 88 14.94 -0.61 -11.89
CA ALA A 88 15.08 0.31 -10.76
C ALA A 88 16.46 0.94 -10.72
N GLY A 89 16.54 2.13 -10.15
CA GLY A 89 17.82 2.82 -10.05
C GLY A 89 18.08 3.72 -11.24
N SER A 90 17.08 4.53 -11.59
CA SER A 90 17.20 5.44 -12.72
C SER A 90 17.51 6.86 -12.25
N ASP A 91 16.58 7.42 -11.48
CA ASP A 91 16.74 8.78 -10.96
C ASP A 91 16.68 8.79 -9.44
N ARG A 92 15.51 8.45 -8.89
CA ARG A 92 15.32 8.41 -7.45
C ARG A 92 15.38 6.99 -6.92
N ASP A 93 15.69 6.85 -5.64
CA ASP A 93 15.79 5.53 -5.01
C ASP A 93 14.41 4.88 -4.91
N THR A 94 14.40 3.55 -4.89
CA THR A 94 13.16 2.81 -4.80
C THR A 94 13.25 1.72 -3.73
N PHE A 95 12.29 1.73 -2.80
CA PHE A 95 12.26 0.75 -1.72
C PHE A 95 11.07 -0.18 -1.87
N SER A 96 11.16 -1.36 -1.26
CA SER A 96 10.08 -2.34 -1.33
C SER A 96 9.68 -2.80 0.07
N PHE A 97 8.49 -3.40 0.17
CA PHE A 97 7.99 -3.87 1.45
C PHE A 97 7.24 -5.19 1.28
N ASP A 98 7.48 -6.13 2.19
CA ASP A 98 6.84 -7.44 2.14
C ASP A 98 6.21 -7.78 3.48
N ILE A 99 4.88 -7.65 3.57
CA ILE A 99 4.16 -7.94 4.80
C ILE A 99 3.39 -9.26 4.68
N SER A 100 3.49 -10.09 5.70
CA SER A 100 2.80 -11.37 5.71
C SER A 100 1.43 -11.26 6.36
N LEU A 101 0.40 -11.68 5.63
CA LEU A 101 -0.97 -11.62 6.14
C LEU A 101 -1.17 -12.57 7.30
N PRO A 102 -2.16 -12.27 8.15
CA PRO A 102 -2.48 -13.09 9.32
C PRO A 102 -3.07 -14.45 8.94
N GLU A 103 -3.12 -15.36 9.91
CA GLU A 103 -3.65 -16.70 9.67
C GLU A 103 -4.90 -16.63 8.79
N LYS A 104 -5.91 -15.89 9.24
CA LYS A 104 -7.14 -15.75 8.49
C LYS A 104 -7.85 -14.46 8.85
N ILE A 105 -8.91 -14.13 8.11
CA ILE A 105 -9.68 -12.92 8.36
C ILE A 105 -11.10 -13.06 7.85
N GLN A 106 -12.05 -13.15 8.78
CA GLN A 106 -13.46 -13.29 8.43
C GLN A 106 -14.14 -11.92 8.37
N SER A 107 -13.34 -10.87 8.21
CA SER A 107 -13.87 -9.52 8.15
C SER A 107 -14.49 -9.10 9.48
N TYR A 108 -13.81 -9.43 10.57
CA TYR A 108 -14.30 -9.10 11.90
C TYR A 108 -13.44 -8.00 12.53
N GLU A 109 -12.30 -7.73 11.93
CA GLU A 109 -11.39 -6.71 12.43
C GLU A 109 -10.84 -5.86 11.29
N ARG A 110 -10.88 -4.53 11.46
CA ARG A 110 -10.39 -3.62 10.44
C ARG A 110 -8.90 -3.82 10.20
N MET A 111 -8.46 -3.55 8.98
CA MET A 111 -7.05 -3.71 8.61
C MET A 111 -6.63 -2.64 7.61
N GLU A 112 -5.60 -1.88 7.95
CA GLU A 112 -5.10 -0.83 7.08
C GLU A 112 -3.60 -0.62 7.27
N PHE A 113 -2.99 0.14 6.37
CA PHE A 113 -1.56 0.41 6.43
C PHE A 113 -1.25 1.79 5.88
N ALA A 114 -0.25 2.45 6.47
CA ALA A 114 0.16 3.77 6.03
C ALA A 114 1.67 3.85 5.82
N VAL A 115 2.09 4.74 4.93
CA VAL A 115 3.52 4.91 4.64
C VAL A 115 4.15 5.96 5.55
N TYR A 116 5.41 5.73 5.91
CA TYR A 116 6.12 6.66 6.78
C TYR A 116 7.51 6.96 6.22
N TYR A 117 7.63 8.09 5.53
CA TYR A 117 8.90 8.49 4.94
C TYR A 117 9.61 9.52 5.83
N GLU A 118 10.84 9.21 6.22
CA GLU A 118 11.62 10.10 7.06
C GLU A 118 12.91 10.53 6.34
N CYS A 119 13.18 11.83 6.38
CA CYS A 119 14.37 12.37 5.74
C CYS A 119 14.52 13.86 6.05
N ASN A 120 15.77 14.31 6.15
CA ASN A 120 16.05 15.71 6.45
C ASN A 120 15.31 16.17 7.70
N GLY A 121 15.29 15.31 8.71
CA GLY A 121 14.60 15.64 9.95
C GLY A 121 13.12 15.90 9.74
N GLN A 122 12.53 15.19 8.79
CA GLN A 122 11.11 15.35 8.49
C GLN A 122 10.39 13.99 8.49
N THR A 123 9.07 14.03 8.64
CA THR A 123 8.27 12.81 8.65
C THR A 123 7.00 12.98 7.84
N TYR A 124 6.95 12.37 6.66
CA TYR A 124 5.79 12.46 5.79
C TYR A 124 4.84 11.29 6.04
N TRP A 125 3.54 11.58 6.02
CA TRP A 125 2.52 10.55 6.24
C TRP A 125 1.58 10.46 5.05
N ASP A 126 1.53 9.30 4.41
CA ASP A 126 0.66 9.08 3.27
C ASP A 126 -0.44 8.09 3.61
N SER A 127 -1.62 8.61 3.92
CA SER A 127 -2.76 7.77 4.27
C SER A 127 -3.60 7.46 3.03
N ASN A 128 -3.29 6.33 2.39
CA ASN A 128 -4.01 5.91 1.18
C ASN A 128 -4.45 7.13 0.36
N ARG A 129 -3.55 8.09 0.22
CA ARG A 129 -3.84 9.30 -0.55
C ARG A 129 -5.31 9.66 -0.44
N GLY A 130 -5.84 9.64 0.79
CA GLY A 130 -7.23 9.98 1.01
C GLY A 130 -7.66 9.74 2.44
N LYS A 131 -7.94 8.48 2.77
CA LYS A 131 -8.37 8.12 4.11
C LYS A 131 -7.48 7.03 4.70
N ASN A 132 -7.53 5.85 4.10
CA ASN A 132 -6.71 4.73 4.56
C ASN A 132 -6.86 3.54 3.62
N TYR A 133 -5.80 2.74 3.50
CA TYR A 133 -5.81 1.57 2.64
C TYR A 133 -6.62 0.44 3.28
N ARG A 134 -7.89 0.35 2.91
CA ARG A 134 -8.77 -0.68 3.44
C ARG A 134 -8.61 -1.99 2.66
N ILE A 135 -7.84 -2.91 3.23
CA ILE A 135 -7.60 -4.20 2.59
C ILE A 135 -8.75 -5.16 2.86
N ILE A 136 -9.55 -5.43 1.82
CA ILE A 136 -10.68 -6.34 1.95
C ILE A 136 -10.42 -7.64 1.22
N ARG A 137 -11.26 -8.64 1.47
CA ARG A 137 -11.13 -9.94 0.83
C ARG A 137 -11.57 -9.90 -0.63
N ALA A 138 -11.43 -11.01 -1.32
CA ALA A 138 -11.82 -11.10 -2.73
C ALA A 138 -13.28 -11.55 -2.86
N GLU A 139 -13.76 -12.28 -1.86
CA GLU A 139 -15.13 -12.77 -1.87
C GLU A 139 -16.13 -11.62 -1.70
N LEU A 140 -15.88 -10.77 -0.71
CA LEU A 140 -16.74 -9.64 -0.43
C LEU A 140 -17.02 -8.85 -1.71
N LYS A 141 -15.97 -8.26 -2.27
CA LYS A 141 -16.10 -7.48 -3.49
C LYS A 141 -16.61 -8.33 -4.64
N SER A 142 -17.89 -8.20 -4.96
CA SER A 142 -18.50 -8.96 -6.04
C SER A 142 -19.71 -8.23 -6.61
N THR A 143 -20.27 -8.78 -7.69
CA THR A 143 -21.43 -8.18 -8.33
C THR A 143 -22.73 -8.84 -7.85
N GLN A 144 -23.53 -8.09 -7.11
CA GLN A 144 -24.80 -8.62 -6.60
C GLN A 144 -25.91 -8.44 -7.62
N GLY A 145 -26.06 -7.22 -8.14
CA GLY A 145 -27.09 -6.95 -9.12
C GLY A 145 -27.76 -5.61 -8.90
N MET A 146 -26.96 -4.57 -8.67
CA MET A 146 -27.48 -3.23 -8.45
C MET A 146 -27.47 -2.42 -9.74
N THR A 147 -28.59 -1.79 -10.05
CA THR A 147 -28.71 -0.98 -11.26
C THR A 147 -27.71 0.18 -11.24
N LYS A 148 -27.47 0.77 -12.41
CA LYS A 148 -26.55 1.89 -12.52
C LYS A 148 -27.30 3.18 -12.85
N PRO A 149 -26.79 4.31 -12.32
CA PRO A 149 -27.40 5.62 -12.55
C PRO A 149 -27.21 6.10 -13.99
N HIS A 150 -27.94 7.17 -14.34
CA HIS A 150 -27.85 7.73 -15.69
C HIS A 150 -26.42 7.74 -16.18
N SER A 151 -26.11 6.85 -17.12
CA SER A 151 -24.77 6.75 -17.68
C SER A 151 -24.30 8.10 -18.20
N GLY A 152 -23.01 8.18 -18.55
CA GLY A 152 -22.47 9.42 -19.06
C GLY A 152 -21.14 9.22 -19.76
N PRO A 153 -21.18 8.67 -20.99
CA PRO A 153 -19.98 8.40 -21.79
C PRO A 153 -19.32 9.69 -22.28
N ASP A 154 -18.42 10.23 -21.48
CA ASP A 154 -17.72 11.46 -21.84
C ASP A 154 -16.88 11.26 -23.09
N LEU A 155 -16.15 10.15 -23.14
CA LEU A 155 -15.31 9.84 -24.29
C LEU A 155 -16.04 10.11 -25.60
N GLY A 156 -17.19 9.47 -25.77
CA GLY A 156 -17.98 9.65 -26.98
C GLY A 156 -18.87 10.87 -26.91
N GLY A 1 -25.30 -1.45 1.63
CA GLY A 1 -24.17 -2.34 1.51
C GLY A 1 -23.80 -3.00 2.82
N SER A 2 -23.31 -4.24 2.76
CA SER A 2 -22.93 -4.98 3.94
C SER A 2 -21.96 -6.10 3.60
N SER A 3 -21.38 -6.72 4.63
CA SER A 3 -20.42 -7.80 4.43
C SER A 3 -20.23 -8.60 5.72
N GLY A 4 -19.73 -9.82 5.58
CA GLY A 4 -19.50 -10.66 6.74
C GLY A 4 -19.92 -12.10 6.51
N SER A 5 -19.02 -13.03 6.79
CA SER A 5 -19.30 -14.46 6.60
C SER A 5 -18.32 -15.31 7.39
N SER A 6 -18.68 -16.56 7.61
CA SER A 6 -17.83 -17.49 8.36
C SER A 6 -17.70 -18.81 7.62
N GLY A 7 -16.57 -19.48 7.79
CA GLY A 7 -16.34 -20.75 7.13
C GLY A 7 -14.88 -21.18 7.19
N ALA A 8 -14.56 -22.29 6.53
CA ALA A 8 -13.20 -22.81 6.51
C ALA A 8 -12.70 -22.96 5.08
N GLU A 9 -12.99 -21.98 4.24
CA GLU A 9 -12.56 -22.01 2.84
C GLU A 9 -11.49 -20.95 2.57
N SER A 10 -10.24 -21.33 2.81
CA SER A 10 -9.11 -20.42 2.60
C SER A 10 -9.19 -19.78 1.22
N GLU A 11 -9.34 -18.45 1.20
CA GLU A 11 -9.43 -17.71 -0.06
C GLU A 11 -8.41 -16.58 -0.09
N SER A 12 -8.38 -15.85 -1.19
CA SER A 12 -7.45 -14.74 -1.36
C SER A 12 -8.14 -13.40 -1.12
N PHE A 13 -7.34 -12.36 -0.91
CA PHE A 13 -7.88 -11.03 -0.66
C PHE A 13 -7.57 -10.09 -1.82
N VAL A 14 -8.08 -8.86 -1.74
CA VAL A 14 -7.87 -7.88 -2.79
C VAL A 14 -7.86 -6.46 -2.22
N LEU A 15 -7.52 -5.49 -3.05
CA LEU A 15 -7.46 -4.10 -2.63
C LEU A 15 -8.71 -3.35 -3.08
N ASP A 16 -9.24 -2.51 -2.20
CA ASP A 16 -10.44 -1.73 -2.51
C ASP A 16 -10.06 -0.34 -3.02
N PHE A 17 -8.90 -0.25 -3.68
CA PHE A 17 -8.43 1.02 -4.22
C PHE A 17 -7.62 0.79 -5.49
N SER A 18 -7.71 1.74 -6.42
CA SER A 18 -7.00 1.65 -7.69
C SER A 18 -5.53 1.99 -7.50
N GLN A 19 -4.68 1.38 -8.32
CA GLN A 19 -3.24 1.61 -8.24
C GLN A 19 -2.91 3.08 -8.47
N PRO A 20 -1.96 3.62 -7.68
CA PRO A 20 -1.54 5.01 -7.78
C PRO A 20 -0.77 5.30 -9.06
N SER A 21 0.16 4.42 -9.40
CA SER A 21 0.97 4.58 -10.60
C SER A 21 0.09 4.92 -11.80
N ALA A 22 -1.07 4.27 -11.88
CA ALA A 22 -2.00 4.51 -12.98
C ALA A 22 -1.99 5.97 -13.40
N ASP A 23 -1.93 6.86 -12.41
CA ASP A 23 -1.92 8.29 -12.67
C ASP A 23 -0.56 8.89 -12.37
N TYR A 24 0.24 9.09 -13.42
CA TYR A 24 1.58 9.65 -13.26
C TYR A 24 1.52 11.01 -12.56
N LEU A 25 0.50 11.80 -12.92
CA LEU A 25 0.33 13.12 -12.33
C LEU A 25 -0.16 13.02 -10.88
N ASP A 26 -1.30 12.39 -10.69
CA ASP A 26 -1.88 12.22 -9.37
C ASP A 26 -0.89 11.51 -8.44
N PHE A 27 0.11 10.86 -9.02
CA PHE A 27 1.12 10.14 -8.26
C PHE A 27 2.27 11.06 -7.87
N ARG A 28 2.90 11.67 -8.88
CA ARG A 28 4.02 12.57 -8.66
C ARG A 28 3.63 13.67 -7.66
N ASN A 29 2.38 14.11 -7.73
CA ASN A 29 1.90 15.15 -6.84
C ASN A 29 2.15 14.79 -5.38
N ARG A 30 2.05 13.51 -5.07
CA ARG A 30 2.26 13.03 -3.71
C ARG A 30 3.76 12.92 -3.41
N LEU A 31 4.53 12.52 -4.41
CA LEU A 31 5.98 12.37 -4.26
C LEU A 31 6.67 13.73 -4.30
N GLN A 32 5.93 14.76 -4.71
CA GLN A 32 6.48 16.10 -4.80
C GLN A 32 5.96 16.98 -3.67
N ALA A 33 4.72 16.72 -3.25
CA ALA A 33 4.11 17.49 -2.17
C ALA A 33 4.30 16.79 -0.82
N ASP A 34 4.43 15.47 -0.87
CA ASP A 34 4.62 14.68 0.34
C ASP A 34 6.01 14.06 0.38
N HIS A 35 6.70 14.09 -0.76
CA HIS A 35 8.04 13.53 -0.86
C HIS A 35 8.01 12.02 -0.66
N VAL A 36 6.89 11.40 -1.01
CA VAL A 36 6.74 9.96 -0.87
C VAL A 36 5.42 9.48 -1.46
N CYS A 37 5.44 8.28 -2.03
CA CYS A 37 4.24 7.71 -2.64
C CYS A 37 4.45 6.24 -2.99
N LEU A 38 3.35 5.50 -3.09
CA LEU A 38 3.42 4.07 -3.41
C LEU A 38 3.24 3.85 -4.91
N GLU A 39 4.11 3.02 -5.48
CA GLU A 39 4.05 2.72 -6.91
C GLU A 39 2.99 1.66 -7.20
N ASN A 40 3.28 0.43 -6.78
CA ASN A 40 2.35 -0.68 -6.99
C ASN A 40 2.31 -1.60 -5.77
N CYS A 41 1.13 -2.16 -5.50
CA CYS A 41 0.96 -3.04 -4.36
C CYS A 41 0.14 -4.27 -4.74
N VAL A 42 0.81 -5.41 -4.86
CA VAL A 42 0.16 -6.66 -5.22
C VAL A 42 -0.19 -7.48 -3.99
N LEU A 43 -1.03 -8.50 -4.18
CA LEU A 43 -1.44 -9.36 -3.07
C LEU A 43 -1.21 -10.83 -3.42
N LYS A 44 -0.76 -11.60 -2.44
CA LYS A 44 -0.50 -13.02 -2.65
C LYS A 44 -1.11 -13.85 -1.51
N ASP A 45 -0.87 -15.16 -1.55
CA ASP A 45 -1.39 -16.06 -0.52
C ASP A 45 -0.96 -15.60 0.87
N LYS A 46 -1.90 -15.05 1.63
CA LYS A 46 -1.62 -14.58 2.98
C LYS A 46 -0.32 -13.76 3.01
N ALA A 47 -0.13 -12.92 2.00
CA ALA A 47 1.05 -12.09 1.91
C ALA A 47 0.85 -10.92 0.95
N ILE A 48 1.72 -9.93 1.03
CA ILE A 48 1.62 -8.75 0.17
C ILE A 48 3.01 -8.27 -0.24
N ALA A 49 3.06 -7.49 -1.32
CA ALA A 49 4.33 -6.95 -1.82
C ALA A 49 4.10 -5.69 -2.64
N GLY A 50 4.87 -4.64 -2.36
CA GLY A 50 4.73 -3.40 -3.09
C GLY A 50 6.00 -2.56 -3.05
N THR A 51 6.17 -1.70 -4.04
CA THR A 51 7.35 -0.84 -4.11
C THR A 51 6.99 0.60 -3.79
N VAL A 52 7.75 1.20 -2.87
CA VAL A 52 7.51 2.59 -2.47
C VAL A 52 8.56 3.52 -3.06
N LYS A 53 8.16 4.75 -3.36
CA LYS A 53 9.07 5.73 -3.93
C LYS A 53 9.28 6.89 -2.96
N VAL A 54 10.43 7.56 -3.08
CA VAL A 54 10.76 8.68 -2.23
C VAL A 54 11.63 9.70 -2.96
N GLN A 55 11.81 10.86 -2.34
CA GLN A 55 12.62 11.93 -2.94
C GLN A 55 14.02 11.95 -2.34
N ASN A 56 14.98 12.42 -3.12
CA ASN A 56 16.37 12.49 -2.67
C ASN A 56 16.63 13.77 -1.89
N LEU A 57 15.73 14.07 -0.95
CA LEU A 57 15.85 15.27 -0.13
C LEU A 57 17.16 15.26 0.66
N ALA A 58 17.35 14.23 1.47
CA ALA A 58 18.57 14.10 2.27
C ALA A 58 19.38 12.90 1.84
N PHE A 59 20.55 12.72 2.45
CA PHE A 59 21.43 11.61 2.12
C PHE A 59 20.82 10.28 2.60
N GLU A 60 20.72 10.13 3.90
CA GLU A 60 20.16 8.91 4.49
C GLU A 60 18.63 8.94 4.45
N LYS A 61 18.01 7.78 4.31
CA LYS A 61 16.56 7.67 4.26
C LYS A 61 16.07 6.56 5.18
N THR A 62 14.87 6.74 5.72
CA THR A 62 14.28 5.74 6.62
C THR A 62 12.83 5.46 6.25
N VAL A 63 12.62 4.46 5.40
CA VAL A 63 11.29 4.08 4.96
C VAL A 63 10.76 2.90 5.77
N LYS A 64 9.51 3.00 6.22
CA LYS A 64 8.90 1.94 7.00
C LYS A 64 7.38 1.97 6.84
N ILE A 65 6.79 0.81 6.58
CA ILE A 65 5.35 0.70 6.41
C ILE A 65 4.65 0.50 7.75
N ARG A 66 3.51 1.16 7.93
CA ARG A 66 2.75 1.04 9.17
C ARG A 66 1.36 0.49 8.90
N MET A 67 1.15 -0.77 9.26
CA MET A 67 -0.14 -1.43 9.06
C MET A 67 -0.68 -1.99 10.37
N THR A 68 -1.99 -1.85 10.57
CA THR A 68 -2.63 -2.35 11.77
C THR A 68 -3.75 -3.33 11.45
N PHE A 69 -4.14 -4.13 12.44
CA PHE A 69 -5.20 -5.11 12.26
C PHE A 69 -6.25 -4.98 13.35
N ASP A 70 -6.02 -4.06 14.29
CA ASP A 70 -6.95 -3.84 15.39
C ASP A 70 -7.31 -2.36 15.50
N THR A 71 -8.20 -1.91 14.63
CA THR A 71 -8.63 -0.52 14.63
C THR A 71 -7.50 0.41 15.04
N TRP A 72 -6.35 0.27 14.37
CA TRP A 72 -5.19 1.09 14.66
C TRP A 72 -4.83 1.03 16.14
N LYS A 73 -4.83 -0.18 16.69
CA LYS A 73 -4.50 -0.38 18.10
C LYS A 73 -3.02 -0.66 18.28
N SER A 74 -2.51 -1.65 17.56
CA SER A 74 -1.10 -2.02 17.64
C SER A 74 -0.57 -2.44 16.28
N TYR A 75 0.25 -1.57 15.68
CA TYR A 75 0.82 -1.85 14.36
C TYR A 75 2.30 -2.23 14.49
N THR A 76 2.85 -2.78 13.41
CA THR A 76 4.24 -3.19 13.40
C THR A 76 5.01 -2.49 12.28
N ASP A 77 6.14 -1.88 12.63
CA ASP A 77 6.96 -1.18 11.66
C ASP A 77 7.83 -2.16 10.87
N PHE A 78 7.45 -2.41 9.62
CA PHE A 78 8.20 -3.32 8.77
C PHE A 78 9.22 -2.57 7.93
N PRO A 79 10.49 -3.03 8.00
CA PRO A 79 11.59 -2.42 7.26
C PRO A 79 11.49 -2.65 5.76
N CYS A 80 11.64 -1.58 4.98
CA CYS A 80 11.55 -1.68 3.53
C CYS A 80 12.89 -2.11 2.94
N GLN A 81 12.83 -2.90 1.86
CA GLN A 81 14.03 -3.39 1.22
C GLN A 81 14.42 -2.48 0.04
N TYR A 82 15.48 -2.85 -0.66
CA TYR A 82 15.96 -2.07 -1.79
C TYR A 82 15.89 -2.89 -3.09
N VAL A 83 15.34 -2.28 -4.13
CA VAL A 83 15.22 -2.96 -5.42
C VAL A 83 16.36 -2.58 -6.36
N LYS A 84 17.33 -3.47 -6.49
CA LYS A 84 18.48 -3.22 -7.35
C LYS A 84 18.40 -4.07 -8.62
N ASP A 85 17.20 -4.53 -8.94
CA ASP A 85 16.99 -5.34 -10.14
C ASP A 85 17.18 -4.53 -11.40
N THR A 86 17.43 -5.22 -12.51
CA THR A 86 17.65 -4.55 -13.79
C THR A 86 16.48 -3.65 -14.14
N TYR A 87 15.29 -4.01 -13.66
CA TYR A 87 14.09 -3.23 -13.93
C TYR A 87 13.93 -2.11 -12.91
N ALA A 88 15.05 -1.48 -12.56
CA ALA A 88 15.04 -0.38 -11.60
C ALA A 88 16.05 0.70 -11.99
N GLY A 89 15.72 1.95 -11.66
CA GLY A 89 16.61 3.05 -11.99
C GLY A 89 17.68 3.26 -10.94
N SER A 90 18.65 4.12 -11.26
CA SER A 90 19.74 4.40 -10.34
C SER A 90 19.52 5.72 -9.61
N ASP A 91 19.11 6.74 -10.36
CA ASP A 91 18.86 8.06 -9.79
C ASP A 91 17.83 7.97 -8.66
N ARG A 92 16.61 7.57 -9.01
CA ARG A 92 15.53 7.46 -8.03
C ARG A 92 15.67 6.16 -7.25
N ASP A 93 15.70 6.29 -5.92
CA ASP A 93 15.82 5.14 -5.04
C ASP A 93 14.47 4.45 -4.85
N THR A 94 14.31 3.26 -5.44
CA THR A 94 13.07 2.52 -5.33
C THR A 94 13.18 1.44 -4.25
N PHE A 95 12.34 1.57 -3.22
CA PHE A 95 12.34 0.62 -2.13
C PHE A 95 11.15 -0.34 -2.24
N SER A 96 11.27 -1.51 -1.60
CA SER A 96 10.21 -2.51 -1.64
C SER A 96 9.81 -2.92 -0.23
N PHE A 97 8.80 -3.78 -0.14
CA PHE A 97 8.32 -4.26 1.16
C PHE A 97 7.53 -5.55 0.99
N ASP A 98 7.74 -6.49 1.91
CA ASP A 98 7.05 -7.78 1.87
C ASP A 98 6.52 -8.14 3.25
N ILE A 99 5.21 -7.97 3.43
CA ILE A 99 4.57 -8.29 4.70
C ILE A 99 3.79 -9.60 4.62
N SER A 100 3.63 -10.26 5.76
CA SER A 100 2.91 -11.53 5.81
C SER A 100 1.55 -11.34 6.46
N LEU A 101 0.49 -11.55 5.67
CA LEU A 101 -0.88 -11.41 6.17
C LEU A 101 -1.12 -12.31 7.37
N PRO A 102 -2.06 -11.91 8.23
CA PRO A 102 -2.42 -12.67 9.44
C PRO A 102 -3.12 -13.98 9.11
N GLU A 103 -3.09 -14.91 10.06
CA GLU A 103 -3.73 -16.21 9.87
C GLU A 103 -5.02 -16.07 9.07
N LYS A 104 -5.94 -15.25 9.56
CA LYS A 104 -7.21 -15.03 8.88
C LYS A 104 -7.80 -13.68 9.26
N ILE A 105 -8.94 -13.34 8.65
CA ILE A 105 -9.60 -12.07 8.94
C ILE A 105 -11.11 -12.19 8.73
N GLN A 106 -11.87 -12.02 9.81
CA GLN A 106 -13.33 -12.11 9.74
C GLN A 106 -13.95 -10.73 9.64
N SER A 107 -13.26 -9.82 8.94
CA SER A 107 -13.75 -8.45 8.79
C SER A 107 -14.42 -7.96 10.06
N TYR A 108 -13.77 -8.19 11.19
CA TYR A 108 -14.29 -7.77 12.49
C TYR A 108 -13.58 -6.53 12.99
N GLU A 109 -12.31 -6.38 12.60
CA GLU A 109 -11.51 -5.24 13.02
C GLU A 109 -10.96 -4.49 11.81
N ARG A 110 -10.95 -3.17 11.90
CA ARG A 110 -10.45 -2.34 10.81
C ARG A 110 -9.02 -2.71 10.45
N MET A 111 -8.69 -2.63 9.16
CA MET A 111 -7.35 -2.97 8.70
C MET A 111 -6.89 -1.98 7.63
N GLU A 112 -5.79 -1.28 7.90
CA GLU A 112 -5.25 -0.30 6.96
C GLU A 112 -3.76 -0.12 7.17
N PHE A 113 -3.09 0.48 6.19
CA PHE A 113 -1.66 0.72 6.26
C PHE A 113 -1.30 2.08 5.64
N ALA A 114 -0.38 2.78 6.29
CA ALA A 114 0.06 4.08 5.81
C ALA A 114 1.59 4.16 5.74
N VAL A 115 2.11 4.53 4.57
CA VAL A 115 3.54 4.65 4.37
C VAL A 115 4.14 5.71 5.29
N TYR A 116 5.28 5.39 5.89
CA TYR A 116 5.96 6.32 6.79
C TYR A 116 7.39 6.57 6.34
N TYR A 117 7.59 7.69 5.64
CA TYR A 117 8.92 8.05 5.14
C TYR A 117 9.51 9.18 5.97
N GLU A 118 10.67 8.91 6.57
CA GLU A 118 11.36 9.91 7.39
C GLU A 118 12.59 10.44 6.68
N CYS A 119 12.70 11.77 6.59
CA CYS A 119 13.83 12.40 5.93
C CYS A 119 13.97 13.85 6.37
N ASN A 120 15.21 14.33 6.46
CA ASN A 120 15.46 15.70 6.87
C ASN A 120 14.78 16.02 8.20
N GLY A 121 14.80 15.05 9.11
CA GLY A 121 14.17 15.25 10.40
C GLY A 121 12.69 15.57 10.29
N GLN A 122 12.01 14.89 9.37
CA GLN A 122 10.59 15.10 9.17
C GLN A 122 9.85 13.77 9.03
N THR A 123 8.52 13.83 8.94
CA THR A 123 7.71 12.64 8.80
C THR A 123 6.62 12.83 7.75
N TYR A 124 6.63 12.00 6.72
CA TYR A 124 5.64 12.08 5.65
C TYR A 124 4.76 10.84 5.63
N TRP A 125 3.46 11.05 5.63
CA TRP A 125 2.50 9.94 5.60
C TRP A 125 1.70 9.95 4.31
N ASP A 126 1.68 8.81 3.63
CA ASP A 126 0.95 8.68 2.37
C ASP A 126 -0.06 7.53 2.45
N SER A 127 -1.35 7.89 2.56
CA SER A 127 -2.40 6.90 2.65
C SER A 127 -3.55 7.25 1.71
N ASN A 128 -3.55 6.62 0.54
CA ASN A 128 -4.59 6.87 -0.46
C ASN A 128 -4.91 8.34 -0.56
N ARG A 129 -3.92 9.18 -0.25
CA ARG A 129 -4.09 10.63 -0.32
C ARG A 129 -5.52 11.02 0.06
N GLY A 130 -6.10 10.29 1.02
CA GLY A 130 -7.45 10.58 1.46
C GLY A 130 -7.75 9.97 2.82
N LYS A 131 -8.35 8.78 2.82
CA LYS A 131 -8.70 8.10 4.05
C LYS A 131 -7.57 7.18 4.49
N ASN A 132 -7.45 6.04 3.83
CA ASN A 132 -6.43 5.05 4.15
C ASN A 132 -6.44 3.89 3.17
N TYR A 133 -5.44 3.03 3.26
CA TYR A 133 -5.34 1.86 2.38
C TYR A 133 -6.12 0.68 2.95
N ARG A 134 -7.43 0.66 2.69
CA ARG A 134 -8.29 -0.41 3.17
C ARG A 134 -8.01 -1.71 2.41
N ILE A 135 -7.93 -2.81 3.14
CA ILE A 135 -7.67 -4.12 2.54
C ILE A 135 -8.86 -5.05 2.72
N ILE A 136 -9.58 -5.29 1.63
CA ILE A 136 -10.74 -6.17 1.68
C ILE A 136 -10.42 -7.54 1.09
N ARG A 137 -11.38 -8.45 1.17
CA ARG A 137 -11.20 -9.79 0.63
C ARG A 137 -11.69 -9.89 -0.81
N ALA A 138 -11.31 -10.97 -1.49
CA ALA A 138 -11.71 -11.17 -2.88
C ALA A 138 -13.12 -11.70 -2.97
N GLU A 139 -13.51 -12.53 -2.00
CA GLU A 139 -14.84 -13.12 -1.97
C GLU A 139 -15.89 -12.05 -1.70
N LEU A 140 -15.52 -11.05 -0.92
CA LEU A 140 -16.44 -9.97 -0.56
C LEU A 140 -16.64 -9.02 -1.75
N LYS A 141 -15.54 -8.68 -2.41
CA LYS A 141 -15.59 -7.78 -3.56
C LYS A 141 -15.69 -8.58 -4.86
N SER A 142 -16.91 -8.97 -5.22
CA SER A 142 -17.14 -9.74 -6.44
C SER A 142 -17.37 -8.81 -7.63
N THR A 143 -17.24 -9.36 -8.83
CA THR A 143 -17.43 -8.59 -10.05
C THR A 143 -18.44 -9.25 -10.97
N GLN A 144 -19.32 -8.44 -11.56
CA GLN A 144 -20.34 -8.95 -12.47
C GLN A 144 -19.72 -9.56 -13.72
N GLY A 145 -18.85 -8.79 -14.37
CA GLY A 145 -18.19 -9.27 -15.57
C GLY A 145 -18.74 -8.63 -16.83
N MET A 146 -17.97 -7.70 -17.41
CA MET A 146 -18.40 -7.02 -18.62
C MET A 146 -17.19 -6.43 -19.36
N THR A 147 -17.30 -6.32 -20.68
CA THR A 147 -16.23 -5.79 -21.50
C THR A 147 -16.02 -4.31 -21.23
N LYS A 148 -16.86 -3.74 -20.37
CA LYS A 148 -16.77 -2.33 -20.02
C LYS A 148 -17.06 -1.45 -21.24
N PRO A 149 -18.18 -1.72 -21.91
CA PRO A 149 -18.60 -0.97 -23.10
C PRO A 149 -19.03 0.45 -22.77
N HIS A 150 -18.08 1.38 -22.81
CA HIS A 150 -18.35 2.78 -22.51
C HIS A 150 -17.47 3.70 -23.35
N SER A 151 -17.87 4.97 -23.44
CA SER A 151 -17.12 5.95 -24.21
C SER A 151 -17.23 7.33 -23.59
N GLY A 152 -16.39 8.26 -24.03
CA GLY A 152 -16.41 9.60 -23.51
C GLY A 152 -16.55 10.65 -24.61
N PRO A 153 -17.32 11.71 -24.32
CA PRO A 153 -17.56 12.79 -25.26
C PRO A 153 -16.32 13.64 -25.51
N ASP A 154 -16.20 14.18 -26.72
CA ASP A 154 -15.05 15.00 -27.07
C ASP A 154 -15.02 16.28 -26.23
N LEU A 155 -13.81 16.73 -25.90
CA LEU A 155 -13.64 17.94 -25.10
C LEU A 155 -13.77 19.20 -25.96
N GLY A 156 -14.03 20.33 -25.32
CA GLY A 156 -14.16 21.57 -26.04
C GLY A 156 -12.96 21.87 -26.92
N GLY A 1 -26.83 -20.67 15.59
CA GLY A 1 -25.52 -21.29 15.55
C GLY A 1 -25.26 -22.04 14.25
N SER A 2 -24.00 -22.13 13.86
CA SER A 2 -23.63 -22.81 12.63
C SER A 2 -23.29 -24.27 12.90
N SER A 3 -23.74 -25.14 11.99
CA SER A 3 -23.50 -26.58 12.13
C SER A 3 -23.63 -27.28 10.78
N GLY A 4 -22.60 -28.06 10.43
CA GLY A 4 -22.62 -28.77 9.17
C GLY A 4 -21.23 -28.94 8.58
N SER A 5 -21.06 -29.97 7.76
CA SER A 5 -19.77 -30.25 7.14
C SER A 5 -19.56 -29.36 5.91
N SER A 6 -18.72 -28.34 6.07
CA SER A 6 -18.43 -27.41 4.98
C SER A 6 -16.93 -27.23 4.80
N GLY A 7 -16.42 -27.66 3.66
CA GLY A 7 -15.00 -27.54 3.38
C GLY A 7 -14.70 -26.49 2.33
N ALA A 8 -13.72 -25.64 2.61
CA ALA A 8 -13.34 -24.58 1.67
C ALA A 8 -11.95 -24.05 1.99
N GLU A 9 -11.22 -23.64 0.96
CA GLU A 9 -9.87 -23.10 1.13
C GLU A 9 -9.89 -21.58 1.15
N SER A 10 -9.60 -21.00 2.30
CA SER A 10 -9.59 -19.55 2.44
C SER A 10 -9.09 -18.88 1.16
N GLU A 11 -9.71 -17.75 0.82
CA GLU A 11 -9.34 -17.01 -0.38
C GLU A 11 -8.41 -15.85 -0.04
N SER A 12 -7.87 -15.22 -1.08
CA SER A 12 -6.95 -14.09 -0.89
C SER A 12 -7.73 -12.78 -0.75
N PHE A 13 -7.00 -11.68 -0.64
CA PHE A 13 -7.62 -10.37 -0.50
C PHE A 13 -7.07 -9.39 -1.53
N VAL A 14 -7.72 -8.25 -1.66
CA VAL A 14 -7.30 -7.23 -2.62
C VAL A 14 -7.42 -5.83 -2.03
N LEU A 15 -6.95 -4.83 -2.76
CA LEU A 15 -7.01 -3.45 -2.31
C LEU A 15 -8.27 -2.76 -2.83
N ASP A 16 -8.94 -2.04 -1.94
CA ASP A 16 -10.16 -1.32 -2.30
C ASP A 16 -9.83 0.04 -2.91
N PHE A 17 -8.69 0.12 -3.60
CA PHE A 17 -8.27 1.36 -4.23
C PHE A 17 -7.50 1.08 -5.51
N SER A 18 -7.82 1.82 -6.56
CA SER A 18 -7.16 1.65 -7.85
C SER A 18 -5.68 2.02 -7.76
N GLN A 19 -4.83 1.13 -8.27
CA GLN A 19 -3.39 1.36 -8.24
C GLN A 19 -3.07 2.84 -8.43
N PRO A 20 -2.14 3.34 -7.60
CA PRO A 20 -1.72 4.75 -7.65
C PRO A 20 -0.93 5.08 -8.91
N SER A 21 0.02 4.20 -9.26
CA SER A 21 0.84 4.40 -10.44
C SER A 21 -0.02 4.74 -11.66
N ALA A 22 -1.18 4.10 -11.75
CA ALA A 22 -2.09 4.33 -12.85
C ALA A 22 -2.09 5.80 -13.27
N ASP A 23 -2.17 6.68 -12.29
CA ASP A 23 -2.18 8.12 -12.54
C ASP A 23 -0.79 8.72 -12.30
N TYR A 24 -0.03 8.89 -13.37
CA TYR A 24 1.31 9.45 -13.28
C TYR A 24 1.27 10.86 -12.71
N LEU A 25 0.26 11.63 -13.12
CA LEU A 25 0.09 13.00 -12.65
C LEU A 25 -0.34 13.03 -11.19
N ASP A 26 -1.52 12.47 -10.91
CA ASP A 26 -2.05 12.43 -9.56
C ASP A 26 -1.04 11.78 -8.60
N PHE A 27 -0.16 10.94 -9.15
CA PHE A 27 0.83 10.26 -8.34
C PHE A 27 2.05 11.17 -8.11
N ARG A 28 2.71 11.55 -9.20
CA ARG A 28 3.89 12.41 -9.11
C ARG A 28 3.63 13.59 -8.18
N ASN A 29 2.40 14.10 -8.20
CA ASN A 29 2.03 15.23 -7.36
C ASN A 29 2.26 14.91 -5.89
N ARG A 30 2.00 13.67 -5.50
CA ARG A 30 2.19 13.24 -4.12
C ARG A 30 3.68 13.08 -3.80
N LEU A 31 4.45 12.66 -4.80
CA LEU A 31 5.87 12.45 -4.63
C LEU A 31 6.63 13.78 -4.68
N GLN A 32 5.92 14.84 -5.06
CA GLN A 32 6.51 16.17 -5.15
C GLN A 32 6.05 17.05 -3.99
N ALA A 33 4.81 16.87 -3.57
CA ALA A 33 4.26 17.65 -2.47
C ALA A 33 4.43 16.93 -1.14
N ASP A 34 4.47 15.59 -1.20
CA ASP A 34 4.65 14.79 0.00
C ASP A 34 6.01 14.10 0.02
N HIS A 35 6.71 14.17 -1.12
CA HIS A 35 8.02 13.56 -1.23
C HIS A 35 7.96 12.06 -0.98
N VAL A 36 6.83 11.46 -1.32
CA VAL A 36 6.63 10.02 -1.13
C VAL A 36 5.29 9.58 -1.70
N CYS A 37 5.29 8.42 -2.36
CA CYS A 37 4.07 7.88 -2.94
C CYS A 37 4.25 6.39 -3.29
N LEU A 38 3.20 5.62 -3.06
CA LEU A 38 3.23 4.18 -3.35
C LEU A 38 3.07 3.93 -4.84
N GLU A 39 4.06 3.24 -5.43
CA GLU A 39 4.02 2.93 -6.86
C GLU A 39 3.06 1.79 -7.13
N ASN A 40 3.44 0.58 -6.73
CA ASN A 40 2.61 -0.60 -6.93
C ASN A 40 2.50 -1.42 -5.65
N CYS A 41 1.32 -1.97 -5.40
CA CYS A 41 1.09 -2.79 -4.22
C CYS A 41 0.25 -4.02 -4.55
N VAL A 42 0.86 -5.19 -4.39
CA VAL A 42 0.17 -6.44 -4.69
C VAL A 42 -0.19 -7.18 -3.40
N LEU A 43 -1.15 -8.09 -3.50
CA LEU A 43 -1.60 -8.87 -2.34
C LEU A 43 -1.64 -10.36 -2.67
N LYS A 44 -0.76 -11.12 -2.04
CA LYS A 44 -0.70 -12.56 -2.26
C LYS A 44 -1.66 -13.29 -1.32
N ASP A 45 -1.61 -14.63 -1.36
CA ASP A 45 -2.47 -15.44 -0.51
C ASP A 45 -2.55 -14.86 0.90
N LYS A 46 -1.44 -14.94 1.63
CA LYS A 46 -1.38 -14.44 2.99
C LYS A 46 -0.21 -13.48 3.17
N ALA A 47 0.16 -12.80 2.09
CA ALA A 47 1.27 -11.85 2.12
C ALA A 47 1.03 -10.70 1.14
N ILE A 48 1.93 -9.71 1.18
CA ILE A 48 1.82 -8.56 0.30
C ILE A 48 3.19 -8.05 -0.11
N ALA A 49 3.22 -7.24 -1.17
CA ALA A 49 4.48 -6.68 -1.66
C ALA A 49 4.23 -5.38 -2.44
N GLY A 50 4.95 -4.33 -2.06
CA GLY A 50 4.79 -3.05 -2.73
C GLY A 50 6.02 -2.18 -2.61
N THR A 51 6.28 -1.38 -3.64
CA THR A 51 7.44 -0.50 -3.64
C THR A 51 7.01 0.97 -3.57
N VAL A 52 7.60 1.70 -2.63
CA VAL A 52 7.28 3.11 -2.46
C VAL A 52 8.37 4.01 -3.05
N LYS A 53 7.97 5.15 -3.57
CA LYS A 53 8.92 6.10 -4.16
C LYS A 53 9.19 7.26 -3.21
N VAL A 54 10.41 7.80 -3.29
CA VAL A 54 10.80 8.93 -2.45
C VAL A 54 11.74 9.86 -3.19
N GLN A 55 11.74 11.13 -2.79
CA GLN A 55 12.59 12.13 -3.41
C GLN A 55 14.02 12.05 -2.86
N ASN A 56 15.00 12.23 -3.74
CA ASN A 56 16.41 12.18 -3.35
C ASN A 56 16.84 13.50 -2.73
N LEU A 57 16.11 13.95 -1.72
CA LEU A 57 16.43 15.19 -1.04
C LEU A 57 17.73 15.09 -0.27
N ALA A 58 17.83 14.09 0.60
CA ALA A 58 19.03 13.87 1.39
C ALA A 58 19.71 12.56 1.00
N PHE A 59 20.76 12.21 1.73
CA PHE A 59 21.50 10.98 1.45
C PHE A 59 20.91 9.80 2.22
N GLU A 60 20.78 9.96 3.54
CA GLU A 60 20.22 8.92 4.39
C GLU A 60 18.75 9.18 4.68
N LYS A 61 17.94 8.13 4.59
CA LYS A 61 16.51 8.24 4.84
C LYS A 61 16.01 7.05 5.66
N THR A 62 14.73 7.06 5.98
CA THR A 62 14.12 5.98 6.75
C THR A 62 12.70 5.69 6.27
N VAL A 63 12.53 4.53 5.65
CA VAL A 63 11.23 4.12 5.13
C VAL A 63 10.70 2.89 5.87
N LYS A 64 9.48 2.98 6.38
CA LYS A 64 8.87 1.87 7.10
C LYS A 64 7.36 1.81 6.83
N ILE A 65 6.85 0.59 6.69
CA ILE A 65 5.42 0.41 6.43
C ILE A 65 4.70 -0.09 7.68
N ARG A 66 3.66 0.65 8.08
CA ARG A 66 2.88 0.29 9.25
C ARG A 66 1.50 -0.20 8.87
N MET A 67 1.16 -1.43 9.27
CA MET A 67 -0.13 -2.01 8.96
C MET A 67 -0.70 -2.75 10.18
N THR A 68 -1.98 -2.53 10.43
CA THR A 68 -2.65 -3.17 11.57
C THR A 68 -3.67 -4.19 11.09
N PHE A 69 -3.99 -5.14 11.96
CA PHE A 69 -4.96 -6.19 11.63
C PHE A 69 -6.04 -6.29 12.71
N ASP A 70 -6.03 -5.33 13.63
CA ASP A 70 -7.01 -5.32 14.72
C ASP A 70 -7.58 -3.92 14.91
N THR A 71 -8.44 -3.50 13.99
CA THR A 71 -9.05 -2.18 14.06
C THR A 71 -8.10 -1.16 14.67
N TRP A 72 -6.86 -1.15 14.19
CA TRP A 72 -5.86 -0.23 14.69
C TRP A 72 -5.68 -0.37 16.21
N LYS A 73 -5.56 -1.61 16.66
CA LYS A 73 -5.39 -1.89 18.08
C LYS A 73 -3.92 -2.06 18.43
N SER A 74 -3.16 -2.63 17.49
CA SER A 74 -1.72 -2.85 17.69
C SER A 74 -1.08 -3.41 16.44
N TYR A 75 -0.23 -2.61 15.82
CA TYR A 75 0.46 -3.01 14.60
C TYR A 75 1.96 -3.16 14.83
N THR A 76 2.67 -3.63 13.83
CA THR A 76 4.11 -3.82 13.93
C THR A 76 4.85 -3.04 12.84
N ASP A 77 5.96 -2.40 13.22
CA ASP A 77 6.74 -1.62 12.28
C ASP A 77 7.63 -2.53 11.43
N PHE A 78 7.30 -2.63 10.15
CA PHE A 78 8.07 -3.46 9.22
C PHE A 78 9.05 -2.62 8.41
N PRO A 79 10.34 -2.94 8.54
CA PRO A 79 11.40 -2.23 7.82
C PRO A 79 11.38 -2.50 6.32
N CYS A 80 11.61 -1.47 5.52
CA CYS A 80 11.61 -1.59 4.08
C CYS A 80 13.00 -1.97 3.57
N GLN A 81 13.04 -2.69 2.44
CA GLN A 81 14.30 -3.12 1.86
C GLN A 81 14.69 -2.21 0.69
N TYR A 82 15.85 -2.48 0.09
CA TYR A 82 16.34 -1.69 -1.03
C TYR A 82 16.34 -2.51 -2.31
N VAL A 83 15.71 -1.97 -3.34
CA VAL A 83 15.63 -2.65 -4.64
C VAL A 83 16.63 -2.07 -5.62
N LYS A 84 17.63 -2.87 -5.99
CA LYS A 84 18.65 -2.43 -6.93
C LYS A 84 18.53 -3.18 -8.25
N ASP A 85 17.47 -2.89 -9.01
CA ASP A 85 17.25 -3.53 -10.30
C ASP A 85 17.01 -2.49 -11.38
N THR A 86 17.26 -2.88 -12.63
CA THR A 86 17.08 -1.98 -13.76
C THR A 86 15.70 -1.36 -13.74
N TYR A 87 14.71 -2.10 -13.26
CA TYR A 87 13.33 -1.61 -13.18
C TYR A 87 13.21 -0.53 -12.12
N ALA A 88 13.95 -0.68 -11.02
CA ALA A 88 13.92 0.29 -9.94
C ALA A 88 14.29 1.69 -10.43
N GLY A 89 15.53 1.83 -10.89
CA GLY A 89 15.99 3.12 -11.38
C GLY A 89 17.50 3.24 -11.33
N SER A 90 18.02 4.28 -11.98
CA SER A 90 19.47 4.52 -12.01
C SER A 90 19.88 5.50 -10.91
N ASP A 91 19.27 6.68 -10.91
CA ASP A 91 19.58 7.70 -9.93
C ASP A 91 18.61 7.63 -8.75
N ARG A 92 17.33 7.81 -9.03
CA ARG A 92 16.30 7.76 -8.00
C ARG A 92 16.41 6.48 -7.17
N ASP A 93 15.68 6.43 -6.07
CA ASP A 93 15.70 5.26 -5.19
C ASP A 93 14.30 4.68 -5.03
N THR A 94 14.22 3.36 -4.88
CA THR A 94 12.95 2.68 -4.71
C THR A 94 13.03 1.61 -3.63
N PHE A 95 12.19 1.75 -2.61
CA PHE A 95 12.17 0.80 -1.50
C PHE A 95 11.03 -0.21 -1.68
N SER A 96 11.15 -1.36 -1.01
CA SER A 96 10.14 -2.40 -1.09
C SER A 96 9.72 -2.86 0.30
N PHE A 97 8.53 -3.42 0.39
CA PHE A 97 8.00 -3.91 1.66
C PHE A 97 7.25 -5.22 1.48
N ASP A 98 7.50 -6.17 2.37
CA ASP A 98 6.85 -7.47 2.31
C ASP A 98 6.24 -7.84 3.66
N ILE A 99 4.94 -7.59 3.81
CA ILE A 99 4.24 -7.90 5.05
C ILE A 99 3.48 -9.21 4.95
N SER A 100 3.48 -9.98 6.03
CA SER A 100 2.79 -11.26 6.06
C SER A 100 1.39 -11.11 6.63
N LEU A 101 0.38 -11.35 5.79
CA LEU A 101 -1.01 -11.24 6.20
C LEU A 101 -1.33 -12.24 7.30
N PRO A 102 -2.32 -11.90 8.14
CA PRO A 102 -2.75 -12.76 9.25
C PRO A 102 -3.46 -14.02 8.75
N GLU A 103 -3.97 -14.81 9.70
CA GLU A 103 -4.67 -16.05 9.37
C GLU A 103 -6.06 -15.74 8.81
N LYS A 104 -6.83 -14.95 9.56
CA LYS A 104 -8.18 -14.59 9.14
C LYS A 104 -8.33 -13.08 9.06
N ILE A 105 -9.25 -12.62 8.22
CA ILE A 105 -9.50 -11.20 8.05
C ILE A 105 -10.95 -10.93 7.66
N GLN A 106 -11.63 -10.12 8.47
CA GLN A 106 -13.02 -9.78 8.21
C GLN A 106 -13.34 -8.37 8.69
N SER A 107 -14.60 -7.96 8.53
CA SER A 107 -15.02 -6.62 8.93
C SER A 107 -14.80 -6.41 10.42
N TYR A 108 -15.26 -7.37 11.22
CA TYR A 108 -15.11 -7.28 12.67
C TYR A 108 -13.78 -6.64 13.05
N GLU A 109 -12.76 -6.89 12.23
CA GLU A 109 -11.43 -6.33 12.47
C GLU A 109 -10.90 -5.63 11.22
N ARG A 110 -11.03 -4.30 11.20
CA ARG A 110 -10.56 -3.51 10.07
C ARG A 110 -9.09 -3.78 9.79
N MET A 111 -8.65 -3.44 8.58
CA MET A 111 -7.26 -3.65 8.18
C MET A 111 -6.79 -2.52 7.28
N GLU A 112 -5.87 -1.70 7.79
CA GLU A 112 -5.33 -0.59 7.01
C GLU A 112 -3.83 -0.43 7.26
N PHE A 113 -3.18 0.34 6.40
CA PHE A 113 -1.74 0.57 6.52
C PHE A 113 -1.37 1.96 6.01
N ALA A 114 -0.19 2.44 6.41
CA ALA A 114 0.28 3.75 6.00
C ALA A 114 1.80 3.74 5.78
N VAL A 115 2.28 4.71 5.02
CA VAL A 115 3.71 4.82 4.74
C VAL A 115 4.34 5.95 5.54
N TYR A 116 5.54 5.71 6.04
CA TYR A 116 6.26 6.71 6.83
C TYR A 116 7.65 6.96 6.26
N TYR A 117 7.77 8.02 5.46
CA TYR A 117 9.05 8.38 4.85
C TYR A 117 9.72 9.51 5.61
N GLU A 118 10.90 9.24 6.16
CA GLU A 118 11.65 10.24 6.90
C GLU A 118 12.89 10.68 6.13
N CYS A 119 13.11 12.00 6.10
CA CYS A 119 14.25 12.55 5.39
C CYS A 119 14.37 14.06 5.64
N ASN A 120 15.59 14.54 5.78
CA ASN A 120 15.84 15.96 6.03
C ASN A 120 15.10 16.43 7.27
N GLY A 121 15.21 15.66 8.34
CA GLY A 121 14.54 16.03 9.59
C GLY A 121 13.06 16.29 9.38
N GLN A 122 12.44 15.54 8.47
CA GLN A 122 11.02 15.70 8.19
C GLN A 122 10.30 14.35 8.26
N THR A 123 8.98 14.40 8.17
CA THR A 123 8.17 13.19 8.22
C THR A 123 7.01 13.26 7.23
N TYR A 124 7.00 12.34 6.27
CA TYR A 124 5.94 12.30 5.26
C TYR A 124 5.04 11.09 5.47
N TRP A 125 3.73 11.34 5.53
CA TRP A 125 2.76 10.28 5.72
C TRP A 125 1.93 10.07 4.46
N ASP A 126 2.01 8.86 3.89
CA ASP A 126 1.27 8.53 2.69
C ASP A 126 0.35 7.34 2.93
N SER A 127 -0.95 7.60 3.06
CA SER A 127 -1.94 6.56 3.30
C SER A 127 -3.13 6.72 2.36
N ASN A 128 -3.25 5.79 1.41
CA ASN A 128 -4.35 5.82 0.46
C ASN A 128 -4.69 7.26 0.07
N ARG A 129 -3.69 8.12 0.12
CA ARG A 129 -3.88 9.53 -0.23
C ARG A 129 -5.30 9.98 0.07
N GLY A 130 -5.82 9.56 1.23
CA GLY A 130 -7.17 9.93 1.62
C GLY A 130 -7.42 9.72 3.10
N LYS A 131 -8.06 8.61 3.44
CA LYS A 131 -8.36 8.29 4.82
C LYS A 131 -7.44 7.18 5.34
N ASN A 132 -7.53 6.01 4.73
CA ASN A 132 -6.71 4.87 5.13
C ASN A 132 -6.71 3.79 4.04
N TYR A 133 -5.56 3.14 3.88
CA TYR A 133 -5.43 2.08 2.88
C TYR A 133 -6.37 0.92 3.17
N ARG A 134 -7.63 1.07 2.79
CA ARG A 134 -8.63 0.03 3.01
C ARG A 134 -8.28 -1.23 2.23
N ILE A 135 -8.15 -2.35 2.94
CA ILE A 135 -7.83 -3.62 2.31
C ILE A 135 -8.95 -4.63 2.50
N ILE A 136 -9.74 -4.83 1.44
CA ILE A 136 -10.85 -5.77 1.49
C ILE A 136 -10.44 -7.13 0.94
N ARG A 137 -11.38 -8.07 0.94
CA ARG A 137 -11.12 -9.41 0.43
C ARG A 137 -11.21 -9.45 -1.09
N ALA A 138 -10.74 -10.53 -1.68
CA ALA A 138 -10.77 -10.69 -3.13
C ALA A 138 -12.18 -10.96 -3.62
N GLU A 139 -12.94 -11.73 -2.85
CA GLU A 139 -14.31 -12.07 -3.21
C GLU A 139 -15.11 -10.81 -3.51
N LEU A 140 -14.73 -9.70 -2.90
CA LEU A 140 -15.41 -8.43 -3.11
C LEU A 140 -14.52 -7.45 -3.88
N LYS A 141 -15.08 -6.86 -4.93
CA LYS A 141 -14.34 -5.90 -5.75
C LYS A 141 -15.24 -5.28 -6.80
N SER A 142 -14.89 -4.08 -7.25
CA SER A 142 -15.67 -3.38 -8.25
C SER A 142 -14.97 -2.09 -8.68
N THR A 143 -15.52 -1.44 -9.71
CA THR A 143 -14.95 -0.20 -10.23
C THR A 143 -16.04 0.80 -10.57
N GLN A 144 -15.75 2.08 -10.34
CA GLN A 144 -16.71 3.14 -10.64
C GLN A 144 -16.00 4.37 -11.22
N GLY A 145 -16.77 5.22 -11.89
CA GLY A 145 -16.20 6.41 -12.49
C GLY A 145 -16.53 6.53 -13.97
N MET A 146 -16.70 7.76 -14.43
CA MET A 146 -17.02 8.02 -15.84
C MET A 146 -15.92 8.83 -16.50
N THR A 147 -15.91 8.81 -17.84
CA THR A 147 -14.90 9.54 -18.60
C THR A 147 -14.54 10.86 -17.92
N LYS A 148 -13.42 10.86 -17.21
CA LYS A 148 -12.96 12.06 -16.51
C LYS A 148 -11.96 12.83 -17.36
N PRO A 149 -12.06 14.17 -17.33
CA PRO A 149 -11.17 15.05 -18.09
C PRO A 149 -9.74 15.05 -17.53
N HIS A 150 -8.80 15.53 -18.33
CA HIS A 150 -7.41 15.58 -17.92
C HIS A 150 -6.83 16.98 -18.16
N SER A 151 -5.65 17.23 -17.59
CA SER A 151 -4.99 18.53 -17.73
C SER A 151 -3.57 18.35 -18.26
N GLY A 152 -2.98 19.45 -18.72
CA GLY A 152 -1.63 19.40 -19.25
C GLY A 152 -0.80 20.61 -18.82
N PRO A 153 -0.01 20.43 -17.75
CA PRO A 153 0.84 21.49 -17.22
C PRO A 153 2.01 21.82 -18.16
N ASP A 154 2.86 22.75 -17.73
CA ASP A 154 4.01 23.15 -18.53
C ASP A 154 4.97 24.02 -17.71
N LEU A 155 6.25 23.94 -18.03
CA LEU A 155 7.25 24.73 -17.32
C LEU A 155 6.90 26.21 -17.31
N GLY A 156 7.75 27.02 -16.71
CA GLY A 156 7.50 28.45 -16.64
C GLY A 156 8.79 29.26 -16.54
N GLY A 1 -1.18 -19.23 17.90
CA GLY A 1 -0.54 -19.85 16.75
C GLY A 1 0.61 -20.75 17.15
N SER A 2 1.83 -20.33 16.81
CA SER A 2 3.03 -21.10 17.13
C SER A 2 2.81 -22.58 16.81
N SER A 3 2.18 -22.84 15.68
CA SER A 3 1.91 -24.22 15.25
C SER A 3 2.06 -24.36 13.74
N GLY A 4 2.11 -25.61 13.28
CA GLY A 4 2.25 -25.87 11.86
C GLY A 4 0.95 -25.65 11.10
N SER A 5 0.70 -24.40 10.71
CA SER A 5 -0.51 -24.06 9.99
C SER A 5 -0.31 -24.25 8.48
N SER A 6 0.35 -25.36 8.11
CA SER A 6 0.62 -25.66 6.72
C SER A 6 -0.69 -25.68 5.91
N GLY A 7 -0.61 -25.20 4.67
CA GLY A 7 -1.79 -25.17 3.82
C GLY A 7 -1.95 -23.85 3.10
N ALA A 8 -2.61 -22.90 3.73
CA ALA A 8 -2.82 -21.59 3.14
C ALA A 8 -3.78 -21.67 1.96
N GLU A 9 -4.77 -22.56 2.06
CA GLU A 9 -5.75 -22.74 1.00
C GLU A 9 -7.10 -22.16 1.40
N SER A 10 -7.27 -20.86 1.19
CA SER A 10 -8.52 -20.18 1.54
C SER A 10 -8.79 -19.01 0.59
N GLU A 11 -9.95 -18.40 0.75
CA GLU A 11 -10.33 -17.26 -0.10
C GLU A 11 -9.17 -16.29 -0.24
N SER A 12 -9.22 -15.46 -1.28
CA SER A 12 -8.17 -14.48 -1.53
C SER A 12 -8.66 -13.07 -1.23
N PHE A 13 -7.73 -12.13 -1.15
CA PHE A 13 -8.06 -10.74 -0.86
C PHE A 13 -7.74 -9.85 -2.05
N VAL A 14 -8.05 -8.56 -1.91
CA VAL A 14 -7.79 -7.59 -2.97
C VAL A 14 -7.59 -6.19 -2.41
N LEU A 15 -7.40 -5.22 -3.30
CA LEU A 15 -7.21 -3.83 -2.88
C LEU A 15 -8.48 -3.02 -3.05
N ASP A 16 -8.88 -2.32 -1.99
CA ASP A 16 -10.08 -1.51 -2.02
C ASP A 16 -9.79 -0.13 -2.62
N PHE A 17 -8.79 -0.06 -3.49
CA PHE A 17 -8.41 1.20 -4.13
C PHE A 17 -7.68 0.93 -5.45
N SER A 18 -7.73 1.91 -6.35
CA SER A 18 -7.08 1.78 -7.64
C SER A 18 -5.59 2.11 -7.53
N GLN A 19 -4.77 1.37 -8.28
CA GLN A 19 -3.33 1.57 -8.27
C GLN A 19 -2.99 3.05 -8.46
N PRO A 20 -2.06 3.56 -7.64
CA PRO A 20 -1.62 4.96 -7.71
C PRO A 20 -0.81 5.25 -8.96
N SER A 21 0.12 4.37 -9.28
CA SER A 21 0.96 4.54 -10.46
C SER A 21 0.12 4.83 -11.69
N ALA A 22 -1.06 4.21 -11.76
CA ALA A 22 -1.95 4.40 -12.88
C ALA A 22 -1.85 5.82 -13.44
N ASP A 23 -1.87 6.80 -12.54
CA ASP A 23 -1.77 8.20 -12.93
C ASP A 23 -0.39 8.76 -12.64
N TYR A 24 0.44 8.85 -13.68
CA TYR A 24 1.79 9.36 -13.54
C TYR A 24 1.78 10.74 -12.87
N LEU A 25 0.93 11.62 -13.36
CA LEU A 25 0.82 12.98 -12.82
C LEU A 25 0.26 12.94 -11.40
N ASP A 26 -1.00 12.56 -11.28
CA ASP A 26 -1.66 12.49 -9.97
C ASP A 26 -0.77 11.75 -8.97
N PHE A 27 0.12 10.91 -9.48
CA PHE A 27 1.02 10.14 -8.62
C PHE A 27 2.20 10.99 -8.18
N ARG A 28 3.00 11.43 -9.15
CA ARG A 28 4.17 12.26 -8.86
C ARG A 28 3.80 13.45 -7.99
N ASN A 29 2.63 14.01 -8.25
CA ASN A 29 2.15 15.17 -7.48
C ASN A 29 2.30 14.93 -5.98
N ARG A 30 2.13 13.68 -5.57
CA ARG A 30 2.25 13.31 -4.16
C ARG A 30 3.70 13.07 -3.79
N LEU A 31 4.48 12.54 -4.73
CA LEU A 31 5.88 12.26 -4.50
C LEU A 31 6.73 13.53 -4.59
N GLN A 32 6.14 14.57 -5.18
CA GLN A 32 6.83 15.84 -5.34
C GLN A 32 6.39 16.84 -4.27
N ALA A 33 5.15 16.69 -3.80
CA ALA A 33 4.61 17.57 -2.78
C ALA A 33 4.68 16.92 -1.40
N ASP A 34 4.67 15.59 -1.37
CA ASP A 34 4.74 14.85 -0.12
C ASP A 34 6.08 14.12 0.01
N HIS A 35 6.87 14.15 -1.05
CA HIS A 35 8.17 13.49 -1.06
C HIS A 35 8.03 12.00 -0.73
N VAL A 36 6.90 11.43 -1.08
CA VAL A 36 6.63 10.01 -0.82
C VAL A 36 5.33 9.56 -1.47
N CYS A 37 5.33 8.33 -1.99
CA CYS A 37 4.15 7.79 -2.65
C CYS A 37 4.35 6.31 -2.96
N LEU A 38 3.25 5.56 -2.95
CA LEU A 38 3.31 4.13 -3.24
C LEU A 38 3.13 3.86 -4.72
N GLU A 39 4.08 3.14 -5.31
CA GLU A 39 4.02 2.81 -6.74
C GLU A 39 2.97 1.75 -7.01
N ASN A 40 3.23 0.53 -6.53
CA ASN A 40 2.30 -0.58 -6.73
C ASN A 40 2.31 -1.52 -5.53
N CYS A 41 1.16 -2.08 -5.22
CA CYS A 41 1.04 -3.01 -4.09
C CYS A 41 0.24 -4.24 -4.48
N VAL A 42 0.95 -5.33 -4.76
CA VAL A 42 0.30 -6.59 -5.15
C VAL A 42 -0.16 -7.37 -3.93
N LEU A 43 -1.01 -8.36 -4.17
CA LEU A 43 -1.53 -9.19 -3.09
C LEU A 43 -1.25 -10.67 -3.33
N LYS A 44 -0.97 -11.40 -2.26
CA LYS A 44 -0.68 -12.83 -2.36
C LYS A 44 -1.56 -13.63 -1.41
N ASP A 45 -1.65 -14.94 -1.65
CA ASP A 45 -2.46 -15.82 -0.82
C ASP A 45 -2.47 -15.33 0.63
N LYS A 46 -1.31 -15.35 1.26
CA LYS A 46 -1.18 -14.92 2.65
C LYS A 46 0.00 -13.97 2.82
N ALA A 47 0.23 -13.13 1.82
CA ALA A 47 1.34 -12.17 1.86
C ALA A 47 1.08 -11.01 0.90
N ILE A 48 1.87 -9.95 1.05
CA ILE A 48 1.74 -8.77 0.21
C ILE A 48 3.10 -8.29 -0.29
N ALA A 49 3.08 -7.44 -1.31
CA ALA A 49 4.32 -6.90 -1.86
C ALA A 49 4.07 -5.59 -2.60
N GLY A 50 4.91 -4.59 -2.33
CA GLY A 50 4.75 -3.30 -2.98
C GLY A 50 6.02 -2.46 -2.89
N THR A 51 6.17 -1.53 -3.84
CA THR A 51 7.34 -0.67 -3.87
C THR A 51 6.96 0.78 -3.59
N VAL A 52 7.69 1.40 -2.67
CA VAL A 52 7.43 2.79 -2.30
C VAL A 52 8.48 3.72 -2.89
N LYS A 53 8.05 4.86 -3.40
CA LYS A 53 8.94 5.84 -3.99
C LYS A 53 9.26 6.96 -3.01
N VAL A 54 10.43 7.57 -3.17
CA VAL A 54 10.84 8.66 -2.29
C VAL A 54 11.74 9.65 -3.02
N GLN A 55 11.78 10.89 -2.54
CA GLN A 55 12.59 11.93 -3.15
C GLN A 55 13.99 11.96 -2.54
N ASN A 56 14.97 12.32 -3.36
CA ASN A 56 16.36 12.39 -2.89
C ASN A 56 16.62 13.69 -2.16
N LEU A 57 15.85 13.94 -1.10
CA LEU A 57 16.01 15.16 -0.32
C LEU A 57 17.20 15.06 0.62
N ALA A 58 17.21 14.02 1.45
CA ALA A 58 18.30 13.80 2.40
C ALA A 58 19.11 12.56 2.02
N PHE A 59 20.36 12.51 2.48
CA PHE A 59 21.24 11.39 2.20
C PHE A 59 20.61 10.08 2.67
N GLU A 60 20.31 10.00 3.96
CA GLU A 60 19.71 8.81 4.54
C GLU A 60 18.18 8.87 4.45
N LYS A 61 17.56 7.70 4.38
CA LYS A 61 16.11 7.61 4.29
C LYS A 61 15.58 6.44 5.11
N THR A 62 14.49 6.66 5.83
CA THR A 62 13.89 5.62 6.65
C THR A 62 12.44 5.38 6.27
N VAL A 63 12.24 4.47 5.31
CA VAL A 63 10.90 4.14 4.84
C VAL A 63 10.37 2.87 5.52
N LYS A 64 9.19 2.97 6.12
CA LYS A 64 8.58 1.84 6.81
C LYS A 64 7.07 1.88 6.67
N ILE A 65 6.47 0.75 6.34
CA ILE A 65 5.02 0.66 6.19
C ILE A 65 4.36 0.29 7.50
N ARG A 66 3.54 1.20 8.03
CA ARG A 66 2.83 0.97 9.29
C ARG A 66 1.56 0.16 9.05
N MET A 67 1.64 -1.15 9.30
CA MET A 67 0.49 -2.02 9.12
C MET A 67 -0.09 -2.43 10.47
N THR A 68 -1.40 -2.69 10.49
CA THR A 68 -2.08 -3.09 11.71
C THR A 68 -3.20 -4.08 11.41
N PHE A 69 -3.54 -4.91 12.40
CA PHE A 69 -4.59 -5.89 12.25
C PHE A 69 -5.61 -5.78 13.38
N ASP A 70 -5.53 -4.69 14.13
CA ASP A 70 -6.43 -4.47 15.25
C ASP A 70 -6.96 -3.03 15.25
N THR A 71 -7.87 -2.75 14.32
CA THR A 71 -8.45 -1.42 14.21
C THR A 71 -7.45 -0.34 14.61
N TRP A 72 -6.23 -0.46 14.09
CA TRP A 72 -5.17 0.50 14.40
C TRP A 72 -4.84 0.50 15.89
N LYS A 73 -4.65 -0.70 16.44
CA LYS A 73 -4.33 -0.84 17.86
C LYS A 73 -2.92 -1.37 18.04
N SER A 74 -2.54 -2.33 17.20
CA SER A 74 -1.21 -2.93 17.28
C SER A 74 -0.54 -2.94 15.91
N TYR A 75 0.19 -1.87 15.62
CA TYR A 75 0.89 -1.76 14.34
C TYR A 75 2.38 -2.01 14.50
N THR A 76 3.04 -2.39 13.41
CA THR A 76 4.47 -2.67 13.42
C THR A 76 5.19 -1.93 12.30
N ASP A 77 6.33 -1.33 12.63
CA ASP A 77 7.11 -0.59 11.65
C ASP A 77 7.99 -1.54 10.83
N PHE A 78 7.47 -1.99 9.70
CA PHE A 78 8.21 -2.91 8.83
C PHE A 78 9.20 -2.14 7.97
N PRO A 79 10.49 -2.50 8.08
CA PRO A 79 11.56 -1.86 7.32
C PRO A 79 11.50 -2.21 5.83
N CYS A 80 11.56 -1.19 4.99
CA CYS A 80 11.52 -1.39 3.55
C CYS A 80 12.90 -1.68 2.99
N GLN A 81 13.01 -2.76 2.21
CA GLN A 81 14.28 -3.15 1.63
C GLN A 81 14.64 -2.25 0.45
N TYR A 82 15.75 -2.56 -0.21
CA TYR A 82 16.20 -1.78 -1.35
C TYR A 82 16.18 -2.61 -2.63
N VAL A 83 15.77 -1.99 -3.73
CA VAL A 83 15.70 -2.68 -5.02
C VAL A 83 16.55 -1.95 -6.06
N LYS A 84 17.77 -2.47 -6.27
CA LYS A 84 18.68 -1.87 -7.24
C LYS A 84 18.60 -2.62 -8.57
N ASP A 85 17.41 -3.06 -8.94
CA ASP A 85 17.21 -3.78 -10.19
C ASP A 85 17.88 -3.06 -11.35
N THR A 86 18.21 -3.81 -12.40
CA THR A 86 18.87 -3.24 -13.57
C THR A 86 18.11 -2.02 -14.09
N TYR A 87 16.79 -2.14 -14.16
CA TYR A 87 15.95 -1.04 -14.64
C TYR A 87 16.03 0.14 -13.69
N ALA A 88 15.91 -0.12 -12.39
CA ALA A 88 15.98 0.93 -11.39
C ALA A 88 16.99 1.99 -11.76
N GLY A 89 16.57 3.25 -11.75
CA GLY A 89 17.46 4.35 -12.08
C GLY A 89 18.66 4.42 -11.16
N SER A 90 19.25 5.60 -11.06
CA SER A 90 20.42 5.81 -10.21
C SER A 90 20.22 7.02 -9.30
N ASP A 91 19.75 8.12 -9.87
CA ASP A 91 19.52 9.34 -9.11
C ASP A 91 18.50 9.10 -8.00
N ARG A 92 17.36 8.54 -8.37
CA ARG A 92 16.29 8.26 -7.40
C ARG A 92 16.54 6.92 -6.69
N ASP A 93 15.64 6.57 -5.78
CA ASP A 93 15.76 5.31 -5.05
C ASP A 93 14.40 4.66 -4.88
N THR A 94 14.35 3.35 -5.12
CA THR A 94 13.10 2.60 -5.00
C THR A 94 13.22 1.50 -3.95
N PHE A 95 12.31 1.51 -2.98
CA PHE A 95 12.32 0.51 -1.92
C PHE A 95 11.09 -0.39 -2.02
N SER A 96 11.24 -1.62 -1.54
CA SER A 96 10.14 -2.58 -1.57
C SER A 96 9.78 -3.06 -0.16
N PHE A 97 8.67 -3.78 -0.04
CA PHE A 97 8.22 -4.28 1.25
C PHE A 97 7.42 -5.57 1.07
N ASP A 98 7.65 -6.53 1.96
CA ASP A 98 6.96 -7.81 1.91
C ASP A 98 6.41 -8.18 3.29
N ILE A 99 5.13 -7.89 3.51
CA ILE A 99 4.48 -8.19 4.77
C ILE A 99 3.59 -9.42 4.66
N SER A 100 3.59 -10.25 5.69
CA SER A 100 2.78 -11.46 5.71
C SER A 100 1.38 -11.17 6.23
N LEU A 101 0.38 -11.71 5.56
CA LEU A 101 -1.01 -11.52 5.94
C LEU A 101 -1.35 -12.34 7.19
N PRO A 102 -2.35 -11.88 7.95
CA PRO A 102 -2.80 -12.55 9.17
C PRO A 102 -3.48 -13.88 8.88
N GLU A 103 -3.80 -14.62 9.95
CA GLU A 103 -4.45 -15.92 9.81
C GLU A 103 -5.85 -15.76 9.22
N LYS A 104 -6.59 -14.79 9.73
CA LYS A 104 -7.95 -14.52 9.26
C LYS A 104 -8.36 -13.09 9.57
N ILE A 105 -9.49 -12.67 8.99
CA ILE A 105 -10.00 -11.32 9.21
C ILE A 105 -11.52 -11.29 9.14
N GLN A 106 -12.13 -10.45 9.98
CA GLN A 106 -13.58 -10.33 10.02
C GLN A 106 -14.00 -8.87 10.15
N SER A 107 -15.30 -8.64 10.28
CA SER A 107 -15.84 -7.29 10.41
C SER A 107 -14.91 -6.43 11.27
N TYR A 108 -14.66 -6.87 12.49
CA TYR A 108 -13.79 -6.14 13.41
C TYR A 108 -12.32 -6.37 13.07
N GLU A 109 -11.44 -5.78 13.86
CA GLU A 109 -10.00 -5.91 13.65
C GLU A 109 -9.60 -5.34 12.29
N ARG A 110 -10.26 -4.26 11.90
CA ARG A 110 -9.97 -3.61 10.63
C ARG A 110 -8.49 -3.73 10.28
N MET A 111 -8.19 -3.77 8.98
CA MET A 111 -6.81 -3.89 8.52
C MET A 111 -6.46 -2.74 7.59
N GLU A 112 -5.59 -1.85 8.05
CA GLU A 112 -5.17 -0.70 7.27
C GLU A 112 -3.69 -0.39 7.50
N PHE A 113 -3.08 0.30 6.54
CA PHE A 113 -1.66 0.67 6.65
C PHE A 113 -1.38 1.96 5.89
N ALA A 114 -0.33 2.66 6.30
CA ALA A 114 0.06 3.90 5.66
C ALA A 114 1.57 4.03 5.55
N VAL A 115 2.04 4.63 4.45
CA VAL A 115 3.47 4.80 4.22
C VAL A 115 4.05 5.84 5.19
N TYR A 116 5.31 5.62 5.58
CA TYR A 116 5.97 6.53 6.51
C TYR A 116 7.40 6.83 6.03
N TYR A 117 7.58 8.01 5.43
CA TYR A 117 8.89 8.41 4.93
C TYR A 117 9.52 9.45 5.85
N GLU A 118 10.70 9.13 6.37
CA GLU A 118 11.41 10.03 7.27
C GLU A 118 12.65 10.59 6.59
N CYS A 119 12.83 11.91 6.67
CA CYS A 119 13.97 12.57 6.06
C CYS A 119 14.00 14.05 6.43
N ASN A 120 15.16 14.67 6.27
CA ASN A 120 15.32 16.08 6.59
C ASN A 120 14.62 16.43 7.90
N GLY A 121 14.78 15.56 8.89
CA GLY A 121 14.15 15.79 10.18
C GLY A 121 12.65 16.01 10.07
N GLN A 122 12.01 15.25 9.19
CA GLN A 122 10.57 15.38 8.98
C GLN A 122 9.91 14.00 8.89
N THR A 123 8.59 13.98 8.94
CA THR A 123 7.84 12.72 8.87
C THR A 123 6.64 12.85 7.94
N TYR A 124 6.64 12.08 6.87
CA TYR A 124 5.55 12.12 5.89
C TYR A 124 4.70 10.85 5.98
N TRP A 125 3.39 11.03 6.05
CA TRP A 125 2.47 9.90 6.15
C TRP A 125 1.50 9.90 4.97
N ASP A 126 1.64 8.93 4.08
CA ASP A 126 0.77 8.82 2.91
C ASP A 126 -0.25 7.70 3.10
N SER A 127 -1.48 8.08 3.45
CA SER A 127 -2.55 7.12 3.67
C SER A 127 -3.59 7.21 2.56
N ASN A 128 -3.57 6.24 1.64
CA ASN A 128 -4.51 6.21 0.53
C ASN A 128 -4.95 7.62 0.16
N ARG A 129 -4.01 8.55 0.16
CA ARG A 129 -4.30 9.94 -0.18
C ARG A 129 -5.72 10.31 0.25
N GLY A 130 -6.03 10.06 1.51
CA GLY A 130 -7.35 10.38 2.02
C GLY A 130 -7.53 9.95 3.47
N LYS A 131 -7.93 8.69 3.65
CA LYS A 131 -8.15 8.14 4.99
C LYS A 131 -7.14 7.04 5.30
N ASN A 132 -7.25 5.93 4.59
CA ASN A 132 -6.33 4.81 4.78
C ASN A 132 -6.50 3.78 3.67
N TYR A 133 -5.52 2.88 3.56
CA TYR A 133 -5.55 1.84 2.53
C TYR A 133 -6.39 0.65 3.00
N ARG A 134 -7.70 0.72 2.77
CA ARG A 134 -8.60 -0.34 3.15
C ARG A 134 -8.38 -1.59 2.30
N ILE A 135 -8.13 -2.71 2.95
CA ILE A 135 -7.90 -3.97 2.26
C ILE A 135 -9.04 -4.97 2.52
N ILE A 136 -9.90 -5.15 1.53
CA ILE A 136 -11.02 -6.07 1.65
C ILE A 136 -10.71 -7.40 0.97
N ARG A 137 -11.65 -8.34 1.06
CA ARG A 137 -11.49 -9.65 0.46
C ARG A 137 -11.73 -9.59 -1.04
N ALA A 138 -11.37 -10.66 -1.75
CA ALA A 138 -11.56 -10.74 -3.19
C ALA A 138 -13.01 -10.98 -3.54
N GLU A 139 -13.71 -11.74 -2.70
CA GLU A 139 -15.12 -12.05 -2.93
C GLU A 139 -15.97 -10.78 -2.87
N LEU A 140 -15.58 -9.85 -2.01
CA LEU A 140 -16.31 -8.60 -1.86
C LEU A 140 -15.56 -7.45 -2.54
N LYS A 141 -16.24 -6.79 -3.47
CA LYS A 141 -15.65 -5.67 -4.19
C LYS A 141 -16.68 -4.99 -5.08
N SER A 142 -17.10 -3.79 -4.70
CA SER A 142 -18.09 -3.04 -5.46
C SER A 142 -17.65 -1.59 -5.65
N THR A 143 -17.53 -1.17 -6.91
CA THR A 143 -17.11 0.18 -7.22
C THR A 143 -18.31 1.14 -7.24
N GLN A 144 -18.53 1.82 -6.12
CA GLN A 144 -19.63 2.76 -6.00
C GLN A 144 -19.30 3.87 -5.02
N GLY A 145 -20.21 4.84 -4.89
CA GLY A 145 -20.00 5.95 -3.98
C GLY A 145 -21.24 6.30 -3.19
N MET A 146 -21.20 7.42 -2.49
CA MET A 146 -22.33 7.87 -1.69
C MET A 146 -22.34 9.39 -1.56
N THR A 147 -23.50 9.94 -1.21
CA THR A 147 -23.63 11.38 -1.05
C THR A 147 -24.69 11.72 0.00
N LYS A 148 -24.33 12.58 0.95
CA LYS A 148 -25.25 12.99 2.01
C LYS A 148 -25.88 14.33 1.68
N PRO A 149 -27.22 14.37 1.66
CA PRO A 149 -27.98 15.59 1.37
C PRO A 149 -27.87 16.62 2.49
N HIS A 150 -28.21 17.87 2.18
CA HIS A 150 -28.16 18.94 3.16
C HIS A 150 -28.93 18.57 4.42
N SER A 151 -28.88 19.45 5.42
CA SER A 151 -29.58 19.21 6.69
C SER A 151 -30.76 20.16 6.84
N GLY A 152 -30.52 21.44 6.58
CA GLY A 152 -31.57 22.43 6.70
C GLY A 152 -31.13 23.65 7.49
N PRO A 153 -31.44 24.84 6.96
CA PRO A 153 -31.08 26.11 7.60
C PRO A 153 -31.88 26.37 8.87
N ASP A 154 -31.56 27.45 9.56
CA ASP A 154 -32.25 27.81 10.79
C ASP A 154 -32.05 29.29 11.12
N LEU A 155 -33.05 29.88 11.78
CA LEU A 155 -32.99 31.28 12.14
C LEU A 155 -31.72 31.58 12.94
N GLY A 156 -31.08 32.70 12.63
CA GLY A 156 -29.87 33.09 13.31
C GLY A 156 -29.02 31.89 13.70
#